data_5JLH
#
_entry.id   5JLH
#
_cell.length_a   1.0
_cell.length_b   1.0
_cell.length_c   1.0
_cell.angle_alpha   90.00
_cell.angle_beta   90.00
_cell.angle_gamma   90.00
#
_symmetry.space_group_name_H-M   'P 1'
#
loop_
_entity.id
_entity.type
_entity.pdbx_description
1 polymer 'Actin, cytoplasmic 2'
2 polymer 'Myosin-14,Alpha-actinin A'
3 polymer 'Tropomyosin alpha-3 chain'
4 non-polymer "ADENOSINE-5'-DIPHOSPHATE"
5 non-polymer 'MAGNESIUM ION'
#
loop_
_entity_poly.entity_id
_entity_poly.type
_entity_poly.pdbx_seq_one_letter_code
_entity_poly.pdbx_strand_id
1 'polypeptide(L)'
;EEEIAALVIDNGSGMCKAGFAGDDAPRAVFPSIVGRPRHQGVMVGMGQKDSYVGDEAQSKRGILTLKYPIEHGIVTNWDD
MEKIWHHTFYNELRVAPEEHPVLLTEAPLNPKANREKMTQIMFETFNTPAMYVAIQAVLSLYASGRTTGIVMDSGDGVTH
TVPIYEGYALPHAILRLDLAGRDLTDYLMKILTERGYSFTTTAEREIVRDIKEKLCYVALDFEQEMATAASSSSLEKSYE
LPDGQVITIGNERFRCPEALFQPSFLGMESCGIHETTFNSIMKCDVDIRKDLYANTVLSGGTTMYPGIADRMQKEITALA
PSTMKIKIIAPPERKYSVWIGGSILASLSTFQQMWISKQEYDESGPSIVHRKCF
;
A,B,C,D,E
2 'polypeptide(L)'
;MAAVTMSVPGRKAPPRPGPVPEAAQPFLFTPRGPSAGGGPGSGTSPQVEWTARRLVWVPSELHGFEAAALRDEGEEEAEV
ELAESGRRLRLPRDQIQRMNPPKFSKAEDMAELTCLNEASVLHNLRERYYSGLIYTYSGLFCVVINPYKQLPIYTEAIVE
MYRGKKRHEVPPHVYAVTEGAYRSMLQDREDQSILCTGESGAGKTENTKKVIQYLAHVASSPKGRKEPGVPGELERQLLQ
ANPILEAFGNAKTVKNDNSSRFGKFIRINFDVAGYIVGANIETYLLEKSRAIRQAKDECSFHIFYQLLGGAGEQLKADLL
LEPCSHYRFLTNGPSSSPGQERELFQETLESLRVLGFSHEEIISMLRMVSAVLQFGNIALKRERNTDQATMPDNTAAQKL
CRLLGLGVTDFSRALLTPRIKVGRDYVQKAQTKEQADFALEALAKATYERLFRWLVLRLNRALDRSPRQGASFLGILDIA
GFEIFQLNSFEQLCINYTNEKLQQLFNHTMFVLEQEEYQREGIPWTFLDFGLDLQPCIDLIERPANPPGLLALLDEECWF
PKATDKSFVEKVAQEQGGHPKFQRPRHLRDQADFSVLHYAGKVDYKANEWLMKNMDPLNDNVAALLHQSTDRLTAEIWKD
VEGIVGLEQVSSLGDGPPGGRPRRGMFRTVGQLYKESLSRLMATLSNTNPSFVRCIVPNHEKRAGKLEPRLVLDQLRCNG
VLEGIRICRQGFPNRILFQEFRQRYEILTPNAIPKGFMDGKQACEKMIQALELDPNLYRVGQSKIFFRAGVLAQLEEERA
SEQTKSDYLKRANELVQWINDKQASLESRDFGDSIESVQSFMNAHKEYKKTEKPPKGQEVSELEAIYNSLQTKLRLIKRE
PFVAPAGLTPNEIDSTWSALEKAEQEHAEALRIELKRQKKIAVLLQKYNRILKKLENWATTKSVYLGSNETGDSITAVQA
KLKNLEAFDGECQSLEGQSNSDLLSILAQLTELNYNGVPELTERKDTFFAQQWTGVKSSAETYKNTLLAELERLQKIED
;
F,G
3 'polypeptide(L)'
;(UNK)(UNK)(UNK)(UNK)(UNK)(UNK)(UNK)(UNK)(UNK)(UNK)(UNK)(UNK)(UNK)(UNK)(UNK)(UNK)
(UNK)(UNK)(UNK)(UNK)(UNK)(UNK)(UNK)(UNK)(UNK)(UNK)(UNK)(UNK)(UNK)(UNK)(UNK)(UNK)
(UNK)(UNK)(UNK)(UNK)(UNK)(UNK)(UNK)(UNK)(UNK)(UNK)(UNK)(UNK)(UNK)(UNK)(UNK)(UNK)
(UNK)(UNK)(UNK)(UNK)(UNK)(UNK)(UNK)(UNK)(UNK)(UNK)(UNK)(UNK)(UNK)(UNK)(UNK)(UNK)
(UNK)(UNK)(UNK)(UNK)(UNK)(UNK)(UNK)(UNK)(UNK)(UNK)(UNK)(UNK)(UNK)(UNK)(UNK)(UNK)
(UNK)(UNK)(UNK)(UNK)(UNK)(UNK)(UNK)(UNK)(UNK)(UNK)(UNK)(UNK)(UNK)(UNK)(UNK)(UNK)
(UNK)(UNK)(UNK)(UNK)(UNK)(UNK)(UNK)(UNK)(UNK)(UNK)(UNK)(UNK)(UNK)(UNK)(UNK)(UNK)
(UNK)(UNK)(UNK)(UNK)(UNK)(UNK)(UNK)(UNK)(UNK)(UNK)(UNK)(UNK)(UNK)(UNK)(UNK)(UNK)
(UNK)(UNK)(UNK)(UNK)(UNK)(UNK)(UNK)
;
H,I,J,K
#
loop_
_chem_comp.id
_chem_comp.type
_chem_comp.name
_chem_comp.formula
ADP non-polymer ADENOSINE-5'-DIPHOSPHATE 'C10 H15 N5 O10 P2'
MG non-polymer 'MAGNESIUM ION' 'Mg 2'
#
# COMPACT_ATOMS: atom_id res chain seq x y z
N GLU A 1 18.33 -24.23 -35.67
CA GLU A 1 18.98 -22.99 -35.16
C GLU A 1 19.73 -23.24 -33.87
N GLU A 2 20.69 -22.38 -33.60
CA GLU A 2 21.47 -22.48 -32.38
C GLU A 2 20.76 -21.69 -31.29
N GLU A 3 20.82 -22.18 -30.04
CA GLU A 3 20.17 -21.56 -28.86
C GLU A 3 18.62 -21.45 -28.87
N ILE A 4 17.98 -21.65 -30.04
CA ILE A 4 16.52 -21.65 -30.21
C ILE A 4 15.84 -20.30 -29.93
N ALA A 5 16.62 -19.27 -29.73
CA ALA A 5 16.10 -18.11 -29.04
C ALA A 5 15.46 -18.47 -27.68
N ALA A 6 14.63 -17.58 -27.18
CA ALA A 6 13.82 -17.83 -25.98
C ALA A 6 12.79 -16.71 -25.91
N LEU A 7 11.74 -16.94 -25.15
CA LEU A 7 10.62 -16.01 -25.15
C LEU A 7 10.57 -15.39 -23.79
N VAL A 8 10.10 -14.16 -23.70
CA VAL A 8 10.04 -13.49 -22.42
C VAL A 8 8.72 -12.81 -22.27
N ILE A 9 8.04 -13.02 -21.14
CA ILE A 9 6.80 -12.29 -20.87
C ILE A 9 6.72 -11.68 -19.47
N ASP A 10 6.44 -10.37 -19.45
CA ASP A 10 6.24 -9.65 -18.19
C ASP A 10 4.71 -9.45 -18.10
N ASN A 11 4.12 -10.14 -17.13
CA ASN A 11 2.80 -9.82 -16.67
C ASN A 11 2.66 -9.40 -15.20
N GLY A 12 3.03 -8.15 -14.93
CA GLY A 12 2.39 -7.41 -13.79
C GLY A 12 1.09 -7.04 -14.41
N SER A 13 0.08 -6.73 -13.57
CA SER A 13 -1.19 -6.30 -14.09
C SER A 13 -0.98 -5.19 -15.12
N GLY A 14 -1.95 -5.06 -16.01
CA GLY A 14 -2.10 -3.85 -16.85
C GLY A 14 -1.54 -4.03 -18.21
N MET A 15 -0.30 -4.52 -18.28
CA MET A 15 0.31 -4.68 -19.60
C MET A 15 1.01 -5.99 -19.71
N CYS A 16 0.91 -6.60 -20.90
CA CYS A 16 1.75 -7.74 -21.24
C CYS A 16 2.86 -7.22 -22.08
N LYS A 17 4.10 -7.48 -21.66
CA LYS A 17 5.25 -7.00 -22.41
C LYS A 17 5.96 -8.25 -22.84
N ALA A 18 5.94 -8.56 -24.12
CA ALA A 18 6.45 -9.85 -24.58
C ALA A 18 7.29 -9.65 -25.81
N GLY A 19 8.22 -10.60 -26.00
CA GLY A 19 9.08 -10.54 -27.15
C GLY A 19 10.13 -11.61 -27.06
N PHE A 20 11.04 -11.59 -28.02
CA PHE A 20 12.14 -12.53 -28.00
C PHE A 20 13.25 -12.15 -27.06
N ALA A 21 13.70 -13.12 -26.29
CA ALA A 21 14.92 -12.97 -25.51
C ALA A 21 16.03 -12.73 -26.49
N GLY A 22 16.94 -11.82 -26.18
CA GLY A 22 18.04 -11.55 -27.06
C GLY A 22 17.77 -10.30 -27.89
N ASP A 23 16.80 -9.50 -27.49
CA ASP A 23 16.54 -8.26 -28.17
C ASP A 23 16.39 -7.19 -27.12
N ASP A 24 16.67 -5.95 -27.51
CA ASP A 24 16.70 -4.83 -26.58
C ASP A 24 15.33 -4.30 -26.31
N ALA A 25 14.32 -4.58 -27.15
CA ALA A 25 12.96 -4.20 -26.81
C ALA A 25 12.00 -5.29 -27.20
N PRO A 26 10.91 -5.39 -26.47
CA PRO A 26 9.88 -6.36 -26.78
C PRO A 26 9.15 -6.00 -28.03
N ARG A 27 8.70 -7.01 -28.74
CA ARG A 27 7.90 -6.80 -29.97
C ARG A 27 6.53 -6.33 -29.64
N ALA A 28 5.88 -7.00 -28.69
CA ALA A 28 4.46 -6.71 -28.46
C ALA A 28 4.29 -6.23 -27.04
N VAL A 29 3.56 -5.14 -26.88
CA VAL A 29 3.19 -4.64 -25.57
C VAL A 29 1.77 -4.16 -25.68
N PHE A 30 0.84 -4.76 -24.92
CA PHE A 30 -0.56 -4.39 -25.06
C PHE A 30 -1.22 -4.55 -23.72
N PRO A 31 -2.37 -3.92 -23.56
CA PRO A 31 -3.01 -3.98 -22.24
C PRO A 31 -3.59 -5.35 -21.94
N SER A 32 -3.48 -5.81 -20.69
CA SER A 32 -3.95 -7.16 -20.32
C SER A 32 -5.37 -7.00 -19.93
N ILE A 33 -6.25 -7.02 -20.93
CA ILE A 33 -7.65 -6.80 -20.65
C ILE A 33 -8.44 -7.79 -21.46
N VAL A 34 -9.51 -8.27 -20.87
CA VAL A 34 -10.46 -9.14 -21.53
C VAL A 34 -11.79 -8.43 -21.50
N GLY A 35 -12.17 -7.88 -22.64
CA GLY A 35 -13.44 -7.20 -22.68
C GLY A 35 -14.48 -8.17 -23.17
N ARG A 36 -15.68 -8.05 -22.63
CA ARG A 36 -16.80 -8.90 -23.02
C ARG A 36 -17.95 -8.03 -23.45
N PRO A 37 -18.64 -8.43 -24.48
CA PRO A 37 -19.80 -7.73 -24.94
C PRO A 37 -20.91 -7.88 -23.93
N ARG A 38 -21.09 -6.80 -23.19
CA ARG A 38 -22.15 -6.68 -22.17
C ARG A 38 -23.48 -6.46 -22.78
N HIS A 39 -23.53 -5.66 -23.85
CA HIS A 39 -24.81 -5.46 -24.57
C HIS A 39 -25.10 -6.43 -25.69
N GLN A 40 -26.32 -7.01 -25.68
CA GLN A 40 -26.67 -8.03 -26.66
C GLN A 40 -26.78 -7.40 -28.04
N GLY A 41 -26.05 -7.98 -28.98
CA GLY A 41 -25.97 -7.39 -30.29
C GLY A 41 -27.15 -7.82 -31.14
N VAL A 42 -27.61 -6.92 -32.00
CA VAL A 42 -28.67 -7.24 -32.93
C VAL A 42 -28.30 -6.77 -34.31
N MET A 43 -27.72 -7.70 -35.04
CA MET A 43 -27.50 -7.63 -36.48
C MET A 43 -27.45 -9.12 -36.89
N VAL A 44 -26.91 -9.39 -38.07
CA VAL A 44 -26.50 -10.71 -38.43
C VAL A 44 -25.14 -10.54 -39.10
N GLY A 45 -24.30 -11.56 -38.96
CA GLY A 45 -22.96 -11.49 -39.52
C GLY A 45 -22.14 -10.51 -38.72
N MET A 46 -22.36 -10.51 -37.40
CA MET A 46 -21.38 -9.99 -36.43
C MET A 46 -20.57 -11.11 -35.85
N GLY A 47 -19.31 -10.81 -35.55
CA GLY A 47 -18.46 -11.65 -34.71
C GLY A 47 -18.66 -13.17 -34.76
N GLN A 48 -19.28 -13.81 -33.75
CA GLN A 48 -19.84 -13.16 -32.54
C GLN A 48 -18.74 -12.72 -31.58
N LYS A 49 -17.73 -13.58 -31.48
CA LYS A 49 -16.54 -13.36 -30.62
C LYS A 49 -16.98 -13.08 -29.19
N ASP A 50 -16.93 -14.12 -28.38
CA ASP A 50 -17.35 -14.10 -27.01
C ASP A 50 -16.63 -13.04 -26.23
N SER A 51 -15.41 -12.74 -26.59
CA SER A 51 -14.73 -11.67 -25.90
C SER A 51 -13.58 -11.21 -26.70
N TYR A 52 -13.06 -10.02 -26.36
CA TYR A 52 -11.91 -9.44 -26.99
C TYR A 52 -10.77 -9.27 -26.00
N VAL A 53 -9.56 -9.41 -26.51
CA VAL A 53 -8.36 -9.36 -25.69
C VAL A 53 -7.37 -8.45 -26.32
N GLY A 54 -6.58 -7.77 -25.49
CA GLY A 54 -5.54 -6.84 -25.97
C GLY A 54 -6.11 -5.60 -26.58
N ASP A 55 -5.25 -4.81 -27.20
CA ASP A 55 -5.62 -3.46 -27.66
C ASP A 55 -6.82 -3.44 -28.60
N GLU A 56 -7.21 -4.64 -29.03
CA GLU A 56 -8.53 -4.81 -29.65
C GLU A 56 -9.61 -4.26 -28.74
N ALA A 57 -9.51 -4.63 -27.47
CA ALA A 57 -10.50 -4.19 -26.48
C ALA A 57 -10.49 -2.71 -26.34
N GLN A 58 -9.30 -2.10 -26.35
CA GLN A 58 -9.18 -0.65 -26.28
C GLN A 58 -9.92 0.01 -27.44
N SER A 59 -9.70 -0.55 -28.63
CA SER A 59 -10.39 -0.04 -29.82
C SER A 59 -11.93 -0.12 -29.66
N LYS A 60 -12.45 -1.27 -29.27
CA LYS A 60 -13.89 -1.41 -29.12
C LYS A 60 -14.23 -1.39 -27.66
N ARG A 61 -14.15 -0.23 -27.02
CA ARG A 61 -14.25 -0.09 -25.53
C ARG A 61 -15.69 0.02 -25.00
N GLY A 62 -16.47 0.80 -25.74
CA GLY A 62 -17.77 1.27 -25.28
C GLY A 62 -18.71 0.12 -25.00
N ILE A 63 -18.69 -0.87 -25.90
CA ILE A 63 -19.56 -2.02 -25.87
C ILE A 63 -19.17 -2.96 -24.73
N LEU A 64 -17.87 -3.11 -24.55
CA LEU A 64 -17.35 -4.10 -23.66
C LEU A 64 -17.35 -3.60 -22.26
N THR A 65 -17.36 -4.56 -21.34
CA THR A 65 -16.95 -4.34 -19.98
C THR A 65 -15.61 -4.95 -19.94
N LEU A 66 -14.69 -4.28 -19.30
CA LEU A 66 -13.34 -4.78 -19.28
C LEU A 66 -13.10 -5.35 -17.93
N LYS A 67 -12.35 -6.45 -17.89
CA LYS A 67 -11.96 -7.05 -16.68
C LYS A 67 -10.47 -7.26 -16.77
N TYR A 68 -9.74 -6.60 -15.87
CA TYR A 68 -8.34 -6.93 -15.68
C TYR A 68 -8.21 -8.27 -14.92
N PRO A 69 -7.62 -9.30 -15.54
CA PRO A 69 -7.54 -10.59 -14.91
C PRO A 69 -6.56 -10.62 -13.74
N ILE A 70 -5.57 -9.73 -13.74
CA ILE A 70 -4.61 -9.69 -12.62
C ILE A 70 -4.93 -8.51 -11.72
N GLU A 71 -5.07 -8.76 -10.41
CA GLU A 71 -5.12 -7.71 -9.41
C GLU A 71 -4.16 -7.88 -8.27
N HIS A 72 -3.29 -6.91 -8.08
CA HIS A 72 -2.33 -6.90 -7.01
C HIS A 72 -1.31 -8.01 -7.20
N GLY A 73 -0.96 -8.24 -8.45
CA GLY A 73 -0.02 -9.31 -8.81
C GLY A 73 -0.63 -10.69 -8.70
N ILE A 74 -1.90 -10.80 -8.30
CA ILE A 74 -2.58 -12.07 -8.22
C ILE A 74 -3.46 -12.23 -9.42
N VAL A 75 -3.48 -13.41 -10.05
CA VAL A 75 -4.44 -13.61 -11.13
C VAL A 75 -5.79 -13.96 -10.47
N THR A 76 -6.76 -13.09 -10.70
CA THR A 76 -8.13 -13.39 -10.28
C THR A 76 -8.67 -14.56 -11.15
N ASN A 77 -8.61 -14.43 -12.47
CA ASN A 77 -9.29 -15.34 -13.34
C ASN A 77 -8.33 -15.93 -14.33
N TRP A 78 -8.20 -17.26 -14.26
CA TRP A 78 -7.16 -17.98 -14.98
C TRP A 78 -7.47 -18.10 -16.41
N ASP A 79 -8.69 -18.49 -16.77
CA ASP A 79 -9.02 -18.64 -18.21
C ASP A 79 -8.73 -17.36 -18.95
N ASP A 80 -8.97 -16.22 -18.29
CA ASP A 80 -8.70 -14.93 -18.87
C ASP A 80 -7.24 -14.77 -19.15
N MET A 81 -6.40 -15.13 -18.16
CA MET A 81 -4.97 -15.05 -18.32
C MET A 81 -4.49 -15.92 -19.48
N GLU A 82 -5.03 -17.12 -19.51
CA GLU A 82 -4.70 -18.05 -20.59
C GLU A 82 -5.05 -17.38 -21.89
N LYS A 83 -6.20 -16.72 -21.98
CA LYS A 83 -6.60 -16.08 -23.22
C LYS A 83 -5.59 -15.02 -23.62
N ILE A 84 -5.12 -14.26 -22.60
CA ILE A 84 -4.17 -13.20 -22.90
C ILE A 84 -2.89 -13.77 -23.45
N TRP A 85 -2.38 -14.83 -22.82
CA TRP A 85 -1.18 -15.48 -23.31
C TRP A 85 -1.37 -16.01 -24.71
N HIS A 86 -2.52 -16.61 -24.96
CA HIS A 86 -2.91 -17.14 -26.26
C HIS A 86 -2.71 -16.03 -27.28
N HIS A 87 -3.30 -14.87 -26.97
CA HIS A 87 -3.25 -13.72 -27.82
C HIS A 87 -1.77 -13.30 -28.08
N THR A 88 -0.98 -13.33 -27.02
CA THR A 88 0.40 -12.91 -27.22
C THR A 88 1.12 -13.82 -28.20
N PHE A 89 1.02 -15.12 -27.96
CA PHE A 89 1.76 -16.04 -28.81
C PHE A 89 1.21 -16.04 -30.23
N TYR A 90 -0.08 -16.34 -30.38
CA TYR A 90 -0.63 -16.49 -31.70
C TYR A 90 -0.89 -15.21 -32.45
N ASN A 91 -1.56 -14.26 -31.80
CA ASN A 91 -1.85 -13.00 -32.44
C ASN A 91 -0.73 -12.07 -32.72
N GLU A 92 0.28 -11.96 -31.84
CA GLU A 92 1.37 -11.05 -32.08
C GLU A 92 2.63 -11.70 -32.55
N LEU A 93 3.17 -12.60 -31.74
CA LEU A 93 4.52 -13.17 -31.96
C LEU A 93 4.48 -14.21 -33.06
N ARG A 94 3.39 -14.94 -33.18
CA ARG A 94 3.27 -15.96 -34.17
C ARG A 94 4.34 -17.02 -33.98
N VAL A 95 4.38 -17.54 -32.77
CA VAL A 95 5.31 -18.59 -32.40
C VAL A 95 4.56 -19.81 -31.90
N ALA A 96 5.17 -20.98 -32.03
CA ALA A 96 4.71 -22.18 -31.41
C ALA A 96 5.54 -22.30 -30.18
N PRO A 97 4.92 -22.23 -29.00
CA PRO A 97 5.68 -22.24 -27.78
C PRO A 97 6.43 -23.54 -27.55
N GLU A 98 6.00 -24.64 -28.14
CA GLU A 98 6.83 -25.82 -28.27
C GLU A 98 8.22 -25.56 -28.78
N GLU A 99 8.41 -24.53 -29.61
CA GLU A 99 9.70 -24.21 -30.17
C GLU A 99 10.49 -23.17 -29.37
N HIS A 100 10.15 -22.83 -28.14
CA HIS A 100 10.85 -21.82 -27.37
C HIS A 100 10.65 -22.01 -25.91
N PRO A 101 11.70 -21.78 -25.13
CA PRO A 101 11.62 -21.77 -23.71
C PRO A 101 11.00 -20.44 -23.38
N VAL A 102 10.16 -20.38 -22.33
CA VAL A 102 9.53 -19.13 -22.03
C VAL A 102 9.82 -18.70 -20.61
N LEU A 103 10.16 -17.42 -20.49
CA LEU A 103 10.41 -16.83 -19.18
C LEU A 103 9.24 -16.01 -18.79
N LEU A 104 8.73 -16.20 -17.57
CA LEU A 104 7.71 -15.31 -17.03
C LEU A 104 8.24 -14.51 -15.85
N THR A 105 7.77 -13.29 -15.73
CA THR A 105 8.03 -12.49 -14.57
C THR A 105 6.94 -12.78 -13.54
N GLU A 106 7.18 -12.33 -12.33
CA GLU A 106 6.17 -12.44 -11.27
C GLU A 106 6.68 -11.61 -10.08
N ALA A 107 5.74 -11.14 -9.27
CA ALA A 107 6.05 -10.19 -8.24
C ALA A 107 6.47 -10.91 -7.00
N PRO A 108 7.25 -10.27 -6.17
CA PRO A 108 7.63 -10.83 -4.87
C PRO A 108 6.55 -11.02 -3.84
N LEU A 109 6.82 -11.86 -2.85
CA LEU A 109 5.93 -12.09 -1.73
C LEU A 109 4.54 -12.57 -2.16
N ASN A 110 4.45 -13.14 -3.33
CA ASN A 110 3.20 -13.31 -4.01
C ASN A 110 2.81 -14.70 -3.66
N PRO A 111 1.52 -14.98 -3.60
CA PRO A 111 1.07 -16.33 -3.33
C PRO A 111 1.68 -17.45 -4.15
N LYS A 112 1.87 -18.59 -3.50
CA LYS A 112 2.53 -19.73 -4.11
C LYS A 112 1.73 -20.17 -5.30
N ALA A 113 0.40 -20.19 -5.10
CA ALA A 113 -0.55 -20.74 -6.03
C ALA A 113 -0.32 -20.13 -7.40
N ASN A 114 0.01 -18.83 -7.42
CA ASN A 114 0.18 -18.13 -8.67
C ASN A 114 1.34 -18.68 -9.42
N ARG A 115 2.45 -18.92 -8.72
CA ARG A 115 3.63 -19.46 -9.42
C ARG A 115 3.29 -20.85 -9.89
N GLU A 116 2.77 -21.67 -8.96
CA GLU A 116 2.56 -23.06 -9.22
C GLU A 116 1.58 -23.21 -10.38
N LYS A 117 0.46 -22.51 -10.24
CA LYS A 117 -0.58 -22.60 -11.26
C LYS A 117 -0.13 -22.06 -12.57
N MET A 118 0.65 -20.96 -12.52
CA MET A 118 1.30 -20.41 -13.74
C MET A 118 2.09 -21.50 -14.50
N THR A 119 2.96 -22.21 -13.81
CA THR A 119 3.71 -23.25 -14.40
C THR A 119 2.83 -24.35 -14.92
N GLN A 120 1.82 -24.72 -14.17
CA GLN A 120 0.87 -25.75 -14.58
C GLN A 120 0.28 -25.40 -15.94
N ILE A 121 -0.15 -24.15 -16.08
CA ILE A 121 -0.60 -23.71 -17.38
C ILE A 121 0.44 -23.82 -18.46
N MET A 122 1.60 -23.25 -18.27
CA MET A 122 2.58 -23.22 -19.32
C MET A 122 2.92 -24.58 -19.81
N PHE A 123 2.96 -25.58 -18.94
CA PHE A 123 3.24 -26.93 -19.40
C PHE A 123 2.03 -27.55 -19.98
N GLU A 124 0.89 -27.46 -19.30
CA GLU A 124 -0.29 -28.21 -19.80
C GLU A 124 -1.34 -27.37 -20.55
N THR A 125 -0.94 -26.22 -21.08
CA THR A 125 -1.77 -25.50 -21.99
C THR A 125 -0.99 -25.34 -23.28
N PHE A 126 0.05 -24.53 -23.23
CA PHE A 126 0.91 -24.28 -24.40
C PHE A 126 2.07 -25.23 -24.20
N ASN A 127 2.11 -26.36 -24.91
CA ASN A 127 3.20 -27.31 -24.70
C ASN A 127 4.53 -26.62 -24.99
N THR A 128 5.44 -26.68 -24.03
CA THR A 128 6.63 -25.87 -24.10
C THR A 128 7.74 -26.68 -23.51
N PRO A 129 8.95 -26.53 -24.06
CA PRO A 129 10.05 -27.35 -23.62
C PRO A 129 10.53 -26.99 -22.23
N ALA A 130 10.50 -25.70 -21.92
CA ALA A 130 11.03 -25.25 -20.66
C ALA A 130 10.54 -23.87 -20.35
N MET A 131 10.61 -23.54 -19.07
CA MET A 131 10.16 -22.26 -18.62
C MET A 131 10.81 -21.88 -17.33
N TYR A 132 10.66 -20.60 -16.95
CA TYR A 132 11.19 -20.15 -15.68
C TYR A 132 10.30 -19.05 -15.17
N VAL A 133 10.19 -18.87 -13.86
CA VAL A 133 9.40 -17.76 -13.34
C VAL A 133 10.28 -16.97 -12.43
N ALA A 134 10.34 -15.65 -12.63
CA ALA A 134 11.47 -14.88 -12.07
C ALA A 134 10.90 -13.66 -11.39
N ILE A 135 11.67 -13.12 -10.44
CA ILE A 135 11.20 -12.00 -9.65
C ILE A 135 11.38 -10.76 -10.49
N GLN A 136 10.38 -9.90 -10.46
CA GLN A 136 10.37 -8.70 -11.28
C GLN A 136 11.55 -7.79 -10.97
N ALA A 137 11.87 -7.60 -9.71
CA ALA A 137 12.80 -6.52 -9.35
C ALA A 137 14.19 -6.82 -9.87
N VAL A 138 14.64 -8.05 -9.61
CA VAL A 138 15.95 -8.54 -10.01
C VAL A 138 16.18 -8.26 -11.50
N LEU A 139 15.15 -8.55 -12.28
CA LEU A 139 15.23 -8.40 -13.72
C LEU A 139 15.56 -6.96 -14.04
N SER A 140 14.85 -6.03 -13.41
CA SER A 140 15.13 -4.62 -13.69
C SER A 140 16.52 -4.26 -13.28
N LEU A 141 17.00 -4.83 -12.15
CA LEU A 141 18.36 -4.53 -11.72
C LEU A 141 19.34 -4.96 -12.78
N TYR A 142 19.13 -6.12 -13.39
CA TYR A 142 19.98 -6.59 -14.47
C TYR A 142 19.93 -5.62 -15.61
N ALA A 143 18.72 -5.25 -16.00
CA ALA A 143 18.51 -4.32 -17.11
C ALA A 143 19.27 -3.06 -16.90
N SER A 144 19.39 -2.59 -15.64
CA SER A 144 20.13 -1.38 -15.34
C SER A 144 21.62 -1.64 -15.38
N GLY A 145 22.04 -2.90 -15.41
CA GLY A 145 23.45 -3.19 -15.54
C GLY A 145 24.26 -2.94 -14.30
N ARG A 146 23.58 -2.96 -13.14
CA ARG A 146 24.22 -2.78 -11.84
C ARG A 146 24.01 -4.04 -11.04
N THR A 147 25.01 -4.35 -10.21
CA THR A 147 25.07 -5.59 -9.41
C THR A 147 24.44 -5.39 -8.04
N THR A 148 24.22 -4.13 -7.70
CA THR A 148 23.78 -3.81 -6.36
C THR A 148 22.83 -2.65 -6.41
N GLY A 149 21.79 -2.67 -5.58
CA GLY A 149 20.84 -1.58 -5.56
C GLY A 149 19.59 -2.01 -4.85
N ILE A 150 18.70 -1.06 -4.55
CA ILE A 150 17.45 -1.41 -3.95
C ILE A 150 16.43 -1.00 -4.97
N VAL A 151 15.76 -1.98 -5.52
CA VAL A 151 14.92 -1.77 -6.68
C VAL A 151 13.56 -1.58 -6.15
N MET A 152 13.05 -0.40 -6.43
CA MET A 152 11.66 0.04 -6.17
C MET A 152 10.85 -0.26 -7.42
N ASP A 153 10.01 -1.25 -7.28
CA ASP A 153 9.27 -1.82 -8.41
C ASP A 153 7.81 -1.53 -8.17
N SER A 154 7.22 -0.66 -8.96
CA SER A 154 5.81 -0.39 -8.81
C SER A 154 5.29 -0.46 -10.21
N GLY A 155 4.45 -1.46 -10.45
CA GLY A 155 3.68 -1.50 -11.68
C GLY A 155 2.26 -1.02 -11.44
N ASP A 156 1.35 -1.50 -12.29
CA ASP A 156 -0.04 -1.27 -12.14
C ASP A 156 -0.53 -2.25 -11.08
N GLY A 157 0.11 -3.41 -11.00
CA GLY A 157 -0.31 -4.45 -10.04
C GLY A 157 -0.17 -4.06 -8.60
N VAL A 158 1.06 -4.21 -8.12
CA VAL A 158 1.41 -3.74 -6.79
C VAL A 158 2.82 -3.24 -6.78
N THR A 159 3.17 -2.48 -5.74
CA THR A 159 4.51 -2.03 -5.49
C THR A 159 5.37 -2.92 -4.60
N HIS A 160 6.63 -3.03 -4.96
CA HIS A 160 7.54 -4.00 -4.39
C HIS A 160 8.90 -3.36 -4.21
N THR A 161 9.67 -3.96 -3.34
CA THR A 161 10.95 -3.35 -2.98
C THR A 161 11.91 -4.42 -2.55
N VAL A 162 12.97 -4.59 -3.30
CA VAL A 162 13.91 -5.70 -3.04
C VAL A 162 15.32 -5.20 -3.08
N PRO A 163 15.94 -5.19 -1.92
CA PRO A 163 17.33 -4.76 -1.84
C PRO A 163 18.22 -5.86 -2.27
N ILE A 164 19.28 -5.55 -3.02
CA ILE A 164 20.17 -6.59 -3.50
C ILE A 164 21.60 -6.11 -3.32
N TYR A 165 22.49 -6.95 -2.85
CA TYR A 165 23.85 -6.48 -2.71
C TYR A 165 24.73 -7.49 -3.36
N GLU A 166 25.49 -7.06 -4.35
CA GLU A 166 26.52 -7.88 -4.99
C GLU A 166 25.90 -9.19 -5.45
N GLY A 167 24.81 -9.09 -6.18
CA GLY A 167 23.89 -10.21 -6.32
C GLY A 167 23.32 -10.43 -4.95
N TYR A 168 23.39 -11.65 -4.45
CA TYR A 168 22.64 -11.95 -3.23
C TYR A 168 21.21 -11.37 -3.17
N ALA A 169 20.63 -11.04 -2.01
CA ALA A 169 19.18 -10.76 -1.93
C ALA A 169 18.81 -10.99 -0.48
N LEU A 170 17.90 -10.19 0.04
CA LEU A 170 17.62 -10.27 1.48
C LEU A 170 16.17 -10.49 1.62
N PRO A 171 15.74 -11.71 1.90
CA PRO A 171 14.34 -12.03 2.03
C PRO A 171 13.57 -11.25 3.07
N HIS A 172 14.17 -11.07 4.24
CA HIS A 172 13.50 -10.39 5.34
C HIS A 172 13.27 -8.96 4.97
N ALA A 173 14.23 -8.38 4.23
CA ALA A 173 14.26 -6.99 3.81
C ALA A 173 13.28 -6.67 2.69
N ILE A 174 12.92 -7.64 1.88
CA ILE A 174 11.98 -7.43 0.81
C ILE A 174 10.66 -6.89 1.31
N LEU A 175 10.17 -5.85 0.66
CA LEU A 175 8.96 -5.21 1.18
C LEU A 175 7.95 -5.16 0.07
N ARG A 176 6.66 -5.35 0.38
CA ARG A 176 5.65 -5.28 -0.66
C ARG A 176 4.49 -4.43 -0.15
N LEU A 177 4.19 -3.38 -0.87
CA LEU A 177 3.29 -2.31 -0.44
C LEU A 177 2.11 -2.32 -1.36
N ASP A 178 0.92 -2.36 -0.80
CA ASP A 178 -0.29 -2.34 -1.67
C ASP A 178 -0.73 -0.93 -2.16
N LEU A 179 -0.01 -0.47 -3.18
CA LEU A 179 -0.37 0.71 -3.89
C LEU A 179 0.00 0.38 -5.30
N ALA A 180 -0.57 1.06 -6.25
CA ALA A 180 -0.32 0.76 -7.66
C ALA A 180 -0.84 1.88 -8.52
N GLY A 181 -0.53 1.81 -9.79
CA GLY A 181 -1.14 2.65 -10.82
C GLY A 181 -2.67 2.54 -10.73
N ARG A 182 -3.15 1.32 -10.52
CA ARG A 182 -4.59 1.13 -10.52
C ARG A 182 -5.24 1.84 -9.35
N ASP A 183 -4.58 1.82 -8.20
CA ASP A 183 -5.13 2.51 -7.05
C ASP A 183 -5.09 4.01 -7.26
N LEU A 184 -4.04 4.51 -7.91
CA LEU A 184 -4.00 5.92 -8.25
C LEU A 184 -5.15 6.31 -9.17
N THR A 185 -5.43 5.46 -10.13
CA THR A 185 -6.52 5.68 -11.06
C THR A 185 -7.82 5.76 -10.29
N ASP A 186 -8.03 4.82 -9.39
CA ASP A 186 -9.28 4.83 -8.59
C ASP A 186 -9.39 6.09 -7.78
N TYR A 187 -8.28 6.52 -7.20
CA TYR A 187 -8.23 7.77 -6.45
C TYR A 187 -8.54 8.93 -7.41
N LEU A 188 -8.00 8.87 -8.63
CA LEU A 188 -8.05 10.02 -9.50
C LEU A 188 -9.50 10.24 -9.93
N MET A 189 -10.15 9.18 -10.38
CA MET A 189 -11.55 9.33 -10.80
C MET A 189 -12.36 9.83 -9.64
N LYS A 190 -12.02 9.46 -8.41
CA LYS A 190 -12.69 10.03 -7.24
C LYS A 190 -12.50 11.54 -7.16
N ILE A 191 -11.27 11.98 -7.35
CA ILE A 191 -10.93 13.38 -7.15
C ILE A 191 -11.48 14.27 -8.25
N LEU A 192 -11.72 13.75 -9.45
CA LEU A 192 -12.28 14.49 -10.54
C LEU A 192 -13.70 14.89 -10.15
N THR A 193 -14.40 14.04 -9.42
CA THR A 193 -15.80 14.16 -9.23
C THR A 193 -16.12 15.44 -8.51
N GLU A 194 -15.16 15.94 -7.69
CA GLU A 194 -15.33 17.23 -7.04
C GLU A 194 -15.37 18.42 -8.02
N ARG A 195 -14.84 18.19 -9.22
CA ARG A 195 -14.86 19.14 -10.31
C ARG A 195 -16.08 18.99 -11.18
N GLY A 196 -16.82 17.89 -11.05
CA GLY A 196 -18.06 17.79 -11.81
C GLY A 196 -17.99 16.65 -12.76
N TYR A 197 -16.79 16.24 -13.11
CA TYR A 197 -16.62 15.23 -14.15
C TYR A 197 -16.78 13.91 -13.45
N SER A 198 -17.67 13.10 -14.01
CA SER A 198 -18.02 11.83 -13.36
C SER A 198 -17.74 10.70 -14.32
N PHE A 199 -16.82 9.83 -13.93
CA PHE A 199 -16.41 8.70 -14.74
C PHE A 199 -16.74 7.41 -13.97
N THR A 200 -17.82 6.75 -14.36
CA THR A 200 -18.45 5.72 -13.53
C THR A 200 -18.15 4.29 -13.99
N THR A 201 -17.54 4.17 -15.16
CA THR A 201 -17.54 2.90 -15.90
C THR A 201 -16.12 2.55 -16.40
N THR A 202 -15.94 1.24 -16.67
CA THR A 202 -14.65 0.69 -16.89
C THR A 202 -14.06 1.32 -18.09
N ALA A 203 -14.88 1.46 -19.14
CA ALA A 203 -14.45 2.19 -20.35
C ALA A 203 -13.68 3.47 -20.07
N GLU A 204 -14.39 4.40 -19.44
CA GLU A 204 -13.79 5.71 -19.17
C GLU A 204 -12.78 5.70 -18.02
N ARG A 205 -12.83 4.65 -17.21
CA ARG A 205 -11.77 4.44 -16.23
C ARG A 205 -10.42 4.38 -16.96
N GLU A 206 -10.41 3.74 -18.09
CA GLU A 206 -9.21 3.72 -18.90
C GLU A 206 -8.95 5.08 -19.47
N ILE A 207 -9.95 5.92 -19.76
CA ILE A 207 -9.69 7.27 -20.20
C ILE A 207 -8.93 7.99 -19.09
N VAL A 208 -9.33 7.83 -17.84
CA VAL A 208 -8.57 8.53 -16.81
C VAL A 208 -7.22 7.94 -16.62
N ARG A 209 -7.07 6.64 -16.83
CA ARG A 209 -5.73 6.05 -16.85
C ARG A 209 -4.85 6.79 -17.86
N ASP A 210 -5.42 7.06 -19.03
CA ASP A 210 -4.69 7.74 -20.09
C ASP A 210 -4.29 9.15 -19.62
N ILE A 211 -5.26 9.83 -18.99
CA ILE A 211 -4.97 11.18 -18.51
C ILE A 211 -3.78 11.11 -17.59
N LYS A 212 -3.86 10.23 -16.61
CA LYS A 212 -2.84 10.15 -15.60
C LYS A 212 -1.47 9.86 -16.25
N GLU A 213 -1.46 8.95 -17.22
CA GLU A 213 -0.26 8.64 -17.97
C GLU A 213 0.38 9.83 -18.61
N LYS A 214 -0.34 10.94 -18.84
CA LYS A 214 0.37 12.14 -19.23
C LYS A 214 0.27 13.35 -18.32
N LEU A 215 -0.93 13.85 -18.13
CA LEU A 215 -1.12 15.09 -17.32
C LEU A 215 -0.61 15.13 -15.93
N CYS A 216 -0.69 14.05 -15.16
CA CYS A 216 -0.28 14.06 -13.75
C CYS A 216 1.20 14.18 -13.59
N TYR A 217 1.65 14.83 -12.50
CA TYR A 217 3.06 14.91 -12.19
C TYR A 217 3.20 15.02 -10.69
N VAL A 218 4.42 14.79 -10.18
CA VAL A 218 4.63 14.80 -8.76
C VAL A 218 5.29 16.07 -8.36
N ALA A 219 4.72 16.66 -7.32
CA ALA A 219 5.27 17.89 -6.70
C ALA A 219 6.60 17.72 -5.98
N LEU A 220 7.49 18.67 -6.25
CA LEU A 220 8.77 18.73 -5.54
C LEU A 220 8.59 19.36 -4.14
N ASP A 221 7.47 20.02 -3.89
CA ASP A 221 6.88 20.11 -2.60
C ASP A 221 5.40 20.23 -2.78
N PHE A 222 4.64 19.33 -2.14
CA PHE A 222 3.22 19.25 -2.32
C PHE A 222 2.52 20.53 -1.87
N GLU A 223 2.81 20.99 -0.66
CA GLU A 223 2.07 22.11 -0.10
C GLU A 223 2.36 23.36 -0.91
N GLN A 224 3.59 23.55 -1.40
CA GLN A 224 3.93 24.72 -2.15
C GLN A 224 3.13 24.77 -3.43
N GLU A 225 3.12 23.63 -4.13
CA GLU A 225 2.37 23.56 -5.38
C GLU A 225 0.89 23.76 -5.14
N MET A 226 0.38 23.20 -4.07
CA MET A 226 -1.03 23.36 -3.74
C MET A 226 -1.31 24.80 -3.39
N ALA A 227 -0.35 25.50 -2.77
CA ALA A 227 -0.53 26.90 -2.44
C ALA A 227 -0.65 27.70 -3.73
N THR A 228 0.27 27.42 -4.67
CA THR A 228 0.30 28.11 -5.95
C THR A 228 -0.88 27.77 -6.84
N ALA A 229 -1.57 26.66 -6.58
CA ALA A 229 -2.89 26.47 -7.18
C ALA A 229 -3.87 27.57 -6.97
N ALA A 230 -3.71 28.45 -5.99
CA ALA A 230 -4.61 29.57 -5.86
C ALA A 230 -4.69 30.38 -7.16
N SER A 231 -3.52 30.76 -7.67
CA SER A 231 -3.45 31.53 -8.91
C SER A 231 -3.24 30.56 -10.04
N SER A 232 -4.33 30.07 -10.63
CA SER A 232 -4.24 28.95 -11.61
C SER A 232 -3.85 29.46 -12.98
N SER A 233 -2.71 28.99 -13.48
CA SER A 233 -2.20 29.43 -14.75
C SER A 233 -1.68 28.22 -15.46
N SER A 234 -0.51 27.73 -15.02
CA SER A 234 0.14 26.55 -15.57
C SER A 234 -0.39 25.22 -15.06
N LEU A 235 -0.94 25.18 -13.86
CA LEU A 235 -1.35 23.95 -13.26
C LEU A 235 -2.62 23.39 -13.85
N GLU A 236 -3.39 24.22 -14.55
CA GLU A 236 -4.52 23.71 -15.29
C GLU A 236 -4.10 23.25 -16.66
N LYS A 237 -4.67 22.16 -17.11
CA LYS A 237 -4.46 21.73 -18.45
C LYS A 237 -5.78 21.27 -19.04
N SER A 238 -6.03 21.71 -20.25
CA SER A 238 -7.10 21.15 -21.03
C SER A 238 -6.73 19.74 -21.54
N TYR A 239 -7.69 18.85 -21.38
CA TYR A 239 -7.61 17.53 -21.96
C TYR A 239 -8.86 17.30 -22.81
N GLU A 240 -8.64 16.59 -23.89
CA GLU A 240 -9.71 16.27 -24.84
C GLU A 240 -10.12 14.88 -24.63
N LEU A 241 -11.42 14.62 -24.43
CA LEU A 241 -11.93 13.25 -24.32
C LEU A 241 -12.22 12.77 -25.70
N PRO A 242 -12.35 11.45 -25.84
CA PRO A 242 -12.75 10.93 -27.14
C PRO A 242 -14.14 11.36 -27.53
N ASP A 243 -15.00 11.68 -26.55
CA ASP A 243 -16.34 12.14 -26.76
C ASP A 243 -16.31 13.52 -27.41
N GLY A 244 -15.22 14.28 -27.18
CA GLY A 244 -15.17 15.60 -27.75
C GLY A 244 -15.31 16.61 -26.64
N GLN A 245 -15.63 16.12 -25.44
CA GLN A 245 -15.77 16.96 -24.28
C GLN A 245 -14.36 17.34 -23.89
N VAL A 246 -14.23 18.46 -23.19
CA VAL A 246 -12.96 18.97 -22.74
C VAL A 246 -12.97 19.01 -21.23
N ILE A 247 -11.86 18.63 -20.65
CA ILE A 247 -11.73 18.57 -19.20
C ILE A 247 -10.62 19.53 -18.81
N THR A 248 -10.71 20.15 -17.64
CA THR A 248 -9.72 21.10 -17.24
C THR A 248 -9.33 20.82 -15.81
N ILE A 249 -8.08 20.37 -15.58
CA ILE A 249 -7.71 19.81 -14.32
C ILE A 249 -6.56 20.56 -13.73
N GLY A 250 -6.79 21.15 -12.57
CA GLY A 250 -5.81 21.99 -11.89
C GLY A 250 -4.87 21.32 -10.93
N ASN A 251 -5.13 21.56 -9.63
CA ASN A 251 -4.35 21.02 -8.49
C ASN A 251 -4.61 19.53 -8.34
N GLU A 252 -5.79 19.15 -8.79
CA GLU A 252 -6.23 17.78 -8.81
C GLU A 252 -5.24 16.96 -9.60
N ARG A 253 -4.60 17.59 -10.58
CA ARG A 253 -3.54 16.91 -11.30
C ARG A 253 -2.51 16.27 -10.37
N PHE A 254 -1.77 17.10 -9.61
CA PHE A 254 -0.53 16.60 -9.01
C PHE A 254 -0.77 15.85 -7.68
N ARG A 255 -1.84 16.19 -6.95
CA ARG A 255 -2.18 15.43 -5.78
C ARG A 255 -2.49 14.01 -6.09
N CYS A 256 -2.77 13.63 -7.33
CA CYS A 256 -2.99 12.23 -7.62
C CYS A 256 -1.79 11.37 -7.31
N PRO A 257 -0.61 11.69 -7.86
CA PRO A 257 0.60 10.92 -7.53
C PRO A 257 1.09 11.16 -6.13
N GLU A 258 0.65 12.25 -5.50
CA GLU A 258 1.04 12.56 -4.14
C GLU A 258 0.70 11.41 -3.26
N ALA A 259 -0.31 10.64 -3.65
CA ALA A 259 -0.80 9.53 -2.85
C ALA A 259 0.30 8.57 -2.52
N LEU A 260 1.23 8.36 -3.44
CA LEU A 260 2.34 7.44 -3.17
C LEU A 260 3.07 7.84 -1.94
N PHE A 261 3.16 9.09 -1.64
CA PHE A 261 3.85 9.61 -0.52
C PHE A 261 2.89 9.88 0.69
N GLN A 262 1.59 9.80 0.48
CA GLN A 262 0.67 10.10 1.56
C GLN A 262 -0.48 9.20 1.41
N PRO A 263 -0.31 7.92 1.80
CA PRO A 263 -1.39 6.97 1.53
C PRO A 263 -2.56 7.24 2.42
N SER A 264 -2.46 8.16 3.39
CA SER A 264 -3.59 8.57 4.18
C SER A 264 -4.65 9.16 3.29
N PHE A 265 -4.25 9.65 2.11
CA PHE A 265 -5.20 10.19 1.16
C PHE A 265 -6.15 9.11 0.72
N LEU A 266 -5.58 7.94 0.43
CA LEU A 266 -6.30 6.72 0.08
C LEU A 266 -6.94 6.12 1.29
N GLY A 267 -6.41 6.34 2.48
CA GLY A 267 -7.11 5.88 3.67
C GLY A 267 -6.40 4.68 4.24
N MET A 268 -5.25 4.32 3.67
CA MET A 268 -4.43 3.24 4.17
C MET A 268 -3.36 3.81 5.08
N GLU A 269 -3.04 3.04 6.09
CA GLU A 269 -2.00 3.38 7.10
C GLU A 269 -0.62 3.15 6.50
N SER A 270 -0.56 2.14 5.65
CA SER A 270 0.70 1.69 5.06
C SER A 270 1.51 2.88 4.65
N CYS A 271 2.78 2.90 5.04
CA CYS A 271 3.60 4.10 4.90
C CYS A 271 3.78 4.41 3.43
N GLY A 272 4.14 5.64 3.16
CA GLY A 272 4.48 6.03 1.82
C GLY A 272 5.66 5.31 1.28
N ILE A 273 5.87 5.39 -0.03
CA ILE A 273 6.89 4.64 -0.71
C ILE A 273 8.30 4.93 -0.21
N HIS A 274 8.61 6.18 0.07
CA HIS A 274 9.92 6.53 0.55
C HIS A 274 10.16 5.90 1.92
N GLU A 275 9.16 5.93 2.78
CA GLU A 275 9.30 5.30 4.09
C GLU A 275 9.44 3.83 3.99
N THR A 276 8.80 3.19 3.01
CA THR A 276 8.94 1.78 2.77
C THR A 276 10.33 1.44 2.30
N THR A 277 10.92 2.33 1.52
CA THR A 277 12.30 2.15 1.13
C THR A 277 13.22 2.15 2.34
N PHE A 278 13.06 3.11 3.24
CA PHE A 278 13.72 3.11 4.53
C PHE A 278 13.43 1.91 5.31
N ASN A 279 12.20 1.42 5.31
CA ASN A 279 11.88 0.20 6.03
C ASN A 279 12.72 -0.94 5.47
N SER A 280 12.92 -0.96 4.15
CA SER A 280 13.71 -2.04 3.56
C SER A 280 15.15 -1.91 3.97
N ILE A 281 15.74 -0.74 3.70
CA ILE A 281 17.15 -0.51 3.97
C ILE A 281 17.46 -0.73 5.42
N MET A 282 16.54 -0.34 6.33
CA MET A 282 16.82 -0.44 7.74
C MET A 282 16.84 -1.86 8.19
N LYS A 283 16.13 -2.73 7.49
CA LYS A 283 16.12 -4.18 7.75
C LYS A 283 17.43 -4.81 7.37
N CYS A 284 18.21 -4.15 6.51
CA CYS A 284 19.43 -4.74 5.96
C CYS A 284 20.59 -4.49 6.90
N ASP A 285 21.69 -5.23 6.67
CA ASP A 285 22.85 -5.18 7.53
C ASP A 285 23.45 -3.78 7.44
N VAL A 286 24.08 -3.36 8.52
CA VAL A 286 24.55 -2.01 8.66
C VAL A 286 25.57 -1.72 7.61
N ASP A 287 26.40 -2.72 7.27
CA ASP A 287 27.51 -2.54 6.39
C ASP A 287 27.15 -2.05 5.00
N ILE A 288 26.19 -2.72 4.35
CA ILE A 288 25.84 -2.49 2.96
C ILE A 288 25.04 -1.25 2.70
N ARG A 289 24.33 -0.73 3.70
CA ARG A 289 23.41 0.36 3.48
C ARG A 289 23.99 1.47 2.65
N LYS A 290 25.29 1.74 2.77
CA LYS A 290 25.88 2.92 2.16
C LYS A 290 25.56 2.92 0.69
N ASP A 291 25.73 1.77 0.04
CA ASP A 291 25.53 1.72 -1.39
C ASP A 291 24.08 1.59 -1.77
N LEU A 292 23.24 1.00 -0.90
CA LEU A 292 21.82 0.99 -1.17
C LEU A 292 21.21 2.34 -1.19
N TYR A 293 21.65 3.23 -0.28
CA TYR A 293 21.21 4.61 -0.28
C TYR A 293 21.61 5.23 -1.62
N ALA A 294 22.81 4.89 -2.09
CA ALA A 294 23.29 5.43 -3.31
C ALA A 294 22.84 4.71 -4.51
N ASN A 295 22.28 3.52 -4.41
CA ASN A 295 21.95 2.83 -5.69
C ASN A 295 20.48 2.46 -5.94
N THR A 296 19.58 3.32 -5.56
CA THR A 296 18.18 2.99 -5.60
C THR A 296 17.73 2.99 -7.03
N VAL A 297 17.15 1.89 -7.50
CA VAL A 297 16.70 1.84 -8.88
C VAL A 297 15.23 1.83 -8.94
N LEU A 298 14.63 2.67 -9.77
CA LEU A 298 13.17 2.70 -9.91
C LEU A 298 12.84 1.91 -11.16
N SER A 299 11.76 1.13 -11.06
CA SER A 299 11.26 0.43 -12.21
C SER A 299 9.75 0.45 -12.28
N GLY A 300 9.21 -0.01 -13.39
CA GLY A 300 7.78 -0.25 -13.48
C GLY A 300 7.07 0.99 -13.99
N GLY A 301 5.82 0.79 -14.40
CA GLY A 301 5.12 1.81 -15.17
C GLY A 301 4.84 3.03 -14.31
N THR A 302 4.51 2.75 -13.03
CA THR A 302 3.98 3.81 -12.17
C THR A 302 5.13 4.54 -11.48
N THR A 303 6.37 4.38 -11.95
CA THR A 303 7.41 5.33 -11.64
C THR A 303 7.63 6.34 -12.74
N MET A 304 6.87 6.26 -13.84
CA MET A 304 7.07 7.13 -15.00
C MET A 304 6.79 8.60 -14.73
N TYR A 305 5.95 8.93 -13.77
CA TYR A 305 5.54 10.31 -13.57
C TYR A 305 6.69 11.26 -13.46
N PRO A 306 6.59 12.37 -14.19
CA PRO A 306 7.66 13.35 -14.04
C PRO A 306 7.82 13.84 -12.60
N GLY A 307 9.07 13.89 -12.17
CA GLY A 307 9.41 14.43 -10.87
C GLY A 307 9.41 13.48 -9.67
N ILE A 308 9.11 12.21 -9.91
CA ILE A 308 9.11 11.24 -8.85
C ILE A 308 10.46 11.06 -8.25
N ALA A 309 11.48 10.92 -9.10
CA ALA A 309 12.87 10.70 -8.69
C ALA A 309 13.27 11.80 -7.74
N ASP A 310 13.01 13.05 -8.14
CA ASP A 310 13.44 14.19 -7.38
C ASP A 310 12.80 14.17 -6.02
N ARG A 311 11.50 13.88 -5.98
CA ARG A 311 10.81 13.88 -4.69
C ARG A 311 11.37 12.80 -3.78
N MET A 312 11.59 11.62 -4.37
CA MET A 312 12.17 10.53 -3.57
C MET A 312 13.51 10.91 -3.04
N GLN A 313 14.31 11.62 -3.84
CA GLN A 313 15.62 12.05 -3.44
C GLN A 313 15.51 12.98 -2.26
N LYS A 314 14.60 13.95 -2.36
CA LYS A 314 14.48 14.95 -1.31
C LYS A 314 14.01 14.29 -0.04
N GLU A 315 13.10 13.31 -0.12
CA GLU A 315 12.55 12.74 1.08
C GLU A 315 13.52 11.79 1.75
N ILE A 316 14.18 10.95 0.96
CA ILE A 316 15.12 10.02 1.51
C ILE A 316 16.29 10.80 2.13
N THR A 317 16.84 11.75 1.42
CA THR A 317 17.92 12.56 1.94
C THR A 317 17.50 13.21 3.24
N ALA A 318 16.27 13.71 3.30
CA ALA A 318 15.76 14.37 4.50
C ALA A 318 15.75 13.42 5.67
N LEU A 319 15.27 12.20 5.43
CA LEU A 319 15.16 11.20 6.50
C LEU A 319 16.48 10.61 6.93
N ALA A 320 17.36 10.31 5.97
CA ALA A 320 18.61 9.60 6.19
C ALA A 320 19.68 10.44 6.77
N PRO A 321 20.76 9.78 7.17
CA PRO A 321 22.00 10.52 7.44
C PRO A 321 22.48 11.29 6.22
N SER A 322 22.60 12.61 6.35
CA SER A 322 23.31 13.41 5.35
C SER A 322 24.81 13.24 5.29
N THR A 323 25.34 12.32 6.08
CA THR A 323 26.70 11.87 6.03
C THR A 323 27.06 11.20 4.72
N MET A 324 26.08 10.57 4.08
CA MET A 324 26.30 9.85 2.83
C MET A 324 25.31 10.34 1.81
N LYS A 325 25.78 10.38 0.56
CA LYS A 325 25.06 10.95 -0.54
C LYS A 325 24.16 9.85 -1.04
N ILE A 326 22.92 10.27 -1.31
CA ILE A 326 21.83 9.44 -1.81
C ILE A 326 21.51 9.68 -3.26
N LYS A 327 22.17 8.93 -4.12
CA LYS A 327 21.88 9.00 -5.55
C LYS A 327 20.72 8.07 -5.80
N ILE A 328 19.82 8.50 -6.64
CA ILE A 328 18.77 7.62 -7.11
C ILE A 328 18.92 7.47 -8.57
N ILE A 329 18.92 6.23 -9.08
CA ILE A 329 19.20 6.03 -10.49
C ILE A 329 17.89 5.60 -11.08
N ALA A 330 17.25 6.48 -11.86
CA ALA A 330 15.99 6.14 -12.45
C ALA A 330 16.11 6.41 -13.92
N PRO A 331 16.31 5.36 -14.70
CA PRO A 331 16.48 5.58 -16.13
C PRO A 331 15.14 5.90 -16.77
N PRO A 332 15.15 6.67 -17.84
CA PRO A 332 14.03 6.62 -18.79
C PRO A 332 14.15 5.30 -19.49
N GLU A 333 13.03 4.77 -20.01
CA GLU A 333 12.92 3.35 -20.44
C GLU A 333 12.79 2.43 -19.26
N ARG A 334 12.70 2.97 -18.04
CA ARG A 334 12.34 2.21 -16.85
C ARG A 334 11.07 1.37 -16.96
N LYS A 335 10.09 1.84 -17.75
CA LYS A 335 8.84 1.13 -17.85
C LYS A 335 9.10 -0.29 -18.25
N TYR A 336 10.05 -0.46 -19.22
CA TYR A 336 10.32 -1.76 -19.86
C TYR A 336 11.43 -2.56 -19.18
N SER A 337 11.90 -2.06 -18.03
CA SER A 337 13.11 -2.57 -17.41
C SER A 337 12.95 -4.07 -17.10
N VAL A 338 11.78 -4.46 -16.63
CA VAL A 338 11.59 -5.84 -16.27
C VAL A 338 11.80 -6.71 -17.51
N TRP A 339 11.14 -6.31 -18.60
CA TRP A 339 11.19 -7.13 -19.79
C TRP A 339 12.61 -7.20 -20.34
N ILE A 340 13.32 -6.06 -20.29
CA ILE A 340 14.69 -6.06 -20.76
C ILE A 340 15.54 -7.05 -19.94
N GLY A 341 15.36 -6.96 -18.64
CA GLY A 341 16.04 -7.86 -17.73
C GLY A 341 15.79 -9.29 -18.10
N GLY A 342 14.54 -9.59 -18.44
CA GLY A 342 14.19 -10.96 -18.85
C GLY A 342 14.97 -11.33 -20.09
N SER A 343 15.07 -10.39 -21.03
CA SER A 343 15.77 -10.65 -22.29
C SER A 343 17.23 -10.99 -21.99
N ILE A 344 17.83 -10.20 -21.12
CA ILE A 344 19.24 -10.42 -20.83
C ILE A 344 19.43 -11.75 -20.10
N LEU A 345 18.50 -12.12 -19.23
CA LEU A 345 18.63 -13.36 -18.51
C LEU A 345 18.49 -14.51 -19.40
N ALA A 346 17.51 -14.52 -20.29
CA ALA A 346 17.44 -15.69 -21.12
C ALA A 346 18.61 -15.78 -22.11
N SER A 347 19.21 -14.63 -22.44
CA SER A 347 20.34 -14.59 -23.31
C SER A 347 21.52 -15.25 -22.63
N LEU A 348 21.62 -15.20 -21.32
CA LEU A 348 22.82 -15.66 -20.63
C LEU A 348 22.97 -17.15 -20.86
N SER A 349 24.21 -17.56 -21.12
CA SER A 349 24.51 -18.94 -21.43
C SER A 349 24.24 -19.89 -20.23
N THR A 350 24.81 -19.55 -19.09
CA THR A 350 24.72 -20.39 -17.92
C THR A 350 23.29 -20.56 -17.55
N PHE A 351 22.50 -19.49 -17.74
CA PHE A 351 21.06 -19.55 -17.38
C PHE A 351 20.39 -20.72 -18.07
N GLN A 352 20.91 -21.04 -19.27
CA GLN A 352 20.33 -22.10 -20.09
C GLN A 352 20.30 -23.50 -19.45
N GLN A 353 20.94 -23.66 -18.30
CA GLN A 353 20.85 -24.86 -17.54
C GLN A 353 19.90 -24.79 -16.36
N MET A 354 19.57 -23.57 -15.95
CA MET A 354 18.65 -23.37 -14.82
C MET A 354 17.17 -23.43 -15.16
N TRP A 355 16.85 -23.63 -16.45
CA TRP A 355 15.46 -23.63 -16.83
C TRP A 355 14.76 -24.73 -16.06
N ILE A 356 13.48 -24.56 -15.82
CA ILE A 356 12.66 -25.68 -15.38
C ILE A 356 12.33 -26.39 -16.67
N SER A 357 12.75 -27.64 -16.76
CA SER A 357 12.56 -28.42 -17.97
C SER A 357 11.20 -29.06 -17.86
N LYS A 358 10.58 -29.24 -19.04
CA LYS A 358 9.34 -29.97 -19.19
C LYS A 358 9.45 -31.33 -18.52
N GLN A 359 10.57 -32.01 -18.77
CA GLN A 359 10.82 -33.33 -18.27
C GLN A 359 10.74 -33.31 -16.74
N GLU A 360 11.45 -32.34 -16.17
CA GLU A 360 11.57 -32.24 -14.70
C GLU A 360 10.22 -32.05 -14.09
N TYR A 361 9.43 -31.16 -14.69
CA TYR A 361 8.04 -30.96 -14.28
C TYR A 361 7.26 -32.28 -14.36
N ASP A 362 7.38 -33.02 -15.45
CA ASP A 362 6.57 -34.20 -15.61
C ASP A 362 6.83 -35.23 -14.56
N GLU A 363 8.07 -35.41 -14.19
CA GLU A 363 8.44 -36.31 -13.09
C GLU A 363 7.96 -35.76 -11.75
N SER A 364 8.41 -34.55 -11.44
CA SER A 364 8.29 -33.95 -10.11
C SER A 364 7.06 -33.09 -9.77
N GLY A 365 6.26 -32.75 -10.77
CA GLY A 365 5.06 -32.01 -10.56
C GLY A 365 5.24 -30.52 -10.57
N PRO A 366 4.14 -29.80 -10.45
CA PRO A 366 4.11 -28.34 -10.42
C PRO A 366 4.75 -27.69 -9.20
N SER A 367 4.83 -28.41 -8.07
CA SER A 367 5.25 -27.85 -6.82
C SER A 367 6.73 -27.47 -6.91
N ILE A 368 7.42 -28.05 -7.88
CA ILE A 368 8.85 -27.85 -7.99
C ILE A 368 9.26 -26.43 -8.30
N VAL A 369 8.32 -25.49 -8.45
CA VAL A 369 8.67 -24.15 -8.84
C VAL A 369 9.52 -23.54 -7.74
N HIS A 370 9.09 -23.71 -6.51
CA HIS A 370 9.77 -23.10 -5.36
C HIS A 370 11.10 -23.74 -5.00
N ARG A 371 11.11 -25.06 -5.07
CA ARG A 371 12.30 -25.88 -4.93
C ARG A 371 13.46 -25.36 -5.74
N LYS A 372 13.23 -25.12 -7.01
CA LYS A 372 14.34 -24.77 -7.88
C LYS A 372 14.66 -23.29 -7.91
N CYS A 373 13.65 -22.48 -8.21
CA CYS A 373 13.90 -21.08 -8.43
C CYS A 373 13.46 -20.35 -7.19
N PHE A 374 13.96 -19.13 -7.07
CA PHE A 374 13.55 -18.19 -6.06
C PHE A 374 12.12 -17.60 -6.31
N GLU B 1 -37.02 -25.18 -56.19
CA GLU B 1 -36.01 -24.06 -56.24
C GLU B 1 -35.12 -24.07 -55.01
N GLU B 2 -33.96 -23.46 -55.15
CA GLU B 2 -33.04 -23.35 -54.04
C GLU B 2 -33.35 -22.07 -53.28
N GLU B 3 -33.19 -22.11 -51.95
CA GLU B 3 -33.48 -20.99 -51.03
C GLU B 3 -34.94 -20.48 -50.96
N ILE B 4 -35.80 -20.86 -51.91
CA ILE B 4 -37.23 -20.52 -51.97
C ILE B 4 -37.52 -19.02 -52.15
N ALA B 5 -36.50 -18.24 -52.41
CA ALA B 5 -36.61 -16.82 -52.18
C ALA B 5 -37.06 -16.47 -50.73
N ALA B 6 -37.55 -15.26 -50.53
CA ALA B 6 -38.22 -14.88 -49.28
C ALA B 6 -38.94 -13.60 -49.55
N LEU B 7 -39.89 -13.26 -48.69
CA LEU B 7 -40.76 -12.12 -48.91
C LEU B 7 -40.44 -11.09 -47.88
N VAL B 8 -40.57 -9.83 -48.22
CA VAL B 8 -40.26 -8.76 -47.29
C VAL B 8 -41.35 -7.73 -47.30
N ILE B 9 -41.86 -7.35 -46.15
CA ILE B 9 -42.83 -6.27 -46.09
C ILE B 9 -42.53 -5.21 -45.03
N ASP B 10 -42.51 -3.96 -45.46
CA ASP B 10 -42.32 -2.83 -44.56
C ASP B 10 -43.73 -2.20 -44.43
N ASN B 11 -44.28 -2.32 -43.23
CA ASN B 11 -45.41 -1.53 -42.83
C ASN B 11 -45.21 -0.59 -41.62
N GLY B 12 -44.51 0.51 -41.84
CA GLY B 12 -44.76 1.73 -41.03
C GLY B 12 -46.05 2.21 -41.64
N SER B 13 -46.77 3.05 -40.90
CA SER B 13 -47.99 3.64 -41.42
C SER B 13 -47.73 4.31 -42.75
N GLY B 14 -48.75 4.31 -43.60
CA GLY B 14 -48.77 5.14 -44.82
C GLY B 14 -48.55 4.37 -46.09
N MET B 15 -47.49 3.55 -46.06
CA MET B 15 -47.13 2.81 -47.26
C MET B 15 -46.80 1.40 -46.94
N CYS B 16 -47.24 0.49 -47.81
CA CYS B 16 -46.72 -0.89 -47.75
C CYS B 16 -45.67 -1.05 -48.80
N LYS B 17 -44.49 -1.48 -48.40
CA LYS B 17 -43.38 -1.61 -49.36
C LYS B 17 -43.06 -3.06 -49.36
N ALA B 18 -43.35 -3.78 -50.43
CA ALA B 18 -43.24 -5.23 -50.41
C ALA B 18 -42.59 -5.70 -51.67
N GLY B 19 -41.96 -6.87 -51.58
CA GLY B 19 -41.31 -7.44 -52.73
C GLY B 19 -40.54 -8.66 -52.32
N PHE B 20 -39.84 -9.25 -53.28
CA PHE B 20 -38.99 -10.39 -53.00
C PHE B 20 -37.67 -10.01 -52.36
N ALA B 21 -37.32 -10.74 -51.31
CA ALA B 21 -35.99 -10.67 -50.76
C ALA B 21 -35.04 -11.09 -51.83
N GLY B 22 -33.90 -10.41 -51.93
CA GLY B 22 -32.92 -10.76 -52.93
C GLY B 22 -33.01 -9.85 -54.12
N ASP B 23 -33.71 -8.73 -54.00
CA ASP B 23 -33.79 -7.78 -55.08
C ASP B 23 -33.52 -6.42 -54.48
N ASP B 24 -33.08 -5.50 -55.33
CA ASP B 24 -32.64 -4.19 -54.90
C ASP B 24 -33.77 -3.23 -54.72
N ALA B 25 -34.95 -3.48 -55.32
CA ALA B 25 -36.11 -2.66 -55.06
C ALA B 25 -37.34 -3.53 -54.93
N PRO B 26 -38.30 -3.07 -54.14
CA PRO B 26 -39.54 -3.75 -53.97
C PRO B 26 -40.37 -3.66 -55.21
N ARG B 27 -41.17 -4.69 -55.44
CA ARG B 27 -42.08 -4.72 -56.60
C ARG B 27 -43.23 -3.79 -56.38
N ALA B 28 -43.84 -3.90 -55.21
CA ALA B 28 -45.10 -3.17 -54.99
C ALA B 28 -44.94 -2.22 -53.85
N VAL B 29 -45.34 -0.97 -54.08
CA VAL B 29 -45.36 0.03 -53.01
C VAL B 29 -46.62 0.82 -53.18
N PHE B 30 -47.52 0.79 -52.19
CA PHE B 30 -48.81 1.45 -52.34
C PHE B 30 -49.26 1.93 -50.98
N PRO B 31 -50.19 2.87 -50.99
CA PRO B 31 -50.59 3.43 -49.70
C PRO B 31 -51.40 2.43 -48.86
N SER B 32 -51.19 2.44 -47.54
CA SER B 32 -51.88 1.50 -46.64
C SER B 32 -53.14 2.16 -46.25
N ILE B 33 -54.15 2.04 -47.10
CA ILE B 33 -55.41 2.72 -46.82
C ILE B 33 -56.53 1.78 -47.14
N VAL B 34 -57.56 1.82 -46.32
CA VAL B 34 -58.79 1.06 -46.54
C VAL B 34 -59.89 2.07 -46.68
N GLY B 35 -60.32 2.28 -47.92
CA GLY B 35 -61.40 3.24 -48.13
C GLY B 35 -62.69 2.48 -48.13
N ARG B 36 -63.72 3.10 -47.58
CA ARG B 36 -65.05 2.50 -47.55
C ARG B 36 -66.04 3.45 -48.18
N PRO B 37 -66.96 2.91 -48.93
CA PRO B 37 -68.00 3.70 -49.52
C PRO B 37 -68.93 4.24 -48.44
N ARG B 38 -68.73 5.52 -48.14
CA ARG B 38 -69.53 6.27 -47.18
C ARG B 38 -70.87 6.63 -47.75
N HIS B 39 -70.90 6.99 -49.03
CA HIS B 39 -72.21 7.25 -49.67
C HIS B 39 -72.88 6.06 -50.31
N GLN B 40 -74.18 5.88 -49.99
CA GLN B 40 -74.93 4.75 -50.51
C GLN B 40 -75.12 4.89 -52.02
N GLY B 41 -74.71 3.86 -52.74
CA GLY B 41 -74.72 3.94 -54.18
C GLY B 41 -76.09 3.58 -54.70
N VAL B 42 -76.49 4.22 -55.78
CA VAL B 42 -77.72 3.89 -56.45
C VAL B 42 -77.51 3.75 -57.93
N MET B 43 -77.29 2.49 -58.30
CA MET B 43 -77.30 2.01 -59.67
C MET B 43 -77.68 0.52 -59.52
N VAL B 44 -77.45 -0.27 -60.56
CA VAL B 44 -77.41 -1.70 -60.42
C VAL B 44 -76.17 -2.16 -61.20
N GLY B 45 -75.56 -3.25 -60.75
CA GLY B 45 -74.36 -3.74 -61.38
C GLY B 45 -73.20 -2.84 -61.05
N MET B 46 -73.19 -2.31 -59.82
CA MET B 46 -71.98 -1.77 -59.20
C MET B 46 -71.36 -2.83 -58.32
N GLY B 47 -70.03 -2.82 -58.25
CA GLY B 47 -69.27 -3.50 -57.21
C GLY B 47 -69.81 -4.84 -56.69
N GLN B 48 -70.38 -4.90 -55.47
CA GLN B 48 -70.57 -3.75 -54.56
C GLN B 48 -69.25 -3.33 -53.93
N LYS B 49 -68.45 -4.35 -53.57
CA LYS B 49 -67.12 -4.18 -52.95
C LYS B 49 -67.22 -3.34 -51.69
N ASP B 50 -67.25 -4.00 -50.54
CA ASP B 50 -67.44 -3.40 -49.27
C ASP B 50 -66.39 -2.37 -48.99
N SER B 51 -65.19 -2.56 -49.51
CA SER B 51 -64.18 -1.55 -49.33
C SER B 51 -63.11 -1.72 -50.34
N TYR B 52 -62.28 -0.67 -50.49
CA TYR B 52 -61.15 -0.67 -51.38
C TYR B 52 -59.86 -0.49 -50.61
N VAL B 53 -58.82 -1.10 -51.13
CA VAL B 53 -57.51 -1.13 -50.46
C VAL B 53 -56.46 -0.79 -51.46
N GLY B 54 -55.39 -0.12 -51.00
CA GLY B 54 -54.29 0.29 -51.89
C GLY B 54 -54.67 1.36 -52.86
N ASP B 55 -53.77 1.63 -53.80
CA ASP B 55 -53.90 2.78 -54.70
C ASP B 55 -55.21 2.80 -55.50
N GLU B 56 -55.93 1.68 -55.42
CA GLU B 56 -57.33 1.67 -55.82
C GLU B 56 -58.09 2.77 -55.12
N ALA B 57 -57.87 2.85 -53.80
CA ALA B 57 -58.54 3.85 -52.98
C ALA B 57 -58.16 5.24 -53.41
N GLN B 58 -56.89 5.46 -53.73
CA GLN B 58 -56.44 6.76 -54.24
C GLN B 58 -57.19 7.15 -55.50
N SER B 59 -57.30 6.17 -56.39
CA SER B 59 -58.06 6.40 -57.64
C SER B 59 -59.51 6.82 -57.35
N LYS B 60 -60.22 6.05 -56.52
CA LYS B 60 -61.62 6.37 -56.21
C LYS B 60 -61.67 7.01 -54.84
N ARG B 61 -61.24 8.26 -54.70
CA ARG B 61 -61.05 8.92 -53.39
C ARG B 61 -62.31 9.59 -52.80
N GLY B 62 -63.01 10.27 -53.72
CA GLY B 62 -64.07 11.19 -53.38
C GLY B 62 -65.20 10.52 -52.64
N ILE B 63 -65.54 9.30 -53.10
CA ILE B 63 -66.62 8.51 -52.56
C ILE B 63 -66.24 7.98 -51.18
N LEU B 64 -65.01 7.51 -51.05
CA LEU B 64 -64.61 6.76 -49.89
C LEU B 64 -64.26 7.68 -48.79
N THR B 65 -64.33 7.13 -47.58
CA THR B 65 -63.67 7.71 -46.43
C THR B 65 -62.51 6.79 -46.24
N LEU B 66 -61.37 7.36 -45.96
CA LEU B 66 -60.20 6.53 -45.89
C LEU B 66 -59.84 6.41 -44.45
N LYS B 67 -59.37 5.23 -44.06
CA LYS B 67 -58.93 5.00 -42.75
C LYS B 67 -57.55 4.38 -42.86
N TYR B 68 -56.56 5.07 -42.33
CA TYR B 68 -55.25 4.48 -42.12
C TYR B 68 -55.32 3.47 -40.95
N PRO B 69 -55.08 2.18 -41.18
CA PRO B 69 -55.18 1.21 -40.11
C PRO B 69 -54.05 1.31 -39.10
N ILE B 70 -52.90 1.85 -39.50
CA ILE B 70 -51.77 2.01 -38.57
C ILE B 70 -51.64 3.47 -38.15
N GLU B 71 -51.64 3.72 -36.83
CA GLU B 71 -51.29 5.02 -36.29
C GLU B 71 -50.22 4.98 -35.22
N HIS B 72 -49.13 5.68 -35.48
CA HIS B 72 -48.02 5.79 -34.56
C HIS B 72 -47.33 4.46 -34.41
N GLY B 73 -47.25 3.74 -35.51
CA GLY B 73 -46.66 2.39 -35.51
C GLY B 73 -47.54 1.34 -34.87
N ILE B 74 -48.72 1.73 -34.36
CA ILE B 74 -49.63 0.80 -33.74
C ILE B 74 -50.73 0.50 -34.73
N VAL B 75 -51.12 -0.78 -34.88
CA VAL B 75 -52.27 -1.06 -35.73
C VAL B 75 -53.53 -0.79 -34.89
N THR B 76 -54.30 0.17 -35.36
CA THR B 76 -55.62 0.42 -34.76
C THR B 76 -56.57 -0.77 -35.07
N ASN B 77 -56.69 -1.13 -36.34
CA ASN B 77 -57.70 -2.04 -36.75
C ASN B 77 -57.07 -3.19 -37.51
N TRP B 78 -57.24 -4.40 -36.97
CA TRP B 78 -56.51 -5.56 -37.44
C TRP B 78 -57.09 -6.07 -38.71
N ASP B 79 -58.40 -6.20 -38.80
CA ASP B 79 -59.00 -6.74 -40.05
C ASP B 79 -58.56 -5.93 -41.24
N ASP B 80 -58.42 -4.61 -41.04
CA ASP B 80 -57.98 -3.73 -42.09
C ASP B 80 -56.58 -4.08 -42.51
N MET B 81 -55.70 -4.29 -41.53
CA MET B 81 -54.32 -4.66 -41.82
C MET B 81 -54.26 -5.96 -42.60
N GLU B 82 -55.05 -6.92 -42.12
CA GLU B 82 -55.12 -8.21 -42.80
C GLU B 82 -55.52 -7.96 -44.24
N LYS B 83 -56.50 -7.09 -44.48
CA LYS B 83 -56.96 -6.83 -45.84
C LYS B 83 -55.82 -6.27 -46.67
N ILE B 84 -55.01 -5.37 -46.05
CA ILE B 84 -53.92 -4.78 -46.78
C ILE B 84 -52.91 -5.82 -47.18
N TRP B 85 -52.56 -6.71 -46.24
CA TRP B 85 -51.63 -7.79 -46.54
C TRP B 85 -52.18 -8.70 -47.62
N HIS B 86 -53.46 -9.00 -47.55
CA HIS B 86 -54.18 -9.81 -48.53
C HIS B 86 -53.90 -9.22 -49.90
N HIS B 87 -54.15 -7.91 -50.00
CA HIS B 87 -54.00 -7.18 -51.22
C HIS B 87 -52.52 -7.28 -51.74
N THR B 88 -51.60 -7.17 -50.81
CA THR B 88 -50.20 -7.22 -51.24
C THR B 88 -49.88 -8.57 -51.86
N PHE B 89 -50.24 -9.65 -51.15
CA PHE B 89 -49.88 -10.95 -51.65
C PHE B 89 -50.64 -11.29 -52.91
N TYR B 90 -51.98 -11.26 -52.85
CA TYR B 90 -52.76 -11.71 -53.98
C TYR B 90 -52.84 -10.73 -55.13
N ASN B 91 -53.16 -9.47 -54.82
CA ASN B 91 -53.27 -8.47 -55.87
C ASN B 91 -52.02 -8.03 -56.56
N GLU B 92 -50.88 -7.91 -55.87
CA GLU B 92 -49.67 -7.48 -56.52
C GLU B 92 -48.70 -8.57 -56.80
N LEU B 93 -48.25 -9.25 -55.74
CA LEU B 93 -47.13 -10.21 -55.84
C LEU B 93 -47.58 -11.49 -56.47
N ARG B 94 -48.81 -11.91 -56.21
CA ARG B 94 -49.32 -13.13 -56.76
C ARG B 94 -48.50 -14.30 -56.26
N VAL B 95 -48.37 -14.38 -54.94
CA VAL B 95 -47.66 -15.45 -54.28
C VAL B 95 -48.56 -16.17 -53.31
N ALA B 96 -48.27 -17.43 -53.04
CA ALA B 96 -48.88 -18.18 -51.98
C ALA B 96 -47.91 -18.09 -50.86
N PRO B 97 -48.29 -17.45 -49.76
CA PRO B 97 -47.36 -17.26 -48.68
C PRO B 97 -46.88 -18.54 -48.03
N GLU B 98 -47.65 -19.63 -48.14
CA GLU B 98 -47.14 -20.96 -47.88
C GLU B 98 -45.83 -21.28 -48.54
N GLU B 99 -45.56 -20.69 -49.71
CA GLU B 99 -44.35 -20.92 -50.46
C GLU B 99 -43.22 -19.96 -50.15
N HIS B 100 -43.27 -19.13 -49.12
CA HIS B 100 -42.23 -18.16 -48.84
C HIS B 100 -42.23 -17.80 -47.39
N PRO B 101 -41.03 -17.59 -46.84
CA PRO B 101 -40.85 -17.08 -45.52
C PRO B 101 -41.05 -15.59 -45.64
N VAL B 102 -41.67 -14.95 -44.64
CA VAL B 102 -41.94 -13.56 -44.79
C VAL B 102 -41.34 -12.76 -43.67
N LEU B 103 -40.70 -11.65 -44.05
CA LEU B 103 -40.11 -10.75 -43.06
C LEU B 103 -41.00 -9.58 -42.90
N LEU B 104 -41.32 -9.18 -41.68
CA LEU B 104 -42.00 -7.93 -41.43
C LEU B 104 -41.09 -6.93 -40.70
N THR B 105 -41.26 -5.67 -41.03
CA THR B 105 -40.63 -4.62 -40.28
C THR B 105 -41.57 -4.21 -39.15
N GLU B 106 -41.02 -3.48 -38.21
CA GLU B 106 -41.83 -2.96 -37.09
C GLU B 106 -40.98 -1.97 -36.32
N ALA B 107 -41.63 -1.01 -35.68
CA ALA B 107 -40.95 0.13 -35.10
C ALA B 107 -40.50 -0.21 -33.71
N PRO B 108 -39.45 0.43 -33.26
CA PRO B 108 -38.99 0.26 -31.89
C PRO B 108 -39.91 0.73 -30.78
N LEU B 109 -39.66 0.24 -29.56
CA LEU B 109 -40.37 0.65 -28.38
C LEU B 109 -41.88 0.44 -28.48
N ASN B 110 -42.30 -0.43 -29.36
CA ASN B 110 -43.66 -0.48 -29.81
C ASN B 110 -44.29 -1.50 -28.91
N PRO B 111 -45.56 -1.37 -28.66
CA PRO B 111 -46.26 -2.36 -27.86
C PRO B 111 -46.10 -3.81 -28.28
N LYS B 112 -46.06 -4.67 -27.28
CA LYS B 112 -45.79 -6.09 -27.46
C LYS B 112 -46.87 -6.66 -28.35
N ALA B 113 -48.11 -6.25 -28.07
CA ALA B 113 -49.29 -6.80 -28.65
C ALA B 113 -49.17 -6.79 -30.15
N ASN B 114 -48.56 -5.73 -30.68
CA ASN B 114 -48.46 -5.58 -32.12
C ASN B 114 -47.58 -6.65 -32.68
N ARG B 115 -46.45 -6.92 -32.03
CA ARG B 115 -45.56 -7.96 -32.55
C ARG B 115 -46.30 -9.29 -32.43
N GLU B 116 -46.84 -9.55 -31.24
CA GLU B 116 -47.39 -10.86 -30.94
C GLU B 116 -48.59 -11.12 -31.89
N LYS B 117 -49.47 -10.13 -31.94
CA LYS B 117 -50.66 -10.27 -32.79
C LYS B 117 -50.30 -10.34 -34.23
N MET B 118 -49.28 -9.60 -34.65
CA MET B 118 -48.75 -9.66 -36.02
C MET B 118 -48.38 -11.09 -36.39
N THR B 119 -47.58 -11.75 -35.54
CA THR B 119 -47.19 -13.09 -35.76
C THR B 119 -48.38 -14.02 -35.78
N GLN B 120 -49.31 -13.81 -34.86
CA GLN B 120 -50.53 -14.62 -34.79
C GLN B 120 -51.24 -14.60 -36.14
N ILE B 121 -51.39 -13.41 -36.71
CA ILE B 121 -51.93 -13.32 -38.04
C ILE B 121 -51.14 -14.06 -39.07
N MET B 122 -49.86 -13.80 -39.20
CA MET B 122 -49.10 -14.40 -40.25
C MET B 122 -49.18 -15.89 -40.24
N PHE B 123 -49.19 -16.50 -39.07
CA PHE B 123 -49.35 -17.95 -39.00
C PHE B 123 -50.77 -18.38 -39.21
N GLU B 124 -51.73 -17.76 -38.53
CA GLU B 124 -53.09 -18.28 -38.62
C GLU B 124 -54.01 -17.48 -39.55
N THR B 125 -53.44 -16.74 -40.49
CA THR B 125 -54.24 -16.19 -41.55
C THR B 125 -53.68 -16.68 -42.87
N PHE B 126 -52.48 -16.22 -43.20
CA PHE B 126 -51.81 -16.64 -44.45
C PHE B 126 -50.89 -17.74 -43.99
N ASN B 127 -51.23 -19.00 -44.24
CA ASN B 127 -50.35 -20.10 -43.77
C ASN B 127 -48.96 -19.96 -44.39
N THR B 128 -47.94 -19.92 -43.55
CA THR B 128 -46.63 -19.55 -44.00
C THR B 128 -45.65 -20.37 -43.23
N PRO B 129 -44.55 -20.78 -43.87
CA PRO B 129 -43.61 -21.66 -43.25
C PRO B 129 -42.83 -20.99 -42.13
N ALA B 130 -42.51 -19.73 -42.33
CA ALA B 130 -41.67 -19.02 -41.38
C ALA B 130 -41.82 -17.53 -41.56
N MET B 131 -41.46 -16.82 -40.49
CA MET B 131 -41.51 -15.39 -40.53
C MET B 131 -40.55 -14.80 -39.54
N TYR B 132 -40.35 -13.48 -39.64
CA TYR B 132 -39.52 -12.79 -38.68
C TYR B 132 -40.04 -11.39 -38.55
N VAL B 133 -39.88 -10.75 -37.38
CA VAL B 133 -40.31 -9.36 -37.25
C VAL B 133 -39.11 -8.58 -36.77
N ALA B 134 -38.78 -7.50 -37.47
CA ALA B 134 -37.44 -6.91 -37.32
C ALA B 134 -37.62 -5.41 -37.11
N ILE B 135 -36.62 -4.82 -36.47
CA ILE B 135 -36.68 -3.41 -36.13
C ILE B 135 -36.35 -2.62 -37.37
N GLN B 136 -37.13 -1.57 -37.61
CA GLN B 136 -36.97 -0.77 -38.78
C GLN B 136 -35.58 -0.18 -38.95
N ALA B 137 -35.00 0.35 -37.89
CA ALA B 137 -33.82 1.20 -38.03
C ALA B 137 -32.63 0.36 -38.51
N VAL B 138 -32.45 -0.77 -37.84
CA VAL B 138 -31.37 -1.71 -38.13
C VAL B 138 -31.33 -2.02 -39.63
N LEU B 139 -32.51 -2.28 -40.17
CA LEU B 139 -32.65 -2.65 -41.55
C LEU B 139 -32.07 -1.57 -42.42
N SER B 140 -32.44 -0.33 -42.14
CA SER B 140 -31.90 0.79 -42.93
C SER B 140 -30.42 0.88 -42.80
N LEU B 141 -29.89 0.61 -41.60
CA LEU B 141 -28.45 0.66 -41.40
C LEU B 141 -27.79 -0.35 -42.28
N TYR B 142 -28.36 -1.55 -42.39
CA TYR B 142 -27.82 -2.58 -43.29
C TYR B 142 -27.85 -2.07 -44.70
N ALA B 143 -28.98 -1.54 -45.09
CA ALA B 143 -29.16 -1.03 -46.46
C ALA B 143 -28.10 -0.03 -46.79
N SER B 144 -27.69 0.79 -45.80
CA SER B 144 -26.64 1.78 -46.03
C SER B 144 -25.28 1.13 -46.08
N GLY B 145 -25.17 -0.14 -45.67
CA GLY B 145 -23.90 -0.84 -45.78
C GLY B 145 -22.86 -0.44 -44.78
N ARG B 146 -23.30 0.16 -43.68
CA ARG B 146 -22.45 0.58 -42.58
C ARG B 146 -22.80 -0.28 -41.39
N THR B 147 -21.77 -0.52 -40.57
CA THR B 147 -21.84 -1.36 -39.36
C THR B 147 -22.16 -0.52 -38.12
N THR B 148 -22.04 0.78 -38.25
CA THR B 148 -22.15 1.65 -37.09
C THR B 148 -22.78 2.96 -37.48
N GLY B 149 -23.66 3.47 -36.62
CA GLY B 149 -24.32 4.73 -36.93
C GLY B 149 -25.49 4.93 -36.04
N ILE B 150 -26.09 6.13 -36.06
CA ILE B 150 -27.27 6.36 -35.26
C ILE B 150 -28.36 6.61 -36.27
N VAL B 151 -29.32 5.70 -36.34
CA VAL B 151 -30.26 5.74 -37.42
C VAL B 151 -31.44 6.51 -36.95
N MET B 152 -31.68 7.61 -37.64
CA MET B 152 -32.84 8.48 -37.46
C MET B 152 -33.93 8.02 -38.42
N ASP B 153 -34.94 7.40 -37.85
CA ASP B 153 -35.98 6.74 -38.62
C ASP B 153 -37.26 7.51 -38.38
N SER B 154 -37.77 8.14 -39.40
CA SER B 154 -39.04 8.81 -39.27
C SER B 154 -39.78 8.44 -40.49
N GLY B 155 -40.84 7.68 -40.29
CA GLY B 155 -41.80 7.43 -41.36
C GLY B 155 -43.00 8.33 -41.26
N ASP B 156 -44.12 7.85 -41.79
CA ASP B 156 -45.41 8.47 -41.58
C ASP B 156 -45.94 8.09 -40.20
N GLY B 157 -45.59 6.88 -39.75
CA GLY B 157 -46.05 6.38 -38.45
C GLY B 157 -45.57 7.19 -37.26
N VAL B 158 -44.34 6.91 -36.87
CA VAL B 158 -43.68 7.68 -35.82
C VAL B 158 -42.20 7.74 -36.12
N THR B 159 -41.50 8.66 -35.46
CA THR B 159 -40.09 8.80 -35.50
C THR B 159 -39.36 8.04 -34.40
N HIS B 160 -38.23 7.50 -34.78
CA HIS B 160 -37.48 6.57 -33.94
C HIS B 160 -36.01 6.82 -34.15
N THR B 161 -35.24 6.41 -33.17
CA THR B 161 -33.81 6.71 -33.16
C THR B 161 -33.08 5.60 -32.47
N VAL B 162 -32.21 4.93 -33.18
CA VAL B 162 -31.50 3.77 -32.61
C VAL B 162 -30.04 3.88 -32.94
N PRO B 163 -29.23 4.11 -31.90
CA PRO B 163 -27.80 4.11 -32.08
C PRO B 163 -27.30 2.71 -32.15
N ILE B 164 -26.32 2.45 -33.02
CA ILE B 164 -25.77 1.12 -33.14
C ILE B 164 -24.26 1.23 -33.23
N TYR B 165 -23.53 0.37 -32.57
CA TYR B 165 -22.11 0.44 -32.71
C TYR B 165 -21.61 -0.91 -33.01
N GLU B 166 -20.94 -1.07 -34.16
CA GLU B 166 -20.24 -2.31 -34.52
C GLU B 166 -21.22 -3.49 -34.41
N GLY B 167 -22.37 -3.33 -35.02
CA GLY B 167 -23.52 -4.14 -34.69
C GLY B 167 -23.90 -3.72 -33.31
N TYR B 168 -24.02 -4.65 -32.39
CA TYR B 168 -24.60 -4.30 -31.09
C TYR B 168 -25.83 -3.36 -31.14
N ALA B 169 -26.07 -2.52 -30.14
CA ALA B 169 -27.35 -1.82 -30.04
C ALA B 169 -27.50 -1.43 -28.61
N LEU B 170 -28.12 -0.30 -28.34
CA LEU B 170 -28.18 0.21 -26.97
C LEU B 170 -29.64 0.46 -26.63
N PRO B 171 -30.27 -0.44 -25.89
CA PRO B 171 -31.67 -0.31 -25.55
C PRO B 171 -32.05 0.95 -24.80
N HIS B 172 -31.24 1.35 -23.83
CA HIS B 172 -31.54 2.51 -23.01
C HIS B 172 -31.50 3.74 -23.86
N ALA B 173 -30.58 3.75 -24.85
CA ALA B 173 -30.29 4.85 -25.75
C ALA B 173 -31.34 5.02 -26.83
N ILE B 174 -32.05 3.96 -27.21
CA ILE B 174 -33.08 4.06 -28.23
C ILE B 174 -34.18 5.08 -27.88
N LEU B 175 -34.51 5.93 -28.84
CA LEU B 175 -35.45 7.01 -28.47
C LEU B 175 -36.57 6.98 -29.44
N ARG B 176 -37.80 7.26 -28.97
CA ARG B 176 -38.95 7.25 -29.89
C ARG B 176 -39.76 8.50 -29.65
N LEU B 177 -39.93 9.27 -30.70
CA LEU B 177 -40.47 10.64 -30.64
C LEU B 177 -41.76 10.64 -31.40
N ASP B 178 -42.82 11.11 -30.78
CA ASP B 178 -44.11 11.15 -31.49
C ASP B 178 -44.28 12.38 -32.41
N LEU B 179 -43.66 12.26 -33.59
CA LEU B 179 -43.87 13.16 -34.67
C LEU B 179 -43.83 12.26 -35.88
N ALA B 180 -44.41 12.70 -36.96
CA ALA B 180 -44.49 11.88 -38.18
C ALA B 180 -44.86 12.76 -39.35
N GLY B 181 -44.78 12.18 -40.53
CA GLY B 181 -45.34 12.78 -41.74
C GLY B 181 -46.82 13.11 -41.52
N ARG B 182 -47.52 12.23 -40.85
CA ARG B 182 -48.94 12.44 -40.66
C ARG B 182 -49.21 13.66 -39.79
N ASP B 183 -48.38 13.85 -38.77
CA ASP B 183 -48.56 15.00 -37.90
C ASP B 183 -48.22 16.27 -38.67
N LEU B 184 -47.21 16.22 -39.55
CA LEU B 184 -46.90 17.37 -40.39
C LEU B 184 -48.07 17.72 -41.29
N THR B 185 -48.70 16.70 -41.84
CA THR B 185 -49.85 16.88 -42.70
C THR B 185 -50.95 17.58 -41.92
N ASP B 186 -51.21 17.09 -40.71
CA ASP B 186 -52.27 17.70 -39.90
C ASP B 186 -51.95 19.13 -39.60
N TYR B 187 -50.69 19.43 -39.30
CA TYR B 187 -50.23 20.80 -39.09
C TYR B 187 -50.45 21.60 -40.37
N LEU B 188 -50.14 20.99 -41.52
CA LEU B 188 -50.08 21.74 -42.76
C LEU B 188 -51.49 22.19 -43.12
N MET B 189 -52.43 21.24 -43.07
CA MET B 189 -53.82 21.62 -43.41
C MET B 189 -54.28 22.70 -42.47
N LYS B 190 -53.84 22.68 -41.22
CA LYS B 190 -54.15 23.78 -40.30
C LYS B 190 -53.62 25.12 -40.79
N ILE B 191 -52.37 25.12 -41.23
CA ILE B 191 -51.69 26.34 -41.59
C ILE B 191 -52.18 26.95 -42.91
N LEU B 192 -52.75 26.11 -43.79
CA LEU B 192 -53.31 26.56 -45.04
C LEU B 192 -54.51 27.45 -44.73
N THR B 193 -55.22 27.14 -43.68
CA THR B 193 -56.52 27.69 -43.44
C THR B 193 -56.41 29.17 -43.23
N GLU B 194 -55.25 29.63 -42.75
CA GLU B 194 -55.01 31.07 -42.60
C GLU B 194 -54.96 31.82 -43.95
N ARG B 195 -54.69 31.08 -45.02
CA ARG B 195 -54.69 31.56 -46.38
C ARG B 195 -56.05 31.49 -47.02
N GLY B 196 -56.98 30.74 -46.44
CA GLY B 196 -58.31 30.72 -47.01
C GLY B 196 -58.66 29.34 -47.48
N TYR B 197 -57.65 28.53 -47.74
CA TYR B 197 -57.89 27.21 -48.33
C TYR B 197 -58.25 26.30 -47.19
N SER B 198 -59.37 25.62 -47.35
CA SER B 198 -59.88 24.79 -46.25
C SER B 198 -60.03 23.36 -46.73
N PHE B 199 -59.28 22.47 -46.12
CA PHE B 199 -59.29 21.06 -46.47
C PHE B 199 -59.76 20.25 -45.27
N THR B 200 -61.03 19.82 -45.32
CA THR B 200 -61.71 19.35 -44.10
C THR B 200 -61.85 17.83 -44.02
N THR B 201 -61.47 17.14 -45.09
CA THR B 201 -61.89 15.74 -45.30
C THR B 201 -60.68 14.87 -45.73
N THR B 202 -60.84 13.56 -45.51
CA THR B 202 -59.75 12.64 -45.61
C THR B 202 -59.26 12.64 -47.00
N ALA B 203 -60.18 12.63 -47.96
CA ALA B 203 -59.83 12.75 -49.38
C ALA B 203 -58.76 13.79 -49.66
N GLU B 204 -59.11 15.03 -49.39
CA GLU B 204 -58.19 16.16 -49.66
C GLU B 204 -57.04 16.27 -48.67
N ARG B 205 -57.20 15.61 -47.53
CA ARG B 205 -56.05 15.44 -46.62
C ARG B 205 -54.90 14.78 -47.37
N GLU B 206 -55.23 13.81 -48.18
CA GLU B 206 -54.21 13.18 -49.01
C GLU B 206 -53.75 14.15 -50.06
N ILE B 207 -54.57 15.08 -50.57
CA ILE B 207 -54.08 16.07 -51.49
C ILE B 207 -52.99 16.89 -50.80
N VAL B 208 -53.21 17.28 -49.55
CA VAL B 208 -52.16 18.05 -48.91
C VAL B 208 -50.95 17.22 -48.63
N ARG B 209 -51.13 15.94 -48.36
CA ARG B 209 -49.99 15.04 -48.25
C ARG B 209 -49.15 15.11 -49.52
N ASP B 210 -49.84 15.11 -50.67
CA ASP B 210 -49.15 15.17 -51.95
C ASP B 210 -48.38 16.46 -52.08
N ILE B 211 -49.00 17.59 -51.73
CA ILE B 211 -48.36 18.87 -51.76
C ILE B 211 -47.09 18.86 -50.94
N LYS B 212 -47.21 18.37 -49.74
CA LYS B 212 -46.08 18.36 -48.84
C LYS B 212 -44.94 17.52 -49.45
N GLU B 213 -45.32 16.36 -50.01
CA GLU B 213 -44.34 15.49 -50.66
C GLU B 213 -43.57 16.15 -51.75
N LYS B 214 -44.03 17.27 -52.32
CA LYS B 214 -43.14 18.03 -53.20
C LYS B 214 -42.80 19.45 -52.80
N LEU B 215 -43.82 20.29 -52.71
CA LEU B 215 -43.59 21.74 -52.40
C LEU B 215 -42.83 22.09 -51.16
N CYS B 216 -43.05 21.40 -50.05
CA CYS B 216 -42.41 21.76 -48.79
C CYS B 216 -40.93 21.52 -48.76
N TYR B 217 -40.18 22.37 -48.05
CA TYR B 217 -38.75 22.15 -47.90
C TYR B 217 -38.34 22.73 -46.56
N VAL B 218 -37.14 22.37 -46.10
CA VAL B 218 -36.70 22.81 -44.80
C VAL B 218 -35.70 23.93 -44.97
N ALA B 219 -35.95 24.95 -44.18
CA ALA B 219 -35.04 26.11 -44.09
C ALA B 219 -33.68 25.84 -43.49
N LEU B 220 -32.66 26.37 -44.14
CA LEU B 220 -31.30 26.32 -43.61
C LEU B 220 -31.09 27.39 -42.51
N ASP B 221 -31.97 28.37 -42.44
CA ASP B 221 -32.29 29.06 -41.23
C ASP B 221 -33.71 29.52 -41.34
N PHE B 222 -34.54 29.14 -40.36
CA PHE B 222 -35.95 29.40 -40.38
C PHE B 222 -36.25 30.90 -40.40
N GLU B 223 -35.66 31.64 -39.47
CA GLU B 223 -36.02 33.04 -39.33
C GLU B 223 -35.60 33.82 -40.55
N GLN B 224 -34.46 33.48 -41.17
CA GLN B 224 -33.99 34.18 -42.34
C GLN B 224 -34.97 34.01 -43.47
N GLU B 225 -35.36 32.76 -43.70
CA GLU B 225 -36.31 32.47 -44.78
C GLU B 225 -37.63 33.13 -44.52
N MET B 226 -38.08 33.14 -43.27
CA MET B 226 -39.33 33.79 -42.93
C MET B 226 -39.21 35.27 -43.11
N ALA B 227 -38.02 35.85 -42.86
CA ALA B 227 -37.81 37.27 -43.07
C ALA B 227 -37.97 37.59 -44.55
N THR B 228 -37.31 36.76 -45.38
CA THR B 228 -37.35 36.96 -46.83
C THR B 228 -38.71 36.66 -47.44
N ALA B 229 -39.58 35.94 -46.74
CA ALA B 229 -40.98 35.93 -47.12
C ALA B 229 -41.64 37.26 -47.25
N ALA B 230 -41.12 38.34 -46.69
CA ALA B 230 -41.71 39.64 -46.93
C ALA B 230 -41.83 39.93 -48.43
N SER B 231 -40.71 39.78 -49.13
CA SER B 231 -40.68 40.03 -50.57
C SER B 231 -40.88 38.72 -51.26
N SER B 232 -42.15 38.37 -51.54
CA SER B 232 -42.48 37.01 -52.04
C SER B 232 -42.22 36.89 -53.52
N SER B 233 -41.31 36.00 -53.91
CA SER B 233 -40.95 35.82 -55.28
C SER B 233 -40.84 34.35 -55.53
N SER B 234 -39.75 33.73 -55.04
CA SER B 234 -39.50 32.29 -55.16
C SER B 234 -40.21 31.42 -54.14
N LEU B 235 -40.55 31.96 -52.97
CA LEU B 235 -41.13 31.18 -51.92
C LEU B 235 -42.57 30.81 -52.18
N GLU B 236 -43.23 31.52 -53.07
CA GLU B 236 -44.56 31.12 -53.47
C GLU B 236 -44.50 30.14 -54.62
N LYS B 237 -45.37 29.16 -54.58
CA LYS B 237 -45.48 28.25 -55.70
C LYS B 237 -46.95 27.99 -55.97
N SER B 238 -47.29 28.01 -57.25
CA SER B 238 -48.58 27.56 -57.66
C SER B 238 -48.64 26.05 -57.63
N TYR B 239 -49.73 25.55 -57.06
CA TYR B 239 -50.05 24.14 -57.10
C TYR B 239 -51.45 23.98 -57.70
N GLU B 240 -51.60 22.90 -58.45
CA GLU B 240 -52.85 22.60 -59.15
C GLU B 240 -53.54 21.51 -58.40
N LEU B 241 -54.81 21.72 -58.01
CA LEU B 241 -55.57 20.66 -57.38
C LEU B 241 -56.21 19.84 -58.45
N PRO B 242 -56.67 18.66 -58.07
CA PRO B 242 -57.38 17.85 -59.06
C PRO B 242 -58.68 18.48 -59.48
N ASP B 243 -59.27 19.33 -58.63
CA ASP B 243 -60.49 20.05 -58.88
C ASP B 243 -60.25 21.06 -60.01
N GLY B 244 -59.00 21.52 -60.16
CA GLY B 244 -58.73 22.50 -61.17
C GLY B 244 -58.45 23.82 -60.52
N GLN B 245 -58.66 23.89 -59.21
CA GLN B 245 -58.40 25.07 -58.42
C GLN B 245 -56.89 25.16 -58.33
N VAL B 246 -56.40 26.38 -58.09
CA VAL B 246 -55.01 26.65 -57.97
C VAL B 246 -54.73 27.20 -56.59
N ILE B 247 -53.65 26.74 -56.00
CA ILE B 247 -53.29 27.15 -54.64
C ILE B 247 -51.95 27.84 -54.72
N THR B 248 -51.70 28.80 -53.85
CA THR B 248 -50.45 29.53 -53.91
C THR B 248 -49.91 29.66 -52.51
N ILE B 249 -48.78 29.00 -52.22
CA ILE B 249 -48.33 28.84 -50.87
C ILE B 249 -46.95 29.40 -50.70
N GLY B 250 -46.84 30.39 -49.84
CA GLY B 250 -45.59 31.12 -49.61
C GLY B 250 -44.68 30.59 -48.54
N ASN B 251 -44.67 31.31 -47.39
CA ASN B 251 -43.84 30.99 -46.21
C ASN B 251 -44.40 29.75 -45.50
N GLU B 252 -45.69 29.56 -45.69
CA GLU B 252 -46.42 28.47 -45.15
C GLU B 252 -45.79 27.18 -45.62
N ARG B 253 -45.20 27.23 -46.81
CA ARG B 253 -44.50 26.07 -47.34
C ARG B 253 -43.48 25.52 -46.34
N PHE B 254 -42.47 26.33 -45.96
CA PHE B 254 -41.28 25.76 -45.32
C PHE B 254 -41.43 25.60 -43.80
N ARG B 255 -42.25 26.45 -43.15
CA ARG B 255 -42.56 26.26 -41.77
C ARG B 255 -43.25 24.97 -41.50
N CYS B 256 -43.83 24.27 -42.50
CA CYS B 256 -44.40 22.98 -42.22
C CYS B 256 -43.39 22.00 -41.70
N PRO B 257 -42.27 21.77 -42.40
CA PRO B 257 -41.25 20.85 -41.90
C PRO B 257 -40.49 21.39 -40.72
N GLU B 258 -40.55 22.70 -40.50
CA GLU B 258 -39.85 23.34 -39.40
C GLU B 258 -40.30 22.69 -38.13
N ALA B 259 -41.52 22.17 -38.14
CA ALA B 259 -42.12 21.59 -36.95
C ALA B 259 -41.22 20.52 -36.36
N LEU B 260 -40.54 19.75 -37.20
CA LEU B 260 -39.66 18.71 -36.69
C LEU B 260 -38.65 19.27 -35.74
N PHE B 261 -38.21 20.48 -35.96
CA PHE B 261 -37.22 21.14 -35.16
C PHE B 261 -37.88 22.03 -34.09
N GLN B 262 -39.17 22.28 -34.16
CA GLN B 262 -39.82 23.18 -33.20
C GLN B 262 -41.16 22.62 -32.94
N PRO B 263 -41.21 21.57 -32.10
CA PRO B 263 -42.50 20.93 -31.88
C PRO B 263 -43.42 21.79 -31.09
N SER B 264 -42.94 22.93 -30.57
CA SER B 264 -43.79 23.89 -29.90
C SER B 264 -44.84 24.38 -30.87
N PHE B 265 -44.54 24.33 -32.16
CA PHE B 265 -45.50 24.77 -33.16
C PHE B 265 -46.73 23.92 -33.09
N LEU B 266 -46.50 22.60 -32.97
CA LEU B 266 -47.52 21.59 -32.79
C LEU B 266 -48.08 21.63 -31.39
N GLY B 267 -47.30 22.06 -30.42
CA GLY B 267 -47.87 22.24 -29.09
C GLY B 267 -47.33 21.19 -28.17
N MET B 268 -46.42 20.33 -28.65
CA MET B 268 -45.81 19.31 -27.85
C MET B 268 -44.51 19.85 -27.29
N GLU B 269 -44.20 19.38 -26.09
CA GLU B 269 -42.96 19.74 -25.37
C GLU B 269 -41.78 18.97 -25.94
N SER B 270 -42.09 17.74 -26.34
CA SER B 270 -41.09 16.79 -26.82
C SER B 270 -40.12 17.50 -27.71
N CYS B 271 -38.83 17.30 -27.44
CA CYS B 271 -37.79 18.10 -28.10
C CYS B 271 -37.79 17.81 -29.58
N GLY B 272 -37.22 18.75 -30.32
CA GLY B 272 -37.03 18.58 -31.73
C GLY B 272 -36.14 17.41 -32.05
N ILE B 273 -36.15 16.98 -33.32
CA ILE B 273 -35.46 15.80 -33.74
C ILE B 273 -33.95 15.84 -33.48
N HIS B 274 -33.32 16.98 -33.73
CA HIS B 274 -31.90 17.11 -33.50
C HIS B 274 -31.58 16.93 -32.02
N GLU B 275 -32.40 17.53 -31.16
CA GLU B 275 -32.19 17.40 -29.73
C GLU B 275 -32.41 15.98 -29.30
N THR B 276 -33.34 15.23 -29.89
CA THR B 276 -33.55 13.84 -29.59
C THR B 276 -32.37 13.01 -29.99
N THR B 277 -31.75 13.38 -31.11
CA THR B 277 -30.52 12.70 -31.51
C THR B 277 -29.44 12.88 -30.47
N PHE B 278 -29.29 14.09 -29.99
CA PHE B 278 -28.41 14.37 -28.81
C PHE B 278 -28.80 13.56 -27.62
N ASN B 279 -30.08 13.48 -27.35
CA ASN B 279 -30.58 12.71 -26.23
C ASN B 279 -30.13 11.26 -26.36
N SER B 280 -30.15 10.72 -27.59
CA SER B 280 -29.74 9.34 -27.81
C SER B 280 -28.24 9.21 -27.61
N ILE B 281 -27.44 10.02 -28.32
CA ILE B 281 -26.02 9.94 -28.26
C ILE B 281 -25.51 10.14 -26.86
N MET B 282 -26.15 11.06 -26.11
CA MET B 282 -25.68 11.39 -24.78
C MET B 282 -25.91 10.26 -23.84
N LYS B 283 -26.91 9.43 -24.11
CA LYS B 283 -27.20 8.23 -23.32
C LYS B 283 -26.17 7.17 -23.52
N CYS B 284 -25.40 7.24 -24.62
CA CYS B 284 -24.45 6.21 -24.99
C CYS B 284 -23.12 6.41 -24.31
N ASP B 285 -22.29 5.37 -24.36
CA ASP B 285 -21.00 5.38 -23.68
C ASP B 285 -20.13 6.45 -24.31
N VAL B 286 -19.25 7.03 -23.50
CA VAL B 286 -18.47 8.17 -23.93
C VAL B 286 -17.60 7.79 -25.10
N ASP B 287 -17.09 6.55 -25.09
CA ASP B 287 -16.13 6.11 -26.06
C ASP B 287 -16.60 6.17 -27.50
N ILE B 288 -17.78 5.59 -27.79
CA ILE B 288 -18.29 5.43 -29.14
C ILE B 288 -18.82 6.68 -29.78
N ARG B 289 -19.22 7.69 -28.98
CA ARG B 289 -19.89 8.85 -29.52
C ARG B 289 -19.22 9.42 -30.75
N LYS B 290 -17.90 9.34 -30.83
CA LYS B 290 -17.17 10.03 -31.88
C LYS B 290 -17.71 9.61 -33.22
N ASP B 291 -17.93 8.33 -33.41
CA ASP B 291 -18.37 7.83 -34.70
C ASP B 291 -19.85 7.99 -34.89
N LEU B 292 -20.64 7.99 -33.80
CA LEU B 292 -22.05 8.25 -33.94
C LEU B 292 -22.34 9.63 -34.42
N TYR B 293 -21.56 10.61 -33.95
CA TYR B 293 -21.66 11.98 -34.43
C TYR B 293 -21.38 12.00 -35.92
N ALA B 294 -20.39 11.22 -36.33
CA ALA B 294 -19.99 11.15 -37.71
C ALA B 294 -20.82 10.22 -38.52
N ASN B 295 -21.60 9.31 -37.93
CA ASN B 295 -22.28 8.36 -38.81
C ASN B 295 -23.79 8.37 -38.78
N THR B 296 -24.41 9.52 -38.72
CA THR B 296 -25.85 9.57 -38.52
C THR B 296 -26.52 9.21 -39.82
N VAL B 297 -27.39 8.21 -39.82
CA VAL B 297 -28.08 7.82 -41.01
C VAL B 297 -29.51 8.18 -40.95
N LEU B 298 -30.02 8.81 -42.00
CA LEU B 298 -31.45 9.20 -42.01
C LEU B 298 -32.17 8.16 -42.84
N SER B 299 -33.35 7.77 -42.38
CA SER B 299 -34.19 6.89 -43.14
C SER B 299 -35.65 7.30 -43.05
N GLY B 300 -36.48 6.68 -43.87
CA GLY B 300 -37.91 6.83 -43.79
C GLY B 300 -38.40 7.97 -44.67
N GLY B 301 -39.69 7.97 -44.93
CA GLY B 301 -40.27 8.82 -45.96
C GLY B 301 -40.12 10.30 -45.58
N THR B 302 -40.29 10.58 -44.28
CA THR B 302 -40.42 11.96 -43.83
C THR B 302 -39.04 12.55 -43.57
N THR B 303 -37.97 11.90 -44.00
CA THR B 303 -36.70 12.58 -44.14
C THR B 303 -36.42 13.05 -45.55
N MET B 304 -37.34 12.81 -46.49
CA MET B 304 -37.15 13.13 -47.89
C MET B 304 -37.03 14.63 -48.17
N TYR B 305 -37.60 15.49 -47.35
CA TYR B 305 -37.64 16.92 -47.65
C TYR B 305 -36.30 17.48 -47.99
N PRO B 306 -36.26 18.25 -49.07
CA PRO B 306 -34.99 18.90 -49.38
C PRO B 306 -34.48 19.78 -48.26
N GLY B 307 -33.20 19.63 -47.97
CA GLY B 307 -32.53 20.47 -46.99
C GLY B 307 -32.55 20.03 -45.54
N ILE B 308 -33.18 18.90 -45.24
CA ILE B 308 -33.22 18.40 -43.89
C ILE B 308 -31.85 18.06 -43.37
N ALA B 309 -31.05 17.36 -44.19
CA ALA B 309 -29.71 16.91 -43.84
C ALA B 309 -28.90 18.12 -43.41
N ASP B 310 -28.93 19.18 -44.21
CA ASP B 310 -28.13 20.34 -43.97
C ASP B 310 -28.53 20.96 -42.64
N ARG B 311 -29.83 21.06 -42.39
CA ARG B 311 -30.28 21.69 -41.15
C ARG B 311 -29.84 20.87 -39.96
N MET B 312 -29.99 19.55 -40.08
CA MET B 312 -29.56 18.67 -38.98
C MET B 312 -28.08 18.84 -38.73
N GLN B 313 -27.30 18.97 -39.80
CA GLN B 313 -25.88 19.15 -39.67
C GLN B 313 -25.56 20.42 -38.92
N LYS B 314 -26.24 21.50 -39.31
CA LYS B 314 -25.94 22.80 -38.71
C LYS B 314 -26.32 22.77 -37.24
N GLU B 315 -27.44 22.10 -36.90
CA GLU B 315 -27.89 22.14 -35.53
C GLU B 315 -27.06 21.26 -34.63
N ILE B 316 -26.74 20.07 -35.11
CA ILE B 316 -25.97 19.15 -34.32
C ILE B 316 -24.55 19.74 -34.10
N THR B 317 -23.93 20.20 -35.16
CA THR B 317 -22.64 20.81 -35.07
C THR B 317 -22.68 21.96 -34.07
N ALA B 318 -23.73 22.76 -34.12
CA ALA B 318 -23.86 23.90 -33.23
C ALA B 318 -23.89 23.46 -31.79
N LEU B 319 -24.68 22.41 -31.52
CA LEU B 319 -24.83 21.91 -30.16
C LEU B 319 -23.63 21.17 -29.62
N ALA B 320 -23.01 20.32 -30.45
CA ALA B 320 -21.94 19.41 -30.07
C ALA B 320 -20.62 20.08 -29.94
N PRO B 321 -19.67 19.34 -29.39
CA PRO B 321 -18.26 19.75 -29.52
C PRO B 321 -17.84 19.88 -30.96
N SER B 322 -17.39 21.08 -31.34
CA SER B 322 -16.72 21.27 -32.63
C SER B 322 -15.32 20.69 -32.74
N THR B 323 -14.89 19.97 -31.71
CA THR B 323 -13.70 19.18 -31.70
C THR B 323 -13.72 18.03 -32.70
N MET B 324 -14.92 17.52 -32.97
CA MET B 324 -15.07 16.38 -33.87
C MET B 324 -16.09 16.76 -34.93
N LYS B 325 -15.84 16.24 -36.13
CA LYS B 325 -16.61 16.58 -37.30
C LYS B 325 -17.80 15.66 -37.29
N ILE B 326 -18.94 16.28 -37.60
CA ILE B 326 -20.26 15.66 -37.66
C ILE B 326 -20.75 15.46 -39.08
N LYS B 327 -20.43 14.32 -39.64
CA LYS B 327 -20.93 13.97 -40.96
C LYS B 327 -22.29 13.38 -40.77
N ILE B 328 -23.22 13.74 -41.65
CA ILE B 328 -24.50 13.07 -41.68
C ILE B 328 -24.63 12.40 -42.99
N ILE B 329 -25.00 11.12 -42.99
CA ILE B 329 -25.01 10.39 -44.25
C ILE B 329 -26.46 10.15 -44.52
N ALA B 330 -27.01 10.85 -45.52
CA ALA B 330 -28.40 10.68 -45.86
C ALA B 330 -28.46 10.40 -47.32
N PRO B 331 -28.64 9.13 -47.68
CA PRO B 331 -28.64 8.80 -49.09
C PRO B 331 -29.97 9.24 -49.71
N PRO B 332 -29.95 9.57 -50.99
CA PRO B 332 -31.20 9.47 -51.77
C PRO B 332 -31.55 7.99 -51.96
N GLU B 333 -32.82 7.67 -52.13
CA GLU B 333 -33.32 6.29 -51.99
C GLU B 333 -33.46 5.92 -50.52
N ARG B 334 -33.23 6.85 -49.59
CA ARG B 334 -33.56 6.65 -48.19
C ARG B 334 -34.98 6.19 -47.89
N LYS B 335 -35.96 6.59 -48.71
CA LYS B 335 -37.33 6.29 -48.42
C LYS B 335 -37.49 4.79 -48.25
N TYR B 336 -36.81 4.04 -49.14
CA TYR B 336 -36.94 2.59 -49.28
C TYR B 336 -35.91 1.81 -48.47
N SER B 337 -35.17 2.52 -47.63
CA SER B 337 -34.02 1.94 -46.96
C SER B 337 -34.45 0.74 -46.10
N VAL B 338 -35.58 0.86 -45.44
CA VAL B 338 -36.01 -0.21 -44.58
C VAL B 338 -36.22 -1.47 -45.43
N TRP B 339 -36.95 -1.30 -46.53
CA TRP B 339 -37.27 -2.45 -47.34
C TRP B 339 -36.01 -3.07 -47.90
N ILE B 340 -35.08 -2.24 -48.36
CA ILE B 340 -33.84 -2.77 -48.89
C ILE B 340 -33.10 -3.60 -47.83
N GLY B 341 -33.04 -3.04 -46.64
CA GLY B 341 -32.43 -3.71 -45.52
C GLY B 341 -33.05 -5.06 -45.32
N GLY B 342 -34.38 -5.11 -45.41
CA GLY B 342 -35.09 -6.39 -45.27
C GLY B 342 -34.64 -7.35 -46.34
N SER B 343 -34.50 -6.85 -47.57
CA SER B 343 -34.10 -7.69 -48.68
C SER B 343 -32.73 -8.32 -48.40
N ILE B 344 -31.82 -7.47 -47.94
CA ILE B 344 -30.47 -7.95 -47.70
C ILE B 344 -30.47 -8.94 -46.53
N LEU B 345 -31.30 -8.73 -45.52
CA LEU B 345 -31.30 -9.63 -44.40
C LEU B 345 -31.86 -10.94 -44.78
N ALA B 346 -32.96 -10.98 -45.53
CA ALA B 346 -33.45 -12.29 -45.86
C ALA B 346 -32.53 -13.03 -46.83
N SER B 347 -31.72 -12.29 -47.60
CA SER B 347 -30.76 -12.84 -48.51
C SER B 347 -29.59 -13.50 -47.79
N LEU B 348 -29.37 -13.09 -46.53
CA LEU B 348 -28.20 -13.59 -45.80
C LEU B 348 -28.41 -15.04 -45.44
N SER B 349 -27.36 -15.84 -45.64
CA SER B 349 -27.45 -17.28 -45.44
C SER B 349 -27.71 -17.65 -43.96
N THR B 350 -26.90 -17.07 -43.09
CA THR B 350 -26.97 -17.39 -41.69
C THR B 350 -28.33 -17.05 -41.17
N PHE B 351 -28.90 -15.96 -41.68
CA PHE B 351 -30.23 -15.49 -41.20
C PHE B 351 -31.26 -16.61 -41.36
N GLN B 352 -31.03 -17.44 -42.39
CA GLN B 352 -31.96 -18.51 -42.73
C GLN B 352 -32.21 -19.54 -41.62
N GLN B 353 -31.43 -19.49 -40.54
CA GLN B 353 -31.67 -20.29 -39.39
C GLN B 353 -32.37 -19.57 -38.26
N MET B 354 -32.31 -18.24 -38.29
CA MET B 354 -32.96 -17.42 -37.25
C MET B 354 -34.45 -17.18 -37.44
N TRP B 355 -35.03 -17.70 -38.52
CA TRP B 355 -36.42 -17.45 -38.76
C TRP B 355 -37.20 -17.99 -37.58
N ILE B 356 -38.37 -17.43 -37.34
CA ILE B 356 -39.34 -18.06 -36.47
C ILE B 356 -40.06 -19.04 -37.34
N SER B 357 -39.95 -20.31 -36.99
CA SER B 357 -40.49 -21.38 -37.82
C SER B 357 -41.93 -21.55 -37.38
N LYS B 358 -42.76 -21.95 -38.36
CA LYS B 358 -44.15 -22.31 -38.12
C LYS B 358 -44.24 -23.32 -37.00
N GLN B 359 -43.38 -24.33 -37.07
CA GLN B 359 -43.35 -25.43 -36.12
C GLN B 359 -43.15 -24.88 -34.72
N GLU B 360 -42.15 -23.99 -34.61
CA GLU B 360 -41.77 -23.44 -33.30
C GLU B 360 -42.93 -22.69 -32.71
N TYR B 361 -43.56 -21.87 -33.54
CA TYR B 361 -44.78 -21.16 -33.12
C TYR B 361 -45.85 -22.15 -32.65
N ASP B 362 -46.10 -23.22 -33.38
CA ASP B 362 -47.18 -24.10 -33.04
C ASP B 362 -46.97 -24.75 -31.70
N GLU B 363 -45.73 -25.14 -31.39
CA GLU B 363 -45.41 -25.67 -30.07
C GLU B 363 -45.52 -24.61 -28.99
N SER B 364 -44.77 -23.52 -29.18
CA SER B 364 -44.51 -22.50 -28.16
C SER B 364 -45.43 -21.28 -28.06
N GLY B 365 -46.30 -21.08 -29.04
CA GLY B 365 -47.24 -20.01 -29.03
C GLY B 365 -46.72 -18.73 -29.62
N PRO B 366 -47.60 -17.74 -29.69
CA PRO B 366 -47.30 -16.41 -30.19
C PRO B 366 -46.34 -15.59 -29.37
N SER B 367 -46.21 -15.87 -28.07
CA SER B 367 -45.46 -15.04 -27.16
C SER B 367 -43.98 -15.15 -27.49
N ILE B 368 -43.62 -16.19 -28.23
CA ILE B 368 -42.23 -16.44 -28.51
C ILE B 368 -41.56 -15.36 -29.35
N VAL B 369 -42.28 -14.31 -29.78
CA VAL B 369 -41.70 -13.35 -30.66
C VAL B 369 -40.55 -12.67 -29.94
N HIS B 370 -40.80 -12.28 -28.70
CA HIS B 370 -39.80 -11.52 -27.92
C HIS B 370 -38.61 -12.35 -27.45
N ARG B 371 -38.92 -13.54 -27.03
CA ARG B 371 -37.94 -14.57 -26.68
C ARG B 371 -36.84 -14.71 -27.70
N LYS B 372 -37.21 -14.87 -28.96
CA LYS B 372 -36.23 -15.15 -29.98
C LYS B 372 -35.59 -13.91 -30.56
N CYS B 373 -36.42 -13.01 -31.07
CA CYS B 373 -35.93 -11.89 -31.82
C CYS B 373 -35.97 -10.69 -30.91
N PHE B 374 -35.19 -9.69 -31.30
CA PHE B 374 -35.19 -8.38 -30.70
C PHE B 374 -36.44 -7.54 -31.05
N GLU C 1 69.57 -18.76 -6.95
CA GLU C 1 69.82 -17.68 -5.94
C GLU C 1 70.51 -18.22 -4.71
N GLU C 2 71.18 -17.33 -4.00
CA GLU C 2 71.86 -17.70 -2.78
C GLU C 2 70.88 -17.55 -1.61
N GLU C 3 70.98 -18.44 -0.62
CA GLU C 3 70.09 -18.47 0.57
C GLU C 3 68.57 -18.72 0.33
N ILE C 4 68.10 -18.60 -0.93
CA ILE C 4 66.72 -18.86 -1.33
C ILE C 4 65.67 -17.91 -0.73
N ALA C 5 66.13 -16.86 -0.07
CA ALA C 5 65.27 -16.18 0.87
C ALA C 5 64.64 -17.13 1.93
N ALA C 6 63.57 -16.70 2.56
CA ALA C 6 62.75 -17.56 3.42
C ALA C 6 61.47 -16.83 3.68
N LEU C 7 60.44 -17.55 4.10
CA LEU C 7 59.12 -16.99 4.24
C LEU C 7 58.80 -16.96 5.70
N VAL C 8 58.03 -15.96 6.13
CA VAL C 8 57.69 -15.84 7.54
C VAL C 8 56.21 -15.57 7.68
N ILE C 9 55.54 -16.32 8.53
CA ILE C 9 54.14 -16.03 8.80
C ILE C 9 53.78 -16.01 10.28
N ASP C 10 53.15 -14.90 10.71
CA ASP C 10 52.67 -14.76 12.07
C ASP C 10 51.13 -14.95 11.96
N ASN C 11 50.68 -16.06 12.52
CA ASN C 11 49.28 -16.24 12.82
C ASN C 11 48.91 -16.42 14.31
N GLY C 12 48.91 -15.33 15.05
CA GLY C 12 48.01 -15.22 16.24
C GLY C 12 46.71 -14.96 15.56
N SER C 13 45.61 -15.20 16.28
CA SER C 13 44.28 -14.90 15.77
C SER C 13 44.23 -13.48 15.28
N GLY C 14 43.40 -13.24 14.28
CA GLY C 14 42.99 -11.87 13.88
C GLY C 14 43.65 -11.40 12.60
N MET C 15 44.97 -11.55 12.58
CA MET C 15 45.72 -11.06 11.43
C MET C 15 46.74 -12.04 10.99
N CYS C 16 46.89 -12.16 9.68
CA CYS C 16 48.05 -12.88 9.14
C CYS C 16 49.07 -11.87 8.71
N LYS C 17 50.29 -12.01 9.21
CA LYS C 17 51.33 -11.03 8.89
C LYS C 17 52.38 -11.84 8.19
N ALA C 18 52.56 -11.63 6.90
CA ALA C 18 53.43 -12.52 6.13
C ALA C 18 54.28 -11.71 5.21
N GLY C 19 55.44 -12.28 4.86
CA GLY C 19 56.34 -11.59 3.97
C GLY C 19 57.63 -12.37 3.88
N PHE C 20 58.57 -11.83 3.13
CA PHE C 20 59.88 -12.45 3.02
C PHE C 20 60.78 -12.18 4.21
N ALA C 21 61.41 -13.24 4.69
CA ALA C 21 62.46 -13.10 5.66
C ALA C 21 63.55 -12.28 5.04
N GLY C 22 64.15 -11.38 5.80
CA GLY C 22 65.22 -10.57 5.27
C GLY C 22 64.70 -9.20 4.89
N ASP C 23 63.51 -8.83 5.34
CA ASP C 23 62.99 -7.52 5.08
C ASP C 23 62.48 -6.99 6.40
N ASP C 24 62.39 -5.66 6.50
CA ASP C 24 62.05 -4.99 7.73
C ASP C 24 60.57 -4.91 7.95
N ALA C 25 59.74 -5.07 6.92
CA ALA C 25 58.30 -5.14 7.10
C ALA C 25 57.71 -6.21 6.21
N PRO C 26 56.63 -6.81 6.66
CA PRO C 26 55.94 -7.81 5.90
C PRO C 26 55.24 -7.18 4.72
N ARG C 27 55.13 -7.95 3.65
CA ARG C 27 54.42 -7.49 2.44
C ARG C 27 52.95 -7.48 2.66
N ALA C 28 52.44 -8.58 3.21
CA ALA C 28 50.97 -8.71 3.26
C ALA C 28 50.55 -8.85 4.69
N VAL C 29 49.55 -8.05 5.09
CA VAL C 29 48.96 -8.18 6.41
C VAL C 29 47.48 -8.03 6.23
N PHE C 30 46.69 -9.05 6.58
CA PHE C 30 45.26 -8.99 6.34
C PHE C 30 44.57 -9.78 7.41
N PRO C 31 43.28 -9.53 7.57
CA PRO C 31 42.58 -10.22 8.66
C PRO C 31 42.37 -11.69 8.37
N SER C 32 42.50 -12.53 9.40
CA SER C 32 42.36 -13.98 9.23
C SER C 32 40.93 -14.31 9.41
N ILE C 33 40.16 -14.13 8.34
CA ILE C 33 38.73 -14.34 8.43
C ILE C 33 38.29 -15.08 7.21
N VAL C 34 37.35 -15.97 7.41
CA VAL C 34 36.76 -16.76 6.33
C VAL C 34 35.28 -16.44 6.37
N GLY C 35 34.87 -15.61 5.44
CA GLY C 35 33.46 -15.25 5.40
C GLY C 35 32.78 -16.19 4.45
N ARG C 36 31.54 -16.53 4.78
CA ARG C 36 30.74 -17.40 3.93
C ARG C 36 29.44 -16.72 3.63
N PRO C 37 28.97 -16.87 2.42
CA PRO C 37 27.69 -16.36 2.04
C PRO C 37 26.58 -17.11 2.76
N ARG C 38 26.05 -16.43 3.77
CA ARG C 38 24.93 -16.89 4.57
C ARG C 38 23.64 -16.75 3.82
N HIS C 39 23.49 -15.66 3.09
CA HIS C 39 22.27 -15.49 2.27
C HIS C 39 22.34 -16.03 0.87
N GLN C 40 21.31 -16.81 0.47
CA GLN C 40 21.30 -17.44 -0.84
C GLN C 40 21.14 -16.36 -1.92
N GLY C 41 22.06 -16.37 -2.86
CA GLY C 41 22.09 -15.34 -3.86
C GLY C 41 21.15 -15.69 -4.98
N VAL C 42 20.54 -14.66 -5.57
CA VAL C 42 19.69 -14.83 -6.71
C VAL C 42 20.03 -13.81 -7.75
N MET C 43 20.90 -14.26 -8.65
CA MET C 43 21.20 -13.62 -9.93
C MET C 43 21.67 -14.81 -10.79
N VAL C 44 22.36 -14.51 -11.89
CA VAL C 44 23.12 -15.50 -12.59
C VAL C 44 24.45 -14.81 -12.94
N GLY C 45 25.52 -15.59 -13.00
CA GLY C 45 26.82 -15.02 -13.27
C GLY C 45 27.28 -14.25 -12.04
N MET C 46 26.93 -14.76 -10.85
CA MET C 46 27.67 -14.44 -9.61
C MET C 46 28.71 -15.48 -9.34
N GLY C 47 29.82 -15.04 -8.77
CA GLY C 47 30.80 -15.92 -8.11
C GLY C 47 31.03 -17.32 -8.71
N GLN C 48 30.53 -18.40 -8.11
CA GLN C 48 29.70 -18.38 -6.88
C GLN C 48 30.58 -18.10 -5.66
N LYS C 49 31.78 -18.70 -5.66
CA LYS C 49 32.79 -18.57 -4.59
C LYS C 49 32.21 -18.96 -3.24
N ASP C 50 32.47 -20.18 -2.82
CA ASP C 50 31.93 -20.75 -1.62
C ASP C 50 32.27 -19.91 -0.42
N SER C 51 33.39 -19.23 -0.44
CA SER C 51 33.69 -18.37 0.68
C SER C 51 34.76 -17.41 0.30
N TYR C 52 34.89 -16.36 1.11
CA TYR C 52 35.89 -15.34 0.93
C TYR C 52 36.86 -15.29 2.10
N VAL C 53 38.09 -14.95 1.78
CA VAL C 53 39.17 -14.98 2.78
C VAL C 53 39.95 -13.71 2.66
N GLY C 54 40.46 -13.21 3.79
CA GLY C 54 41.23 -11.96 3.82
C GLY C 54 40.39 -10.75 3.55
N ASP C 55 41.05 -9.60 3.42
CA ASP C 55 40.36 -8.31 3.39
C ASP C 55 39.28 -8.20 2.30
N GLU C 56 39.26 -9.21 1.44
CA GLU C 56 38.09 -9.43 0.59
C GLU C 56 36.84 -9.51 1.44
N ALA C 57 36.93 -10.28 2.52
CA ALA C 57 35.80 -10.46 3.41
C ALA C 57 35.39 -9.17 4.04
N GLN C 58 36.37 -8.36 4.43
CA GLN C 58 36.09 -7.04 4.99
C GLN C 58 35.30 -6.18 4.01
N SER C 59 35.76 -6.21 2.77
CA SER C 59 35.04 -5.48 1.70
C SER C 59 33.57 -5.91 1.59
N LYS C 60 33.34 -7.22 1.49
CA LYS C 60 31.98 -7.74 1.31
C LYS C 60 31.54 -8.32 2.64
N ARG C 61 31.25 -7.47 3.62
CA ARG C 61 31.01 -7.91 5.02
C ARG C 61 29.55 -8.34 5.32
N GLY C 62 28.65 -7.54 4.76
CA GLY C 62 27.25 -7.58 5.12
C GLY C 62 26.61 -8.90 4.81
N ILE C 63 26.99 -9.48 3.65
CA ILE C 63 26.47 -10.72 3.15
C ILE C 63 27.00 -11.89 3.98
N LEU C 64 28.28 -11.84 4.29
CA LEU C 64 28.96 -12.96 4.85
C LEU C 64 28.74 -13.03 6.31
N THR C 65 28.89 -14.23 6.85
CA THR C 65 29.09 -14.45 8.26
C THR C 65 30.55 -14.74 8.33
N LEU C 66 31.20 -14.16 9.31
CA LEU C 66 32.64 -14.31 9.35
C LEU C 66 32.95 -15.25 10.45
N LYS C 67 33.95 -16.11 10.25
CA LYS C 67 34.36 -17.02 11.23
C LYS C 67 35.86 -16.85 11.36
N TYR C 68 36.31 -16.44 12.53
CA TYR C 68 37.73 -16.48 12.84
C TYR C 68 38.17 -17.94 13.08
N PRO C 69 39.07 -18.50 12.25
CA PRO C 69 39.45 -19.89 12.42
C PRO C 69 40.32 -20.13 13.64
N ILE C 70 41.02 -19.11 14.13
CA ILE C 70 41.83 -19.25 15.35
C ILE C 70 41.16 -18.57 16.56
N GLU C 71 40.95 -19.34 17.63
CA GLU C 71 40.54 -18.78 18.91
C GLU C 71 41.41 -19.17 20.08
N HIS C 72 41.96 -18.16 20.73
CA HIS C 72 42.81 -18.33 21.90
C HIS C 72 44.10 -19.04 21.52
N GLY C 73 44.59 -18.69 20.34
CA GLY C 73 45.81 -19.32 19.79
C GLY C 73 45.59 -20.73 19.31
N ILE C 74 44.37 -21.28 19.44
CA ILE C 74 44.05 -22.60 18.97
C ILE C 74 43.33 -22.49 17.66
N VAL C 75 43.68 -23.33 16.67
CA VAL C 75 42.91 -23.31 15.44
C VAL C 75 41.66 -24.18 15.70
N THR C 76 40.52 -23.52 15.60
CA THR C 76 39.24 -24.24 15.66
C THR C 76 39.09 -25.12 14.38
N ASN C 77 39.21 -24.49 13.22
CA ASN C 77 38.87 -25.15 11.99
C ASN C 77 40.04 -25.10 11.04
N TRP C 78 40.52 -26.29 10.68
CA TRP C 78 41.77 -26.44 9.96
C TRP C 78 41.62 -26.08 8.53
N ASP C 79 40.59 -26.56 7.86
CA ASP C 79 40.42 -26.24 6.41
C ASP C 79 40.42 -24.76 6.21
N ASP C 80 39.83 -24.03 7.17
CA ASP C 80 39.78 -22.59 7.10
C ASP C 80 41.17 -22.02 7.15
N MET C 81 41.98 -22.52 8.09
CA MET C 81 43.36 -22.06 8.21
C MET C 81 44.12 -22.32 6.93
N GLU C 82 43.95 -23.51 6.41
CA GLU C 82 44.60 -23.88 5.15
C GLU C 82 44.20 -22.88 4.12
N LYS C 83 42.92 -22.49 4.05
CA LYS C 83 42.46 -21.56 3.04
C LYS C 83 43.17 -20.24 3.23
N ILE C 84 43.33 -19.81 4.49
CA ILE C 84 43.97 -18.54 4.74
C ILE C 84 45.41 -18.55 4.26
N TRP C 85 46.13 -19.63 4.57
CA TRP C 85 47.50 -19.76 4.11
C TRP C 85 47.57 -19.77 2.60
N HIS C 86 46.65 -20.47 1.98
CA HIS C 86 46.53 -20.56 0.51
C HIS C 86 46.49 -19.14 -0.02
N HIS C 87 45.60 -18.34 0.56
CA HIS C 87 45.41 -16.99 0.16
C HIS C 87 46.73 -16.17 0.32
N THR C 88 47.41 -16.42 1.42
CA THR C 88 48.64 -15.68 1.63
C THR C 88 49.66 -15.96 0.54
N PHE C 89 49.89 -17.25 0.29
CA PHE C 89 50.91 -17.60 -0.68
C PHE C 89 50.50 -17.21 -2.08
N TYR C 90 49.35 -17.70 -2.54
CA TYR C 90 48.97 -17.47 -3.92
C TYR C 90 48.44 -16.09 -4.22
N ASN C 91 47.49 -15.62 -3.41
CA ASN C 91 46.92 -14.30 -3.63
C ASN C 91 47.79 -13.12 -3.38
N GLU C 92 48.63 -13.12 -2.36
CA GLU C 92 49.47 -11.96 -2.08
C GLU C 92 50.87 -12.11 -2.53
N LEU C 93 51.58 -13.10 -1.97
CA LEU C 93 53.04 -13.23 -2.14
C LEU C 93 53.36 -13.77 -3.51
N ARG C 94 52.54 -14.63 -4.05
CA ARG C 94 52.78 -15.20 -5.34
C ARG C 94 54.08 -15.99 -5.34
N VAL C 95 54.16 -16.90 -4.39
CA VAL C 95 55.30 -17.79 -4.25
C VAL C 95 54.86 -19.23 -4.31
N ALA C 96 55.78 -20.10 -4.73
CA ALA C 96 55.60 -21.52 -4.63
C ALA C 96 56.33 -21.90 -3.40
N PRO C 97 55.63 -22.41 -2.40
CA PRO C 97 56.26 -22.71 -1.14
C PRO C 97 57.32 -23.79 -1.23
N GLU C 98 57.24 -24.66 -2.24
CA GLU C 98 58.37 -25.50 -2.62
C GLU C 98 59.69 -24.77 -2.75
N GLU C 99 59.65 -23.48 -3.14
CA GLU C 99 60.84 -22.70 -3.33
C GLU C 99 61.27 -21.89 -2.10
N HIS C 100 60.73 -22.10 -0.92
CA HIS C 100 61.08 -21.33 0.26
C HIS C 100 60.83 -22.12 1.50
N PRO C 101 61.70 -21.95 2.49
CA PRO C 101 61.53 -22.47 3.81
C PRO C 101 60.57 -21.53 4.49
N VAL C 102 59.65 -22.05 5.33
CA VAL C 102 58.70 -21.16 5.92
C VAL C 102 58.74 -21.23 7.42
N LEU C 103 58.70 -20.06 8.03
CA LEU C 103 58.68 -19.96 9.49
C LEU C 103 57.30 -19.66 9.92
N LEU C 104 56.75 -20.39 10.90
CA LEU C 104 55.50 -19.99 11.52
C LEU C 104 55.71 -19.57 12.97
N THR C 105 54.92 -18.62 13.39
CA THR C 105 54.85 -18.25 14.79
C THR C 105 53.78 -19.11 15.45
N GLU C 106 53.82 -19.13 16.76
CA GLU C 106 52.80 -19.86 17.54
C GLU C 106 52.97 -19.48 19.00
N ALA C 107 51.88 -19.55 19.75
CA ALA C 107 51.83 -19.01 21.09
C ALA C 107 52.34 -20.02 22.05
N PRO C 108 52.85 -19.56 23.18
CA PRO C 108 53.26 -20.45 24.24
C PRO C 108 52.18 -21.26 24.93
N LEU C 109 52.58 -22.31 25.64
CA LEU C 109 51.71 -23.13 26.43
C LEU C 109 50.54 -23.72 25.64
N ASN C 110 50.69 -23.81 24.34
CA ASN C 110 49.60 -24.01 23.43
C ASN C 110 49.58 -25.50 23.25
N PRO C 111 48.41 -26.05 23.00
CA PRO C 111 48.32 -27.47 22.72
C PRO C 111 49.25 -28.03 21.66
N LYS C 112 49.69 -29.25 21.91
CA LYS C 112 50.68 -29.92 21.08
C LYS C 112 50.11 -30.05 19.68
N ALA C 113 48.83 -30.44 19.64
CA ALA C 113 48.13 -30.77 18.43
C ALA C 113 48.29 -29.67 17.41
N ASN C 114 48.24 -28.41 17.84
CA ASN C 114 48.35 -27.30 16.92
C ASN C 114 49.69 -27.30 16.27
N ARG C 115 50.74 -27.52 17.05
CA ARG C 115 52.10 -27.46 16.45
C ARG C 115 52.19 -28.64 15.47
N GLU C 116 51.83 -29.82 15.98
CA GLU C 116 52.03 -31.05 15.22
C GLU C 116 51.20 -30.96 13.93
N LYS C 117 49.92 -30.63 14.10
CA LYS C 117 49.04 -30.55 12.95
C LYS C 117 49.44 -29.47 12.01
N MET C 118 49.92 -28.34 12.53
CA MET C 118 50.47 -27.24 11.73
C MET C 118 51.55 -27.76 10.79
N THR C 119 52.53 -28.45 11.34
CA THR C 119 53.59 -29.02 10.56
C THR C 119 53.09 -30.01 9.56
N GLN C 120 52.15 -30.85 9.97
CA GLN C 120 51.54 -31.83 9.07
C GLN C 120 50.99 -31.13 7.82
N ILE C 121 50.25 -30.05 8.04
CA ILE C 121 49.80 -29.26 6.91
C ILE C 121 50.91 -28.73 6.07
N MET C 122 51.87 -28.03 6.63
CA MET C 122 52.88 -27.40 5.83
C MET C 122 53.59 -28.36 4.96
N PHE C 123 53.85 -29.57 5.44
CA PHE C 123 54.51 -30.57 4.60
C PHE C 123 53.56 -31.20 3.64
N GLU C 124 52.38 -31.60 4.11
CA GLU C 124 51.49 -32.35 3.21
C GLU C 124 50.33 -31.55 2.61
N THR C 125 50.45 -30.22 2.59
CA THR C 125 49.53 -29.42 1.83
C THR C 125 50.33 -28.61 0.82
N PHE C 126 51.11 -27.68 1.33
CA PHE C 126 51.97 -26.83 0.48
C PHE C 126 53.30 -27.50 0.53
N ASN C 127 53.70 -28.24 -0.50
CA ASN C 127 55.00 -28.95 -0.45
C ASN C 127 56.14 -27.94 -0.26
N THR C 128 56.94 -28.14 0.78
CA THR C 128 57.87 -27.14 1.18
C THR C 128 59.10 -27.82 1.67
N PRO C 129 60.28 -27.24 1.41
CA PRO C 129 61.51 -27.90 1.73
C PRO C 129 61.76 -27.97 3.22
N ALA C 130 61.38 -26.93 3.93
CA ALA C 130 61.67 -26.86 5.34
C ALA C 130 60.77 -25.86 6.01
N MET C 131 60.65 -26.02 7.32
CA MET C 131 59.84 -25.13 8.10
C MET C 131 60.28 -25.12 9.52
N TYR C 132 59.76 -24.14 10.28
CA TYR C 132 60.06 -24.08 11.71
C TYR C 132 58.86 -23.48 12.39
N VAL C 133 58.60 -23.84 13.65
CA VAL C 133 57.50 -23.22 14.37
C VAL C 133 58.08 -22.63 15.64
N ALA C 134 57.82 -21.35 15.90
CA ALA C 134 58.61 -20.61 16.86
C ALA C 134 57.66 -19.89 17.80
N ILE C 135 58.17 -19.60 19.00
CA ILE C 135 57.36 -18.98 20.02
C ILE C 135 57.28 -17.52 19.71
N GLN C 136 56.09 -16.96 19.83
CA GLN C 136 55.85 -15.58 19.50
C GLN C 136 56.73 -14.60 20.28
N ALA C 137 56.88 -14.82 21.57
CA ALA C 137 57.43 -13.78 22.43
C ALA C 137 58.90 -13.54 22.09
N VAL C 138 59.62 -14.65 22.00
CA VAL C 138 61.05 -14.65 21.69
C VAL C 138 61.32 -13.79 20.45
N LEU C 139 60.48 -14.00 19.43
CA LEU C 139 60.64 -13.31 18.17
C LEU C 139 60.59 -11.83 18.41
N SER C 140 59.59 -11.38 19.17
CA SER C 140 59.48 -9.95 19.45
C SER C 140 60.68 -9.45 20.19
N LEU C 141 61.22 -10.26 21.11
CA LEU C 141 62.40 -9.86 21.86
C LEU C 141 63.54 -9.64 20.91
N TYR C 142 63.71 -10.52 19.91
CA TYR C 142 64.75 -10.34 18.89
C TYR C 142 64.52 -9.06 18.17
N ALA C 143 63.29 -8.84 17.73
CA ALA C 143 62.94 -7.64 16.97
C ALA C 143 63.31 -6.40 17.73
N SER C 144 63.18 -6.43 19.07
CA SER C 144 63.55 -5.29 19.89
C SER C 144 65.05 -5.17 20.03
N GLY C 145 65.80 -6.22 19.64
CA GLY C 145 67.24 -6.13 19.66
C GLY C 145 67.87 -6.18 21.03
N ARG C 146 67.13 -6.76 21.98
CA ARG C 146 67.59 -6.95 23.35
C ARG C 146 67.68 -8.42 23.58
N THR C 147 68.64 -8.79 24.43
CA THR C 147 68.97 -10.18 24.79
C THR C 147 68.18 -10.62 26.02
N THR C 148 67.62 -9.67 26.75
CA THR C 148 67.02 -9.99 28.02
C THR C 148 65.79 -9.12 28.23
N GLY C 149 64.74 -9.70 28.80
CA GLY C 149 63.52 -8.95 29.03
C GLY C 149 62.39 -9.85 29.32
N ILE C 150 61.24 -9.31 29.75
CA ILE C 150 60.09 -10.13 29.97
C ILE C 150 59.08 -9.67 28.97
N VAL C 151 58.75 -10.54 28.02
CA VAL C 151 57.98 -10.09 26.89
C VAL C 151 56.55 -10.35 27.20
N MET C 152 55.81 -9.26 27.24
CA MET C 152 54.34 -9.25 27.40
C MET C 152 53.72 -9.25 26.02
N ASP C 153 53.18 -10.40 25.67
CA ASP C 153 52.68 -10.66 24.33
C ASP C 153 51.17 -10.81 24.43
N SER C 154 50.46 -9.87 23.86
CA SER C 154 49.02 -10.00 23.82
C SER C 154 48.65 -9.65 22.44
N GLY C 155 48.14 -10.63 21.73
CA GLY C 155 47.51 -10.40 20.44
C GLY C 155 45.99 -10.36 20.56
N ASP C 156 45.32 -10.69 19.45
CA ASP C 156 43.90 -10.86 19.45
C ASP C 156 43.62 -12.24 20.00
N GLY C 157 44.53 -13.19 19.78
CA GLY C 157 44.34 -14.57 20.25
C GLY C 157 44.25 -14.71 21.74
N VAL C 158 45.42 -14.74 22.35
CA VAL C 158 45.52 -14.75 23.81
C VAL C 158 46.76 -13.98 24.21
N THR C 159 46.82 -13.61 25.50
CA THR C 159 47.95 -12.99 26.11
C THR C 159 48.93 -13.97 26.75
N HIS C 160 50.19 -13.64 26.61
CA HIS C 160 51.28 -14.54 26.99
C HIS C 160 52.39 -13.70 27.57
N THR C 161 53.22 -14.38 28.34
CA THR C 161 54.27 -13.69 29.09
C THR C 161 55.45 -14.61 29.25
N VAL C 162 56.57 -14.23 28.69
CA VAL C 162 57.77 -15.10 28.73
C VAL C 162 58.96 -14.27 29.13
N PRO C 163 59.47 -14.57 30.32
CA PRO C 163 60.68 -13.94 30.78
C PRO C 163 61.85 -14.59 30.13
N ILE C 164 62.87 -13.80 29.74
CA ILE C 164 64.04 -14.35 29.12
C ILE C 164 65.26 -13.69 29.72
N TYR C 165 66.31 -14.43 29.99
CA TYR C 165 67.49 -13.79 30.51
C TYR C 165 68.64 -14.25 29.69
N GLU C 166 69.33 -13.31 29.04
CA GLU C 166 70.59 -13.59 28.35
C GLU C 166 70.39 -14.74 27.37
N GLY C 167 69.37 -14.62 26.56
CA GLY C 167 68.82 -15.78 25.87
C GLY C 167 68.19 -16.62 26.95
N TYR C 168 68.55 -17.90 27.00
CA TYR C 168 67.83 -18.80 27.89
C TYR C 168 66.29 -18.63 27.90
N ALA C 169 65.58 -18.89 29.00
CA ALA C 169 64.12 -18.97 28.98
C ALA C 169 63.73 -19.78 30.20
N LEU C 170 62.60 -19.44 30.79
CA LEU C 170 62.21 -20.09 32.04
C LEU C 170 60.84 -20.68 31.85
N PRO C 171 60.73 -21.99 31.62
CA PRO C 171 59.47 -22.65 31.39
C PRO C 171 58.43 -22.51 32.49
N HIS C 172 58.87 -22.65 33.74
CA HIS C 172 57.97 -22.59 34.86
C HIS C 172 57.38 -21.20 34.98
N ALA C 173 58.22 -20.19 34.65
CA ALA C 173 57.91 -18.78 34.75
C ALA C 173 57.00 -18.28 33.65
N ILE C 174 56.96 -18.94 32.48
CA ILE C 174 56.08 -18.51 31.41
C ILE C 174 54.61 -18.50 31.80
N LEU C 175 53.90 -17.42 31.47
CA LEU C 175 52.53 -17.35 31.97
C LEU C 175 51.64 -17.11 30.80
N ARG C 176 50.42 -17.68 30.80
CA ARG C 176 49.50 -17.46 29.68
C ARG C 176 48.14 -17.13 30.26
N LEU C 177 47.63 -15.97 29.88
CA LEU C 177 46.45 -15.36 30.49
C LEU C 177 45.39 -15.27 29.43
N ASP C 178 44.20 -15.80 29.73
CA ASP C 178 43.12 -15.74 28.73
C ASP C 178 42.38 -14.38 28.71
N LEU C 179 43.01 -13.43 28.03
CA LEU C 179 42.40 -12.19 27.69
C LEU C 179 42.96 -11.89 26.33
N ALA C 180 42.29 -11.06 25.57
CA ALA C 180 42.72 -10.74 24.22
C ALA C 180 42.00 -9.52 23.72
N GLY C 181 42.43 -9.03 22.57
CA GLY C 181 41.69 -8.03 21.82
C GLY C 181 40.25 -8.50 21.59
N ARG C 182 40.09 -9.77 21.28
CA ARG C 182 38.77 -10.27 20.97
C ARG C 182 37.86 -10.21 22.18
N ASP C 183 38.41 -10.51 23.36
CA ASP C 183 37.60 -10.45 24.56
C ASP C 183 37.25 -9.01 24.88
N LEU C 184 38.16 -8.08 24.62
CA LEU C 184 37.86 -6.66 24.80
C LEU C 184 36.73 -6.23 23.88
N THR C 185 36.76 -6.70 22.66
CA THR C 185 35.73 -6.40 21.69
C THR C 185 34.41 -6.90 22.20
N ASP C 186 34.38 -8.15 22.69
CA ASP C 186 33.12 -8.70 23.20
C ASP C 186 32.61 -7.89 24.36
N TYR C 187 33.51 -7.46 25.25
CA TYR C 187 33.16 -6.58 26.36
C TYR C 187 32.61 -5.26 25.79
N LEU C 188 33.25 -4.74 24.75
CA LEU C 188 32.97 -3.39 24.32
C LEU C 188 31.56 -3.35 23.75
N MET C 189 31.24 -4.30 22.87
CA MET C 189 29.90 -4.33 22.29
C MET C 189 28.87 -4.47 23.40
N LYS C 190 29.20 -5.18 24.47
CA LYS C 190 28.33 -5.27 25.64
C LYS C 190 28.10 -3.91 26.27
N ILE C 191 29.17 -3.16 26.46
CA ILE C 191 29.11 -1.90 27.17
C ILE C 191 28.44 -0.77 26.36
N LEU C 192 28.44 -0.89 25.03
CA LEU C 192 27.79 0.07 24.17
C LEU C 192 26.28 -0.02 24.42
N THR C 193 25.79 -1.21 24.70
CA THR C 193 24.40 -1.48 24.69
C THR C 193 23.70 -0.67 25.71
N GLU C 194 24.40 -0.29 26.79
CA GLU C 194 23.85 0.59 27.81
C GLU C 194 23.60 2.03 27.31
N ARG C 195 24.23 2.37 26.19
CA ARG C 195 24.03 3.62 25.50
C ARG C 195 22.94 3.54 24.46
N GLY C 196 22.52 2.34 24.08
CA GLY C 196 21.45 2.24 23.13
C GLY C 196 21.90 1.59 21.86
N TYR C 197 23.20 1.62 21.62
CA TYR C 197 23.73 1.12 20.36
C TYR C 197 23.85 -0.36 20.49
N SER C 198 23.26 -1.09 19.56
CA SER C 198 23.22 -2.53 19.65
C SER C 198 23.87 -3.15 18.43
N PHE C 199 24.96 -3.87 18.66
CA PHE C 199 25.71 -4.50 17.59
C PHE C 199 25.68 -6.02 17.81
N THR C 200 24.84 -6.70 17.04
CA THR C 200 24.47 -8.09 17.38
C THR C 200 25.16 -9.16 16.52
N THR C 201 25.88 -8.71 15.50
CA THR C 201 26.28 -9.58 14.38
C THR C 201 27.77 -9.40 14.04
N THR C 202 28.31 -10.43 13.38
CA THR C 202 29.73 -10.56 13.21
C THR C 202 30.22 -9.40 12.41
N ALA C 203 29.48 -9.08 11.35
CA ALA C 203 29.78 -7.88 10.55
C ALA C 203 30.15 -6.66 11.37
N GLU C 204 29.19 -6.20 12.15
CA GLU C 204 29.38 -4.99 12.96
C GLU C 204 30.27 -5.20 14.19
N ARG C 205 30.44 -6.46 14.57
CA ARG C 205 31.44 -6.77 15.58
C ARG C 205 32.81 -6.25 15.12
N GLU C 206 33.07 -6.42 13.86
CA GLU C 206 34.30 -5.87 13.30
C GLU C 206 34.24 -4.37 13.29
N ILE C 207 33.08 -3.73 13.12
CA ILE C 207 33.00 -2.30 13.22
C ILE C 207 33.45 -1.88 14.61
N VAL C 208 33.00 -2.58 15.65
CA VAL C 208 33.46 -2.16 16.98
C VAL C 208 34.90 -2.45 17.18
N ARG C 209 35.41 -3.51 16.57
CA ARG C 209 36.85 -3.74 16.59
C ARG C 209 37.58 -2.51 16.05
N ASP C 210 37.05 -1.95 14.96
CA ASP C 210 37.67 -0.78 14.35
C ASP C 210 37.63 0.39 15.31
N ILE C 211 36.50 0.58 15.98
CA ILE C 211 36.34 1.67 16.92
C ILE C 211 37.41 1.53 18.01
N LYS C 212 37.52 0.34 18.55
CA LYS C 212 38.44 0.12 19.62
C LYS C 212 39.87 0.42 19.15
N GLU C 213 40.20 -0.04 17.95
CA GLU C 213 41.51 0.21 17.37
C GLU C 213 41.85 1.66 17.28
N LYS C 214 40.89 2.59 17.31
CA LYS C 214 41.28 3.98 17.48
C LYS C 214 40.79 4.72 18.72
N LEU C 215 39.48 4.83 18.86
CA LEU C 215 38.89 5.60 19.99
C LEU C 215 39.29 5.22 21.38
N CYS C 216 39.42 3.94 21.70
CA CYS C 216 39.71 3.51 23.08
C CYS C 216 41.09 3.87 23.53
N TYR C 217 41.25 4.18 24.83
CA TYR C 217 42.56 4.46 25.39
C TYR C 217 42.55 4.03 26.84
N VAL C 218 43.73 3.90 27.43
CA VAL C 218 43.82 3.43 28.79
C VAL C 218 44.08 4.59 29.72
N ALA C 219 43.29 4.60 30.77
CA ALA C 219 43.43 5.59 31.85
C ALA C 219 44.69 5.48 32.67
N LEU C 220 45.31 6.64 32.92
CA LEU C 220 46.45 6.71 33.82
C LEU C 220 46.02 6.69 35.29
N ASP C 221 44.75 6.94 35.55
CA ASP C 221 44.07 6.42 36.70
C ASP C 221 42.62 6.29 36.32
N PHE C 222 42.08 5.07 36.47
CA PHE C 222 40.74 4.75 36.04
C PHE C 222 39.70 5.59 36.77
N GLU C 223 39.76 5.62 38.10
CA GLU C 223 38.71 6.27 38.86
C GLU C 223 38.70 7.76 38.59
N GLN C 224 39.87 8.37 38.40
CA GLN C 224 39.95 9.79 38.15
C GLN C 224 39.27 10.12 36.85
N GLU C 225 39.61 9.36 35.82
CA GLU C 225 39.01 9.60 34.50
C GLU C 225 37.53 9.36 34.54
N MET C 226 37.08 8.34 35.27
CA MET C 226 35.67 8.06 35.39
C MET C 226 34.99 9.15 36.15
N ALA C 227 35.68 9.77 37.12
CA ALA C 227 35.10 10.88 37.87
C ALA C 227 34.88 12.05 36.94
N THR C 228 35.91 12.34 36.12
CA THR C 228 35.85 13.46 35.19
C THR C 228 34.88 13.22 34.04
N ALA C 229 34.49 11.96 33.77
CA ALA C 229 33.33 11.72 32.94
C ALA C 229 32.07 12.42 33.34
N ALA C 230 31.91 12.90 34.57
CA ALA C 230 30.74 13.65 34.91
C ALA C 230 30.55 14.83 33.96
N SER C 231 31.61 15.63 33.82
CA SER C 231 31.57 16.79 32.93
C SER C 231 32.12 16.38 31.60
N SER C 232 31.25 15.92 30.70
CA SER C 232 31.72 15.29 29.44
C SER C 232 32.07 16.35 28.41
N SER C 233 33.32 16.37 27.98
CA SER C 233 33.80 17.35 27.04
C SER C 233 34.68 16.63 26.05
N SER C 234 35.89 16.29 26.49
CA SER C 234 36.88 15.57 25.68
C SER C 234 36.69 14.06 25.63
N LEU C 235 36.08 13.47 26.65
CA LEU C 235 35.95 12.05 26.72
C LEU C 235 34.93 11.49 25.75
N GLU C 236 34.05 12.33 25.25
CA GLU C 236 33.15 11.88 24.20
C GLU C 236 33.75 12.09 22.84
N LYS C 237 33.55 11.13 21.97
CA LYS C 237 33.99 11.29 20.61
C LYS C 237 32.91 10.79 19.67
N SER C 238 32.65 11.57 18.65
CA SER C 238 31.82 11.13 17.57
C SER C 238 32.58 10.14 16.70
N TYR C 239 31.89 9.06 16.39
CA TYR C 239 32.36 8.07 15.43
C TYR C 239 31.31 7.90 14.34
N GLU C 240 31.79 7.70 13.13
CA GLU C 240 30.92 7.56 11.97
C GLU C 240 30.89 6.13 11.61
N LEU C 241 29.68 5.53 11.49
CA LEU C 241 29.56 4.15 11.05
C LEU C 241 29.52 4.15 9.56
N PRO C 242 29.75 2.99 8.96
CA PRO C 242 29.60 2.91 7.51
C PRO C 242 28.19 3.14 7.06
N ASP C 243 27.20 2.88 7.92
CA ASP C 243 25.81 3.07 7.66
C ASP C 243 25.52 4.56 7.54
N GLY C 244 26.34 5.41 8.18
CA GLY C 244 26.09 6.82 8.11
C GLY C 244 25.59 7.30 9.45
N GLN C 245 25.33 6.35 10.35
CA GLN C 245 24.87 6.64 11.68
C GLN C 245 26.10 7.16 12.41
N VAL C 246 25.86 7.92 13.47
CA VAL C 246 26.90 8.50 14.27
C VAL C 246 26.77 7.98 15.68
N ILE C 247 27.90 7.66 16.27
CA ILE C 247 27.91 7.09 17.63
C ILE C 247 28.69 8.06 18.49
N THR C 248 28.35 8.17 19.77
CA THR C 248 29.03 9.09 20.63
C THR C 248 29.36 8.40 21.93
N ILE C 249 30.65 8.18 22.21
CA ILE C 249 31.05 7.31 23.26
C ILE C 249 31.92 8.01 24.25
N GLY C 250 31.45 8.07 25.48
CA GLY C 250 32.11 8.81 26.56
C GLY C 250 33.11 8.06 27.39
N ASN C 251 32.68 7.71 28.63
CA ASN C 251 33.49 6.98 29.62
C ASN C 251 33.64 5.52 29.20
N GLU C 252 32.66 5.07 28.45
CA GLU C 252 32.59 3.76 27.92
C GLU C 252 33.84 3.52 27.09
N ARG C 253 34.37 4.58 26.50
CA ARG C 253 35.60 4.48 25.76
C ARG C 253 36.70 3.80 26.56
N PHE C 254 37.12 4.40 27.69
CA PHE C 254 38.40 4.01 28.30
C PHE C 254 38.29 2.80 29.24
N ARG C 255 37.10 2.60 29.86
CA ARG C 255 36.88 1.41 30.62
C ARG C 255 36.97 0.18 29.80
N CYS C 256 36.89 0.22 28.46
CA CYS C 256 37.09 -0.98 27.70
C CYS C 256 38.45 -1.60 27.90
N PRO C 257 39.54 -0.86 27.70
CA PRO C 257 40.87 -1.42 27.95
C PRO C 257 41.17 -1.63 29.40
N GLU C 258 40.43 -0.97 30.28
CA GLU C 258 40.61 -1.10 31.71
C GLU C 258 40.52 -2.54 32.09
N ALA C 259 39.77 -3.31 31.30
CA ALA C 259 39.52 -4.71 31.57
C ALA C 259 40.82 -5.47 31.75
N LEU C 260 41.84 -5.11 30.98
CA LEU C 260 43.11 -5.81 31.10
C LEU C 260 43.63 -5.76 32.49
N PHE C 261 43.36 -4.70 33.21
CA PHE C 261 43.81 -4.49 34.55
C PHE C 261 42.73 -4.91 35.57
N GLN C 262 41.51 -5.16 35.15
CA GLN C 262 40.44 -5.50 36.10
C GLN C 262 39.59 -6.52 35.42
N PRO C 263 40.08 -7.77 35.40
CA PRO C 263 39.30 -8.78 34.67
C PRO C 263 38.04 -9.12 35.39
N SER C 264 37.81 -8.59 36.59
CA SER C 264 36.55 -8.77 37.28
C SER C 264 35.44 -8.15 36.47
N PHE C 265 35.78 -7.18 35.62
CA PHE C 265 34.78 -6.56 34.77
C PHE C 265 34.20 -7.57 33.83
N LEU C 266 35.08 -8.39 33.27
CA LEU C 266 34.76 -9.52 32.40
C LEU C 266 34.22 -10.66 33.20
N GLY C 267 34.59 -10.79 34.47
CA GLY C 267 33.96 -11.81 35.30
C GLY C 267 34.91 -12.91 35.55
N MET C 268 36.16 -12.79 35.08
CA MET C 268 37.19 -13.78 35.32
C MET C 268 37.97 -13.36 36.55
N GLU C 269 38.43 -14.37 37.27
CA GLU C 269 39.25 -14.22 38.49
C GLU C 269 40.68 -13.89 38.10
N SER C 270 41.09 -14.48 36.99
CA SER C 270 42.47 -14.39 36.50
C SER C 270 42.94 -12.97 36.66
N CYS C 271 44.13 -12.82 37.25
CA CYS C 271 44.60 -11.49 37.66
C CYS C 271 44.81 -10.66 36.43
N GLY C 272 44.85 -9.36 36.66
CA GLY C 272 45.18 -8.42 35.62
C GLY C 272 46.56 -8.60 35.07
N ILE C 273 46.84 -7.99 33.93
CA ILE C 273 48.08 -8.20 33.22
C ILE C 273 49.32 -7.82 34.03
N HIS C 274 49.25 -6.72 34.75
CA HIS C 274 50.38 -6.30 35.55
C HIS C 274 50.68 -7.31 36.65
N GLU C 275 49.63 -7.83 37.28
CA GLU C 275 49.81 -8.84 38.30
C GLU C 275 50.35 -10.10 37.72
N THR C 276 50.00 -10.47 36.50
CA THR C 276 50.54 -11.63 35.83
C THR C 276 52.00 -11.46 35.54
N THR C 277 52.39 -10.23 35.21
CA THR C 277 53.79 -9.94 35.02
C THR C 277 54.56 -10.17 36.30
N PHE C 278 54.02 -9.70 37.39
CA PHE C 278 54.58 -10.04 38.74
C PHE C 278 54.62 -11.50 38.98
N ASN C 279 53.55 -12.19 38.61
CA ASN C 279 53.49 -13.63 38.77
C ASN C 279 54.65 -14.28 38.03
N SER C 280 54.97 -13.77 36.83
CA SER C 280 56.06 -14.34 36.06
C SER C 280 57.40 -14.03 36.73
N ILE C 281 57.67 -12.75 37.01
CA ILE C 281 58.91 -12.33 37.56
C ILE C 281 59.16 -13.00 38.88
N MET C 282 58.11 -13.16 39.69
CA MET C 282 58.28 -13.71 41.03
C MET C 282 58.65 -15.17 40.97
N LYS C 283 58.26 -15.85 39.89
CA LYS C 283 58.60 -17.24 39.66
C LYS C 283 60.06 -17.39 39.29
N CYS C 284 60.72 -16.32 38.86
CA CYS C 284 62.09 -16.36 38.40
C CYS C 284 63.07 -16.22 39.54
N ASP C 285 64.33 -16.56 39.23
CA ASP C 285 65.39 -16.58 40.23
C ASP C 285 65.58 -15.14 40.73
N VAL C 286 65.98 -15.04 41.99
CA VAL C 286 66.05 -13.76 42.65
C VAL C 286 67.05 -12.88 41.95
N ASP C 287 68.13 -13.47 41.45
CA ASP C 287 69.23 -12.74 40.89
C ASP C 287 68.87 -11.87 39.70
N ILE C 288 68.17 -12.45 38.70
CA ILE C 288 67.89 -11.79 37.42
C ILE C 288 66.81 -10.76 37.48
N ARG C 289 65.90 -10.84 38.47
CA ARG C 289 64.75 -9.94 38.49
C ARG C 289 65.05 -8.48 38.20
N LYS C 290 66.21 -8.00 38.62
CA LYS C 290 66.53 -6.59 38.54
C LYS C 290 66.35 -6.13 37.11
N ASP C 291 66.86 -6.89 36.17
CA ASP C 291 66.82 -6.47 34.78
C ASP C 291 65.48 -6.75 34.16
N LEU C 292 64.77 -7.79 34.61
CA LEU C 292 63.43 -8.02 34.08
C LEU C 292 62.48 -6.93 34.42
N TYR C 293 62.59 -6.36 35.63
CA TYR C 293 61.79 -5.21 36.03
C TYR C 293 62.08 -4.07 35.09
N ALA C 294 63.37 -3.91 34.73
CA ALA C 294 63.81 -2.86 33.87
C ALA C 294 63.66 -3.17 32.43
N ASN C 295 63.46 -4.42 32.02
CA ASN C 295 63.41 -4.67 30.58
C ASN C 295 62.13 -5.22 29.99
N THR C 296 60.99 -4.75 30.44
CA THR C 296 59.74 -5.36 30.04
C THR C 296 59.42 -4.92 28.63
N VAL C 297 59.21 -5.86 27.72
CA VAL C 297 58.89 -5.52 26.36
C VAL C 297 57.49 -5.84 26.05
N LEU C 298 56.77 -4.90 25.46
CA LEU C 298 55.36 -5.14 25.09
C LEU C 298 55.34 -5.48 23.62
N SER C 299 54.52 -6.45 23.26
CA SER C 299 54.32 -6.79 21.87
C SER C 299 52.86 -7.11 21.59
N GLY C 300 52.54 -7.23 20.32
CA GLY C 300 51.23 -7.71 19.90
C GLY C 300 50.26 -6.56 19.72
N GLY C 301 49.18 -6.83 19.03
CA GLY C 301 48.28 -5.78 18.54
C GLY C 301 47.61 -5.08 19.72
N THR C 302 47.25 -5.86 20.74
CA THR C 302 46.41 -5.36 21.81
C THR C 302 47.23 -4.70 22.89
N THR C 303 48.51 -4.40 22.64
CA THR C 303 49.23 -3.42 23.42
C THR C 303 49.27 -2.06 22.79
N MET C 304 48.66 -1.89 21.61
CA MET C 304 48.71 -0.63 20.87
C MET C 304 48.03 0.54 21.57
N TYR C 305 47.05 0.30 22.43
CA TYR C 305 46.27 1.39 23.01
C TYR C 305 47.13 2.45 23.62
N PRO C 306 46.80 3.70 23.30
CA PRO C 306 47.55 4.77 23.95
C PRO C 306 47.46 4.73 25.46
N GLY C 307 48.60 4.88 26.09
CA GLY C 307 48.67 4.97 27.55
C GLY C 307 48.83 3.69 28.34
N ILE C 308 48.87 2.54 27.66
CA ILE C 308 49.04 1.28 28.34
C ILE C 308 50.36 1.20 29.05
N ALA C 309 51.44 1.60 28.36
CA ALA C 309 52.80 1.56 28.90
C ALA C 309 52.83 2.29 30.22
N ASP C 310 52.28 3.50 30.23
CA ASP C 310 52.33 4.35 31.39
C ASP C 310 51.61 3.66 32.54
N ARG C 311 50.43 3.10 32.26
CA ARG C 311 49.67 2.48 33.34
C ARG C 311 50.42 1.29 33.89
N MET C 312 50.99 0.49 33.00
CA MET C 312 51.78 -0.67 33.45
C MET C 312 52.93 -0.21 34.31
N GLN C 313 53.57 0.89 33.95
CA GLN C 313 54.68 1.42 34.70
C GLN C 313 54.23 1.82 36.08
N LYS C 314 53.10 2.51 36.16
CA LYS C 314 52.64 3.02 37.43
C LYS C 314 52.26 1.83 38.33
N GLU C 315 51.65 0.78 37.75
CA GLU C 315 51.19 -0.30 38.58
C GLU C 315 52.33 -1.17 39.05
N ILE C 316 53.26 -1.47 38.13
CA ILE C 316 54.36 -2.32 38.48
C ILE C 316 55.22 -1.61 39.56
N THR C 317 55.55 -0.38 39.31
CA THR C 317 56.33 0.41 40.25
C THR C 317 55.64 0.42 41.60
N ALA C 318 54.32 0.58 41.60
CA ALA C 318 53.56 0.63 42.84
C ALA C 318 53.70 -0.66 43.61
N LEU C 319 53.58 -1.79 42.89
CA LEU C 319 53.65 -3.11 43.51
C LEU C 319 55.04 -3.51 43.95
N ALA C 320 56.05 -3.24 43.11
CA ALA C 320 57.41 -3.69 43.30
C ALA C 320 58.18 -2.91 44.30
N PRO C 321 59.36 -3.41 44.64
CA PRO C 321 60.34 -2.56 45.35
C PRO C 321 60.68 -1.33 44.54
N SER C 322 60.44 -0.15 45.13
CA SER C 322 60.98 1.10 44.59
C SER C 322 62.48 1.29 44.75
N THR C 323 63.17 0.27 45.24
CA THR C 323 64.60 0.20 45.28
C THR C 323 65.23 0.16 43.90
N MET C 324 64.51 -0.40 42.93
CA MET C 324 65.02 -0.52 41.57
C MET C 324 64.01 0.09 40.63
N LYS C 325 64.54 0.69 39.57
CA LYS C 325 63.77 1.44 38.63
C LYS C 325 63.26 0.44 37.64
N ILE C 326 61.98 0.63 37.30
CA ILE C 326 61.19 -0.17 36.39
C ILE C 326 60.95 0.50 35.05
N LYS C 327 61.86 0.29 34.13
CA LYS C 327 61.69 0.82 32.78
C LYS C 327 60.83 -0.17 32.03
N ILE C 328 59.91 0.34 31.25
CA ILE C 328 59.17 -0.51 30.33
C ILE C 328 59.48 -0.06 28.96
N ILE C 329 59.84 -0.98 28.08
CA ILE C 329 60.28 -0.56 26.74
C ILE C 329 59.20 -1.04 25.84
N ALA C 330 58.39 -0.11 25.30
CA ALA C 330 57.32 -0.47 24.41
C ALA C 330 57.50 0.34 23.17
N PRO C 331 58.03 -0.26 22.12
CA PRO C 331 58.27 0.50 20.91
C PRO C 331 56.95 0.74 20.20
N PRO C 332 56.83 1.84 19.46
CA PRO C 332 55.87 1.88 18.36
C PRO C 332 56.37 0.98 17.24
N GLU C 333 55.47 0.44 16.42
CA GLU C 333 55.78 -0.70 15.54
C GLU C 333 55.80 -2.01 16.32
N ARG C 334 55.44 -1.98 17.61
CA ARG C 334 55.22 -3.20 18.38
C ARG C 334 54.24 -4.20 17.75
N LYS C 335 53.23 -3.71 17.01
CA LYS C 335 52.22 -4.60 16.50
C LYS C 335 52.87 -5.70 15.70
N TYR C 336 53.88 -5.31 14.90
CA TYR C 336 54.55 -6.18 13.91
C TYR C 336 55.80 -6.87 14.47
N SER C 337 56.01 -6.75 15.77
CA SER C 337 57.26 -7.17 16.39
C SER C 337 57.49 -8.66 16.15
N VAL C 338 56.43 -9.45 16.23
CA VAL C 338 56.60 -10.88 16.07
C VAL C 338 57.15 -11.15 14.66
N TRP C 339 56.49 -10.53 13.67
CA TRP C 339 56.87 -10.80 12.30
C TRP C 339 58.29 -10.35 12.04
N ILE C 340 58.66 -9.18 12.57
CA ILE C 340 60.00 -8.70 12.38
C ILE C 340 61.03 -9.71 12.96
N GLY C 341 60.72 -10.15 14.15
CA GLY C 341 61.54 -11.14 14.81
C GLY C 341 61.72 -12.35 13.93
N GLY C 342 60.62 -12.78 13.31
CA GLY C 342 60.70 -13.93 12.40
C GLY C 342 61.63 -13.63 11.26
N SER C 343 61.55 -12.41 10.71
CA SER C 343 62.39 -12.02 9.60
C SER C 343 63.88 -12.12 9.99
N ILE C 344 64.17 -11.59 11.16
CA ILE C 344 65.55 -11.58 11.61
C ILE C 344 66.03 -13.01 11.87
N LEU C 345 65.16 -13.88 12.39
CA LEU C 345 65.58 -15.23 12.68
C LEU C 345 65.82 -15.97 11.43
N ALA C 346 64.95 -15.87 10.42
CA ALA C 346 65.26 -16.63 9.25
C ALA C 346 66.46 -16.09 8.50
N SER C 347 66.78 -14.80 8.69
CA SER C 347 67.95 -14.17 8.11
C SER C 347 69.25 -14.68 8.71
N LEU C 348 69.16 -15.21 9.94
CA LEU C 348 70.38 -15.62 10.64
C LEU C 348 70.96 -16.85 9.98
N SER C 349 72.28 -16.83 9.81
CA SER C 349 72.96 -17.90 9.08
C SER C 349 72.88 -19.25 9.83
N THR C 350 73.23 -19.23 11.10
CA THR C 350 73.26 -20.43 11.90
C THR C 350 71.91 -21.06 11.93
N PHE C 351 70.86 -20.21 11.97
CA PHE C 351 69.48 -20.72 12.05
C PHE C 351 69.20 -21.68 10.89
N GLN C 352 69.87 -21.40 9.76
CA GLN C 352 69.68 -22.17 8.53
C GLN C 352 69.97 -23.67 8.64
N GLN C 353 70.55 -24.11 9.76
CA GLN C 353 70.71 -25.50 10.03
C GLN C 353 69.67 -26.09 10.96
N MET C 354 69.02 -25.20 11.73
CA MET C 354 67.99 -25.65 12.70
C MET C 354 66.61 -25.90 12.09
N TRP C 355 66.46 -25.67 10.79
CA TRP C 355 65.16 -25.84 10.20
C TRP C 355 64.73 -27.27 10.42
N ILE C 356 63.42 -27.50 10.46
CA ILE C 356 62.90 -28.85 10.35
C ILE C 356 62.86 -29.11 8.87
N SER C 357 63.62 -30.12 8.44
CA SER C 357 63.75 -30.40 7.02
C SER C 357 62.62 -31.32 6.66
N LYS C 358 62.17 -31.17 5.39
CA LYS C 358 61.18 -32.06 4.81
C LYS C 358 61.59 -33.50 5.00
N GLN C 359 62.85 -33.78 4.73
CA GLN C 359 63.42 -35.11 4.78
C GLN C 359 63.22 -35.67 6.17
N GLU C 360 63.60 -34.85 7.16
CA GLU C 360 63.57 -35.28 8.57
C GLU C 360 62.15 -35.63 8.96
N TYR C 361 61.22 -34.77 8.58
CA TYR C 361 59.80 -35.04 8.80
C TYR C 361 59.38 -36.37 8.16
N ASP C 362 59.78 -36.61 6.92
CA ASP C 362 59.32 -37.79 6.23
C ASP C 362 59.79 -39.05 6.90
N GLU C 363 61.03 -39.04 7.38
CA GLU C 363 61.52 -40.20 8.15
C GLU C 363 60.80 -40.33 9.50
N SER C 364 60.89 -39.25 10.28
CA SER C 364 60.51 -39.24 11.71
C SER C 364 59.07 -38.87 12.11
N GLY C 365 58.29 -38.37 11.16
CA GLY C 365 56.92 -38.04 11.42
C GLY C 365 56.69 -36.64 11.94
N PRO C 366 55.43 -36.28 12.10
CA PRO C 366 55.00 -35.00 12.62
C PRO C 366 55.34 -34.72 14.06
N SER C 367 55.55 -35.75 14.89
CA SER C 367 55.70 -35.61 16.31
C SER C 367 57.02 -34.91 16.60
N ILE C 368 57.91 -34.92 15.62
CA ILE C 368 59.24 -34.39 15.83
C ILE C 368 59.27 -32.89 16.12
N VAL C 369 58.12 -32.20 16.11
CA VAL C 369 58.13 -30.77 16.27
C VAL C 369 58.70 -30.45 17.63
N HIS C 370 58.24 -31.15 18.65
CA HIS C 370 58.64 -30.87 20.03
C HIS C 370 60.07 -31.29 20.37
N ARG C 371 60.42 -32.44 19.86
CA ARG C 371 61.77 -32.98 19.91
C ARG C 371 62.83 -31.97 19.54
N LYS C 372 62.65 -31.33 18.40
CA LYS C 372 63.69 -30.45 17.90
C LYS C 372 63.59 -29.03 18.44
N CYS C 373 62.44 -28.41 18.26
CA CYS C 373 62.30 -27.02 18.58
C CYS C 373 61.58 -26.90 19.89
N PHE C 374 61.73 -25.73 20.50
CA PHE C 374 61.01 -25.34 21.68
C PHE C 374 59.52 -25.02 21.42
N GLU D 1 -35.83 35.62 22.29
CA GLU D 1 -35.95 34.14 22.56
C GLU D 1 -34.59 33.52 22.79
N GLU D 2 -34.60 32.39 23.47
CA GLU D 2 -33.37 31.66 23.73
C GLU D 2 -33.13 30.69 22.58
N GLU D 3 -31.87 30.48 22.22
CA GLU D 3 -31.43 29.62 21.10
C GLU D 3 -31.90 29.99 19.67
N ILE D 4 -32.89 30.90 19.54
CA ILE D 4 -33.40 31.42 18.28
C ILE D 4 -34.11 30.39 17.39
N ALA D 5 -34.31 29.19 17.92
CA ALA D 5 -34.54 28.07 17.06
C ALA D 5 -33.44 27.88 16.00
N ALA D 6 -33.74 27.16 14.93
CA ALA D 6 -32.89 27.04 13.75
C ALA D 6 -33.70 26.40 12.64
N LEU D 7 -33.26 26.56 11.42
CA LEU D 7 -34.05 26.13 10.28
C LEU D 7 -33.32 25.02 9.62
N VAL D 8 -34.05 24.07 9.05
CA VAL D 8 -33.39 22.92 8.43
C VAL D 8 -33.99 22.66 7.07
N ILE D 9 -33.16 22.51 6.04
CA ILE D 9 -33.69 22.16 4.74
C ILE D 9 -32.95 21.01 4.04
N ASP D 10 -33.73 20.00 3.63
CA ASP D 10 -33.19 18.87 2.90
C ASP D 10 -33.62 19.11 1.44
N ASN D 11 -32.63 19.40 0.61
CA ASN D 11 -32.79 19.33 -0.83
C ASN D 11 -31.91 18.31 -1.58
N GLY D 12 -32.27 17.04 -1.48
CA GLY D 12 -31.94 16.08 -2.57
C GLY D 12 -32.97 16.45 -3.58
N SER D 13 -32.73 16.08 -4.84
CA SER D 13 -33.70 16.33 -5.90
C SER D 13 -35.08 15.83 -5.48
N GLY D 14 -36.11 16.48 -5.99
CA GLY D 14 -37.48 15.93 -5.94
C GLY D 14 -38.31 16.58 -4.89
N MET D 15 -37.78 16.65 -3.68
CA MET D 15 -38.58 17.20 -2.59
C MET D 15 -37.78 18.13 -1.75
N CYS D 16 -38.42 19.22 -1.34
CA CYS D 16 -37.83 20.08 -0.30
C CYS D 16 -38.48 19.74 1.01
N LYS D 17 -37.68 19.39 2.01
CA LYS D 17 -38.24 18.99 3.30
C LYS D 17 -37.69 20.01 4.25
N ALA D 18 -38.55 20.87 4.77
CA ALA D 18 -38.05 22.01 5.54
C ALA D 18 -38.93 22.19 6.76
N GLY D 19 -38.32 22.78 7.79
CA GLY D 19 -39.05 23.00 9.01
C GLY D 19 -38.11 23.52 10.06
N PHE D 20 -38.65 23.70 11.26
CA PHE D 20 -37.84 24.14 12.37
C PHE D 20 -37.02 23.04 13.00
N ALA D 21 -35.75 23.34 13.23
CA ALA D 21 -34.90 22.48 14.04
C ALA D 21 -35.51 22.43 15.39
N GLY D 22 -35.53 21.25 16.01
CA GLY D 22 -36.08 21.11 17.32
C GLY D 22 -37.49 20.55 17.25
N ASP D 23 -37.87 19.99 16.10
CA ASP D 23 -39.17 19.38 15.98
C ASP D 23 -38.96 18.03 15.32
N ASP D 24 -39.88 17.12 15.58
CA ASP D 24 -39.75 15.74 15.13
C ASP D 24 -40.19 15.56 13.71
N ALA D 25 -40.95 16.49 13.13
CA ALA D 25 -41.25 16.43 11.71
C ALA D 25 -41.19 17.83 11.12
N PRO D 26 -40.83 17.89 9.85
CA PRO D 26 -40.81 19.13 9.13
C PRO D 26 -42.20 19.66 8.90
N ARG D 27 -42.32 20.97 8.84
CA ARG D 27 -43.61 21.61 8.57
C ARG D 27 -43.99 21.48 7.14
N ALA D 28 -43.04 21.77 6.27
CA ALA D 28 -43.38 21.85 4.84
C ALA D 28 -42.58 20.83 4.08
N VAL D 29 -43.26 20.06 3.22
CA VAL D 29 -42.58 19.14 2.33
C VAL D 29 -43.30 19.21 1.02
N PHE D 30 -42.61 19.63 -0.05
CA PHE D 30 -43.27 19.81 -1.33
C PHE D 30 -42.28 19.49 -2.42
N PRO D 31 -42.81 19.25 -3.61
CA PRO D 31 -41.90 18.87 -4.69
C PRO D 31 -41.05 20.05 -5.17
N SER D 32 -39.79 19.79 -5.51
CA SER D 32 -38.87 20.86 -5.94
C SER D 32 -39.04 20.94 -7.41
N ILE D 33 -40.04 21.71 -7.84
CA ILE D 33 -40.29 21.81 -9.27
C ILE D 33 -40.60 23.25 -9.58
N VAL D 34 -40.13 23.69 -10.73
CA VAL D 34 -40.42 25.03 -11.23
C VAL D 34 -41.12 24.84 -12.55
N GLY D 35 -42.43 25.06 -12.52
CA GLY D 35 -43.18 24.88 -13.74
C GLY D 35 -43.29 26.23 -14.40
N ARG D 36 -43.26 26.23 -15.73
CA ARG D 36 -43.39 27.46 -16.49
C ARG D 36 -44.48 27.31 -17.50
N PRO D 37 -45.21 28.37 -17.71
CA PRO D 37 -46.30 28.35 -18.66
C PRO D 37 -45.73 28.30 -20.06
N ARG D 38 -45.79 27.10 -20.63
CA ARG D 38 -45.34 26.82 -21.99
C ARG D 38 -46.31 27.33 -23.00
N HIS D 39 -47.60 27.19 -22.72
CA HIS D 39 -48.61 27.77 -23.63
C HIS D 39 -49.02 29.20 -23.35
N GLN D 40 -49.00 30.03 -24.41
CA GLN D 40 -49.33 31.45 -24.26
C GLN D 40 -50.81 31.60 -23.90
N GLY D 41 -51.05 32.29 -22.80
CA GLY D 41 -52.40 32.40 -22.30
C GLY D 41 -53.12 33.51 -23.02
N VAL D 42 -54.41 33.34 -23.24
CA VAL D 42 -55.24 34.37 -23.80
C VAL D 42 -56.52 34.54 -23.00
N MET D 43 -56.42 35.47 -22.08
CA MET D 43 -57.55 36.04 -21.35
C MET D 43 -57.06 37.46 -20.99
N VAL D 44 -57.71 38.08 -20.01
CA VAL D 44 -57.14 39.22 -19.33
C VAL D 44 -57.41 38.98 -17.85
N GLY D 45 -56.52 39.51 -17.02
CA GLY D 45 -56.64 39.32 -15.58
C GLY D 45 -56.32 37.88 -15.25
N MET D 46 -55.33 37.33 -15.96
CA MET D 46 -54.60 36.13 -15.49
C MET D 46 -53.31 36.55 -14.84
N GLY D 47 -52.92 35.79 -13.82
CA GLY D 47 -51.56 35.82 -13.27
C GLY D 47 -50.82 37.16 -13.25
N GLN D 48 -49.83 37.40 -14.13
CA GLN D 48 -49.39 36.44 -15.17
C GLN D 48 -48.59 35.31 -14.58
N LYS D 49 -47.75 35.65 -13.58
CA LYS D 49 -46.88 34.72 -12.85
C LYS D 49 -46.01 33.93 -13.81
N ASP D 50 -44.76 34.38 -13.95
CA ASP D 50 -43.82 33.83 -14.88
C ASP D 50 -43.60 32.37 -14.64
N SER D 51 -43.72 31.92 -13.41
CA SER D 51 -43.58 30.51 -13.16
C SER D 51 -44.17 30.17 -11.85
N TYR D 52 -44.42 28.86 -11.65
CA TYR D 52 -44.94 28.33 -10.43
C TYR D 52 -43.95 27.36 -9.79
N VAL D 53 -43.98 27.34 -8.47
CA VAL D 53 -43.03 26.55 -7.69
C VAL D 53 -43.77 25.79 -6.64
N GLY D 54 -43.28 24.61 -6.29
CA GLY D 54 -43.92 23.75 -5.27
C GLY D 54 -45.24 23.18 -5.73
N ASP D 55 -45.95 22.58 -4.79
CA ASP D 55 -47.15 21.81 -5.10
C ASP D 55 -48.21 22.61 -5.85
N GLU D 56 -48.01 23.92 -5.91
CA GLU D 56 -48.74 24.75 -6.85
C GLU D 56 -48.60 24.19 -8.25
N ALA D 57 -47.37 23.86 -8.61
CA ALA D 57 -47.09 23.31 -9.94
C ALA D 57 -47.80 22.02 -10.15
N GLN D 58 -47.84 21.17 -9.14
CA GLN D 58 -48.56 19.90 -9.22
C GLN D 58 -50.03 20.14 -9.52
N SER D 59 -50.59 21.10 -8.80
CA SER D 59 -52.00 21.47 -9.03
C SER D 59 -52.24 21.91 -10.48
N LYS D 60 -51.43 22.84 -11.00
CA LYS D 60 -51.59 23.32 -12.35
C LYS D 60 -50.54 22.67 -13.23
N ARG D 61 -50.67 21.39 -13.54
CA ARG D 61 -49.62 20.60 -14.21
C ARG D 61 -49.61 20.68 -15.75
N GLY D 62 -50.83 20.62 -16.28
CA GLY D 62 -51.08 20.41 -17.69
C GLY D 62 -50.49 21.52 -18.54
N ILE D 63 -50.62 22.76 -18.06
CA ILE D 63 -50.18 23.95 -18.73
C ILE D 63 -48.66 24.03 -18.70
N LEU D 64 -48.09 23.71 -17.55
CA LEU D 64 -46.70 23.98 -17.31
C LEU D 64 -45.87 22.91 -17.88
N THR D 65 -44.61 23.25 -18.16
CA THR D 65 -43.55 22.29 -18.33
C THR D 65 -42.82 22.38 -17.04
N LEU D 66 -42.44 21.23 -16.51
CA LEU D 66 -41.81 21.25 -15.22
C LEU D 66 -40.37 20.99 -15.44
N LYS D 67 -39.53 21.65 -14.65
CA LYS D 67 -38.14 21.45 -14.69
C LYS D 67 -37.70 21.20 -13.26
N TYR D 68 -37.17 20.02 -13.00
CA TYR D 68 -36.47 19.77 -11.75
C TYR D 68 -35.11 20.51 -11.78
N PRO D 69 -34.86 21.46 -10.87
CA PRO D 69 -33.63 22.20 -10.88
C PRO D 69 -32.43 21.36 -10.44
N ILE D 70 -32.67 20.32 -9.65
CA ILE D 70 -31.57 19.47 -9.16
C ILE D 70 -31.56 18.14 -9.90
N GLU D 71 -30.43 17.80 -10.53
CA GLU D 71 -30.23 16.46 -11.09
C GLU D 71 -28.98 15.78 -10.64
N HIS D 72 -29.14 14.63 -10.02
CA HIS D 72 -28.04 13.83 -9.54
C HIS D 72 -27.32 14.53 -8.40
N GLY D 73 -28.10 15.21 -7.59
CA GLY D 73 -27.56 15.99 -6.47
C GLY D 73 -26.85 17.27 -6.89
N ILE D 74 -26.79 17.55 -8.19
CA ILE D 74 -26.20 18.76 -8.70
C ILE D 74 -27.31 19.72 -9.05
N VAL D 75 -27.18 21.00 -8.69
CA VAL D 75 -28.17 21.96 -9.13
C VAL D 75 -27.80 22.34 -10.59
N THR D 76 -28.72 22.02 -11.49
CA THR D 76 -28.56 22.48 -12.88
C THR D 76 -28.75 24.02 -12.92
N ASN D 77 -29.87 24.52 -12.38
CA ASN D 77 -30.23 25.89 -12.58
C ASN D 77 -30.42 26.57 -11.24
N TRP D 78 -29.60 27.59 -10.99
CA TRP D 78 -29.51 28.20 -9.68
C TRP D 78 -30.66 29.09 -9.41
N ASP D 79 -31.03 29.95 -10.34
CA ASP D 79 -32.18 30.87 -10.09
C ASP D 79 -33.40 30.09 -9.68
N ASP D 80 -33.57 28.90 -10.29
CA ASP D 80 -34.69 28.05 -9.97
C ASP D 80 -34.61 27.61 -8.53
N MET D 81 -33.41 27.17 -8.11
CA MET D 81 -33.22 26.74 -6.72
C MET D 81 -33.52 27.87 -5.77
N GLU D 82 -33.01 29.05 -6.10
CA GLU D 82 -33.26 30.23 -5.29
C GLU D 82 -34.76 30.41 -5.19
N LYS D 83 -35.49 30.24 -6.29
CA LYS D 83 -36.94 30.44 -6.26
C LYS D 83 -37.57 29.43 -5.31
N ILE D 84 -37.06 28.18 -5.34
CA ILE D 84 -37.63 27.16 -4.47
C ILE D 84 -37.42 27.51 -3.02
N TRP D 85 -36.20 27.95 -2.68
CA TRP D 85 -35.92 28.36 -1.33
C TRP D 85 -36.78 29.53 -0.91
N HIS D 86 -36.97 30.48 -1.80
CA HIS D 86 -37.80 31.65 -1.60
C HIS D 86 -39.18 31.16 -1.15
N HIS D 87 -39.71 30.22 -1.93
CA HIS D 87 -41.01 29.67 -1.70
C HIS D 87 -41.07 29.00 -0.29
N THR D 88 -40.02 28.28 0.03
CA THR D 88 -40.05 27.60 1.34
C THR D 88 -40.13 28.61 2.45
N PHE D 89 -39.24 29.61 2.43
CA PHE D 89 -39.21 30.53 3.53
C PHE D 89 -40.47 31.38 3.57
N TYR D 90 -40.76 32.09 2.48
CA TYR D 90 -41.87 33.03 2.50
C TYR D 90 -43.24 32.39 2.40
N ASN D 91 -43.42 31.50 1.42
CA ASN D 91 -44.70 30.86 1.26
C ASN D 91 -45.14 29.88 2.30
N GLU D 92 -44.26 29.06 2.86
CA GLU D 92 -44.67 28.11 3.86
C GLU D 92 -44.36 28.49 5.26
N LEU D 93 -43.08 28.67 5.57
CA LEU D 93 -42.59 28.85 6.95
C LEU D 93 -42.91 30.24 7.44
N ARG D 94 -42.86 31.23 6.57
CA ARG D 94 -43.13 32.58 6.94
C ARG D 94 -42.12 33.05 7.98
N VAL D 95 -40.86 32.88 7.62
CA VAL D 95 -39.74 33.29 8.45
C VAL D 95 -38.86 34.27 7.71
N ALA D 96 -38.17 35.13 8.47
CA ALA D 96 -37.13 35.97 7.93
C ALA D 96 -35.87 35.23 8.24
N PRO D 97 -35.14 34.79 7.23
CA PRO D 97 -33.97 33.99 7.46
C PRO D 97 -32.88 34.72 8.21
N GLU D 98 -32.85 36.06 8.17
CA GLU D 98 -32.08 36.83 9.11
C GLU D 98 -32.25 36.45 10.55
N GLU D 99 -33.43 35.94 10.92
CA GLU D 99 -33.73 35.56 12.28
C GLU D 99 -33.43 34.09 12.61
N HIS D 100 -32.77 33.32 11.76
CA HIS D 100 -32.53 31.91 12.01
C HIS D 100 -31.31 31.43 11.29
N PRO D 101 -30.57 30.53 11.93
CA PRO D 101 -29.46 29.87 11.32
C PRO D 101 -30.06 28.76 10.51
N VAL D 102 -29.49 28.48 9.31
CA VAL D 102 -30.12 27.49 8.48
C VAL D 102 -29.17 26.38 8.13
N LEU D 103 -29.67 25.17 8.24
CA LEU D 103 -28.89 23.98 7.92
C LEU D 103 -29.30 23.48 6.59
N LEU D 104 -28.36 23.22 5.67
CA LEU D 104 -28.69 22.54 4.44
C LEU D 104 -28.10 21.13 4.42
N THR D 105 -28.82 20.23 3.79
CA THR D 105 -28.29 18.93 3.48
C THR D 105 -27.61 19.00 2.12
N GLU D 106 -26.81 18.00 1.83
CA GLU D 106 -26.16 17.89 0.52
C GLU D 106 -25.53 16.50 0.43
N ALA D 107 -25.42 15.99 -0.79
CA ALA D 107 -25.05 14.62 -1.00
C ALA D 107 -23.55 14.50 -0.99
N PRO D 108 -23.04 13.35 -0.68
CA PRO D 108 -21.60 13.08 -0.75
C PRO D 108 -20.97 13.11 -2.11
N LEU D 109 -19.64 13.21 -2.13
CA LEU D 109 -18.84 13.13 -3.34
C LEU D 109 -19.28 14.13 -4.42
N ASN D 110 -19.91 15.20 -4.00
CA ASN D 110 -20.67 16.03 -4.88
C ASN D 110 -19.68 17.12 -5.24
N PRO D 111 -19.86 17.71 -6.39
CA PRO D 111 -19.01 18.83 -6.77
C PRO D 111 -18.91 19.97 -5.78
N LYS D 112 -17.72 20.54 -5.71
CA LYS D 112 -17.41 21.58 -4.74
C LYS D 112 -18.32 22.74 -4.97
N ALA D 113 -18.50 23.08 -6.26
CA ALA D 113 -19.18 24.26 -6.70
C ALA D 113 -20.53 24.33 -6.05
N ASN D 114 -21.17 23.16 -5.87
CA ASN D 114 -22.51 23.13 -5.32
C ASN D 114 -22.48 23.60 -3.90
N ARG D 115 -21.51 23.13 -3.13
CA ARG D 115 -21.47 23.54 -1.71
C ARG D 115 -21.14 25.04 -1.70
N GLU D 116 -20.10 25.41 -2.44
CA GLU D 116 -19.59 26.77 -2.38
C GLU D 116 -20.69 27.74 -2.84
N LYS D 117 -21.26 27.41 -4.00
CA LYS D 117 -22.29 28.27 -4.54
C LYS D 117 -23.51 28.31 -3.68
N MET D 118 -23.86 27.18 -3.07
CA MET D 118 -24.96 27.10 -2.10
C MET D 118 -24.76 28.11 -0.97
N THR D 119 -23.59 28.12 -0.37
CA THR D 119 -23.28 29.05 0.66
C THR D 119 -23.34 30.47 0.18
N GLN D 120 -22.80 30.70 -1.01
CA GLN D 120 -22.81 32.03 -1.61
C GLN D 120 -24.23 32.57 -1.67
N ILE D 121 -25.15 31.73 -2.14
CA ILE D 121 -26.54 32.12 -2.09
C ILE D 121 -27.06 32.40 -0.70
N MET D 122 -26.92 31.49 0.21
CA MET D 122 -27.51 31.67 1.52
C MET D 122 -27.06 32.96 2.17
N PHE D 123 -25.81 33.34 2.00
CA PHE D 123 -25.37 34.59 2.56
C PHE D 123 -25.84 35.73 1.74
N GLU D 124 -25.61 35.70 0.41
CA GLU D 124 -25.90 36.89 -0.37
C GLU D 124 -27.22 36.87 -1.15
N THR D 125 -28.18 36.05 -0.70
CA THR D 125 -29.51 36.16 -1.20
C THR D 125 -30.43 36.40 -0.01
N PHE D 126 -30.56 35.40 0.84
CA PHE D 126 -31.41 35.50 2.04
C PHE D 126 -30.44 35.85 3.14
N ASN D 127 -30.37 37.10 3.57
CA ASN D 127 -29.39 37.47 4.61
C ASN D 127 -29.65 36.64 5.86
N THR D 128 -28.62 35.95 6.34
CA THR D 128 -28.80 34.96 7.35
C THR D 128 -27.60 34.99 8.23
N PRO D 129 -27.78 34.78 9.54
CA PRO D 129 -26.70 34.92 10.47
C PRO D 129 -25.67 33.81 10.34
N ALA D 130 -26.15 32.61 10.06
CA ALA D 130 -25.27 31.47 10.02
C ALA D 130 -25.92 30.33 9.29
N MET D 131 -25.07 29.43 8.83
CA MET D 131 -25.54 28.29 8.10
C MET D 131 -24.56 27.17 8.18
N TYR D 132 -24.99 25.98 7.74
CA TYR D 132 -24.09 24.85 7.68
C TYR D 132 -24.54 23.97 6.54
N VAL D 133 -23.62 23.24 5.92
CA VAL D 133 -24.02 22.31 4.87
C VAL D 133 -23.50 20.96 5.24
N ALA D 134 -24.36 19.95 5.26
CA ALA D 134 -24.05 18.71 5.97
C ALA D 134 -24.34 17.56 5.02
N ILE D 135 -23.67 16.43 5.30
CA ILE D 135 -23.80 15.27 4.44
C ILE D 135 -25.10 14.59 4.80
N GLN D 136 -25.82 14.18 3.78
CA GLN D 136 -27.12 13.57 3.96
C GLN D 136 -27.09 12.33 4.82
N ALA D 137 -26.09 11.45 4.61
CA ALA D 137 -26.18 10.12 5.19
C ALA D 137 -26.06 10.20 6.70
N VAL D 138 -25.07 10.96 7.16
CA VAL D 138 -24.77 11.14 8.57
C VAL D 138 -26.05 11.55 9.32
N LEU D 139 -26.78 12.48 8.72
CA LEU D 139 -27.97 13.01 9.32
C LEU D 139 -28.94 11.88 9.57
N SER D 140 -29.14 11.03 8.57
CA SER D 140 -30.07 9.91 8.77
C SER D 140 -29.58 8.99 9.83
N LEU D 141 -28.26 8.79 9.92
CA LEU D 141 -27.72 7.91 10.96
C LEU D 141 -28.08 8.47 12.31
N TYR D 142 -27.96 9.79 12.49
CA TYR D 142 -28.34 10.44 13.74
C TYR D 142 -29.79 10.18 14.01
N ALA D 143 -30.62 10.44 13.01
CA ALA D 143 -32.07 10.26 13.14
C ALA D 143 -32.40 8.88 13.63
N SER D 144 -31.63 7.86 13.18
CA SER D 144 -31.87 6.50 13.62
C SER D 144 -31.36 6.28 15.02
N GLY D 145 -30.58 7.22 15.57
CA GLY D 145 -30.14 7.09 16.94
C GLY D 145 -29.11 6.03 17.19
N ARG D 146 -28.36 5.71 16.15
CA ARG D 146 -27.24 4.77 16.20
C ARG D 146 -25.97 5.49 15.87
N THR D 147 -24.87 5.04 16.49
CA THR D 147 -23.54 5.70 16.39
C THR D 147 -22.73 5.07 15.26
N THR D 148 -23.22 3.94 14.77
CA THR D 148 -22.44 3.15 13.81
C THR D 148 -23.36 2.50 12.85
N GLY D 149 -22.98 2.44 11.58
CA GLY D 149 -23.82 1.82 10.57
C GLY D 149 -23.34 2.20 9.21
N ILE D 150 -23.88 1.52 8.18
CA ILE D 150 -23.53 1.88 6.85
C ILE D 150 -24.84 2.35 6.27
N VAL D 151 -24.90 3.63 5.95
CA VAL D 151 -26.15 4.25 5.60
C VAL D 151 -26.20 4.25 4.12
N MET D 152 -27.21 3.57 3.63
CA MET D 152 -27.60 3.49 2.22
C MET D 152 -28.62 4.59 1.97
N ASP D 153 -28.19 5.59 1.25
CA ASP D 153 -28.97 6.80 1.06
C ASP D 153 -29.30 6.88 -0.42
N SER D 154 -30.57 6.74 -0.73
CA SER D 154 -30.97 6.88 -2.12
C SER D 154 -32.16 7.75 -2.05
N GLY D 155 -32.04 8.93 -2.60
CA GLY D 155 -33.19 9.79 -2.84
C GLY D 155 -33.64 9.71 -4.29
N ASP D 156 -34.27 10.78 -4.75
CA ASP D 156 -34.63 10.95 -6.12
C ASP D 156 -33.37 11.41 -6.85
N GLY D 157 -32.51 12.15 -6.19
CA GLY D 157 -31.28 12.67 -6.81
C GLY D 157 -30.31 11.61 -7.24
N VAL D 158 -29.53 11.13 -6.28
CA VAL D 158 -28.63 10.02 -6.52
C VAL D 158 -28.55 9.17 -5.27
N THR D 159 -28.05 7.95 -5.42
CA THR D 159 -27.75 7.05 -4.37
C THR D 159 -26.33 7.13 -3.84
N HIS D 160 -26.23 7.00 -2.55
CA HIS D 160 -24.99 7.25 -1.81
C HIS D 160 -24.88 6.25 -0.70
N THR D 161 -23.67 6.06 -0.26
CA THR D 161 -23.38 5.00 0.73
C THR D 161 -22.22 5.42 1.57
N VAL D 162 -22.44 5.57 2.84
CA VAL D 162 -21.37 6.08 3.74
C VAL D 162 -21.31 5.24 4.98
N PRO D 163 -20.24 4.48 5.11
CA PRO D 163 -20.04 3.69 6.29
C PRO D 163 -19.53 4.55 7.40
N ILE D 164 -20.01 4.34 8.64
CA ILE D 164 -19.60 5.15 9.75
C ILE D 164 -19.34 4.24 10.92
N TYR D 165 -18.30 4.43 11.67
CA TYR D 165 -18.10 3.57 12.81
C TYR D 165 -17.81 4.45 13.97
N GLU D 166 -18.62 4.35 15.01
CA GLU D 166 -18.41 5.02 16.29
C GLU D 166 -18.22 6.52 16.03
N GLY D 167 -19.15 7.10 15.31
CA GLY D 167 -18.89 8.37 14.65
C GLY D 167 -17.83 8.06 13.64
N TYR D 168 -16.73 8.79 13.66
CA TYR D 168 -15.80 8.69 12.53
C TYR D 168 -16.44 8.61 11.13
N ALA D 169 -15.84 7.95 10.14
CA ALA D 169 -16.28 8.10 8.74
C ALA D 169 -15.11 7.70 7.90
N LEU D 170 -15.37 7.08 6.77
CA LEU D 170 -14.27 6.56 5.95
C LEU D 170 -14.42 7.12 4.56
N PRO D 171 -13.65 8.12 4.20
CA PRO D 171 -13.73 8.75 2.90
C PRO D 171 -13.53 7.84 1.71
N HIS D 172 -12.55 6.96 1.79
CA HIS D 172 -12.22 6.07 0.69
C HIS D 172 -13.35 5.13 0.45
N ALA D 173 -14.02 4.72 1.55
CA ALA D 173 -15.11 3.75 1.59
C ALA D 173 -16.43 4.30 1.06
N ILE D 174 -16.65 5.60 1.17
CA ILE D 174 -17.87 6.21 0.71
C ILE D 174 -18.13 5.94 -0.77
N LEU D 175 -19.33 5.53 -1.09
CA LEU D 175 -19.57 5.14 -2.48
C LEU D 175 -20.75 5.92 -2.99
N ARG D 176 -20.71 6.32 -4.27
CA ARG D 176 -21.84 7.07 -4.83
C ARG D 176 -22.19 6.45 -6.17
N LEU D 177 -23.43 6.03 -6.28
CA LEU D 177 -23.92 5.21 -7.40
C LEU D 177 -24.96 6.02 -8.12
N ASP D 178 -24.80 6.14 -9.43
CA ASP D 178 -25.80 6.89 -10.20
C ASP D 178 -27.07 6.07 -10.57
N LEU D 179 -27.95 5.97 -9.59
CA LEU D 179 -29.27 5.47 -9.77
C LEU D 179 -30.10 6.31 -8.86
N ALA D 180 -31.38 6.40 -9.12
CA ALA D 180 -32.27 7.24 -8.31
C ALA D 180 -33.70 6.87 -8.60
N GLY D 181 -34.59 7.43 -7.80
CA GLY D 181 -36.03 7.40 -8.08
C GLY D 181 -36.30 7.91 -9.49
N ARG D 182 -35.59 8.96 -9.88
CA ARG D 182 -35.87 9.55 -11.18
C ARG D 182 -35.49 8.60 -12.29
N ASP D 183 -34.39 7.88 -12.13
CA ASP D 183 -34.00 6.91 -13.16
C ASP D 183 -34.98 5.77 -13.21
N LEU D 184 -35.52 5.34 -12.06
CA LEU D 184 -36.54 4.32 -12.05
C LEU D 184 -37.78 4.79 -12.79
N THR D 185 -38.16 6.04 -12.60
CA THR D 185 -39.29 6.63 -13.26
C THR D 185 -39.08 6.58 -14.75
N ASP D 186 -37.87 6.99 -15.19
CA ASP D 186 -37.59 6.99 -16.63
C ASP D 186 -37.66 5.59 -17.18
N TYR D 187 -37.15 4.61 -16.44
CA TYR D 187 -37.26 3.20 -16.82
C TYR D 187 -38.71 2.81 -16.89
N LEU D 188 -39.51 3.26 -15.92
CA LEU D 188 -40.86 2.75 -15.76
C LEU D 188 -41.69 3.22 -16.96
N MET D 189 -41.62 4.49 -17.25
CA MET D 189 -42.39 5.01 -18.40
C MET D 189 -41.97 4.28 -19.64
N LYS D 190 -40.70 3.89 -19.76
CA LYS D 190 -40.25 3.07 -20.88
C LYS D 190 -40.96 1.73 -20.92
N ILE D 191 -41.04 1.07 -19.77
CA ILE D 191 -41.57 -0.26 -19.69
C ILE D 191 -43.08 -0.33 -19.87
N LEU D 192 -43.80 0.76 -19.58
CA LEU D 192 -45.22 0.84 -19.76
C LEU D 192 -45.51 0.74 -21.26
N THR D 193 -44.65 1.29 -22.08
CA THR D 193 -44.92 1.52 -23.45
C THR D 193 -45.15 0.23 -24.16
N GLU D 194 -44.54 -0.86 -23.65
CA GLU D 194 -44.77 -2.20 -24.21
C GLU D 194 -46.22 -2.70 -24.01
N ARG D 195 -46.92 -2.10 -23.05
CA ARG D 195 -48.30 -2.36 -22.76
C ARG D 195 -49.23 -1.46 -23.54
N GLY D 196 -48.72 -0.39 -24.14
CA GLY D 196 -49.57 0.42 -24.97
C GLY D 196 -49.67 1.80 -24.41
N TYR D 197 -49.40 1.95 -23.12
CA TYR D 197 -49.62 3.22 -22.46
C TYR D 197 -48.41 4.04 -22.73
N SER D 198 -48.63 5.25 -23.24
CA SER D 198 -47.51 6.08 -23.66
C SER D 198 -47.56 7.40 -22.91
N PHE D 199 -46.54 7.66 -22.11
CA PHE D 199 -46.45 8.84 -21.30
C PHE D 199 -45.21 9.64 -21.75
N THR D 200 -45.45 10.69 -22.51
CA THR D 200 -44.38 11.35 -23.28
C THR D 200 -43.90 12.67 -22.68
N THR D 201 -44.61 13.15 -21.66
CA THR D 201 -44.48 14.55 -21.22
C THR D 201 -44.29 14.65 -19.69
N THR D 202 -43.74 15.79 -19.28
CA THR D 202 -43.28 15.96 -17.94
C THR D 202 -44.42 15.84 -17.02
N ALA D 203 -45.53 16.47 -17.38
CA ALA D 203 -46.79 16.32 -16.62
C ALA D 203 -47.07 14.90 -16.17
N GLU D 204 -47.27 14.04 -17.17
CA GLU D 204 -47.62 12.64 -16.87
C GLU D 204 -46.44 11.80 -16.37
N ARG D 205 -45.24 12.30 -16.61
CA ARG D 205 -44.08 11.70 -15.98
C ARG D 205 -44.25 11.68 -14.46
N GLU D 206 -44.79 12.75 -13.95
CA GLU D 206 -45.11 12.79 -12.53
C GLU D 206 -46.25 11.86 -12.23
N ILE D 207 -47.20 11.61 -13.13
CA ILE D 207 -48.22 10.62 -12.88
C ILE D 207 -47.56 9.27 -12.68
N VAL D 208 -46.58 8.93 -13.51
CA VAL D 208 -45.95 7.63 -13.29
C VAL D 208 -45.13 7.62 -12.05
N ARG D 209 -44.54 8.74 -11.68
CA ARG D 209 -43.88 8.84 -10.38
C ARG D 209 -44.87 8.45 -9.27
N ASP D 210 -46.09 8.95 -9.38
CA ASP D 210 -47.11 8.66 -8.38
C ASP D 210 -47.43 7.19 -8.35
N ILE D 211 -47.58 6.56 -9.52
CA ILE D 211 -47.83 5.16 -9.63
C ILE D 211 -46.74 4.38 -8.92
N LYS D 212 -45.52 4.71 -9.22
CA LYS D 212 -44.41 3.98 -8.67
C LYS D 212 -44.43 4.11 -7.14
N GLU D 213 -44.69 5.34 -6.66
CA GLU D 213 -44.77 5.58 -5.23
C GLU D 213 -45.79 4.72 -4.53
N LYS D 214 -46.76 4.14 -5.21
CA LYS D 214 -47.55 3.11 -4.54
C LYS D 214 -47.53 1.72 -5.12
N LEU D 215 -47.97 1.57 -6.35
CA LEU D 215 -48.06 0.23 -6.99
C LEU D 215 -46.82 -0.63 -7.02
N CYS D 216 -45.65 -0.06 -7.28
CA CYS D 216 -44.44 -0.86 -7.44
C CYS D 216 -43.96 -1.48 -6.17
N TYR D 217 -43.36 -2.68 -6.24
CA TYR D 217 -42.80 -3.32 -5.07
C TYR D 217 -41.64 -4.17 -5.52
N VAL D 218 -40.79 -4.60 -4.58
CA VAL D 218 -39.61 -5.35 -4.92
C VAL D 218 -39.81 -6.78 -4.60
N ALA D 219 -39.47 -7.59 -5.60
CA ALA D 219 -39.51 -9.07 -5.48
C ALA D 219 -38.52 -9.66 -4.51
N LEU D 220 -39.02 -10.60 -3.71
CA LEU D 220 -38.15 -11.37 -2.83
C LEU D 220 -37.42 -12.48 -3.59
N ASP D 221 -37.87 -12.81 -4.79
CA ASP D 221 -37.05 -13.34 -5.82
C ASP D 221 -37.65 -12.93 -7.13
N PHE D 222 -36.85 -12.25 -7.97
CA PHE D 222 -37.31 -11.67 -9.20
C PHE D 222 -37.86 -12.74 -10.15
N GLU D 223 -37.07 -13.78 -10.39
CA GLU D 223 -37.45 -14.75 -11.42
C GLU D 223 -38.70 -15.49 -10.99
N GLN D 224 -38.87 -15.77 -9.70
CA GLN D 224 -40.03 -16.49 -9.23
C GLN D 224 -41.28 -15.68 -9.49
N GLU D 225 -41.22 -14.40 -9.11
CA GLU D 225 -42.38 -13.53 -9.30
C GLU D 225 -42.67 -13.35 -10.76
N MET D 226 -41.65 -13.26 -11.59
CA MET D 226 -41.84 -13.12 -13.02
C MET D 226 -42.41 -14.39 -13.57
N ALA D 227 -42.06 -15.56 -13.01
CA ALA D 227 -42.63 -16.82 -13.45
C ALA D 227 -44.11 -16.82 -13.16
N THR D 228 -44.47 -16.42 -11.94
CA THR D 228 -45.86 -16.40 -11.51
C THR D 228 -46.69 -15.33 -12.21
N ALA D 229 -46.06 -14.32 -12.82
CA ALA D 229 -46.76 -13.49 -13.79
C ALA D 229 -47.44 -14.21 -14.89
N ALA D 230 -47.12 -15.45 -15.21
CA ALA D 230 -47.87 -16.16 -16.22
C ALA D 230 -49.37 -16.17 -15.88
N SER D 231 -49.68 -16.60 -14.67
CA SER D 231 -51.07 -16.66 -14.21
C SER D 231 -51.36 -15.39 -13.49
N SER D 232 -51.85 -14.37 -14.21
CA SER D 232 -51.98 -13.02 -13.62
C SER D 232 -53.25 -12.90 -12.80
N SER D 233 -53.10 -12.62 -11.51
CA SER D 233 -54.22 -12.53 -10.61
C SER D 233 -53.98 -11.34 -9.72
N SER D 234 -53.06 -11.50 -8.76
CA SER D 234 -52.68 -10.45 -7.81
C SER D 234 -51.67 -9.44 -8.34
N LEU D 235 -50.84 -9.82 -9.31
CA LEU D 235 -49.79 -8.97 -9.77
C LEU D 235 -50.29 -7.83 -10.64
N GLU D 236 -51.49 -7.97 -11.17
CA GLU D 236 -52.08 -6.85 -11.87
C GLU D 236 -52.82 -5.94 -10.93
N LYS D 237 -52.71 -4.66 -11.15
CA LYS D 237 -53.48 -3.72 -10.38
C LYS D 237 -54.05 -2.66 -11.31
N SER D 238 -55.31 -2.35 -11.11
CA SER D 238 -55.89 -1.21 -11.75
C SER D 238 -55.41 0.05 -11.07
N TYR D 239 -55.04 1.01 -11.92
CA TYR D 239 -54.74 2.36 -11.47
C TYR D 239 -55.62 3.32 -12.26
N GLU D 240 -56.03 4.40 -11.58
CA GLU D 240 -56.91 5.42 -12.18
C GLU D 240 -56.07 6.61 -12.46
N LEU D 241 -56.10 7.10 -13.71
CA LEU D 241 -55.39 8.33 -14.05
C LEU D 241 -56.29 9.48 -13.75
N PRO D 242 -55.71 10.66 -13.68
CA PRO D 242 -56.56 11.83 -13.48
C PRO D 242 -57.47 12.09 -14.65
N ASP D 243 -57.10 11.62 -15.86
CA ASP D 243 -57.86 11.74 -17.07
C ASP D 243 -59.13 10.89 -16.93
N GLY D 244 -59.09 9.83 -16.12
CA GLY D 244 -60.24 8.99 -15.99
C GLY D 244 -59.96 7.67 -16.66
N GLN D 245 -58.83 7.59 -17.35
CA GLN D 245 -58.40 6.39 -18.01
C GLN D 245 -57.94 5.46 -16.91
N VAL D 246 -57.96 4.17 -17.20
CA VAL D 246 -57.57 3.15 -16.26
C VAL D 246 -56.40 2.40 -16.84
N ILE D 247 -55.43 2.10 -15.99
CA ILE D 247 -54.21 1.42 -16.41
C ILE D 247 -54.16 0.12 -15.66
N THR D 248 -53.59 -0.93 -16.25
CA THR D 248 -53.54 -2.20 -15.60
C THR D 248 -52.15 -2.78 -15.77
N ILE D 249 -51.40 -2.89 -14.66
CA ILE D 249 -50.00 -3.16 -14.74
C ILE D 249 -49.64 -4.40 -13.98
N GLY D 250 -49.12 -5.38 -14.70
CA GLY D 250 -48.80 -6.69 -14.16
C GLY D 250 -47.42 -6.88 -13.57
N ASN D 251 -46.58 -7.61 -14.34
CA ASN D 251 -45.19 -7.93 -13.99
C ASN D 251 -44.31 -6.68 -14.09
N GLU D 252 -44.77 -5.80 -14.96
CA GLU D 252 -44.12 -4.55 -15.23
C GLU D 252 -44.02 -3.79 -13.94
N ARG D 253 -44.95 -4.01 -13.03
CA ARG D 253 -44.89 -3.41 -11.72
C ARG D 253 -43.61 -3.64 -10.97
N PHE D 254 -43.21 -4.92 -10.74
CA PHE D 254 -42.14 -5.18 -9.77
C PHE D 254 -40.75 -5.13 -10.41
N ARG D 255 -40.63 -5.42 -11.71
CA ARG D 255 -39.37 -5.26 -12.39
C ARG D 255 -38.94 -3.84 -12.41
N CYS D 256 -39.78 -2.83 -12.16
CA CYS D 256 -39.29 -1.49 -12.08
C CYS D 256 -38.25 -1.30 -10.99
N PRO D 257 -38.54 -1.66 -9.75
CA PRO D 257 -37.53 -1.53 -8.68
C PRO D 257 -36.41 -2.53 -8.80
N GLU D 258 -36.62 -3.59 -9.55
CA GLU D 258 -35.62 -4.61 -9.74
C GLU D 258 -34.37 -3.98 -10.25
N ALA D 259 -34.53 -2.87 -10.95
CA ALA D 259 -33.42 -2.18 -11.60
C ALA D 259 -32.34 -1.87 -10.60
N LEU D 260 -32.72 -1.52 -9.36
CA LEU D 260 -31.70 -1.22 -8.36
C LEU D 260 -30.74 -2.34 -8.20
N PHE D 261 -31.18 -3.55 -8.35
CA PHE D 261 -30.39 -4.73 -8.19
C PHE D 261 -29.83 -5.22 -9.54
N GLN D 262 -30.31 -4.71 -10.66
CA GLN D 262 -29.87 -5.19 -11.97
C GLN D 262 -29.80 -4.00 -12.85
N PRO D 263 -28.73 -3.21 -12.71
CA PRO D 263 -28.66 -2.00 -13.51
C PRO D 263 -28.43 -2.30 -14.95
N SER D 264 -28.16 -3.56 -15.31
CA SER D 264 -28.05 -3.94 -16.70
C SER D 264 -29.36 -3.66 -17.41
N PHE D 265 -30.46 -3.64 -16.65
CA PHE D 265 -31.75 -3.36 -17.23
C PHE D 265 -31.74 -1.97 -17.80
N LEU D 266 -31.18 -1.04 -17.04
CA LEU D 266 -30.98 0.36 -17.42
C LEU D 266 -29.85 0.48 -18.40
N GLY D 267 -28.89 -0.43 -18.39
CA GLY D 267 -27.87 -0.40 -19.43
C GLY D 267 -26.58 0.07 -18.86
N MET D 268 -26.53 0.31 -17.53
CA MET D 268 -25.33 0.72 -16.86
C MET D 268 -24.65 -0.51 -16.31
N GLU D 269 -23.33 -0.43 -16.28
CA GLU D 269 -22.45 -1.50 -15.75
C GLU D 269 -22.44 -1.45 -14.24
N SER D 270 -22.53 -0.22 -13.73
CA SER D 270 -22.42 0.06 -12.30
C SER D 270 -23.21 -0.97 -11.54
N CYS D 271 -22.58 -1.55 -10.52
CA CYS D 271 -23.15 -2.73 -9.87
C CYS D 271 -24.43 -2.33 -9.19
N GLY D 272 -25.23 -3.33 -8.88
CA GLY D 272 -26.43 -3.13 -8.10
C GLY D 272 -26.15 -2.62 -6.73
N ILE D 273 -27.18 -2.12 -6.05
CA ILE D 273 -27.03 -1.48 -4.77
C ILE D 273 -26.44 -2.38 -3.70
N HIS D 274 -26.84 -3.64 -3.66
CA HIS D 274 -26.30 -4.56 -2.68
C HIS D 274 -24.81 -4.77 -2.90
N GLU D 275 -24.41 -4.91 -4.16
CA GLU D 275 -22.99 -5.06 -4.46
C GLU D 275 -22.22 -3.82 -4.14
N THR D 276 -22.79 -2.64 -4.27
CA THR D 276 -22.16 -1.41 -3.89
C THR D 276 -21.98 -1.32 -2.40
N THR D 277 -22.95 -1.86 -1.66
CA THR D 277 -22.81 -1.93 -0.22
C THR D 277 -21.63 -2.80 0.16
N PHE D 278 -21.47 -3.96 -0.45
CA PHE D 278 -20.27 -4.78 -0.32
C PHE D 278 -19.06 -4.04 -0.74
N ASN D 279 -19.11 -3.28 -1.82
CA ASN D 279 -17.97 -2.52 -2.26
C ASN D 279 -17.56 -1.55 -1.15
N SER D 280 -18.54 -0.95 -0.44
CA SER D 280 -18.21 -0.03 0.63
C SER D 280 -17.58 -0.76 1.79
N ILE D 281 -18.29 -1.77 2.30
CA ILE D 281 -17.83 -2.53 3.44
C ILE D 281 -16.48 -3.13 3.20
N MET D 282 -16.23 -3.62 1.98
CA MET D 282 -14.98 -4.30 1.69
C MET D 282 -13.83 -3.34 1.71
N LYS D 283 -14.10 -2.07 1.43
CA LYS D 283 -13.09 -1.01 1.49
C LYS D 283 -12.69 -0.68 2.90
N CYS D 284 -13.54 -1.05 3.87
CA CYS D 284 -13.32 -0.70 5.27
C CYS D 284 -12.41 -1.69 5.95
N ASP D 285 -11.92 -1.29 7.13
CA ASP D 285 -10.96 -2.09 7.89
C ASP D 285 -11.63 -3.38 8.30
N VAL D 286 -10.84 -4.44 8.40
CA VAL D 286 -11.36 -5.76 8.62
C VAL D 286 -12.10 -5.82 9.94
N ASP D 287 -11.59 -5.09 10.94
CA ASP D 287 -12.10 -5.15 12.27
C ASP D 287 -13.57 -4.79 12.40
N ILE D 288 -13.94 -3.63 11.83
CA ILE D 288 -15.27 -3.04 12.04
C ILE D 288 -16.38 -3.71 11.26
N ARG D 289 -16.06 -4.39 10.16
CA ARG D 289 -17.08 -4.92 9.28
C ARG D 289 -18.19 -5.59 10.00
N LYS D 290 -17.91 -6.25 11.11
CA LYS D 290 -18.90 -7.13 11.76
C LYS D 290 -20.15 -6.33 12.03
N ASP D 291 -20.00 -5.13 12.54
CA ASP D 291 -21.14 -4.32 12.92
C ASP D 291 -21.74 -3.59 11.74
N LEU D 292 -20.94 -3.29 10.72
CA LEU D 292 -21.52 -2.71 9.51
C LEU D 292 -22.42 -3.64 8.80
N TYR D 293 -22.09 -4.93 8.75
CA TYR D 293 -22.96 -5.94 8.20
C TYR D 293 -24.27 -5.94 9.01
N ALA D 294 -24.14 -5.78 10.33
CA ALA D 294 -25.28 -5.81 11.17
C ALA D 294 -25.94 -4.48 11.29
N ASN D 295 -25.34 -3.37 10.92
CA ASN D 295 -26.06 -2.11 11.16
C ASN D 295 -26.43 -1.29 9.96
N THR D 296 -26.86 -1.88 8.87
CA THR D 296 -27.07 -1.17 7.64
C THR D 296 -28.32 -0.36 7.75
N VAL D 297 -28.24 0.94 7.54
CA VAL D 297 -29.42 1.78 7.65
C VAL D 297 -29.85 2.27 6.34
N LEU D 298 -31.13 2.15 6.01
CA LEU D 298 -31.63 2.62 4.72
C LEU D 298 -32.27 3.97 4.96
N SER D 299 -32.04 4.90 4.04
CA SER D 299 -32.70 6.17 4.09
C SER D 299 -33.13 6.62 2.71
N GLY D 300 -33.90 7.69 2.67
CA GLY D 300 -34.23 8.37 1.44
C GLY D 300 -35.51 7.80 0.84
N GLY D 301 -36.07 8.55 -0.10
CA GLY D 301 -37.42 8.30 -0.59
C GLY D 301 -37.47 6.96 -1.32
N THR D 302 -36.40 6.67 -2.08
CA THR D 302 -36.43 5.55 -3.00
C THR D 302 -36.00 4.27 -2.31
N THR D 303 -35.95 4.26 -0.98
CA THR D 303 -35.95 3.01 -0.25
C THR D 303 -37.32 2.62 0.26
N MET D 304 -38.34 3.45 0.01
CA MET D 304 -39.68 3.22 0.54
C MET D 304 -40.36 1.96 0.02
N TYR D 305 -40.01 1.48 -1.17
CA TYR D 305 -40.72 0.37 -1.78
C TYR D 305 -40.85 -0.81 -0.85
N PRO D 306 -42.07 -1.35 -0.79
CA PRO D 306 -42.21 -2.55 0.03
C PRO D 306 -41.31 -3.69 -0.42
N GLY D 307 -40.66 -4.31 0.56
CA GLY D 307 -39.85 -5.49 0.32
C GLY D 307 -38.39 -5.27 -0.02
N ILE D 308 -37.95 -4.02 -0.08
CA ILE D 308 -36.57 -3.73 -0.38
C ILE D 308 -35.63 -4.27 0.66
N ALA D 309 -35.98 -4.06 1.94
CA ALA D 309 -35.16 -4.48 3.07
C ALA D 309 -34.91 -5.97 2.95
N ASP D 310 -35.98 -6.73 2.72
CA ASP D 310 -35.90 -8.17 2.70
C ASP D 310 -34.96 -8.60 1.59
N ARG D 311 -35.11 -7.98 0.42
CA ARG D 311 -34.27 -8.42 -0.71
C ARG D 311 -32.81 -8.10 -0.42
N MET D 312 -32.57 -6.90 0.14
CA MET D 312 -31.20 -6.55 0.50
C MET D 312 -30.63 -7.53 1.48
N GLN D 313 -31.44 -7.98 2.44
CA GLN D 313 -31.02 -8.92 3.44
C GLN D 313 -30.62 -10.22 2.78
N LYS D 314 -31.47 -10.70 1.88
CA LYS D 314 -31.23 -11.98 1.25
C LYS D 314 -29.96 -11.90 0.41
N GLU D 315 -29.74 -10.78 -0.28
CA GLU D 315 -28.60 -10.71 -1.17
C GLU D 315 -27.32 -10.55 -0.40
N ILE D 316 -27.33 -9.68 0.60
CA ILE D 316 -26.13 -9.45 1.35
C ILE D 316 -25.72 -10.75 2.09
N THR D 317 -26.68 -11.37 2.75
CA THR D 317 -26.44 -12.60 3.45
C THR D 317 -25.88 -13.63 2.48
N ALA D 318 -26.43 -13.69 1.28
CA ALA D 318 -25.99 -14.66 0.29
C ALA D 318 -24.54 -14.44 -0.06
N LEU D 319 -24.18 -13.16 -0.28
CA LEU D 319 -22.81 -12.82 -0.67
C LEU D 319 -21.80 -12.94 0.43
N ALA D 320 -22.16 -12.49 1.64
CA ALA D 320 -21.27 -12.39 2.79
C ALA D 320 -21.00 -13.69 3.46
N PRO D 321 -20.04 -13.67 4.37
CA PRO D 321 -19.91 -14.79 5.32
C PRO D 321 -21.18 -14.96 6.13
N SER D 322 -21.77 -16.15 6.04
CA SER D 322 -22.84 -16.54 6.98
C SER D 322 -22.38 -16.81 8.41
N THR D 323 -21.10 -16.59 8.70
CA THR D 323 -20.55 -16.60 10.01
C THR D 323 -21.13 -15.53 10.93
N MET D 324 -21.53 -14.42 10.34
CA MET D 324 -22.06 -13.29 11.10
C MET D 324 -23.41 -12.91 10.52
N LYS D 325 -24.29 -12.50 11.43
CA LYS D 325 -25.66 -12.22 11.11
C LYS D 325 -25.68 -10.79 10.62
N ILE D 326 -26.44 -10.63 9.53
CA ILE D 326 -26.66 -9.40 8.81
C ILE D 326 -28.00 -8.77 9.03
N LYS D 327 -28.11 -7.96 10.06
CA LYS D 327 -29.36 -7.25 10.33
C LYS D 327 -29.36 -6.03 9.46
N ILE D 328 -30.52 -5.72 8.90
CA ILE D 328 -30.67 -4.45 8.22
C ILE D 328 -31.70 -3.68 8.93
N ILE D 329 -31.42 -2.42 9.25
CA ILE D 329 -32.36 -1.66 10.07
C ILE D 329 -32.93 -0.64 9.15
N ALA D 330 -34.20 -0.81 8.77
CA ALA D 330 -34.82 0.14 7.86
C ALA D 330 -36.10 0.59 8.50
N PRO D 331 -36.09 1.77 9.10
CA PRO D 331 -37.28 2.21 9.79
C PRO D 331 -38.32 2.64 8.76
N PRO D 332 -39.60 2.52 9.09
CA PRO D 332 -40.61 3.36 8.45
C PRO D 332 -40.44 4.79 8.97
N GLU D 333 -40.83 5.78 8.18
CA GLU D 333 -40.41 7.17 8.41
C GLU D 333 -38.99 7.39 7.95
N ARG D 334 -38.36 6.39 7.33
CA ARG D 334 -37.09 6.57 6.64
C ARG D 334 -37.05 7.72 5.62
N LYS D 335 -38.19 8.01 4.95
CA LYS D 335 -38.19 8.99 3.93
C LYS D 335 -37.63 10.29 4.45
N TYR D 336 -38.05 10.63 5.71
CA TYR D 336 -37.77 11.94 6.34
C TYR D 336 -36.50 11.92 7.20
N SER D 337 -35.76 10.81 7.13
CA SER D 337 -34.66 10.58 8.06
C SER D 337 -33.64 11.71 7.98
N VAL D 338 -33.34 12.18 6.78
CA VAL D 338 -32.35 13.20 6.63
C VAL D 338 -32.81 14.44 7.39
N TRP D 339 -34.06 14.83 7.15
CA TRP D 339 -34.56 16.05 7.75
C TRP D 339 -34.59 15.94 9.27
N ILE D 340 -34.99 14.76 9.76
CA ILE D 340 -35.02 14.57 11.20
C ILE D 340 -33.60 14.74 11.79
N GLY D 341 -32.65 14.11 11.12
CA GLY D 341 -31.27 14.20 11.52
C GLY D 341 -30.84 15.64 11.57
N GLY D 342 -31.27 16.43 10.60
CA GLY D 342 -30.94 17.86 10.60
C GLY D 342 -31.52 18.51 11.82
N SER D 343 -32.76 18.16 12.17
CA SER D 343 -33.43 18.75 13.32
C SER D 343 -32.61 18.47 14.59
N ILE D 344 -32.21 17.21 14.71
CA ILE D 344 -31.50 16.82 15.92
C ILE D 344 -30.13 17.53 15.97
N LEU D 345 -29.48 17.69 14.81
CA LEU D 345 -28.18 18.33 14.79
C LEU D 345 -28.30 19.74 15.15
N ALA D 346 -29.25 20.48 14.60
CA ALA D 346 -29.29 21.85 14.98
C ALA D 346 -29.71 22.06 16.41
N SER D 347 -30.43 21.08 16.99
CA SER D 347 -30.86 21.11 18.37
C SER D 347 -29.70 20.90 19.34
N LEU D 348 -28.61 20.33 18.84
CA LEU D 348 -27.49 20.01 19.73
C LEU D 348 -26.78 21.28 20.13
N SER D 349 -26.45 21.36 21.41
CA SER D 349 -25.86 22.58 21.97
C SER D 349 -24.46 22.88 21.39
N THR D 350 -23.60 21.88 21.44
CA THR D 350 -22.23 22.02 20.98
C THR D 350 -22.23 22.42 19.54
N PHE D 351 -23.17 21.88 18.76
CA PHE D 351 -23.22 22.17 17.32
C PHE D 351 -23.29 23.68 17.09
N GLN D 352 -23.93 24.37 18.05
CA GLN D 352 -24.15 25.80 17.96
C GLN D 352 -22.88 26.65 17.84
N GLN D 353 -21.70 26.05 18.03
CA GLN D 353 -20.47 26.71 17.79
C GLN D 353 -19.84 26.39 16.47
N MET D 354 -20.25 25.28 15.86
CA MET D 354 -19.71 24.84 14.57
C MET D 354 -20.34 25.49 13.35
N TRP D 355 -21.33 26.36 13.54
CA TRP D 355 -21.98 26.95 12.41
C TRP D 355 -20.93 27.69 11.60
N ILE D 356 -21.19 27.89 10.33
CA ILE D 356 -20.44 28.84 9.54
C ILE D 356 -21.14 30.15 9.78
N SER D 357 -20.40 31.10 10.35
CA SER D 357 -20.99 32.37 10.74
C SER D 357 -20.90 33.25 9.54
N LYS D 358 -21.90 34.16 9.43
CA LYS D 358 -21.92 35.20 8.42
C LYS D 358 -20.63 35.96 8.42
N GLN D 359 -20.16 36.31 9.62
CA GLN D 359 -18.96 37.10 9.82
C GLN D 359 -17.78 36.38 9.17
N GLU D 360 -17.68 35.09 9.50
CA GLU D 360 -16.55 34.27 9.04
C GLU D 360 -16.52 34.24 7.52
N TYR D 361 -17.69 34.01 6.94
CA TYR D 361 -17.82 34.06 5.48
C TYR D 361 -17.37 35.42 4.93
N ASP D 362 -17.81 36.52 5.54
CA ASP D 362 -17.50 37.81 4.99
C ASP D 362 -16.02 38.08 4.96
N GLU D 363 -15.29 37.67 5.99
CA GLU D 363 -13.85 37.78 6.00
C GLU D 363 -13.20 36.83 4.99
N SER D 364 -13.52 35.54 5.15
CA SER D 364 -12.81 34.45 4.46
C SER D 364 -13.31 33.95 3.09
N GLY D 365 -14.51 34.39 2.70
CA GLY D 365 -15.08 34.02 1.44
C GLY D 365 -15.89 32.75 1.45
N PRO D 366 -16.46 32.43 0.29
CA PRO D 366 -17.23 31.22 0.07
C PRO D 366 -16.47 29.92 0.14
N SER D 367 -15.16 29.94 -0.12
CA SER D 367 -14.38 28.74 -0.27
C SER D 367 -14.27 28.04 1.08
N ILE D 368 -14.55 28.78 2.15
CA ILE D 368 -14.37 28.23 3.48
C ILE D 368 -15.29 27.06 3.81
N VAL D 369 -16.18 26.66 2.88
CA VAL D 369 -17.12 25.63 3.19
C VAL D 369 -16.35 24.38 3.49
N HIS D 370 -15.37 24.05 2.67
CA HIS D 370 -14.65 22.78 2.79
C HIS D 370 -13.67 22.74 3.95
N ARG D 371 -13.01 23.87 4.13
CA ARG D 371 -12.13 24.12 5.26
C ARG D 371 -12.74 23.73 6.58
N LYS D 372 -13.95 24.22 6.84
CA LYS D 372 -14.53 24.00 8.15
C LYS D 372 -15.30 22.69 8.26
N CYS D 373 -16.25 22.47 7.36
CA CYS D 373 -17.13 21.35 7.49
C CYS D 373 -16.65 20.29 6.54
N PHE D 374 -17.11 19.07 6.82
CA PHE D 374 -16.94 17.92 5.96
C PHE D 374 -17.82 17.98 4.68
N GLU E 1 -2.84 2.01 57.76
CA GLU E 1 -2.58 0.56 57.48
C GLU E 1 -1.12 0.22 57.72
N GLU E 2 -0.89 -1.06 57.96
CA GLU E 2 0.47 -1.53 58.16
C GLU E 2 1.05 -1.92 56.82
N GLU E 3 2.36 -1.69 56.63
CA GLU E 3 3.09 -1.96 55.37
C GLU E 3 2.64 -1.19 54.09
N ILE E 4 1.45 -0.55 54.11
CA ILE E 4 0.92 0.26 53.03
C ILE E 4 0.59 -0.50 51.73
N ALA E 5 0.67 -1.81 51.78
CA ALA E 5 0.81 -2.56 50.57
C ALA E 5 2.01 -2.09 49.70
N ALA E 6 1.99 -2.42 48.43
CA ALA E 6 2.94 -1.88 47.45
C ALA E 6 2.41 -2.23 46.08
N LEU E 7 2.89 -1.55 45.06
CA LEU E 7 2.34 -1.71 43.73
C LEU E 7 3.39 -2.34 42.87
N VAL E 8 2.98 -3.14 41.91
CA VAL E 8 3.95 -3.78 41.04
C VAL E 8 3.53 -3.61 39.61
N ILE E 9 4.45 -3.19 38.75
CA ILE E 9 4.16 -3.15 37.32
C ILE E 9 5.23 -3.78 36.43
N ASP E 10 4.79 -4.69 35.56
CA ASP E 10 5.67 -5.31 34.60
C ASP E 10 5.28 -4.62 33.26
N ASN E 11 6.23 -3.85 32.75
CA ASN E 11 6.21 -3.42 31.37
C ASN E 11 7.39 -3.88 30.49
N GLY E 12 7.38 -5.15 30.12
CA GLY E 12 8.00 -5.53 28.80
C GLY E 12 6.99 -5.03 27.80
N SER E 13 7.43 -4.84 26.53
CA SER E 13 6.52 -4.42 25.49
C SER E 13 5.33 -5.35 25.48
N GLY E 14 4.20 -4.82 25.05
CA GLY E 14 3.03 -5.64 24.69
C GLY E 14 2.00 -5.59 25.76
N MET E 15 2.38 -5.88 26.99
CA MET E 15 1.37 -5.97 28.04
C MET E 15 1.80 -5.30 29.29
N CYS E 16 0.87 -4.59 29.92
CA CYS E 16 1.13 -4.06 31.25
C CYS E 16 0.49 -5.01 32.21
N LYS E 17 1.28 -5.52 33.15
CA LYS E 17 0.73 -6.48 34.12
C LYS E 17 0.91 -5.79 35.45
N ALA E 18 -0.19 -5.40 36.07
CA ALA E 18 -0.09 -4.56 37.25
C ALA E 18 -1.05 -5.06 38.31
N GLY E 19 -0.71 -4.76 39.56
CA GLY E 19 -1.56 -5.16 40.65
C GLY E 19 -0.88 -4.86 41.95
N PHE E 20 -1.52 -5.24 43.04
CA PHE E 20 -0.93 -5.07 44.35
C PHE E 20 0.10 -6.13 44.70
N ALA E 21 1.22 -5.68 45.21
CA ALA E 21 2.19 -6.57 45.80
C ALA E 21 1.53 -7.26 46.95
N GLY E 22 1.78 -8.55 47.11
CA GLY E 22 1.19 -9.28 48.20
C GLY E 22 0.00 -10.07 47.71
N ASP E 23 -0.15 -10.24 46.40
CA ASP E 23 -1.21 -11.04 45.87
C ASP E 23 -0.60 -11.97 44.84
N ASP E 24 -1.27 -13.08 44.60
CA ASP E 24 -0.74 -14.13 43.73
C ASP E 24 -1.00 -13.85 42.29
N ALA E 25 -1.94 -12.96 41.94
CA ALA E 25 -2.11 -12.57 40.56
C ALA E 25 -2.37 -11.08 40.48
N PRO E 26 -1.99 -10.48 39.37
CA PRO E 26 -2.24 -9.09 39.13
C PRO E 26 -3.70 -8.84 38.89
N ARG E 27 -4.15 -7.64 39.26
CA ARG E 27 -5.53 -7.24 39.00
C ARG E 27 -5.75 -6.91 37.57
N ALA E 28 -4.85 -6.09 37.02
CA ALA E 28 -5.10 -5.60 35.65
C ALA E 28 -4.00 -6.04 34.75
N VAL E 29 -4.37 -6.59 33.59
CA VAL E 29 -3.39 -6.94 32.57
C VAL E 29 -4.01 -6.56 31.25
N PHE E 30 -3.38 -5.63 30.53
CA PHE E 30 -3.97 -5.14 29.30
C PHE E 30 -2.86 -4.76 28.34
N PRO E 31 -3.21 -4.68 27.07
CA PRO E 31 -2.16 -4.42 26.09
C PRO E 31 -1.61 -3.02 26.16
N SER E 32 -0.30 -2.84 25.99
CA SER E 32 0.34 -1.54 26.11
C SER E 32 0.27 -0.90 24.77
N ILE E 33 -0.86 -0.28 24.47
CA ILE E 33 -1.04 0.27 23.16
C ILE E 33 -1.71 1.60 23.30
N VAL E 34 -1.30 2.54 22.46
CA VAL E 34 -1.88 3.86 22.39
C VAL E 34 -2.40 4.01 20.99
N GLY E 35 -3.72 3.91 20.85
CA GLY E 35 -4.30 4.05 19.54
C GLY E 35 -4.71 5.49 19.37
N ARG E 36 -4.56 5.99 18.15
CA ARG E 36 -4.97 7.34 17.83
C ARG E 36 -5.91 7.33 16.66
N PRO E 37 -6.86 8.21 16.70
CA PRO E 37 -7.82 8.31 15.62
C PRO E 37 -7.13 8.91 14.42
N ARG E 38 -6.84 8.04 13.48
CA ARG E 38 -6.23 8.37 12.18
C ARG E 38 -7.23 8.98 11.26
N HIS E 39 -8.47 8.47 11.28
CA HIS E 39 -9.52 9.10 10.45
C HIS E 39 -10.33 10.19 11.11
N GLN E 40 -10.46 11.33 10.42
CA GLN E 40 -11.16 12.48 10.98
C GLN E 40 -12.64 12.17 11.12
N GLY E 41 -13.15 12.37 12.32
CA GLY E 41 -14.51 11.98 12.62
C GLY E 41 -15.47 13.08 12.24
N VAL E 42 -16.65 12.68 11.76
CA VAL E 42 -17.68 13.63 11.43
C VAL E 42 -19.00 13.20 11.99
N MET E 43 -19.26 13.71 13.18
CA MET E 43 -20.55 13.72 13.85
C MET E 43 -20.45 14.96 14.76
N VAL E 44 -21.29 15.02 15.78
CA VAL E 44 -21.11 15.93 16.86
C VAL E 44 -21.43 15.15 18.13
N GLY E 45 -20.76 15.49 19.22
CA GLY E 45 -20.94 14.75 20.45
C GLY E 45 -20.28 13.39 20.31
N MET E 46 -19.15 13.37 19.61
CA MET E 46 -18.15 12.29 19.79
C MET E 46 -17.10 12.72 20.78
N GLY E 47 -16.59 11.75 21.53
CA GLY E 47 -15.33 11.86 22.26
C GLY E 47 -14.98 13.22 22.86
N GLN E 48 -14.02 13.98 22.29
CA GLN E 48 -13.26 13.61 21.07
C GLN E 48 -12.23 12.55 21.38
N LYS E 49 -11.59 12.69 22.55
CA LYS E 49 -10.56 11.77 23.07
C LYS E 49 -9.44 11.62 22.04
N ASP E 50 -8.35 12.35 22.26
CA ASP E 50 -7.23 12.40 21.40
C ASP E 50 -6.65 11.04 21.16
N SER E 51 -6.76 10.15 22.12
CA SER E 51 -6.28 8.81 21.89
C SER E 51 -6.82 7.88 22.88
N TYR E 52 -6.73 6.58 22.60
CA TYR E 52 -7.18 5.53 23.47
C TYR E 52 -6.02 4.65 23.91
N VAL E 53 -6.14 4.14 25.12
CA VAL E 53 -5.07 3.36 25.74
C VAL E 53 -5.66 2.13 26.34
N GLY E 54 -4.89 1.04 26.33
CA GLY E 54 -5.35 -0.26 26.86
C GLY E 54 -6.41 -0.89 26.04
N ASP E 55 -7.00 -1.96 26.57
CA ASP E 55 -7.92 -2.81 25.82
C ASP E 55 -9.12 -2.06 25.22
N GLU E 56 -9.26 -0.80 25.65
CA GLU E 56 -10.10 0.13 24.92
C GLU E 56 -9.71 0.17 23.45
N ALA E 57 -8.42 0.28 23.23
CA ALA E 57 -7.90 0.33 21.86
C ALA E 57 -8.21 -0.92 21.10
N GLN E 58 -8.10 -2.06 21.75
CA GLN E 58 -8.47 -3.34 21.12
C GLN E 58 -9.92 -3.34 20.69
N SER E 59 -10.76 -2.85 21.58
CA SER E 59 -12.21 -2.75 21.25
C SER E 59 -12.44 -1.85 20.01
N LYS E 60 -11.87 -0.66 20.00
CA LYS E 60 -12.07 0.25 18.87
C LYS E 60 -10.84 0.26 18.02
N ARG E 61 -10.55 -0.83 17.30
CA ARG E 61 -9.26 -1.06 16.60
C ARG E 61 -9.19 -0.40 15.20
N GLY E 62 -10.30 -0.56 14.49
CA GLY E 62 -10.34 -0.28 13.07
C GLY E 62 -10.02 1.15 12.74
N ILE E 63 -10.53 2.06 13.60
CA ILE E 63 -10.38 3.49 13.45
C ILE E 63 -8.95 3.90 13.77
N LEU E 64 -8.39 3.30 14.81
CA LEU E 64 -7.14 3.76 15.35
C LEU E 64 -6.01 3.20 14.59
N THR E 65 -4.89 3.89 14.67
CA THR E 65 -3.60 3.32 14.35
C THR E 65 -3.01 3.10 15.69
N LEU E 66 -2.37 1.95 15.83
CA LEU E 66 -1.86 1.61 17.14
C LEU E 66 -0.38 1.80 17.08
N LYS E 67 0.17 2.27 18.19
CA LYS E 67 1.56 2.42 18.33
C LYS E 67 1.92 1.77 19.65
N TYR E 68 2.74 0.74 19.58
CA TYR E 68 3.38 0.21 20.77
C TYR E 68 4.49 1.16 21.24
N PRO E 69 4.37 1.74 22.44
CA PRO E 69 5.36 2.70 22.88
C PRO E 69 6.70 2.06 23.25
N ILE E 70 6.70 0.77 23.59
CA ILE E 70 7.96 0.07 23.90
C ILE E 70 8.37 -0.86 22.76
N GLU E 71 9.60 -0.67 22.24
CA GLU E 71 10.19 -1.63 21.32
C GLU E 71 11.54 -2.13 21.72
N HIS E 72 11.65 -3.44 21.86
CA HIS E 72 12.90 -4.10 22.22
C HIS E 72 13.31 -3.72 23.63
N GLY E 73 12.32 -3.60 24.48
CA GLY E 73 12.54 -3.19 25.87
C GLY E 73 12.91 -1.73 26.02
N ILE E 74 12.98 -0.98 24.92
CA ILE E 74 13.27 0.43 24.97
C ILE E 74 11.98 1.20 24.80
N VAL E 75 11.75 2.24 25.59
CA VAL E 75 10.57 3.06 25.34
C VAL E 75 10.91 4.02 24.17
N THR E 76 10.18 3.85 23.09
CA THR E 76 10.31 4.81 21.98
C THR E 76 9.73 6.18 22.45
N ASN E 77 8.50 6.19 22.94
CA ASN E 77 7.79 7.41 23.15
C ASN E 77 7.31 7.49 24.57
N TRP E 78 7.80 8.52 25.29
CA TRP E 78 7.63 8.61 26.72
C TRP E 78 6.26 9.04 27.08
N ASP E 79 5.74 10.08 26.43
CA ASP E 79 4.38 10.55 26.79
C ASP E 79 3.39 9.41 26.70
N ASP E 80 3.60 8.53 25.71
CA ASP E 80 2.73 7.39 25.53
C ASP E 80 2.82 6.48 26.72
N MET E 81 4.05 6.20 27.16
CA MET E 81 4.24 5.35 28.33
C MET E 81 3.57 5.94 29.55
N GLU E 82 3.77 7.23 29.73
CA GLU E 82 3.14 7.93 30.85
C GLU E 82 1.66 7.72 30.76
N LYS E 83 1.08 7.84 29.57
CA LYS E 83 -0.36 7.67 29.40
C LYS E 83 -0.77 6.29 29.83
N ILE E 84 0.05 5.27 29.46
CA ILE E 84 -0.29 3.91 29.81
C ILE E 84 -0.29 3.74 31.30
N TRP E 85 0.74 4.27 31.97
CA TRP E 85 0.79 4.19 33.42
C TRP E 85 -0.38 4.90 34.06
N HIS E 86 -0.74 6.05 33.53
CA HIS E 86 -1.87 6.86 33.97
C HIS E 86 -3.10 5.94 33.99
N HIS E 87 -3.30 5.27 32.86
CA HIS E 87 -4.42 4.40 32.67
C HIS E 87 -4.40 3.26 33.74
N THR E 88 -3.22 2.72 33.97
CA THR E 88 -3.16 1.62 34.93
C THR E 88 -3.60 2.09 36.31
N PHE E 89 -3.01 3.20 36.77
CA PHE E 89 -3.32 3.62 38.11
C PHE E 89 -4.75 4.10 38.22
N TYR E 90 -5.13 5.09 37.40
CA TYR E 90 -6.45 5.67 37.56
C TYR E 90 -7.60 4.85 37.02
N ASN E 91 -7.46 4.35 35.78
CA ASN E 91 -8.50 3.55 35.19
C ASN E 91 -8.74 2.19 35.76
N GLU E 92 -7.72 1.43 36.16
CA GLU E 92 -7.93 0.11 36.67
C GLU E 92 -7.84 0.00 38.16
N LEU E 93 -6.68 0.35 38.71
CA LEU E 93 -6.36 0.09 40.13
C LEU E 93 -7.07 1.10 41.00
N ARG E 94 -7.23 2.33 40.54
CA ARG E 94 -7.88 3.33 41.32
C ARG E 94 -7.10 3.59 42.60
N VAL E 95 -5.82 3.87 42.41
CA VAL E 95 -4.92 4.18 43.51
C VAL E 95 -4.28 5.54 43.29
N ALA E 96 -3.90 6.18 44.40
CA ALA E 96 -3.08 7.36 44.36
C ALA E 96 -1.71 6.87 44.61
N PRO E 97 -0.81 7.02 43.65
CA PRO E 97 0.51 6.48 43.79
C PRO E 97 1.30 7.10 44.92
N GLU E 98 0.98 8.33 45.33
CA GLU E 98 1.42 8.85 46.61
C GLU E 98 1.24 7.91 47.78
N GLU E 99 0.22 7.06 47.74
CA GLU E 99 -0.06 6.15 48.82
C GLU E 99 0.57 4.77 48.66
N HIS E 100 1.48 4.52 47.74
CA HIS E 100 2.08 3.22 47.53
C HIS E 100 3.45 3.34 46.92
N PRO E 101 4.35 2.48 47.34
CA PRO E 101 5.64 2.34 46.73
C PRO E 101 5.39 1.54 45.47
N VAL E 102 6.10 1.84 44.38
CA VAL E 102 5.85 1.11 43.19
C VAL E 102 7.10 0.44 42.67
N LEU E 103 6.91 -0.81 42.27
CA LEU E 103 8.01 -1.59 41.68
C LEU E 103 7.83 -1.64 40.21
N LEU E 104 8.88 -1.33 39.43
CA LEU E 104 8.85 -1.57 38.00
C LEU E 104 9.84 -2.65 37.58
N THR E 105 9.45 -3.41 36.59
CA THR E 105 10.32 -4.37 35.97
C THR E 105 11.05 -3.65 34.84
N GLU E 106 12.10 -4.29 34.37
CA GLU E 106 12.85 -3.76 33.23
C GLU E 106 13.85 -4.84 32.78
N ALA E 107 14.20 -4.81 31.51
CA ALA E 107 14.93 -5.89 30.89
C ALA E 107 16.39 -5.68 31.12
N PRO E 108 17.16 -6.74 31.11
CA PRO E 108 18.62 -6.64 31.16
C PRO E 108 19.34 -5.99 29.99
N LEU E 109 20.57 -5.56 30.22
CA LEU E 109 21.43 -5.00 29.22
C LEU E 109 20.81 -3.79 28.50
N ASN E 110 19.87 -3.14 29.15
CA ASN E 110 18.98 -2.22 28.50
C ASN E 110 19.65 -0.90 28.73
N PRO E 111 19.42 0.03 27.83
CA PRO E 111 19.96 1.37 28.02
C PRO E 111 19.68 2.04 29.35
N LYS E 112 20.68 2.80 29.80
CA LYS E 112 20.64 3.46 31.09
C LYS E 112 19.47 4.41 31.11
N ALA E 113 19.30 5.12 29.98
CA ALA E 113 18.38 6.20 29.85
C ALA E 113 17.01 5.74 30.26
N ASN E 114 16.68 4.49 29.92
CA ASN E 114 15.36 3.97 30.21
C ASN E 114 15.15 3.87 31.69
N ARG E 115 16.16 3.37 32.40
CA ARG E 115 15.97 3.22 33.87
C ARG E 115 15.89 4.64 34.44
N GLU E 116 16.86 5.48 34.05
CA GLU E 116 16.99 6.79 34.65
C GLU E 116 15.70 7.59 34.39
N LYS E 117 15.34 7.60 33.10
CA LYS E 117 14.16 8.37 32.72
C LYS E 117 12.91 7.81 33.32
N MET E 118 12.83 6.49 33.41
CA MET E 118 11.71 5.81 34.12
C MET E 118 11.54 6.35 35.54
N THR E 119 12.61 6.37 36.31
CA THR E 119 12.59 6.90 37.64
C THR E 119 12.21 8.34 37.67
N GLN E 120 12.75 9.12 36.74
CA GLN E 120 12.42 10.53 36.63
C GLN E 120 10.92 10.73 36.52
N ILE E 121 10.29 9.94 35.64
CA ILE E 121 8.86 9.97 35.57
C ILE E 121 8.18 9.61 36.86
N MET E 122 8.49 8.48 37.42
CA MET E 122 7.77 8.03 38.59
C MET E 122 7.80 9.03 39.71
N PHE E 123 8.91 9.74 39.89
CA PHE E 123 8.96 10.75 40.92
C PHE E 123 8.29 12.00 40.48
N GLU E 124 8.59 12.48 39.26
CA GLU E 124 8.06 13.78 38.86
C GLU E 124 6.87 13.74 37.91
N THR E 125 6.12 12.63 37.91
CA THR E 125 4.85 12.62 37.27
C THR E 125 3.79 12.20 38.29
N PHE E 126 3.88 10.95 38.71
CA PHE E 126 2.96 10.40 39.73
C PHE E 126 3.74 10.54 41.00
N ASN E 127 3.44 11.52 41.83
CA ASN E 127 4.19 11.69 43.09
C ASN E 127 4.07 10.42 43.95
N THR E 128 5.20 9.85 44.32
CA THR E 128 5.21 8.55 44.90
C THR E 128 6.28 8.52 45.92
N PRO E 129 6.06 7.79 47.04
CA PRO E 129 6.99 7.82 48.13
C PRO E 129 8.28 7.08 47.79
N ALA E 130 8.16 5.99 47.06
CA ALA E 130 9.32 5.18 46.78
C ALA E 130 9.06 4.29 45.59
N MET E 131 10.18 3.84 45.00
CA MET E 131 10.08 2.98 43.86
C MET E 131 11.32 2.16 43.72
N TYR E 132 11.24 1.14 42.84
CA TYR E 132 12.43 0.34 42.55
C TYR E 132 12.34 -0.11 41.13
N VAL E 133 13.47 -0.34 40.47
CA VAL E 133 13.41 -0.87 39.11
C VAL E 133 14.24 -2.12 39.08
N ALA E 134 13.67 -3.23 38.60
CA ALA E 134 14.22 -4.54 38.89
C ALA E 134 14.33 -5.32 37.59
N ILE E 135 15.25 -6.28 37.58
CA ILE E 135 15.51 -7.05 36.37
C ILE E 135 14.42 -8.08 36.26
N GLN E 136 13.91 -8.24 35.05
CA GLN E 136 12.81 -9.14 34.80
C GLN E 136 13.12 -10.59 35.20
N ALA E 137 14.30 -11.07 34.85
CA ALA E 137 14.54 -12.51 34.92
C ALA E 137 14.52 -12.97 36.37
N VAL E 138 15.23 -12.21 37.20
CA VAL E 138 15.38 -12.48 38.63
C VAL E 138 13.98 -12.69 39.25
N LEU E 139 13.07 -11.79 38.89
CA LEU E 139 11.75 -11.82 39.44
C LEU E 139 11.09 -13.13 39.12
N SER E 140 11.20 -13.57 37.88
CA SER E 140 10.60 -14.85 37.51
C SER E 140 11.23 -15.98 38.26
N LEU E 141 12.55 -15.90 38.50
CA LEU E 141 13.22 -16.95 39.25
C LEU E 141 12.65 -17.02 40.63
N TYR E 142 12.38 -15.87 41.27
CA TYR E 142 11.75 -15.85 42.59
C TYR E 142 10.40 -16.50 42.50
N ALA E 143 9.63 -16.10 41.52
CA ALA E 143 8.26 -16.62 41.34
C ALA E 143 8.29 -18.11 41.25
N SER E 144 9.33 -18.69 40.63
CA SER E 144 9.44 -20.14 40.52
C SER E 144 9.88 -20.74 41.83
N GLY E 145 10.33 -19.93 42.79
CA GLY E 145 10.67 -20.46 44.09
C GLY E 145 11.95 -21.25 44.17
N ARG E 146 12.83 -21.00 43.20
CA ARG E 146 14.14 -21.62 43.11
C ARG E 146 15.16 -20.55 43.26
N THR E 147 16.29 -20.93 43.87
CA THR E 147 17.42 -20.04 44.21
C THR E 147 18.45 -20.01 43.08
N THR E 148 18.34 -20.97 42.18
CA THR E 148 19.37 -21.15 41.16
C THR E 148 18.74 -21.60 39.88
N GLY E 149 19.24 -21.08 38.76
CA GLY E 149 18.68 -21.45 37.47
C GLY E 149 19.12 -20.48 36.42
N ILE E 150 18.84 -20.79 35.16
CA ILE E 150 19.18 -19.91 34.10
C ILE E 150 17.83 -19.57 33.53
N VAL E 151 17.46 -18.31 33.65
CA VAL E 151 16.12 -17.89 33.31
C VAL E 151 16.19 -17.37 31.92
N MET E 152 15.46 -18.04 31.07
CA MET E 152 15.20 -17.67 29.68
C MET E 152 13.94 -16.84 29.64
N ASP E 153 14.14 -15.57 29.41
CA ASP E 153 13.08 -14.56 29.51
C ASP E 153 12.87 -14.02 28.11
N SER E 154 11.72 -14.30 27.55
CA SER E 154 11.39 -13.74 26.25
C SER E 154 10.02 -13.26 26.38
N GLY E 155 9.88 -11.95 26.30
CA GLY E 155 8.58 -11.35 26.17
C GLY E 155 8.26 -10.97 24.72
N ASP E 156 7.38 -9.99 24.56
CA ASP E 156 7.10 -9.43 23.28
C ASP E 156 8.23 -8.48 22.97
N GLY E 157 8.81 -7.87 24.00
CA GLY E 157 9.90 -6.88 23.81
C GLY E 157 11.14 -7.44 23.19
N VAL E 158 11.95 -8.06 24.04
CA VAL E 158 13.13 -8.78 23.60
C VAL E 158 13.35 -9.98 24.49
N THR E 159 14.17 -10.93 24.01
CA THR E 159 14.59 -12.07 24.74
C THR E 159 15.90 -11.89 25.51
N HIS E 160 15.93 -12.47 26.68
CA HIS E 160 16.99 -12.23 27.65
C HIS E 160 17.29 -13.53 28.35
N THR E 161 18.48 -13.58 28.90
CA THR E 161 18.98 -14.82 29.51
C THR E 161 19.91 -14.49 30.63
N VAL E 162 19.54 -14.88 31.83
CA VAL E 162 20.36 -14.52 33.01
C VAL E 162 20.56 -15.72 33.88
N PRO E 163 21.78 -16.21 33.93
CA PRO E 163 22.10 -17.31 34.78
C PRO E 163 22.27 -16.83 36.18
N ILE E 164 21.79 -17.60 37.17
CA ILE E 164 21.88 -17.19 38.55
C ILE E 164 22.29 -18.39 39.36
N TYR E 165 23.20 -18.23 40.30
CA TYR E 165 23.57 -19.36 41.11
C TYR E 165 23.47 -18.95 42.53
N GLU E 166 22.62 -19.63 43.29
CA GLU E 166 22.56 -19.45 44.76
C GLU E 166 22.35 -17.98 45.08
N GLY E 167 21.37 -17.39 44.42
CA GLY E 167 21.34 -15.93 44.30
C GLY E 167 22.53 -15.57 43.44
N TYR E 168 23.35 -14.65 43.88
CA TYR E 168 24.35 -14.09 42.99
C TYR E 168 23.89 -13.80 41.54
N ALA E 169 24.72 -13.90 40.50
CA ALA E 169 24.35 -13.37 39.17
C ALA E 169 25.63 -13.15 38.44
N LEU E 170 25.62 -13.38 37.14
CA LEU E 170 26.89 -13.31 36.38
C LEU E 170 26.71 -12.33 35.29
N PRO E 171 27.22 -11.11 35.43
CA PRO E 171 27.09 -10.09 34.43
C PRO E 171 27.61 -10.42 33.06
N HIS E 172 28.79 -11.04 32.99
CA HIS E 172 29.41 -11.36 31.73
C HIS E 172 28.59 -12.37 31.00
N ALA E 173 27.97 -13.29 31.77
CA ALA E 173 27.18 -14.42 31.30
C ALA E 173 25.81 -14.03 30.81
N ILE E 174 25.24 -12.92 31.30
CA ILE E 174 23.94 -12.49 30.85
C ILE E 174 23.88 -12.25 29.35
N LEU E 175 22.84 -12.77 28.69
CA LEU E 175 22.83 -12.64 27.24
C LEU E 175 21.53 -12.01 26.85
N ARG E 176 21.54 -11.18 25.79
CA ARG E 176 20.28 -10.57 25.35
C ARG E 176 20.22 -10.70 23.83
N LEU E 177 19.16 -11.32 23.36
CA LEU E 177 19.01 -11.76 21.97
C LEU E 177 17.85 -11.01 21.39
N ASP E 178 18.06 -10.36 20.26
CA ASP E 178 16.95 -9.60 19.64
C ASP E 178 15.97 -10.48 18.80
N LEU E 179 15.09 -11.15 19.52
CA LEU E 179 13.98 -11.83 18.95
C LEU E 179 12.90 -11.60 19.94
N ALA E 180 11.66 -11.74 19.54
CA ALA E 180 10.52 -11.48 20.40
C ALA E 180 9.27 -12.03 19.79
N GLY E 181 8.19 -11.99 20.54
CA GLY E 181 6.84 -12.25 20.04
C GLY E 181 6.55 -11.32 18.86
N ARG E 182 6.96 -10.07 18.98
CA ARG E 182 6.64 -9.12 17.94
C ARG E 182 7.34 -9.47 16.64
N ASP E 183 8.58 -9.94 16.74
CA ASP E 183 9.30 -10.34 15.52
C ASP E 183 8.67 -11.56 14.92
N LEU E 184 8.19 -12.49 15.74
CA LEU E 184 7.48 -13.64 15.24
C LEU E 184 6.21 -13.23 14.50
N THR E 185 5.51 -12.27 15.04
CA THR E 185 4.31 -11.76 14.43
C THR E 185 4.65 -11.18 13.08
N ASP E 186 5.70 -10.37 13.01
CA ASP E 186 6.09 -9.78 11.72
C ASP E 186 6.43 -10.85 10.72
N TYR E 187 7.14 -11.90 11.17
CA TYR E 187 7.46 -13.04 10.33
C TYR E 187 6.18 -13.70 9.87
N LEU E 188 5.25 -13.86 10.80
CA LEU E 188 4.05 -14.66 10.53
C LEU E 188 3.20 -13.99 9.45
N MET E 189 2.91 -12.71 9.61
CA MET E 189 2.15 -11.99 8.60
C MET E 189 2.84 -12.11 7.26
N LYS E 190 4.17 -12.12 7.25
CA LYS E 190 4.91 -12.35 6.00
C LYS E 190 4.59 -13.72 5.40
N ILE E 191 4.61 -14.73 6.23
CA ILE E 191 4.45 -16.11 5.77
C ILE E 191 3.02 -16.46 5.32
N LEU E 192 2.04 -15.72 5.83
CA LEU E 192 0.66 -15.90 5.46
C LEU E 192 0.52 -15.48 3.99
N THR E 193 1.27 -14.49 3.57
CA THR E 193 1.05 -13.83 2.34
C THR E 193 1.23 -14.78 1.20
N GLU E 194 2.06 -15.81 1.40
CA GLU E 194 2.24 -16.85 0.39
C GLU E 194 0.98 -17.71 0.18
N ARG E 195 0.07 -17.67 1.15
CA ARG E 195 -1.21 -18.33 1.09
C ARG E 195 -2.30 -17.42 0.53
N GLY E 196 -2.04 -16.12 0.41
CA GLY E 196 -3.01 -15.27 -0.22
C GLY E 196 -3.52 -14.25 0.75
N TYR E 197 -3.42 -14.54 2.04
CA TYR E 197 -3.98 -13.69 3.05
C TYR E 197 -3.01 -12.58 3.28
N SER E 198 -3.51 -11.36 3.17
CA SER E 198 -2.64 -10.19 3.25
C SER E 198 -3.10 -9.29 4.38
N PHE E 199 -2.25 -9.12 5.37
CA PHE E 199 -2.56 -8.34 6.54
C PHE E 199 -1.56 -7.18 6.62
N THR E 200 -2.02 -5.98 6.23
CA THR E 200 -1.09 -4.88 5.90
C THR E 200 -1.00 -3.81 6.99
N THR E 201 -1.86 -3.91 7.99
CA THR E 201 -2.17 -2.78 8.89
C THR E 201 -2.17 -3.21 10.37
N THR E 202 -1.98 -2.21 11.23
CA THR E 202 -1.68 -2.44 12.61
C THR E 202 -2.81 -3.17 13.24
N ALA E 203 -4.02 -2.71 12.93
CA ALA E 203 -5.24 -3.42 13.38
C ALA E 203 -5.17 -4.92 13.26
N GLU E 204 -5.05 -5.37 12.01
CA GLU E 204 -5.04 -6.81 11.75
C GLU E 204 -3.71 -7.49 12.11
N ARG E 205 -2.68 -6.68 12.27
CA ARG E 205 -1.43 -7.22 12.84
C ARG E 205 -1.72 -7.83 14.21
N GLU E 206 -2.57 -7.16 14.95
CA GLU E 206 -2.99 -7.72 16.23
C GLU E 206 -3.85 -8.94 16.00
N ILE E 207 -4.63 -9.04 14.92
CA ILE E 207 -5.37 -10.25 14.66
C ILE E 207 -4.39 -11.39 14.48
N VAL E 208 -3.30 -11.17 13.76
CA VAL E 208 -2.37 -12.30 13.64
C VAL E 208 -1.67 -12.59 14.91
N ARG E 209 -1.42 -11.57 15.73
CA ARG E 209 -0.91 -11.82 17.07
C ARG E 209 -1.84 -12.80 17.81
N ASP E 210 -3.13 -12.57 17.67
CA ASP E 210 -4.11 -13.43 18.33
C ASP E 210 -4.02 -14.85 17.80
N ILE E 211 -3.87 -15.00 16.48
CA ILE E 211 -3.76 -16.29 15.87
C ILE E 211 -2.54 -17.01 16.44
N LYS E 212 -1.44 -16.32 16.49
CA LYS E 212 -0.23 -16.95 16.96
C LYS E 212 -0.39 -17.38 18.40
N GLU E 213 -1.02 -16.52 19.21
CA GLU E 213 -1.29 -16.85 20.61
C GLU E 213 -2.12 -18.10 20.82
N LYS E 214 -2.83 -18.59 19.80
CA LYS E 214 -3.34 -19.95 19.92
C LYS E 214 -2.88 -20.99 18.90
N LEU E 215 -3.17 -20.76 17.65
CA LEU E 215 -2.85 -21.77 16.60
C LEU E 215 -1.45 -22.23 16.46
N CYS E 216 -0.45 -21.38 16.62
CA CYS E 216 0.95 -21.77 16.41
C CYS E 216 1.46 -22.70 17.45
N TYR E 217 2.38 -23.62 17.09
CA TYR E 217 2.99 -24.50 18.06
C TYR E 217 4.37 -24.86 17.55
N VAL E 218 5.22 -25.40 18.42
CA VAL E 218 6.58 -25.70 18.04
C VAL E 218 6.72 -27.17 17.79
N ALA E 219 7.35 -27.44 16.67
CA ALA E 219 7.71 -28.81 16.29
C ALA E 219 8.75 -29.48 17.15
N LEU E 220 8.48 -30.73 17.48
CA LEU E 220 9.46 -31.56 18.19
C LEU E 220 10.52 -32.09 17.23
N ASP E 221 10.25 -32.07 15.94
CA ASP E 221 11.29 -32.00 14.94
C ASP E 221 10.70 -31.27 13.76
N PHE E 222 11.34 -30.15 13.35
CA PHE E 222 10.83 -29.29 12.32
C PHE E 222 10.66 -30.02 10.99
N GLU E 223 11.71 -30.69 10.54
CA GLU E 223 11.69 -31.29 9.21
C GLU E 223 10.67 -32.37 9.14
N GLN E 224 10.47 -33.14 10.21
CA GLN E 224 9.51 -34.22 10.21
C GLN E 224 8.12 -33.68 10.03
N GLU E 225 7.81 -32.65 10.83
CA GLU E 225 6.48 -32.05 10.75
C GLU E 225 6.27 -31.41 9.40
N MET E 226 7.29 -30.78 8.85
CA MET E 226 7.16 -30.18 7.54
C MET E 226 6.98 -31.25 6.49
N ALA E 227 7.60 -32.42 6.67
CA ALA E 227 7.43 -33.52 5.74
C ALA E 227 5.98 -33.97 5.75
N THR E 228 5.44 -34.14 6.98
CA THR E 228 4.06 -34.60 7.16
C THR E 228 3.04 -33.56 6.72
N ALA E 229 3.43 -32.28 6.60
CA ALA E 229 2.60 -31.33 5.87
C ALA E 229 2.21 -31.72 4.49
N ALA E 230 2.88 -32.66 3.83
CA ALA E 230 2.43 -33.11 2.53
C ALA E 230 0.98 -33.58 2.58
N SER E 231 0.70 -34.47 3.51
CA SER E 231 -0.67 -35.00 3.68
C SER E 231 -1.35 -34.21 4.74
N SER E 232 -2.03 -33.13 4.34
CA SER E 232 -2.57 -32.14 5.32
C SER E 232 -3.87 -32.62 5.90
N SER E 233 -3.89 -32.81 7.22
CA SER E 233 -5.06 -33.31 7.90
C SER E 233 -5.21 -32.52 9.16
N SER E 234 -4.37 -32.80 10.15
CA SER E 234 -4.36 -32.12 11.44
C SER E 234 -3.62 -30.79 11.46
N LEU E 235 -2.65 -30.59 10.57
CA LEU E 235 -1.83 -29.41 10.61
C LEU E 235 -2.56 -28.19 10.10
N GLU E 236 -3.65 -28.39 9.38
CA GLU E 236 -4.47 -27.24 9.00
C GLU E 236 -5.50 -26.93 10.05
N LYS E 237 -5.71 -25.67 10.31
CA LYS E 237 -6.75 -25.28 11.21
C LYS E 237 -7.50 -24.08 10.63
N SER E 238 -8.81 -24.17 10.69
CA SER E 238 -9.63 -23.05 10.38
C SER E 238 -9.56 -22.06 11.52
N TYR E 239 -9.40 -20.81 11.12
CA TYR E 239 -9.51 -19.68 12.05
C TYR E 239 -10.55 -18.71 11.51
N GLU E 240 -11.27 -18.10 12.43
CA GLU E 240 -12.34 -17.16 12.08
C GLU E 240 -11.83 -15.79 12.34
N LEU E 241 -11.90 -14.87 11.34
CA LEU E 241 -11.53 -13.50 11.57
C LEU E 241 -12.72 -12.78 12.09
N PRO E 242 -12.49 -11.60 12.66
CA PRO E 242 -13.63 -10.80 13.10
C PRO E 242 -14.48 -10.35 11.94
N ASP E 243 -13.92 -10.24 10.74
CA ASP E 243 -14.60 -9.85 9.55
C ASP E 243 -15.60 -10.94 9.16
N GLY E 244 -15.33 -12.19 9.57
CA GLY E 244 -16.22 -13.25 9.20
C GLY E 244 -15.56 -14.14 8.19
N GLN E 245 -14.39 -13.70 7.70
CA GLN E 245 -13.62 -14.45 6.75
C GLN E 245 -13.00 -15.59 7.53
N VAL E 246 -12.66 -16.65 6.81
CA VAL E 246 -12.08 -17.83 7.40
C VAL E 246 -10.70 -18.04 6.81
N ILE E 247 -9.77 -18.39 7.67
CA ILE E 247 -8.38 -18.59 7.24
C ILE E 247 -8.02 -20.03 7.50
N THR E 248 -7.16 -20.63 6.70
CA THR E 248 -6.82 -22.00 6.88
C THR E 248 -5.31 -22.16 6.74
N ILE E 249 -4.65 -22.48 7.87
CA ILE E 249 -3.22 -22.36 7.94
C ILE E 249 -2.60 -23.70 8.29
N GLY E 250 -1.77 -24.20 7.40
CA GLY E 250 -1.15 -25.51 7.54
C GLY E 250 0.18 -25.58 8.24
N ASN E 251 1.24 -25.77 7.42
CA ASN E 251 2.64 -25.88 7.85
C ASN E 251 3.15 -24.52 8.32
N GLU E 252 2.55 -23.51 7.73
CA GLU E 252 2.83 -22.13 8.03
C GLU E 252 2.61 -21.92 9.53
N ARG E 253 1.70 -22.66 10.10
CA ARG E 253 1.49 -22.60 11.53
C ARG E 253 2.78 -22.77 12.31
N PHE E 254 3.46 -23.92 12.20
CA PHE E 254 4.49 -24.28 13.18
C PHE E 254 5.86 -23.68 12.85
N ARG E 255 6.17 -23.46 11.55
CA ARG E 255 7.37 -22.78 11.20
C ARG E 255 7.43 -21.39 11.75
N CYS E 256 6.33 -20.77 12.18
CA CYS E 256 6.45 -19.48 12.80
C CYS E 256 7.30 -19.47 14.04
N PRO E 257 7.01 -20.33 15.03
CA PRO E 257 7.86 -20.40 16.22
C PRO E 257 9.20 -21.02 15.96
N GLU E 258 9.32 -21.77 14.86
CA GLU E 258 10.58 -22.37 14.49
C GLU E 258 11.66 -21.32 14.44
N ALA E 259 11.26 -20.09 14.15
CA ALA E 259 12.19 -19.00 13.96
C ALA E 259 13.07 -18.85 15.18
N LEU E 260 12.53 -19.06 16.36
CA LEU E 260 13.34 -18.93 17.58
C LEU E 260 14.56 -19.79 17.51
N PHE E 261 14.47 -20.92 16.87
CA PHE E 261 15.51 -21.87 16.75
C PHE E 261 16.29 -21.70 15.42
N GLN E 262 15.79 -20.91 14.49
CA GLN E 262 16.46 -20.77 13.20
C GLN E 262 16.29 -19.38 12.78
N PRO E 263 17.09 -18.48 13.38
CA PRO E 263 16.86 -17.05 13.06
C PRO E 263 17.27 -16.73 11.68
N SER E 264 17.89 -17.66 10.95
CA SER E 264 18.20 -17.47 9.54
C SER E 264 16.93 -17.26 8.77
N PHE E 265 15.80 -17.75 9.31
CA PHE E 265 14.52 -17.56 8.66
C PHE E 265 14.19 -16.09 8.55
N LEU E 266 14.43 -15.41 9.66
CA LEU E 266 14.27 -13.97 9.81
C LEU E 266 15.41 -13.25 9.14
N GLY E 267 16.59 -13.87 9.03
CA GLY E 267 17.64 -13.24 8.25
C GLY E 267 18.70 -12.73 9.17
N MET E 268 18.58 -12.98 10.47
CA MET E 268 19.57 -12.60 11.45
C MET E 268 20.52 -13.77 11.64
N GLU E 269 21.76 -13.42 11.92
CA GLU E 269 22.85 -14.38 12.19
C GLU E 269 22.73 -14.88 13.62
N SER E 270 22.28 -13.98 14.48
CA SER E 270 22.19 -14.23 15.92
C SER E 270 21.66 -15.63 16.14
N CYS E 271 22.35 -16.38 16.99
CA CYS E 271 22.06 -17.81 17.10
C CYS E 271 20.69 -17.97 17.68
N GLY E 272 20.16 -19.18 17.49
CA GLY E 272 18.90 -19.56 18.07
C GLY E 272 18.93 -19.56 19.56
N ILE E 273 17.74 -19.59 20.17
CA ILE E 273 17.62 -19.47 21.60
C ILE E 273 18.36 -20.53 22.40
N HIS E 274 18.32 -21.77 21.94
CA HIS E 274 19.01 -22.84 22.62
C HIS E 274 20.51 -22.60 22.62
N GLU E 275 21.03 -22.16 21.47
CA GLU E 275 22.46 -21.86 21.37
C GLU E 275 22.83 -20.69 22.23
N THR E 276 21.96 -19.72 22.41
CA THR E 276 22.19 -18.60 23.29
C THR E 276 22.22 -19.04 24.71
N THR E 277 21.41 -20.03 25.06
CA THR E 277 21.47 -20.61 26.39
C THR E 277 22.83 -21.25 26.65
N PHE E 278 23.31 -22.03 25.71
CA PHE E 278 24.68 -22.53 25.75
C PHE E 278 25.68 -21.45 25.78
N ASN E 279 25.50 -20.39 25.03
CA ASN E 279 26.42 -19.26 25.09
C ASN E 279 26.47 -18.73 26.52
N SER E 280 25.32 -18.68 27.21
CA SER E 280 25.30 -18.17 28.56
C SER E 280 26.02 -19.13 29.47
N ILE E 281 25.61 -20.39 29.44
CA ILE E 281 26.12 -21.39 30.36
C ILE E 281 27.60 -21.55 30.19
N MET E 282 28.07 -21.47 28.94
CA MET E 282 29.49 -21.71 28.67
C MET E 282 30.32 -20.59 29.20
N LYS E 283 29.75 -19.39 29.32
CA LYS E 283 30.41 -18.24 29.89
C LYS E 283 30.57 -18.37 31.38
N CYS E 284 29.81 -19.26 32.01
CA CYS E 284 29.82 -19.42 33.46
C CYS E 284 30.91 -20.38 33.91
N ASP E 285 31.18 -20.33 35.22
CA ASP E 285 32.26 -21.10 35.80
C ASP E 285 31.92 -22.58 35.63
N VAL E 286 32.96 -23.38 35.52
CA VAL E 286 32.81 -24.77 35.20
C VAL E 286 32.02 -25.46 36.29
N ASP E 287 32.23 -25.06 37.53
CA ASP E 287 31.66 -25.71 38.67
C ASP E 287 30.14 -25.77 38.68
N ILE E 288 29.49 -24.61 38.48
CA ILE E 288 28.05 -24.46 38.63
C ILE E 288 27.23 -25.02 37.51
N ARG E 289 27.82 -25.18 36.32
CA ARG E 289 27.06 -25.54 35.13
C ARG E 289 26.10 -26.66 35.38
N LYS E 290 26.47 -27.62 36.24
CA LYS E 290 25.71 -28.86 36.37
C LYS E 290 24.28 -28.50 36.68
N ASP E 291 24.06 -27.58 37.60
CA ASP E 291 22.72 -27.26 38.03
C ASP E 291 22.03 -26.32 37.07
N LEU E 292 22.79 -25.46 36.36
CA LEU E 292 22.17 -24.63 35.37
C LEU E 292 21.59 -25.40 34.23
N TYR E 293 22.27 -26.48 33.80
CA TYR E 293 21.74 -27.37 32.79
C TYR E 293 20.42 -27.96 33.30
N ALA E 294 20.38 -28.29 34.60
CA ALA E 294 19.24 -28.88 35.19
C ALA E 294 18.24 -27.88 35.65
N ASN E 295 18.56 -26.59 35.76
CA ASN E 295 17.53 -25.70 36.31
C ASN E 295 17.02 -24.58 35.43
N THR E 296 16.84 -24.83 34.15
CA THR E 296 16.53 -23.76 33.21
C THR E 296 15.10 -23.36 33.38
N VAL E 297 14.86 -22.09 33.65
CA VAL E 297 13.48 -21.63 33.84
C VAL E 297 13.05 -20.79 32.71
N LEU E 298 11.89 -21.07 32.14
CA LEU E 298 11.37 -20.27 31.02
C LEU E 298 10.38 -19.29 31.58
N SER E 299 10.41 -18.06 31.08
CA SER E 299 9.45 -17.08 31.45
C SER E 299 9.01 -16.24 30.27
N GLY E 300 8.00 -15.41 30.48
CA GLY E 300 7.59 -14.42 29.50
C GLY E 300 6.57 -14.99 28.54
N GLY E 301 5.88 -14.11 27.84
CA GLY E 301 4.70 -14.49 27.07
C GLY E 301 5.07 -15.43 25.94
N THR E 302 6.23 -15.16 25.31
CA THR E 302 6.56 -15.83 24.07
C THR E 302 7.27 -17.15 24.34
N THR E 303 7.22 -17.65 25.58
CA THR E 303 7.50 -19.04 25.83
C THR E 303 6.25 -19.89 25.93
N MET E 304 5.07 -19.28 25.80
CA MET E 304 3.80 -19.97 25.98
C MET E 304 3.52 -21.08 24.96
N TYR E 305 4.09 -21.00 23.76
CA TYR E 305 3.76 -21.94 22.71
C TYR E 305 3.87 -23.37 23.15
N PRO E 306 2.86 -24.15 22.81
CA PRO E 306 2.97 -25.57 23.13
C PRO E 306 4.17 -26.22 22.48
N GLY E 307 4.89 -27.00 23.27
CA GLY E 307 6.01 -27.79 22.78
C GLY E 307 7.39 -27.15 22.75
N ILE E 308 7.49 -25.89 23.19
CA ILE E 308 8.76 -25.23 23.25
C ILE E 308 9.71 -25.88 24.20
N ALA E 309 9.21 -26.24 25.40
CA ALA E 309 10.02 -26.84 26.46
C ALA E 309 10.67 -28.09 25.90
N ASP E 310 9.87 -28.93 25.25
CA ASP E 310 10.32 -30.20 24.75
C ASP E 310 11.43 -29.97 23.74
N ARG E 311 11.22 -29.01 22.84
CA ARG E 311 12.23 -28.77 21.80
C ARG E 311 13.52 -28.28 22.42
N MET E 312 13.40 -27.39 23.38
CA MET E 312 14.60 -26.89 24.07
C MET E 312 15.31 -28.01 24.75
N GLN E 313 14.58 -28.95 25.33
CA GLN E 313 15.17 -30.08 26.01
C GLN E 313 15.94 -30.93 25.03
N LYS E 314 15.31 -31.19 23.89
CA LYS E 314 15.94 -32.08 22.91
C LYS E 314 17.20 -31.41 22.38
N GLU E 315 17.17 -30.10 22.16
CA GLU E 315 18.31 -29.46 21.54
C GLU E 315 19.45 -29.31 22.51
N ILE E 316 19.15 -28.90 23.73
CA ILE E 316 20.18 -28.71 24.71
C ILE E 316 20.83 -30.05 25.03
N THR E 317 20.02 -31.07 25.26
CA THR E 317 20.53 -32.40 25.53
C THR E 317 21.43 -32.84 24.39
N ALA E 318 21.01 -32.58 23.16
CA ALA E 318 21.77 -32.99 21.99
C ALA E 318 23.14 -32.33 21.98
N LEU E 319 23.16 -31.02 22.29
CA LEU E 319 24.40 -30.26 22.27
C LEU E 319 25.32 -30.54 23.43
N ALA E 320 24.77 -30.67 24.63
CA ALA E 320 25.52 -30.81 25.87
C ALA E 320 26.09 -32.16 26.09
N PRO E 321 26.94 -32.25 27.10
CA PRO E 321 27.28 -33.58 27.64
C PRO E 321 26.05 -34.32 28.11
N SER E 322 25.81 -35.51 27.53
CA SER E 322 24.82 -36.44 28.08
C SER E 322 25.21 -37.12 29.40
N THR E 323 26.36 -36.74 29.95
CA THR E 323 26.79 -37.11 31.26
C THR E 323 25.88 -36.62 32.37
N MET E 324 25.22 -35.48 32.13
CA MET E 324 24.36 -34.87 33.13
C MET E 324 23.01 -34.61 32.50
N LYS E 325 21.99 -34.77 33.34
CA LYS E 325 20.62 -34.70 32.91
C LYS E 325 20.25 -33.24 32.93
N ILE E 326 19.56 -32.86 31.85
CA ILE E 326 19.07 -31.53 31.55
C ILE E 326 17.59 -31.36 31.75
N LYS E 327 17.20 -31.03 32.96
CA LYS E 327 15.79 -30.77 33.24
C LYS E 327 15.53 -29.34 32.86
N ILE E 328 14.38 -29.10 32.24
CA ILE E 328 13.94 -27.74 32.01
C ILE E 328 12.68 -27.55 32.76
N ILE E 329 12.58 -26.47 33.53
CA ILE E 329 11.41 -26.31 34.39
C ILE E 329 10.67 -25.18 33.80
N ALA E 330 9.54 -25.45 33.16
CA ALA E 330 8.75 -24.39 32.56
C ALA E 330 7.35 -24.53 33.08
N PRO E 331 7.00 -23.68 34.04
CA PRO E 331 5.68 -23.80 34.62
C PRO E 331 4.65 -23.25 33.65
N PRO E 332 3.43 -23.77 33.70
CA PRO E 332 2.28 -23.00 33.21
C PRO E 332 2.02 -21.88 34.22
N GLU E 333 1.42 -20.77 33.76
CA GLU E 333 1.45 -19.52 34.52
C GLU E 333 2.78 -18.82 34.39
N ARG E 334 3.70 -19.36 33.59
CA ARG E 334 4.93 -18.65 33.23
C ARG E 334 4.73 -17.24 32.67
N LYS E 335 3.62 -16.99 31.97
CA LYS E 335 3.43 -15.71 31.34
C LYS E 335 3.59 -14.60 32.35
N TYR E 336 3.00 -14.84 33.55
CA TYR E 336 2.88 -13.83 34.62
C TYR E 336 4.02 -13.91 35.64
N SER E 337 5.05 -14.70 35.31
CA SER E 337 6.09 -15.02 36.29
C SER E 337 6.77 -13.74 36.77
N VAL E 338 7.02 -12.81 35.87
CA VAL E 338 7.72 -11.62 36.25
C VAL E 338 6.87 -10.88 37.31
N TRP E 339 5.58 -10.73 37.00
CA TRP E 339 4.73 -9.97 37.89
C TRP E 339 4.63 -10.63 39.24
N ILE E 340 4.51 -11.96 39.25
CA ILE E 340 4.43 -12.68 40.51
C ILE E 340 5.70 -12.42 41.33
N GLY E 341 6.83 -12.53 40.66
CA GLY E 341 8.11 -12.28 41.28
C GLY E 341 8.12 -10.92 41.91
N GLY E 342 7.58 -9.94 41.20
CA GLY E 342 7.51 -8.58 41.74
C GLY E 342 6.69 -8.56 43.00
N SER E 343 5.57 -9.28 42.99
CA SER E 343 4.68 -9.32 44.14
C SER E 343 5.43 -9.85 45.37
N ILE E 344 6.15 -10.95 45.12
CA ILE E 344 6.85 -11.59 46.22
C ILE E 344 7.97 -10.66 46.72
N LEU E 345 8.63 -9.94 45.82
CA LEU E 345 9.71 -9.07 46.25
C LEU E 345 9.20 -7.95 47.04
N ALA E 346 8.13 -7.29 46.61
CA ALA E 346 7.71 -6.19 47.42
C ALA E 346 7.13 -6.64 48.76
N SER E 347 6.65 -7.90 48.83
CA SER E 347 6.14 -8.47 50.04
C SER E 347 7.24 -8.74 51.07
N LEU E 348 8.47 -8.86 50.58
CA LEU E 348 9.57 -9.22 51.48
C LEU E 348 9.88 -8.08 52.40
N SER E 349 10.06 -8.40 53.68
CA SER E 349 10.25 -7.38 54.71
C SER E 349 11.57 -6.60 54.51
N THR E 350 12.66 -7.33 54.34
CA THR E 350 13.96 -6.74 54.22
C THR E 350 13.97 -5.84 53.02
N PHE E 351 13.27 -6.24 51.96
CA PHE E 351 13.26 -5.44 50.72
C PHE E 351 12.80 -4.00 51.02
N GLN E 352 11.93 -3.90 52.02
CA GLN E 352 11.33 -2.62 52.40
C GLN E 352 12.32 -1.51 52.79
N GLN E 353 13.60 -1.85 52.95
CA GLN E 353 14.62 -0.89 53.16
C GLN E 353 15.43 -0.57 51.93
N MET E 354 15.38 -1.44 50.92
CA MET E 354 16.11 -1.23 49.67
C MET E 354 15.42 -0.34 48.65
N TRP E 355 14.22 0.15 48.95
CA TRP E 355 13.52 0.96 48.01
C TRP E 355 14.38 2.16 47.68
N ILE E 356 14.16 2.75 46.52
CA ILE E 356 14.69 4.07 46.24
C ILE E 356 13.66 5.00 46.80
N SER E 357 14.08 5.81 47.77
CA SER E 357 13.15 6.69 48.47
C SER E 357 13.08 7.95 47.68
N LYS E 358 11.89 8.58 47.73
CA LYS E 358 11.65 9.88 47.14
C LYS E 358 12.70 10.86 47.62
N GLN E 359 12.97 10.84 48.91
CA GLN E 359 13.90 11.74 49.56
C GLN E 359 15.26 11.59 48.91
N GLU E 360 15.69 10.33 48.79
CA GLU E 360 17.03 10.02 48.27
C GLU E 360 17.17 10.56 46.87
N TYR E 361 16.15 10.30 46.06
CA TYR E 361 16.11 10.86 44.70
C TYR E 361 16.22 12.39 44.73
N ASP E 362 15.47 13.06 45.59
CA ASP E 362 15.47 14.50 45.56
C ASP E 362 16.82 15.05 45.86
N GLU E 363 17.52 14.47 46.83
CA GLU E 363 18.89 14.91 47.12
C GLU E 363 19.86 14.59 45.96
N SER E 364 19.90 13.30 45.62
CA SER E 364 20.92 12.72 44.74
C SER E 364 20.64 12.68 43.22
N GLY E 365 19.41 12.93 42.80
CA GLY E 365 19.10 12.93 41.41
C GLY E 365 18.68 11.60 40.85
N PRO E 366 18.29 11.61 39.58
CA PRO E 366 17.87 10.43 38.84
C PRO E 366 18.94 9.40 38.58
N SER E 367 20.22 9.81 38.56
CA SER E 367 21.30 8.95 38.14
C SER E 367 21.49 7.84 39.18
N ILE E 368 20.94 8.06 40.37
CA ILE E 368 21.16 7.11 41.45
C ILE E 368 20.58 5.72 41.20
N VAL E 369 19.89 5.51 40.07
CA VAL E 369 19.22 4.25 39.85
C VAL E 369 20.29 3.19 39.86
N HIS E 370 21.36 3.41 39.10
CA HIS E 370 22.39 2.37 38.91
C HIS E 370 23.26 2.13 40.14
N ARG E 371 23.58 3.23 40.79
CA ARG E 371 24.28 3.24 42.06
C ARG E 371 23.70 2.28 43.08
N LYS E 372 22.40 2.35 43.25
CA LYS E 372 21.77 1.55 44.29
C LYS E 372 21.40 0.14 43.84
N CYS E 373 20.61 0.06 42.77
CA CYS E 373 20.06 -1.19 42.38
C CYS E 373 20.87 -1.70 41.21
N PHE E 374 20.75 -3.00 40.98
CA PHE E 374 21.28 -3.68 39.83
C PHE E 374 20.52 -3.36 38.51
N TRP F 50 74.75 -49.55 -44.88
CA TRP F 50 74.67 -49.03 -43.49
C TRP F 50 74.82 -50.16 -42.49
N THR F 51 75.45 -49.84 -41.37
CA THR F 51 75.70 -50.83 -40.35
C THR F 51 74.45 -50.92 -39.45
N ALA F 52 74.33 -51.96 -38.63
CA ALA F 52 73.25 -52.02 -37.64
C ALA F 52 73.54 -51.38 -36.31
N ARG F 53 73.95 -50.11 -36.40
CA ARG F 53 74.22 -49.21 -35.29
C ARG F 53 72.93 -48.62 -34.80
N ARG F 54 71.87 -48.71 -35.59
CA ARG F 54 70.60 -48.06 -35.28
C ARG F 54 70.84 -46.55 -35.30
N LEU F 55 71.04 -46.01 -36.51
CA LEU F 55 70.95 -44.57 -36.76
C LEU F 55 69.53 -44.09 -36.47
N VAL F 56 69.38 -43.32 -35.39
CA VAL F 56 68.10 -42.87 -34.90
C VAL F 56 68.14 -41.34 -34.70
N TRP F 57 67.14 -40.66 -35.25
CA TRP F 57 67.08 -39.21 -35.17
C TRP F 57 66.96 -38.66 -33.73
N VAL F 58 67.76 -37.64 -33.43
CA VAL F 58 67.87 -37.12 -32.08
C VAL F 58 67.37 -35.71 -32.00
N PRO F 59 66.71 -35.36 -30.90
CA PRO F 59 66.49 -33.91 -30.68
C PRO F 59 67.77 -33.14 -30.46
N SER F 60 67.86 -31.95 -31.07
CA SER F 60 68.98 -31.05 -30.82
C SER F 60 68.54 -29.65 -31.20
N GLU F 61 69.31 -28.67 -30.74
CA GLU F 61 68.89 -27.29 -30.83
C GLU F 61 69.76 -26.40 -31.75
N LEU F 62 70.53 -27.00 -32.65
CA LEU F 62 70.88 -26.32 -33.89
C LEU F 62 70.05 -26.92 -35.04
N HIS F 63 70.19 -28.22 -35.32
CA HIS F 63 69.22 -28.89 -36.18
C HIS F 63 68.10 -29.47 -35.38
N GLY F 64 66.89 -29.27 -35.87
CA GLY F 64 65.72 -29.70 -35.15
C GLY F 64 65.82 -31.16 -34.88
N PHE F 65 66.15 -31.94 -35.93
CA PHE F 65 66.40 -33.36 -35.75
C PHE F 65 67.58 -33.76 -36.60
N GLU F 66 68.57 -34.36 -35.96
CA GLU F 66 69.82 -34.74 -36.63
C GLU F 66 70.07 -36.24 -36.42
N ALA F 67 70.86 -36.87 -37.28
CA ALA F 67 70.94 -38.30 -37.27
C ALA F 67 71.95 -38.70 -36.24
N ALA F 68 71.63 -39.77 -35.49
CA ALA F 68 72.60 -40.25 -34.50
C ALA F 68 72.46 -41.71 -34.22
N ALA F 69 73.57 -42.38 -33.89
CA ALA F 69 73.60 -43.85 -33.72
C ALA F 69 73.34 -44.23 -32.29
N LEU F 70 72.28 -45.00 -32.03
CA LEU F 70 71.83 -45.37 -30.71
C LEU F 70 72.88 -46.11 -29.90
N ARG F 71 73.33 -47.23 -30.47
CA ARG F 71 74.25 -48.14 -29.84
C ARG F 71 73.90 -48.39 -28.40
N ASP F 72 74.51 -47.63 -27.48
CA ASP F 72 74.38 -47.88 -26.08
C ASP F 72 73.01 -47.44 -25.65
N GLU F 73 72.31 -48.29 -24.91
CA GLU F 73 70.98 -47.97 -24.45
C GLU F 73 70.78 -48.45 -23.03
N GLY F 74 69.82 -47.87 -22.36
CA GLY F 74 69.43 -48.41 -21.08
C GLY F 74 68.36 -47.50 -20.53
N GLU F 75 67.17 -48.03 -20.22
CA GLU F 75 66.11 -47.21 -19.66
C GLU F 75 65.86 -46.09 -20.68
N GLU F 76 65.62 -44.86 -20.20
CA GLU F 76 65.39 -43.68 -21.04
C GLU F 76 66.70 -43.22 -21.62
N GLU F 77 67.77 -43.31 -20.84
CA GLU F 77 69.03 -42.77 -21.32
C GLU F 77 69.62 -43.72 -22.33
N ALA F 78 69.92 -43.18 -23.51
CA ALA F 78 70.71 -43.89 -24.51
C ALA F 78 71.89 -43.00 -24.79
N GLU F 79 73.10 -43.56 -24.70
CA GLU F 79 74.30 -42.84 -25.10
C GLU F 79 74.39 -42.99 -26.61
N VAL F 80 74.47 -41.89 -27.33
CA VAL F 80 74.31 -41.95 -28.75
C VAL F 80 75.40 -41.22 -29.53
N GLU F 81 75.92 -41.90 -30.56
CA GLU F 81 76.92 -41.31 -31.47
C GLU F 81 76.22 -40.46 -32.50
N LEU F 82 76.53 -39.15 -32.49
CA LEU F 82 75.97 -38.22 -33.46
C LEU F 82 76.74 -38.38 -34.76
N ALA F 83 76.02 -38.44 -35.87
CA ALA F 83 76.65 -38.64 -37.18
C ALA F 83 77.74 -37.61 -37.54
N GLU F 84 77.42 -36.36 -37.24
CA GLU F 84 78.32 -35.25 -37.60
C GLU F 84 79.50 -35.09 -36.65
N SER F 85 79.22 -34.73 -35.41
CA SER F 85 80.25 -34.38 -34.47
C SER F 85 80.98 -35.64 -34.02
N GLY F 86 80.20 -36.66 -33.69
CA GLY F 86 80.77 -37.90 -33.22
C GLY F 86 81.04 -37.84 -31.75
N ARG F 87 80.22 -37.11 -30.98
CA ARG F 87 80.38 -37.02 -29.53
C ARG F 87 79.23 -37.77 -28.90
N ARG F 88 79.41 -38.40 -27.73
CA ARG F 88 78.41 -39.29 -27.19
C ARG F 88 77.78 -38.64 -26.00
N LEU F 89 76.44 -38.54 -26.00
CA LEU F 89 75.73 -37.84 -24.93
C LEU F 89 74.43 -38.54 -24.67
N ARG F 90 73.79 -38.19 -23.54
CA ARG F 90 72.63 -38.93 -23.04
C ARG F 90 71.40 -38.08 -23.19
N LEU F 91 70.29 -38.72 -23.55
CA LEU F 91 68.97 -38.07 -23.62
C LEU F 91 67.96 -39.16 -23.41
N PRO F 92 66.79 -38.80 -22.92
CA PRO F 92 65.66 -39.75 -22.93
C PRO F 92 65.20 -40.33 -24.30
N ARG F 93 64.94 -41.64 -24.31
CA ARG F 93 64.87 -42.45 -25.53
C ARG F 93 63.61 -42.20 -26.29
N ASP F 94 62.52 -41.90 -25.57
CA ASP F 94 61.24 -41.47 -26.15
C ASP F 94 61.38 -40.31 -27.10
N GLN F 95 62.30 -39.39 -26.72
CA GLN F 95 62.65 -38.19 -27.48
C GLN F 95 63.16 -38.52 -28.89
N ILE F 96 63.69 -39.74 -29.07
CA ILE F 96 64.54 -40.06 -30.19
C ILE F 96 63.84 -41.02 -31.15
N GLN F 97 63.75 -40.57 -32.39
CA GLN F 97 62.73 -41.11 -33.35
C GLN F 97 63.42 -41.89 -34.46
N ARG F 98 62.83 -42.98 -34.95
CA ARG F 98 63.53 -43.92 -35.82
C ARG F 98 63.76 -43.30 -37.18
N MET F 99 64.76 -43.84 -37.91
CA MET F 99 65.13 -43.34 -39.21
C MET F 99 64.73 -44.34 -40.26
N ASN F 100 64.32 -43.85 -41.44
CA ASN F 100 64.01 -44.71 -42.57
C ASN F 100 65.27 -44.96 -43.37
N PRO F 101 65.31 -46.14 -43.98
CA PRO F 101 66.40 -46.53 -44.82
C PRO F 101 66.51 -45.65 -46.05
N PRO F 102 67.64 -45.72 -46.71
CA PRO F 102 67.91 -44.89 -47.85
C PRO F 102 66.96 -45.14 -48.98
N LYS F 103 66.29 -46.30 -48.99
CA LYS F 103 65.37 -46.59 -50.05
C LYS F 103 64.25 -45.59 -50.03
N PHE F 104 63.85 -45.20 -48.81
CA PHE F 104 62.85 -44.16 -48.56
C PHE F 104 63.34 -42.76 -48.75
N SER F 105 64.65 -42.54 -48.77
CA SER F 105 65.14 -41.16 -48.86
C SER F 105 64.60 -40.47 -50.09
N LYS F 106 64.22 -39.20 -49.91
CA LYS F 106 63.58 -38.37 -50.93
C LYS F 106 62.35 -39.03 -51.53
N ALA F 107 61.44 -39.50 -50.69
CA ALA F 107 60.20 -40.08 -51.18
C ALA F 107 59.28 -39.00 -51.67
N GLU F 108 58.48 -39.36 -52.66
CA GLU F 108 57.48 -38.48 -53.28
C GLU F 108 56.41 -38.22 -52.24
N ASP F 109 55.95 -39.32 -51.63
CA ASP F 109 54.86 -39.30 -50.71
C ASP F 109 55.35 -39.80 -49.37
N MET F 110 55.12 -38.98 -48.32
CA MET F 110 55.58 -39.20 -46.97
C MET F 110 54.79 -40.28 -46.30
N ALA F 111 53.60 -40.59 -46.81
CA ALA F 111 52.75 -41.65 -46.28
C ALA F 111 53.48 -42.98 -46.47
N GLU F 112 54.32 -43.04 -47.48
CA GLU F 112 55.07 -44.21 -47.88
C GLU F 112 56.12 -44.54 -46.86
N LEU F 113 56.58 -43.59 -46.04
CA LEU F 113 57.64 -43.89 -45.08
C LEU F 113 57.14 -44.84 -44.03
N THR F 114 57.97 -45.86 -43.71
CA THR F 114 57.62 -46.85 -42.73
C THR F 114 57.80 -46.30 -41.36
N CYS F 115 58.64 -45.29 -41.17
CA CYS F 115 58.74 -44.62 -39.90
C CYS F 115 58.14 -43.25 -40.06
N LEU F 116 57.02 -43.00 -39.37
CA LEU F 116 56.38 -41.72 -39.46
C LEU F 116 56.56 -40.98 -38.16
N ASN F 117 57.35 -39.90 -38.22
CA ASN F 117 57.54 -39.02 -37.09
C ASN F 117 58.04 -37.71 -37.64
N GLU F 118 58.01 -36.65 -36.80
CA GLU F 118 58.39 -35.33 -37.25
C GLU F 118 59.81 -35.30 -37.69
N ALA F 119 60.67 -36.12 -37.04
CA ALA F 119 62.07 -36.13 -37.39
C ALA F 119 62.26 -36.61 -38.83
N SER F 120 61.57 -37.71 -39.17
CA SER F 120 61.69 -38.29 -40.50
C SER F 120 61.13 -37.31 -41.51
N VAL F 121 60.01 -36.68 -41.13
CA VAL F 121 59.37 -35.74 -42.03
C VAL F 121 60.39 -34.63 -42.32
N LEU F 122 60.95 -34.08 -41.25
CA LEU F 122 61.83 -32.95 -41.37
C LEU F 122 63.02 -33.27 -42.19
N HIS F 123 63.53 -34.51 -42.07
CA HIS F 123 64.70 -34.92 -42.84
C HIS F 123 64.32 -34.98 -44.29
N ASN F 124 63.17 -35.61 -44.59
CA ASN F 124 62.81 -35.81 -45.97
C ASN F 124 62.68 -34.49 -46.70
N LEU F 125 61.95 -33.58 -46.05
CA LEU F 125 61.69 -32.26 -46.59
C LEU F 125 62.97 -31.51 -46.80
N ARG F 126 63.84 -31.57 -45.80
CA ARG F 126 65.14 -30.89 -45.83
C ARG F 126 65.95 -31.40 -47.02
N GLU F 127 65.95 -32.71 -47.16
CA GLU F 127 66.69 -33.40 -48.22
C GLU F 127 66.20 -32.87 -49.58
N ARG F 128 64.86 -32.84 -49.71
CA ARG F 128 64.25 -32.46 -50.97
C ARG F 128 64.69 -31.01 -51.31
N TYR F 129 64.61 -30.15 -50.25
CA TYR F 129 64.77 -28.73 -50.41
C TYR F 129 66.19 -28.45 -50.79
N TYR F 130 67.17 -29.10 -50.17
CA TYR F 130 68.55 -28.83 -50.53
C TYR F 130 68.78 -29.30 -51.94
N SER F 131 68.06 -30.38 -52.33
CA SER F 131 68.16 -30.92 -53.65
C SER F 131 67.55 -29.99 -54.66
N GLY F 132 66.77 -29.02 -54.21
CA GLY F 132 66.17 -28.08 -55.14
C GLY F 132 64.72 -28.41 -55.35
N LEU F 133 64.20 -29.44 -54.68
CA LEU F 133 62.83 -29.86 -54.88
C LEU F 133 61.92 -29.27 -53.80
N ILE F 134 61.06 -28.35 -54.25
CA ILE F 134 60.12 -27.59 -53.45
C ILE F 134 58.91 -28.38 -53.02
N TYR F 135 58.47 -29.32 -53.85
CA TYR F 135 57.18 -29.96 -53.63
C TYR F 135 57.34 -31.34 -53.05
N THR F 136 56.51 -31.65 -52.05
CA THR F 136 56.46 -32.99 -51.49
C THR F 136 55.07 -33.31 -51.05
N TYR F 137 54.69 -34.58 -51.08
CA TYR F 137 53.35 -34.96 -50.62
C TYR F 137 53.46 -35.64 -49.30
N SER F 138 52.72 -35.16 -48.31
CA SER F 138 52.70 -35.77 -47.01
C SER F 138 51.30 -36.22 -46.82
N GLY F 139 51.06 -37.52 -46.95
CA GLY F 139 49.70 -38.00 -46.78
C GLY F 139 48.88 -37.34 -47.85
N LEU F 140 47.74 -36.79 -47.44
CA LEU F 140 46.82 -36.09 -48.30
C LEU F 140 47.39 -34.74 -48.68
N PHE F 141 48.20 -34.16 -47.79
CA PHE F 141 48.73 -32.82 -47.97
C PHE F 141 49.67 -32.74 -49.17
N CYS F 142 49.74 -31.53 -49.75
CA CYS F 142 50.75 -31.19 -50.73
C CYS F 142 51.59 -30.11 -50.11
N VAL F 143 52.85 -30.44 -49.79
CA VAL F 143 53.70 -29.52 -49.07
C VAL F 143 54.63 -28.79 -50.01
N VAL F 144 54.57 -27.46 -49.95
CA VAL F 144 55.44 -26.62 -50.75
C VAL F 144 56.32 -25.77 -49.83
N ILE F 145 57.60 -25.64 -50.17
CA ILE F 145 58.45 -24.75 -49.43
C ILE F 145 59.13 -23.68 -50.31
N ASN F 146 58.76 -22.42 -50.11
CA ASN F 146 59.12 -21.38 -51.02
C ASN F 146 60.61 -21.13 -50.99
N PRO F 147 61.24 -21.35 -52.15
CA PRO F 147 62.66 -21.13 -52.30
C PRO F 147 63.04 -19.67 -52.33
N TYR F 148 62.10 -18.80 -52.67
CA TYR F 148 62.31 -17.38 -52.82
C TYR F 148 63.13 -17.04 -54.06
N LYS F 149 63.69 -18.07 -54.70
CA LYS F 149 64.31 -17.88 -55.99
C LYS F 149 63.23 -17.92 -57.02
N GLN F 150 63.55 -17.49 -58.25
CA GLN F 150 62.61 -17.72 -59.34
C GLN F 150 63.07 -18.93 -60.07
N LEU F 151 62.21 -19.96 -60.12
CA LEU F 151 62.61 -21.26 -60.62
C LEU F 151 62.11 -21.42 -62.03
N PRO F 152 62.85 -22.17 -62.86
CA PRO F 152 62.54 -22.31 -64.24
C PRO F 152 61.17 -22.93 -64.49
N ILE F 153 60.57 -23.53 -63.43
CA ILE F 153 59.33 -24.26 -63.43
C ILE F 153 58.22 -23.44 -64.02
N TYR F 154 57.06 -24.09 -64.27
CA TYR F 154 55.84 -23.44 -64.75
C TYR F 154 55.87 -23.05 -66.24
N THR F 155 56.56 -23.86 -67.03
CA THR F 155 56.57 -23.72 -68.43
C THR F 155 55.32 -24.42 -68.98
N GLU F 156 55.22 -24.51 -70.31
CA GLU F 156 54.12 -25.13 -70.94
C GLU F 156 54.30 -26.64 -71.05
N ALA F 157 55.53 -27.09 -71.28
CA ALA F 157 55.81 -28.50 -71.42
C ALA F 157 55.44 -29.25 -70.15
N ILE F 158 55.77 -28.66 -69.00
CA ILE F 158 55.54 -29.26 -67.72
C ILE F 158 54.03 -29.46 -67.50
N VAL F 159 53.29 -28.40 -67.78
CA VAL F 159 51.87 -28.44 -67.54
C VAL F 159 51.20 -29.43 -68.45
N GLU F 160 51.57 -29.36 -69.73
CA GLU F 160 51.02 -30.38 -70.68
C GLU F 160 51.34 -31.82 -70.20
N MET F 161 52.56 -31.95 -69.69
CA MET F 161 53.11 -33.19 -69.19
C MET F 161 52.32 -33.76 -68.04
N TYR F 162 51.83 -32.87 -67.17
CA TYR F 162 50.97 -33.23 -66.05
C TYR F 162 49.59 -33.80 -66.40
N ARG F 163 49.08 -33.47 -67.58
CA ARG F 163 47.67 -33.62 -67.87
C ARG F 163 47.17 -35.06 -67.76
N GLY F 164 46.02 -35.21 -67.13
CA GLY F 164 45.25 -36.46 -67.15
C GLY F 164 45.92 -37.57 -66.41
N LYS F 165 46.86 -37.25 -65.51
CA LYS F 165 47.58 -38.29 -64.81
C LYS F 165 47.26 -38.19 -63.34
N LYS F 166 47.53 -39.29 -62.62
CA LYS F 166 47.37 -39.35 -61.17
C LYS F 166 48.51 -38.62 -60.55
N ARG F 167 48.41 -38.36 -59.24
CA ARG F 167 49.45 -37.59 -58.56
C ARG F 167 50.72 -38.36 -58.41
N HIS F 168 50.61 -39.69 -58.17
CA HIS F 168 51.79 -40.52 -57.96
C HIS F 168 52.55 -40.67 -59.25
N GLU F 169 51.83 -40.60 -60.38
CA GLU F 169 52.40 -40.81 -61.69
C GLU F 169 53.49 -39.81 -61.98
N VAL F 170 53.35 -38.57 -61.49
CA VAL F 170 54.38 -37.57 -61.75
C VAL F 170 55.01 -37.09 -60.48
N PRO F 171 55.99 -36.17 -60.57
CA PRO F 171 56.58 -35.66 -59.35
C PRO F 171 55.60 -34.76 -58.67
N PRO F 172 55.84 -34.46 -57.37
CA PRO F 172 54.92 -33.58 -56.69
C PRO F 172 54.89 -32.21 -57.30
N HIS F 173 53.69 -31.66 -57.45
CA HIS F 173 53.55 -30.32 -57.96
C HIS F 173 52.15 -29.86 -57.68
N VAL F 174 51.96 -28.53 -57.78
CA VAL F 174 50.62 -27.94 -57.54
C VAL F 174 49.67 -28.38 -58.64
N TYR F 175 50.15 -28.15 -59.86
CA TYR F 175 49.56 -28.62 -61.10
C TYR F 175 48.97 -30.00 -61.01
N ALA F 176 49.63 -30.84 -60.23
CA ALA F 176 49.07 -32.17 -59.91
C ALA F 176 47.81 -32.10 -59.05
N VAL F 177 47.88 -31.50 -57.87
CA VAL F 177 46.74 -31.48 -56.99
C VAL F 177 45.58 -30.71 -57.61
N THR F 178 45.88 -29.61 -58.28
CA THR F 178 44.82 -28.87 -58.96
C THR F 178 44.31 -29.65 -60.12
N GLU F 179 45.19 -30.41 -60.78
CA GLU F 179 44.70 -31.40 -61.78
C GLU F 179 43.76 -32.37 -61.14
N GLY F 180 44.05 -32.80 -59.93
CA GLY F 180 43.15 -33.69 -59.21
C GLY F 180 41.80 -33.04 -59.05
N ALA F 181 41.78 -31.76 -58.70
CA ALA F 181 40.55 -31.05 -58.48
C ALA F 181 39.74 -30.94 -59.76
N TYR F 182 40.41 -30.54 -60.84
CA TYR F 182 39.75 -30.30 -62.11
C TYR F 182 39.17 -31.59 -62.64
N ARG F 183 39.97 -32.65 -62.61
CA ARG F 183 39.55 -33.96 -63.07
C ARG F 183 38.42 -34.45 -62.23
N SER F 184 38.45 -34.23 -60.91
CA SER F 184 37.37 -34.69 -60.04
C SER F 184 36.06 -33.96 -60.31
N MET F 185 36.19 -32.69 -60.69
CA MET F 185 35.04 -31.91 -61.14
C MET F 185 34.42 -32.43 -62.47
N LEU F 186 35.15 -32.49 -63.57
CA LEU F 186 34.59 -32.99 -64.83
C LEU F 186 34.09 -34.39 -64.61
N GLN F 187 34.84 -35.17 -63.84
CA GLN F 187 34.52 -36.57 -63.58
C GLN F 187 33.29 -36.69 -62.70
N ASP F 188 33.31 -35.98 -61.58
CA ASP F 188 32.35 -36.15 -60.51
C ASP F 188 31.24 -35.16 -60.64
N ARG F 189 31.44 -34.10 -61.44
CA ARG F 189 30.47 -33.05 -61.70
C ARG F 189 30.10 -32.31 -60.44
N GLU F 190 30.94 -32.44 -59.40
CA GLU F 190 30.72 -31.76 -58.15
C GLU F 190 31.83 -30.77 -57.92
N ASP F 191 31.52 -29.73 -57.13
CA ASP F 191 32.40 -28.57 -57.01
C ASP F 191 33.59 -28.95 -56.19
N GLN F 192 34.70 -28.20 -56.32
CA GLN F 192 35.92 -28.53 -55.62
C GLN F 192 36.44 -27.30 -54.90
N SER F 193 37.31 -27.51 -53.90
CA SER F 193 37.87 -26.46 -53.08
C SER F 193 39.34 -26.75 -52.82
N ILE F 194 40.16 -25.68 -52.80
CA ILE F 194 41.58 -25.79 -52.59
C ILE F 194 41.94 -25.03 -51.35
N LEU F 195 42.43 -25.71 -50.30
CA LEU F 195 42.77 -25.01 -49.07
C LEU F 195 44.25 -24.76 -49.03
N CYS F 196 44.63 -23.47 -49.01
CA CYS F 196 46.00 -23.10 -48.67
C CYS F 196 46.05 -22.55 -47.28
N THR F 197 46.99 -23.05 -46.48
CA THR F 197 47.08 -22.66 -45.09
C THR F 197 48.02 -21.50 -44.93
N GLY F 198 47.69 -20.58 -44.03
CA GLY F 198 48.45 -19.38 -43.87
C GLY F 198 49.94 -19.52 -43.69
N GLU F 199 50.65 -18.83 -44.57
CA GLU F 199 52.10 -18.78 -44.54
C GLU F 199 52.42 -17.47 -45.20
N SER F 200 52.88 -16.52 -44.41
CA SER F 200 53.35 -15.22 -44.91
C SER F 200 52.36 -14.57 -45.96
N GLY F 201 52.73 -13.93 -47.09
CA GLY F 201 54.04 -13.42 -47.47
C GLY F 201 54.82 -14.43 -48.27
N ALA F 202 54.37 -15.69 -48.22
CA ALA F 202 54.93 -16.81 -48.94
C ALA F 202 54.75 -16.67 -50.43
N GLY F 203 53.79 -15.86 -50.88
CA GLY F 203 53.51 -15.80 -52.29
C GLY F 203 52.55 -16.94 -52.57
N LYS F 204 51.71 -17.17 -51.57
CA LYS F 204 50.68 -18.19 -51.67
C LYS F 204 49.81 -17.82 -52.85
N THR F 205 49.51 -16.52 -52.93
CA THR F 205 48.74 -16.00 -54.04
C THR F 205 49.51 -16.19 -55.33
N GLU F 206 50.79 -15.83 -55.28
CA GLU F 206 51.69 -15.96 -56.44
C GLU F 206 51.68 -17.38 -57.01
N ASN F 207 51.79 -18.37 -56.12
CA ASN F 207 51.63 -19.76 -56.43
C ASN F 207 50.26 -20.02 -57.07
N THR F 208 49.24 -19.42 -56.48
CA THR F 208 47.88 -19.60 -56.91
C THR F 208 47.70 -19.00 -58.26
N LYS F 209 48.48 -17.97 -58.60
CA LYS F 209 48.48 -17.45 -59.99
C LYS F 209 48.93 -18.53 -60.93
N LYS F 210 49.92 -19.29 -60.49
CA LYS F 210 50.44 -20.43 -61.26
C LYS F 210 49.35 -21.50 -61.39
N VAL F 211 48.54 -21.70 -60.35
CA VAL F 211 47.45 -22.63 -60.42
C VAL F 211 46.49 -22.21 -61.50
N ILE F 212 46.16 -20.92 -61.51
CA ILE F 212 45.27 -20.32 -62.52
C ILE F 212 45.87 -20.49 -63.87
N GLN F 213 47.20 -20.29 -63.99
CA GLN F 213 47.90 -20.46 -65.28
C GLN F 213 47.68 -21.85 -65.80
N TYR F 214 47.82 -22.84 -64.92
CA TYR F 214 47.51 -24.25 -65.31
C TYR F 214 46.07 -24.36 -65.80
N LEU F 215 45.20 -23.78 -65.02
CA LEU F 215 43.77 -23.86 -65.28
C LEU F 215 43.40 -23.32 -66.65
N ALA F 216 44.09 -22.26 -67.06
CA ALA F 216 43.85 -21.61 -68.33
C ALA F 216 44.29 -22.51 -69.45
N HIS F 217 45.50 -23.08 -69.31
CA HIS F 217 46.09 -23.89 -70.36
C HIS F 217 45.31 -25.15 -70.52
N VAL F 218 44.82 -25.76 -69.42
CA VAL F 218 44.02 -26.95 -69.56
C VAL F 218 42.71 -26.62 -70.20
N ALA F 219 42.07 -25.55 -69.75
CA ALA F 219 40.72 -25.26 -70.19
C ALA F 219 40.70 -24.26 -71.32
N SER F 220 40.33 -24.72 -72.50
CA SER F 220 40.58 -23.97 -73.74
C SER F 220 39.66 -24.46 -74.88
N SER F 221 38.92 -23.57 -75.55
CA SER F 221 39.05 -22.13 -75.39
C SER F 221 38.04 -21.54 -74.36
N GLY F 232 42.65 -11.86 -75.06
CA GLY F 232 41.92 -12.61 -74.03
C GLY F 232 42.79 -13.41 -73.11
N GLU F 233 43.77 -12.74 -72.50
CA GLU F 233 44.58 -13.38 -71.48
C GLU F 233 43.71 -13.71 -70.28
N LEU F 234 44.32 -14.42 -69.34
CA LEU F 234 43.71 -14.66 -68.07
C LEU F 234 43.35 -13.38 -67.40
N GLU F 235 42.55 -13.49 -66.37
CA GLU F 235 42.29 -12.31 -65.58
C GLU F 235 43.56 -11.79 -64.92
N ARG F 236 44.15 -10.80 -65.57
CA ARG F 236 45.47 -10.27 -65.21
C ARG F 236 45.29 -9.30 -64.04
N GLN F 237 44.04 -8.80 -63.96
CA GLN F 237 43.60 -7.94 -62.89
C GLN F 237 43.55 -8.71 -61.61
N LEU F 238 43.62 -10.04 -61.63
CA LEU F 238 43.73 -10.82 -60.41
C LEU F 238 45.01 -10.44 -59.71
N LEU F 239 46.04 -10.12 -60.49
CA LEU F 239 47.30 -9.65 -59.92
C LEU F 239 47.09 -8.30 -59.26
N GLN F 240 46.26 -7.50 -59.91
CA GLN F 240 45.95 -6.13 -59.51
C GLN F 240 45.14 -6.11 -58.25
N ALA F 241 44.34 -7.17 -58.04
CA ALA F 241 43.47 -7.30 -56.89
C ALA F 241 44.25 -7.39 -55.60
N ASN F 242 45.45 -8.02 -55.67
CA ASN F 242 46.22 -8.30 -54.49
C ASN F 242 46.52 -7.08 -53.66
N PRO F 243 46.99 -6.01 -54.27
CA PRO F 243 47.34 -4.83 -53.51
C PRO F 243 46.12 -4.18 -52.89
N ILE F 244 44.95 -4.33 -53.51
CA ILE F 244 43.76 -3.72 -52.99
C ILE F 244 43.39 -4.41 -51.67
N LEU F 245 43.17 -5.73 -51.77
CA LEU F 245 42.74 -6.54 -50.67
C LEU F 245 43.85 -6.59 -49.65
N GLU F 246 45.09 -6.56 -50.14
CA GLU F 246 46.28 -6.54 -49.27
C GLU F 246 46.25 -5.27 -48.44
N ALA F 247 45.91 -4.17 -49.09
CA ALA F 247 45.99 -2.85 -48.44
C ALA F 247 44.94 -2.79 -47.38
N PHE F 248 43.71 -3.12 -47.77
CA PHE F 248 42.57 -3.12 -46.82
C PHE F 248 42.66 -4.18 -45.72
N GLY F 249 42.92 -5.42 -46.18
CA GLY F 249 42.89 -6.65 -45.39
C GLY F 249 44.07 -6.93 -44.51
N ASN F 250 45.29 -6.52 -44.88
CA ASN F 250 46.45 -7.00 -44.17
C ASN F 250 47.10 -5.97 -43.28
N ALA F 251 47.86 -6.45 -42.30
CA ALA F 251 48.52 -5.59 -41.33
C ALA F 251 49.89 -6.10 -41.00
N LYS F 252 50.73 -5.22 -40.45
CA LYS F 252 52.08 -5.57 -40.03
C LYS F 252 52.05 -6.09 -38.61
N THR F 253 52.50 -7.32 -38.43
CA THR F 253 52.34 -8.04 -37.21
C THR F 253 53.71 -8.57 -36.77
N VAL F 254 53.76 -9.25 -35.65
CA VAL F 254 54.98 -9.75 -35.11
C VAL F 254 55.57 -10.89 -35.93
N LYS F 255 54.71 -11.78 -36.40
CA LYS F 255 55.10 -12.87 -37.28
C LYS F 255 55.48 -12.38 -38.66
N ASN F 256 54.69 -11.46 -39.19
CA ASN F 256 54.95 -11.00 -40.53
C ASN F 256 54.55 -9.56 -40.65
N ASP F 257 55.28 -8.82 -41.51
CA ASP F 257 54.97 -7.44 -41.84
C ASP F 257 53.73 -7.38 -42.74
N ASN F 258 53.47 -8.43 -43.49
CA ASN F 258 52.23 -8.48 -44.23
C ASN F 258 51.57 -9.82 -44.00
N SER F 259 50.36 -9.82 -43.48
CA SER F 259 49.66 -11.06 -43.14
C SER F 259 48.19 -10.86 -43.38
N SER F 260 47.52 -11.87 -43.96
CA SER F 260 46.13 -11.72 -44.29
C SER F 260 45.28 -12.04 -43.09
N ARG F 261 44.50 -11.04 -42.68
CA ARG F 261 43.59 -11.21 -41.56
C ARG F 261 42.37 -11.88 -42.10
N PHE F 262 41.88 -11.34 -43.19
CA PHE F 262 40.63 -11.86 -43.78
C PHE F 262 40.94 -13.11 -44.56
N GLY F 263 39.95 -13.99 -44.69
CA GLY F 263 40.09 -15.16 -45.53
C GLY F 263 39.74 -14.73 -46.92
N LYS F 264 40.38 -15.33 -47.93
CA LYS F 264 40.06 -15.06 -49.31
C LYS F 264 39.64 -16.37 -49.93
N PHE F 265 38.43 -16.34 -50.54
CA PHE F 265 37.89 -17.46 -51.24
C PHE F 265 37.78 -17.06 -52.69
N ILE F 266 38.55 -17.69 -53.59
CA ILE F 266 38.53 -17.30 -54.97
C ILE F 266 37.78 -18.34 -55.73
N ARG F 267 36.66 -17.94 -56.35
CA ARG F 267 35.84 -18.87 -57.08
C ARG F 267 36.13 -18.76 -58.54
N ILE F 268 36.51 -19.86 -59.16
CA ILE F 268 36.69 -19.88 -60.58
C ILE F 268 35.51 -20.68 -61.11
N ASN F 269 34.69 -20.03 -61.92
CA ASN F 269 33.44 -20.63 -62.36
C ASN F 269 33.64 -21.34 -63.69
N PHE F 270 33.10 -22.53 -63.78
CA PHE F 270 33.32 -23.42 -64.93
C PHE F 270 32.02 -23.88 -65.44
N ASP F 271 31.87 -23.91 -66.77
CA ASP F 271 30.65 -24.50 -67.35
C ASP F 271 30.82 -26.02 -67.37
N VAL F 272 29.79 -26.71 -67.80
CA VAL F 272 29.81 -28.16 -67.89
C VAL F 272 30.81 -28.58 -68.91
N ALA F 273 31.07 -27.71 -69.91
CA ALA F 273 32.08 -27.94 -70.92
C ALA F 273 33.44 -27.92 -70.30
N GLY F 274 33.64 -27.17 -69.22
CA GLY F 274 34.95 -27.19 -68.58
C GLY F 274 35.71 -25.94 -68.92
N TYR F 275 35.01 -24.87 -69.30
CA TYR F 275 35.63 -23.63 -69.70
C TYR F 275 35.27 -22.62 -68.62
N ILE F 276 36.05 -21.52 -68.62
CA ILE F 276 35.91 -20.42 -67.70
C ILE F 276 34.75 -19.55 -68.14
N VAL F 277 33.70 -19.49 -67.31
CA VAL F 277 32.63 -18.51 -67.43
C VAL F 277 33.04 -17.18 -66.83
N GLY F 278 33.92 -17.20 -65.81
CA GLY F 278 34.32 -15.98 -65.15
C GLY F 278 34.93 -16.33 -63.81
N ALA F 279 35.09 -15.34 -62.93
CA ALA F 279 35.48 -15.63 -61.55
C ALA F 279 34.92 -14.54 -60.66
N ASN F 280 34.81 -14.83 -59.36
CA ASN F 280 34.50 -13.87 -58.33
C ASN F 280 35.37 -14.14 -57.11
N ILE F 281 35.43 -13.16 -56.23
CA ILE F 281 36.19 -13.33 -54.99
C ILE F 281 35.15 -13.32 -53.86
N GLU F 282 35.40 -14.09 -52.82
CA GLU F 282 34.56 -13.97 -51.62
C GLU F 282 35.45 -13.86 -50.43
N THR F 283 35.06 -13.07 -49.44
CA THR F 283 35.93 -12.85 -48.28
C THR F 283 35.22 -13.14 -47.02
N TYR F 284 35.40 -14.32 -46.45
CA TYR F 284 34.56 -14.70 -45.30
C TYR F 284 34.96 -14.02 -44.03
N LEU F 285 35.81 -14.66 -43.23
CA LEU F 285 36.25 -14.12 -41.95
C LEU F 285 36.92 -12.83 -42.25
N LEU F 286 36.63 -11.83 -41.46
CA LEU F 286 37.54 -10.71 -41.35
C LEU F 286 37.80 -10.55 -39.83
N GLU F 287 39.01 -10.13 -39.47
CA GLU F 287 39.18 -9.51 -38.15
C GLU F 287 38.89 -8.04 -38.32
N LYS F 288 37.69 -7.61 -37.95
CA LYS F 288 37.36 -6.19 -37.86
C LYS F 288 37.80 -5.57 -36.56
N SER F 289 38.03 -6.38 -35.52
CA SER F 289 38.44 -5.89 -34.22
C SER F 289 39.86 -5.38 -34.30
N ARG F 290 40.62 -5.72 -35.35
CA ARG F 290 41.96 -5.26 -35.49
C ARG F 290 41.98 -3.76 -35.70
N ALA F 291 40.97 -3.23 -36.38
CA ALA F 291 40.91 -1.81 -36.69
C ALA F 291 40.81 -0.95 -35.45
N ILE F 292 39.90 -1.31 -34.54
CA ILE F 292 39.74 -0.68 -33.24
C ILE F 292 40.91 -0.94 -32.32
N ARG F 293 41.40 -2.18 -32.29
CA ARG F 293 42.24 -2.64 -31.19
C ARG F 293 43.38 -3.46 -31.76
N GLN F 294 44.55 -3.45 -31.12
CA GLN F 294 45.72 -4.01 -31.72
C GLN F 294 46.61 -4.60 -30.66
N ALA F 295 47.58 -5.38 -31.12
CA ALA F 295 48.60 -5.95 -30.25
C ALA F 295 49.54 -4.86 -29.81
N LYS F 296 50.35 -5.18 -28.83
CA LYS F 296 51.25 -4.19 -28.26
C LYS F 296 52.23 -3.61 -29.25
N ASP F 297 52.91 -4.49 -29.99
CA ASP F 297 53.88 -4.10 -30.98
C ASP F 297 53.53 -4.63 -32.35
N GLU F 298 52.45 -4.07 -32.89
CA GLU F 298 51.99 -4.41 -34.22
C GLU F 298 51.30 -3.20 -34.78
N CYS F 299 50.93 -3.33 -36.04
CA CYS F 299 50.26 -2.23 -36.74
C CYS F 299 48.90 -2.68 -37.20
N SER F 300 48.02 -1.73 -37.45
CA SER F 300 46.71 -2.03 -37.99
C SER F 300 46.86 -2.20 -39.47
N PHE F 301 45.73 -2.27 -40.19
CA PHE F 301 45.76 -2.57 -41.63
C PHE F 301 46.58 -1.55 -42.35
N HIS F 302 47.20 -1.98 -43.45
CA HIS F 302 48.10 -1.18 -44.26
C HIS F 302 47.46 0.11 -44.76
N ILE F 303 46.21 0.02 -45.18
CA ILE F 303 45.55 1.13 -45.83
C ILE F 303 45.54 2.33 -44.92
N PHE F 304 45.40 2.12 -43.60
CA PHE F 304 45.35 3.25 -42.69
C PHE F 304 46.63 4.08 -42.78
N TYR F 305 47.75 3.38 -42.65
CA TYR F 305 49.05 4.06 -42.67
C TYR F 305 49.34 4.65 -44.06
N GLN F 306 49.19 3.83 -45.10
CA GLN F 306 49.42 4.31 -46.45
C GLN F 306 48.52 5.47 -46.84
N LEU F 307 47.36 5.56 -46.23
CA LEU F 307 46.45 6.68 -46.39
C LEU F 307 47.12 7.88 -45.72
N LEU F 308 47.52 7.69 -44.45
CA LEU F 308 48.10 8.82 -43.72
C LEU F 308 49.27 9.50 -44.40
N GLY F 309 50.35 8.77 -44.63
CA GLY F 309 51.48 9.34 -45.31
C GLY F 309 51.26 9.58 -46.80
N GLY F 310 50.48 8.73 -47.46
CA GLY F 310 50.32 8.72 -48.88
C GLY F 310 49.56 9.83 -49.49
N ALA F 311 48.52 10.31 -48.79
CA ALA F 311 47.62 11.31 -49.39
C ALA F 311 48.23 12.67 -49.24
N GLY F 312 48.17 13.46 -50.32
CA GLY F 312 48.70 14.80 -50.31
C GLY F 312 47.65 15.71 -49.74
N GLU F 313 47.99 17.00 -49.66
CA GLU F 313 47.01 18.03 -49.29
C GLU F 313 45.81 18.03 -50.21
N GLN F 314 45.96 17.57 -51.45
CA GLN F 314 44.91 17.55 -52.40
C GLN F 314 43.74 16.72 -51.92
N LEU F 315 44.08 15.58 -51.37
CA LEU F 315 43.12 14.58 -50.89
C LEU F 315 42.93 14.70 -49.39
N LYS F 316 44.02 15.00 -48.69
CA LYS F 316 43.98 15.12 -47.25
C LYS F 316 43.06 16.26 -46.86
N ALA F 317 43.13 17.37 -47.60
CA ALA F 317 42.28 18.50 -47.32
C ALA F 317 40.84 18.19 -47.45
N ASP F 318 40.43 17.34 -48.39
CA ASP F 318 39.05 16.89 -48.48
C ASP F 318 38.71 16.02 -47.30
N LEU F 319 39.58 14.99 -47.08
CA LEU F 319 39.30 13.98 -46.06
C LEU F 319 39.51 14.52 -44.67
N LEU F 320 40.33 15.54 -44.57
CA LEU F 320 40.70 16.12 -43.28
C LEU F 320 41.38 15.08 -42.46
N LEU F 321 42.33 14.38 -43.06
CA LEU F 321 43.19 13.43 -42.36
C LEU F 321 44.22 14.18 -41.57
N GLU F 322 44.67 13.56 -40.46
CA GLU F 322 45.63 14.16 -39.57
C GLU F 322 46.74 13.08 -39.35
N PRO F 323 47.86 13.46 -38.76
CA PRO F 323 48.86 12.50 -38.34
C PRO F 323 48.38 11.53 -37.25
N CYS F 324 49.18 10.50 -37.03
CA CYS F 324 48.79 9.31 -36.31
C CYS F 324 48.51 9.61 -34.87
N SER F 325 49.25 10.53 -34.26
CA SER F 325 49.06 10.93 -32.89
C SER F 325 47.72 11.49 -32.54
N HIS F 326 47.00 12.02 -33.54
CA HIS F 326 45.70 12.65 -33.32
C HIS F 326 44.61 11.65 -33.04
N TYR F 327 44.76 10.39 -33.45
CA TYR F 327 43.64 9.47 -33.38
C TYR F 327 43.77 8.51 -32.22
N ARG F 328 42.68 8.39 -31.45
CA ARG F 328 42.55 7.50 -30.29
C ARG F 328 42.54 6.05 -30.78
N PHE F 329 41.84 5.81 -31.87
CA PHE F 329 41.67 4.46 -32.38
C PHE F 329 42.94 3.90 -32.88
N LEU F 330 43.94 4.73 -33.21
CA LEU F 330 45.22 4.22 -33.61
C LEU F 330 46.09 4.00 -32.39
N THR F 331 46.46 2.75 -32.17
CA THR F 331 47.24 2.39 -31.01
C THR F 331 48.70 2.51 -31.37
N ASN F 332 49.52 2.64 -30.33
CA ASN F 332 50.97 2.49 -30.44
C ASN F 332 51.55 3.56 -31.32
N GLY F 333 50.85 4.68 -31.48
CA GLY F 333 51.37 5.80 -32.24
C GLY F 333 51.51 5.49 -33.71
N PRO F 334 52.21 6.36 -34.39
CA PRO F 334 52.52 6.12 -35.76
C PRO F 334 53.11 4.75 -35.98
N SER F 335 54.07 4.36 -35.15
CA SER F 335 54.70 3.07 -35.28
C SER F 335 55.32 2.95 -36.65
N SER F 336 56.36 3.73 -36.88
CA SER F 336 57.03 3.75 -38.18
C SER F 336 58.05 2.62 -38.27
N SER F 337 57.92 1.55 -39.08
CA SER F 337 56.97 1.21 -40.19
C SER F 337 57.36 1.64 -41.62
N PRO F 338 57.36 2.95 -41.95
CA PRO F 338 58.00 3.28 -43.23
C PRO F 338 59.47 2.81 -43.28
N GLY F 339 59.97 2.23 -44.39
CA GLY F 339 59.20 1.95 -45.62
C GLY F 339 58.85 3.14 -46.52
N GLN F 340 59.16 4.37 -46.12
CA GLN F 340 58.80 5.56 -46.87
C GLN F 340 57.26 5.65 -47.16
N GLU F 341 56.50 4.53 -47.32
CA GLU F 341 55.03 4.53 -47.52
C GLU F 341 54.70 5.37 -48.76
N ARG F 342 53.53 6.00 -48.79
CA ARG F 342 53.25 7.13 -49.68
C ARG F 342 53.41 6.73 -51.13
N GLU F 343 54.55 6.14 -51.47
CA GLU F 343 54.76 5.51 -52.75
C GLU F 343 53.83 4.31 -52.90
N LEU F 344 53.70 3.52 -51.86
CA LEU F 344 52.83 2.36 -51.92
C LEU F 344 51.39 2.75 -52.17
N PHE F 345 50.97 3.77 -51.45
CA PHE F 345 49.62 4.38 -51.59
C PHE F 345 49.40 4.81 -53.05
N GLN F 346 50.44 5.42 -53.60
CA GLN F 346 50.38 5.90 -54.99
C GLN F 346 50.18 4.73 -55.93
N GLU F 347 50.90 3.63 -55.66
CA GLU F 347 50.73 2.43 -56.48
C GLU F 347 49.30 1.90 -56.40
N THR F 348 48.78 1.91 -55.18
CA THR F 348 47.49 1.35 -54.89
C THR F 348 46.39 2.12 -55.61
N LEU F 349 46.54 3.45 -55.73
CA LEU F 349 45.54 4.24 -56.40
C LEU F 349 45.42 3.84 -57.86
N GLU F 350 46.55 3.73 -58.56
CA GLU F 350 46.58 3.22 -59.91
C GLU F 350 45.98 1.82 -59.96
N SER F 351 46.31 1.00 -59.00
CA SER F 351 45.79 -0.37 -58.97
C SER F 351 44.28 -0.37 -58.97
N LEU F 352 43.68 0.58 -58.25
CA LEU F 352 42.24 0.75 -58.22
C LEU F 352 41.75 1.21 -59.60
N ARG F 353 42.54 2.11 -60.16
CA ARG F 353 42.03 2.89 -61.32
C ARG F 353 41.92 2.01 -62.52
N VAL F 354 42.91 1.17 -62.76
CA VAL F 354 42.94 0.30 -63.90
C VAL F 354 41.75 -0.62 -63.82
N LEU F 355 41.41 -1.01 -62.59
CA LEU F 355 40.28 -1.86 -62.32
C LEU F 355 39.03 -1.14 -62.74
N GLY F 356 39.07 0.18 -62.79
CA GLY F 356 37.98 0.88 -63.49
C GLY F 356 37.10 1.57 -62.52
N PHE F 357 37.57 1.77 -61.30
CA PHE F 357 36.82 2.61 -60.37
C PHE F 357 37.23 4.06 -60.61
N SER F 358 36.25 4.93 -60.52
CA SER F 358 36.39 6.33 -60.83
C SER F 358 37.13 6.99 -59.71
N HIS F 359 37.70 8.17 -59.99
CA HIS F 359 38.44 8.91 -58.99
C HIS F 359 37.50 9.30 -57.87
N GLU F 360 36.30 9.71 -58.27
CA GLU F 360 35.20 10.03 -57.35
C GLU F 360 34.97 8.89 -56.32
N GLU F 361 34.87 7.69 -56.89
CA GLU F 361 34.59 6.52 -56.05
C GLU F 361 35.72 6.30 -55.05
N ILE F 362 36.95 6.46 -55.53
CA ILE F 362 38.13 6.29 -54.72
C ILE F 362 38.11 7.30 -53.58
N ILE F 363 37.81 8.56 -53.91
CA ILE F 363 37.79 9.59 -52.91
C ILE F 363 36.73 9.27 -51.84
N SER F 364 35.59 8.76 -52.28
CA SER F 364 34.52 8.39 -51.37
C SER F 364 34.98 7.30 -50.41
N MET F 365 35.68 6.32 -50.98
CA MET F 365 36.16 5.16 -50.21
C MET F 365 37.11 5.66 -49.10
N LEU F 366 38.08 6.44 -49.57
CA LEU F 366 39.09 6.98 -48.68
C LEU F 366 38.47 7.87 -47.63
N ARG F 367 37.42 8.59 -47.94
CA ARG F 367 36.67 9.38 -46.98
C ARG F 367 36.10 8.49 -45.90
N MET F 368 35.46 7.37 -46.21
CA MET F 368 34.96 6.56 -45.13
C MET F 368 36.08 5.91 -44.36
N VAL F 369 37.20 5.57 -45.01
CA VAL F 369 38.32 5.07 -44.28
C VAL F 369 38.80 6.08 -43.27
N SER F 370 38.68 7.36 -43.59
CA SER F 370 38.91 8.40 -42.59
C SER F 370 37.86 8.30 -41.51
N ALA F 371 36.63 8.06 -41.91
CA ALA F 371 35.45 8.09 -41.05
C ALA F 371 35.60 7.08 -39.90
N VAL F 372 36.10 5.89 -40.27
CA VAL F 372 36.29 4.86 -39.26
C VAL F 372 37.29 5.35 -38.22
N LEU F 373 38.35 6.00 -38.67
CA LEU F 373 39.37 6.53 -37.80
C LEU F 373 38.79 7.66 -36.97
N GLN F 374 37.90 8.46 -37.58
CA GLN F 374 37.29 9.60 -36.94
C GLN F 374 36.48 9.20 -35.76
N PHE F 375 35.94 7.98 -35.78
CA PHE F 375 35.13 7.49 -34.67
C PHE F 375 35.91 7.56 -33.36
N GLY F 376 37.24 7.48 -33.46
CA GLY F 376 38.12 7.69 -32.34
C GLY F 376 38.16 9.06 -31.75
N ASN F 377 38.13 10.09 -32.59
CA ASN F 377 38.26 11.46 -32.13
C ASN F 377 37.07 11.85 -31.29
N ILE F 378 35.93 11.19 -31.47
CA ILE F 378 34.79 11.59 -30.64
C ILE F 378 35.09 11.20 -29.20
N ALA F 379 34.86 12.14 -28.31
CA ALA F 379 35.05 11.85 -26.89
C ALA F 379 33.75 12.02 -26.17
N LEU F 380 33.38 10.98 -25.42
CA LEU F 380 32.20 11.04 -24.55
C LEU F 380 32.65 11.32 -23.13
N LYS F 381 32.00 12.26 -22.45
CA LYS F 381 32.50 12.72 -21.18
C LYS F 381 31.45 12.35 -20.20
N ARG F 382 31.85 11.69 -19.13
CA ARG F 382 30.90 11.22 -18.13
C ARG F 382 30.47 12.44 -17.35
N GLU F 383 29.19 12.46 -17.03
CA GLU F 383 28.61 13.61 -16.36
C GLU F 383 28.45 13.38 -14.87
N ARG F 384 28.58 14.45 -14.11
CA ARG F 384 28.54 14.36 -12.68
C ARG F 384 27.17 13.88 -12.27
N ASN F 385 27.12 12.67 -11.76
CA ASN F 385 25.94 12.10 -11.20
C ASN F 385 25.01 11.30 -12.10
N THR F 386 24.68 11.85 -13.25
CA THR F 386 23.88 11.11 -14.17
C THR F 386 24.71 10.02 -14.86
N ASP F 387 23.99 9.05 -15.37
CA ASP F 387 24.62 7.95 -16.05
C ASP F 387 25.02 8.36 -17.47
N GLN F 388 24.04 8.92 -18.16
CA GLN F 388 24.02 8.97 -19.61
C GLN F 388 25.26 9.45 -20.32
N ALA F 389 26.00 10.37 -19.72
CA ALA F 389 27.17 10.94 -20.32
C ALA F 389 26.74 11.85 -21.46
N THR F 390 27.69 12.28 -22.25
CA THR F 390 27.40 13.16 -23.36
C THR F 390 28.67 13.57 -24.10
N MET F 391 28.47 14.36 -25.14
CA MET F 391 29.55 14.85 -25.97
C MET F 391 29.55 16.36 -25.97
N PRO F 392 30.36 16.95 -25.10
CA PRO F 392 30.41 18.38 -25.05
C PRO F 392 31.13 18.98 -26.28
N ASP F 393 32.01 18.24 -26.97
CA ASP F 393 32.77 18.88 -28.07
C ASP F 393 32.21 18.45 -29.37
N ASN F 394 31.60 19.38 -30.11
CA ASN F 394 30.92 19.10 -31.38
C ASN F 394 31.91 18.99 -32.52
N THR F 395 33.12 19.57 -32.39
CA THR F 395 34.04 19.63 -33.48
C THR F 395 34.24 18.28 -34.15
N ALA F 396 34.46 17.21 -33.35
CA ALA F 396 34.93 15.96 -33.98
C ALA F 396 33.75 15.40 -34.78
N ALA F 397 32.67 15.16 -34.05
CA ALA F 397 31.45 14.64 -34.67
C ALA F 397 30.91 15.56 -35.73
N GLN F 398 31.15 16.87 -35.65
CA GLN F 398 30.87 17.77 -36.76
C GLN F 398 31.63 17.37 -38.02
N LYS F 399 32.89 17.05 -37.81
CA LYS F 399 33.78 16.56 -38.89
C LYS F 399 33.20 15.28 -39.47
N LEU F 400 32.76 14.39 -38.60
CA LEU F 400 32.13 13.13 -39.00
C LEU F 400 30.93 13.38 -39.92
N CYS F 401 30.12 14.31 -39.49
CA CYS F 401 28.90 14.70 -40.17
C CYS F 401 29.20 15.29 -41.51
N ARG F 402 30.30 16.06 -41.64
CA ARG F 402 30.76 16.46 -42.95
C ARG F 402 31.18 15.27 -43.77
N LEU F 403 31.81 14.30 -43.11
CA LEU F 403 32.36 13.14 -43.82
C LEU F 403 31.31 12.13 -44.24
N LEU F 404 30.12 12.29 -43.67
CA LEU F 404 28.98 11.51 -44.01
C LEU F 404 27.81 12.44 -44.28
N GLY F 405 26.61 11.86 -44.40
CA GLY F 405 25.36 12.56 -44.55
C GLY F 405 24.70 13.06 -43.30
N LEU F 406 25.24 12.69 -42.12
CA LEU F 406 24.58 12.92 -40.83
C LEU F 406 24.49 14.39 -40.39
N GLY F 407 23.32 14.77 -39.86
CA GLY F 407 23.17 16.00 -39.15
C GLY F 407 23.71 15.76 -37.74
N VAL F 408 24.48 16.74 -37.27
CA VAL F 408 25.18 16.63 -36.02
C VAL F 408 24.24 16.41 -34.86
N THR F 409 23.15 17.15 -34.85
CA THR F 409 22.18 17.09 -33.78
C THR F 409 21.50 15.73 -33.75
N ASP F 410 21.04 15.30 -34.93
CA ASP F 410 20.39 14.01 -35.12
C ASP F 410 21.27 12.87 -34.57
N PHE F 411 22.50 12.93 -35.05
CA PHE F 411 23.49 11.94 -34.65
C PHE F 411 23.76 12.02 -33.16
N SER F 412 23.82 13.23 -32.61
CA SER F 412 24.16 13.41 -31.22
C SER F 412 23.09 12.79 -30.34
N ARG F 413 21.82 13.07 -30.67
CA ARG F 413 20.75 12.47 -29.87
C ARG F 413 20.76 10.97 -30.02
N ALA F 414 20.95 10.53 -31.25
CA ALA F 414 20.83 9.13 -31.59
C ALA F 414 21.88 8.32 -30.84
N LEU F 415 23.10 8.86 -30.81
CA LEU F 415 24.22 8.10 -30.28
C LEU F 415 24.05 8.03 -28.76
N LEU F 416 23.87 9.20 -28.17
CA LEU F 416 23.88 9.35 -26.76
C LEU F 416 22.62 8.77 -26.16
N THR F 417 21.47 9.15 -26.70
CA THR F 417 20.24 8.61 -26.15
C THR F 417 19.32 8.03 -27.20
N PRO F 418 19.57 6.76 -27.53
CA PRO F 418 18.94 6.23 -28.72
C PRO F 418 17.50 5.83 -28.45
N ARG F 419 16.71 5.70 -29.53
CA ARG F 419 15.34 5.37 -29.38
C ARG F 419 15.19 3.94 -29.86
N ILE F 420 14.28 3.20 -29.24
CA ILE F 420 14.15 1.81 -29.54
C ILE F 420 12.71 1.47 -29.69
N LYS F 421 12.43 0.60 -30.63
CA LYS F 421 11.06 0.24 -30.94
C LYS F 421 10.53 -0.84 -30.05
N VAL F 422 9.67 -0.40 -29.14
CA VAL F 422 8.97 -1.24 -28.18
C VAL F 422 7.50 -1.26 -28.68
N GLY F 423 7.23 -2.21 -29.55
CA GLY F 423 6.16 -2.06 -30.50
C GLY F 423 4.84 -1.54 -29.97
N ARG F 424 4.24 -0.54 -30.63
CA ARG F 424 4.66 0.00 -31.95
C ARG F 424 5.14 1.42 -31.78
N ASP F 425 5.55 1.76 -30.56
CA ASP F 425 5.67 3.13 -30.13
C ASP F 425 7.04 3.36 -29.52
N TYR F 426 7.76 4.35 -30.01
CA TYR F 426 9.18 4.42 -29.68
C TYR F 426 9.42 5.08 -28.33
N VAL F 427 10.53 4.66 -27.76
CA VAL F 427 10.96 5.14 -26.46
C VAL F 427 12.47 5.27 -26.42
N GLN F 428 12.92 6.30 -25.70
CA GLN F 428 14.32 6.57 -25.58
C GLN F 428 15.02 5.51 -24.77
N LYS F 429 16.33 5.68 -24.61
CA LYS F 429 17.12 4.80 -23.76
C LYS F 429 18.15 5.61 -23.08
N ALA F 430 18.53 5.19 -21.87
CA ALA F 430 19.71 5.78 -21.18
C ALA F 430 20.92 4.95 -21.51
N GLN F 431 22.04 5.55 -21.87
CA GLN F 431 23.22 4.80 -22.18
C GLN F 431 24.36 5.27 -21.35
N THR F 432 25.19 4.36 -20.81
CA THR F 432 26.35 4.77 -20.03
C THR F 432 27.38 5.36 -20.95
N LYS F 433 28.47 5.87 -20.36
CA LYS F 433 29.64 6.27 -21.12
C LYS F 433 30.26 5.05 -21.79
N GLU F 434 30.37 3.96 -21.04
CA GLU F 434 31.00 2.75 -21.54
C GLU F 434 30.19 2.20 -22.72
N GLN F 435 28.88 2.19 -22.56
CA GLN F 435 27.99 1.62 -23.56
C GLN F 435 28.09 2.39 -24.85
N ALA F 436 28.04 3.71 -24.73
CA ALA F 436 28.11 4.58 -25.90
C ALA F 436 29.48 4.42 -26.54
N ASP F 437 30.54 4.28 -25.77
CA ASP F 437 31.88 4.06 -26.31
C ASP F 437 31.92 2.83 -27.13
N PHE F 438 31.30 1.75 -26.60
CA PHE F 438 31.26 0.49 -27.38
C PHE F 438 30.49 0.68 -28.65
N ALA F 439 29.39 1.46 -28.60
CA ALA F 439 28.61 1.73 -29.80
C ALA F 439 29.46 2.44 -30.84
N LEU F 440 30.27 3.39 -30.40
CA LEU F 440 31.16 4.12 -31.32
C LEU F 440 32.12 3.17 -31.97
N GLU F 441 32.71 2.30 -31.15
CA GLU F 441 33.68 1.32 -31.64
C GLU F 441 32.99 0.35 -32.54
N ALA F 442 31.77 -0.05 -32.20
CA ALA F 442 30.97 -0.94 -33.06
C ALA F 442 30.78 -0.37 -34.46
N LEU F 443 30.19 0.82 -34.52
CA LEU F 443 29.96 1.48 -35.82
C LEU F 443 31.23 1.64 -36.57
N ALA F 444 32.33 1.95 -35.85
CA ALA F 444 33.64 1.89 -36.52
C ALA F 444 33.80 0.53 -37.22
N LYS F 445 33.67 -0.53 -36.42
CA LYS F 445 34.11 -1.85 -36.85
C LYS F 445 33.18 -2.34 -37.92
N ALA F 446 31.88 -2.23 -37.65
CA ALA F 446 30.83 -2.60 -38.62
C ALA F 446 30.98 -1.78 -39.86
N THR F 447 31.28 -0.49 -39.76
CA THR F 447 31.48 0.36 -40.91
C THR F 447 32.58 -0.17 -41.80
N TYR F 448 33.69 -0.53 -41.15
CA TYR F 448 34.84 -1.06 -41.85
C TYR F 448 34.48 -2.34 -42.58
N GLU F 449 33.76 -3.21 -41.86
CA GLU F 449 33.36 -4.50 -42.40
C GLU F 449 32.49 -4.30 -43.64
N ARG F 450 31.53 -3.40 -43.50
CA ARG F 450 30.61 -3.10 -44.59
C ARG F 450 31.34 -2.59 -45.82
N LEU F 451 32.28 -1.69 -45.56
CA LEU F 451 33.15 -1.11 -46.57
C LEU F 451 33.86 -2.20 -47.32
N PHE F 452 34.45 -3.11 -46.56
CA PHE F 452 35.22 -4.21 -47.12
C PHE F 452 34.36 -5.08 -48.00
N ARG F 453 33.15 -5.36 -47.51
CA ARG F 453 32.18 -6.18 -48.24
C ARG F 453 31.85 -5.54 -49.57
N TRP F 454 31.63 -4.24 -49.53
CA TRP F 454 31.23 -3.50 -50.72
C TRP F 454 32.35 -3.52 -51.68
N LEU F 455 33.60 -3.38 -51.22
CA LEU F 455 34.74 -3.45 -52.09
C LEU F 455 34.77 -4.77 -52.81
N VAL F 456 34.53 -5.86 -52.11
CA VAL F 456 34.54 -7.16 -52.73
C VAL F 456 33.49 -7.29 -53.81
N LEU F 457 32.31 -6.75 -53.55
CA LEU F 457 31.19 -6.87 -54.51
C LEU F 457 31.45 -5.98 -55.72
N ARG F 458 31.87 -4.75 -55.43
CA ARG F 458 32.20 -3.77 -56.47
C ARG F 458 33.37 -4.29 -57.28
N LEU F 459 34.30 -5.02 -56.65
CA LEU F 459 35.43 -5.60 -57.34
C LEU F 459 34.94 -6.66 -58.30
N ASN F 460 34.06 -7.57 -57.80
CA ASN F 460 33.54 -8.62 -58.62
C ASN F 460 32.78 -8.05 -59.76
N ARG F 461 32.21 -6.84 -59.63
CA ARG F 461 31.66 -6.13 -60.79
C ARG F 461 32.71 -5.71 -61.76
N ALA F 462 33.84 -5.23 -61.27
CA ALA F 462 35.05 -4.94 -62.08
C ALA F 462 35.62 -6.15 -62.79
N LEU F 463 35.37 -7.33 -62.24
CA LEU F 463 35.57 -8.60 -62.97
C LEU F 463 34.35 -8.89 -63.84
N ASP F 464 34.60 -9.33 -65.07
CA ASP F 464 33.55 -9.52 -66.04
C ASP F 464 33.39 -11.00 -66.31
N ARG F 465 32.14 -11.43 -66.42
CA ARG F 465 31.87 -12.83 -66.71
C ARG F 465 31.14 -12.95 -68.04
N SER F 466 31.22 -14.13 -68.67
CA SER F 466 30.53 -14.36 -69.95
C SER F 466 29.05 -14.67 -69.73
N PRO F 467 28.59 -15.84 -70.17
CA PRO F 467 27.22 -16.17 -69.83
C PRO F 467 27.19 -16.79 -68.47
N ARG F 468 26.42 -16.18 -67.56
CA ARG F 468 26.50 -16.51 -66.13
C ARG F 468 25.72 -17.75 -65.74
N GLN F 469 25.86 -18.12 -64.47
CA GLN F 469 25.13 -19.24 -63.84
C GLN F 469 25.51 -20.63 -64.32
N GLY F 470 26.50 -20.71 -65.20
CA GLY F 470 26.89 -21.96 -65.78
C GLY F 470 28.31 -22.18 -65.32
N ALA F 471 28.66 -23.29 -64.70
CA ALA F 471 27.77 -24.26 -64.12
C ALA F 471 28.19 -24.59 -62.71
N SER F 472 29.50 -24.48 -62.42
CA SER F 472 30.10 -25.03 -61.23
C SER F 472 31.35 -24.27 -60.95
N PHE F 473 31.92 -24.41 -59.76
CA PHE F 473 33.11 -23.62 -59.46
C PHE F 473 34.17 -24.45 -58.77
N LEU F 474 35.38 -23.84 -58.72
CA LEU F 474 36.52 -24.34 -57.97
C LEU F 474 36.89 -23.24 -57.00
N GLY F 475 36.67 -23.47 -55.71
CA GLY F 475 37.09 -22.49 -54.71
C GLY F 475 38.53 -22.60 -54.30
N ILE F 476 39.23 -21.47 -54.10
CA ILE F 476 40.57 -21.48 -53.59
C ILE F 476 40.60 -20.65 -52.34
N LEU F 477 40.94 -21.26 -51.21
CA LEU F 477 40.85 -20.56 -49.94
C LEU F 477 42.25 -20.15 -49.52
N ASP F 478 42.44 -18.83 -49.37
CA ASP F 478 43.66 -18.30 -48.80
C ASP F 478 43.26 -17.73 -47.46
N ILE F 479 43.72 -18.37 -46.37
CA ILE F 479 43.48 -17.82 -45.06
C ILE F 479 44.70 -17.97 -44.21
N ALA F 480 44.84 -17.07 -43.23
CA ALA F 480 45.97 -17.11 -42.30
C ALA F 480 45.89 -18.37 -41.51
N GLY F 481 47.05 -18.95 -41.22
CA GLY F 481 47.09 -20.31 -40.67
C GLY F 481 46.91 -20.19 -39.18
N PHE F 482 47.06 -21.31 -38.49
CA PHE F 482 47.00 -21.37 -37.05
C PHE F 482 48.11 -20.51 -36.51
N GLU F 483 47.79 -19.59 -35.61
CA GLU F 483 48.82 -18.65 -35.14
C GLU F 483 49.24 -18.98 -33.73
N ILE F 484 50.47 -18.67 -33.40
CA ILE F 484 50.89 -18.72 -32.04
C ILE F 484 51.77 -17.51 -31.84
N PHE F 485 51.49 -16.72 -30.83
CA PHE F 485 52.45 -15.73 -30.35
C PHE F 485 52.79 -16.10 -28.91
N GLN F 486 53.63 -15.28 -28.31
CA GLN F 486 53.94 -15.45 -26.92
C GLN F 486 52.70 -15.12 -26.10
N LEU F 487 52.06 -13.97 -26.41
CA LEU F 487 50.94 -13.46 -25.67
C LEU F 487 49.60 -14.08 -26.03
N ASN F 488 49.26 -14.11 -27.32
CA ASN F 488 48.02 -14.79 -27.74
C ASN F 488 46.78 -14.15 -27.14
N SER F 489 46.27 -13.10 -27.79
CA SER F 489 45.07 -12.42 -27.32
C SER F 489 43.86 -13.12 -27.95
N PHE F 490 42.74 -12.37 -27.99
CA PHE F 490 41.43 -12.88 -28.31
C PHE F 490 41.30 -13.28 -29.76
N GLU F 491 41.83 -12.40 -30.62
CA GLU F 491 41.80 -12.60 -32.05
C GLU F 491 42.54 -13.86 -32.39
N GLN F 492 43.65 -14.04 -31.67
CA GLN F 492 44.46 -15.27 -31.74
C GLN F 492 43.56 -16.50 -31.46
N LEU F 493 42.63 -16.36 -30.50
CA LEU F 493 41.79 -17.47 -30.16
C LEU F 493 40.84 -17.73 -31.28
N CYS F 494 40.19 -16.67 -31.81
CA CYS F 494 39.27 -16.84 -32.94
C CYS F 494 39.93 -17.51 -34.13
N ILE F 495 41.16 -17.10 -34.44
CA ILE F 495 41.90 -17.66 -35.55
C ILE F 495 42.12 -19.17 -35.34
N ASN F 496 42.50 -19.47 -34.12
CA ASN F 496 42.72 -20.85 -33.73
C ASN F 496 41.47 -21.70 -33.88
N TYR F 497 40.33 -21.10 -33.52
CA TYR F 497 39.05 -21.75 -33.60
C TYR F 497 38.71 -22.12 -35.05
N THR F 498 38.97 -21.17 -35.95
CA THR F 498 38.67 -21.42 -37.35
C THR F 498 39.58 -22.47 -37.91
N ASN F 499 40.87 -22.33 -37.59
CA ASN F 499 41.87 -23.33 -38.03
C ASN F 499 41.54 -24.72 -37.50
N GLU F 500 40.99 -24.75 -36.29
CA GLU F 500 40.39 -25.97 -35.77
C GLU F 500 39.38 -26.59 -36.74
N LYS F 501 38.31 -25.86 -37.09
CA LYS F 501 37.31 -26.42 -37.95
C LYS F 501 37.84 -26.85 -39.30
N LEU F 502 38.71 -26.02 -39.91
CA LEU F 502 39.32 -26.36 -41.19
C LEU F 502 40.07 -27.65 -41.12
N GLN F 503 40.86 -27.75 -40.05
CA GLN F 503 41.63 -28.98 -39.78
C GLN F 503 40.73 -30.19 -39.67
N GLN F 504 39.58 -29.99 -39.02
CA GLN F 504 38.61 -31.04 -38.80
C GLN F 504 38.09 -31.49 -40.13
N LEU F 505 37.75 -30.55 -41.01
CA LEU F 505 37.29 -30.89 -42.36
C LEU F 505 38.31 -31.73 -43.07
N PHE F 506 39.59 -31.38 -42.91
CA PHE F 506 40.66 -32.14 -43.57
C PHE F 506 40.67 -33.57 -43.06
N ASN F 507 40.55 -33.69 -41.74
CA ASN F 507 40.54 -35.03 -41.13
C ASN F 507 39.41 -35.85 -41.66
N HIS F 508 38.23 -35.23 -41.77
CA HIS F 508 37.06 -35.93 -42.27
C HIS F 508 37.31 -36.39 -43.69
N THR F 509 37.90 -35.51 -44.51
CA THR F 509 38.14 -35.75 -45.89
C THR F 509 39.04 -36.97 -46.05
N MET F 510 40.16 -36.90 -45.35
CA MET F 510 41.13 -37.99 -45.26
C MET F 510 40.43 -39.28 -44.85
N PHE F 511 39.51 -39.17 -43.90
CA PHE F 511 38.78 -40.29 -43.34
C PHE F 511 37.99 -40.97 -44.44
N VAL F 512 37.22 -40.15 -45.20
CA VAL F 512 36.42 -40.73 -46.27
C VAL F 512 37.27 -41.31 -47.39
N LEU F 513 38.45 -40.69 -47.63
CA LEU F 513 39.38 -41.19 -48.61
C LEU F 513 39.88 -42.58 -48.25
N GLU F 514 40.24 -42.74 -46.98
CA GLU F 514 40.77 -44.02 -46.52
C GLU F 514 39.70 -45.08 -46.46
N GLN F 515 38.50 -44.68 -46.02
CA GLN F 515 37.41 -45.65 -45.90
C GLN F 515 37.03 -46.17 -47.25
N GLU F 516 37.00 -45.30 -48.25
CA GLU F 516 36.68 -45.71 -49.64
C GLU F 516 37.81 -46.48 -50.36
N GLU F 517 39.04 -46.12 -49.96
CA GLU F 517 40.24 -46.82 -50.43
C GLU F 517 40.19 -48.24 -49.92
N TYR F 518 39.73 -48.49 -48.69
CA TYR F 518 39.69 -49.83 -48.15
C TYR F 518 38.74 -50.69 -49.02
N GLN F 519 37.58 -50.10 -49.34
CA GLN F 519 36.59 -50.85 -50.12
C GLN F 519 37.13 -51.14 -51.51
N ARG F 520 37.85 -50.19 -52.10
CA ARG F 520 38.44 -50.41 -53.41
C ARG F 520 39.42 -51.54 -53.38
N GLU F 521 40.01 -51.82 -52.23
CA GLU F 521 40.92 -52.94 -52.06
C GLU F 521 40.25 -54.16 -51.36
N GLY F 522 39.01 -53.97 -51.01
CA GLY F 522 38.17 -55.03 -50.55
C GLY F 522 38.36 -55.35 -49.11
N ILE F 523 39.00 -54.46 -48.35
CA ILE F 523 39.21 -54.73 -46.95
C ILE F 523 38.15 -54.01 -46.18
N PRO F 524 37.32 -54.76 -45.46
CA PRO F 524 36.41 -54.08 -44.56
C PRO F 524 37.11 -53.77 -43.25
N TRP F 525 37.09 -52.50 -42.85
CA TRP F 525 37.66 -52.14 -41.57
C TRP F 525 36.88 -50.94 -41.07
N THR F 526 36.57 -50.98 -39.77
CA THR F 526 35.88 -49.88 -39.17
C THR F 526 36.78 -49.22 -38.16
N PHE F 527 36.76 -47.91 -38.17
CA PHE F 527 37.67 -47.09 -37.38
C PHE F 527 36.99 -45.74 -37.20
N LEU F 528 37.37 -45.07 -36.11
CA LEU F 528 36.71 -43.84 -35.70
C LEU F 528 37.02 -42.69 -36.64
N ASP F 529 36.04 -41.79 -36.72
CA ASP F 529 36.18 -40.54 -37.44
C ASP F 529 37.31 -39.75 -36.84
N PHE F 530 38.22 -39.31 -37.74
CA PHE F 530 39.41 -38.57 -37.38
C PHE F 530 39.02 -37.18 -36.97
N GLY F 531 37.90 -36.68 -37.49
CA GLY F 531 37.42 -35.35 -37.22
C GLY F 531 37.11 -35.18 -35.75
N LEU F 532 36.71 -36.29 -35.12
CA LEU F 532 36.26 -36.32 -33.74
C LEU F 532 37.36 -35.94 -32.82
N ASP F 533 38.63 -36.06 -33.21
CA ASP F 533 39.74 -35.73 -32.35
C ASP F 533 39.64 -34.25 -31.90
N LEU F 534 39.33 -33.40 -32.86
CA LEU F 534 39.24 -31.96 -32.71
C LEU F 534 37.95 -31.56 -32.03
N GLN F 535 36.90 -32.40 -32.15
CA GLN F 535 35.57 -32.03 -31.77
C GLN F 535 35.47 -31.61 -30.32
N PRO F 536 36.11 -32.29 -29.36
CA PRO F 536 35.93 -31.80 -28.00
C PRO F 536 36.57 -30.44 -27.80
N CYS F 537 37.71 -30.19 -28.47
CA CYS F 537 38.34 -28.88 -28.38
C CYS F 537 37.42 -27.82 -28.95
N ILE F 538 36.75 -28.15 -30.06
CA ILE F 538 35.86 -27.25 -30.70
C ILE F 538 34.68 -26.94 -29.81
N ASP F 539 34.10 -27.98 -29.23
CA ASP F 539 32.98 -27.80 -28.28
C ASP F 539 33.43 -26.96 -27.11
N LEU F 540 34.69 -27.13 -26.69
CA LEU F 540 35.23 -26.37 -25.57
C LEU F 540 35.08 -24.92 -25.92
N ILE F 541 35.54 -24.51 -27.12
CA ILE F 541 35.44 -23.13 -27.50
C ILE F 541 34.04 -22.72 -27.89
N GLU F 542 33.34 -23.60 -28.60
CA GLU F 542 32.06 -23.21 -29.19
C GLU F 542 30.78 -23.47 -28.37
N ARG F 543 30.58 -24.74 -28.02
CA ARG F 543 29.30 -25.27 -27.48
C ARG F 543 28.54 -24.30 -26.60
N PRO F 544 27.39 -23.87 -27.07
CA PRO F 544 26.66 -22.93 -26.24
C PRO F 544 26.03 -23.49 -24.97
N ALA F 545 25.54 -24.72 -25.01
CA ALA F 545 24.48 -25.06 -24.06
C ALA F 545 24.93 -25.71 -22.76
N ASN F 546 24.72 -27.00 -22.66
CA ASN F 546 24.69 -27.66 -21.37
C ASN F 546 25.85 -27.37 -20.39
N PRO F 547 27.07 -27.93 -20.61
CA PRO F 547 28.23 -27.03 -20.39
C PRO F 547 28.43 -26.01 -21.52
N PRO F 548 28.55 -24.72 -21.20
CA PRO F 548 28.73 -23.70 -22.19
C PRO F 548 30.20 -23.45 -22.51
N GLY F 549 30.40 -22.93 -23.71
CA GLY F 549 31.72 -22.80 -24.31
C GLY F 549 32.37 -21.52 -23.88
N LEU F 550 33.65 -21.39 -24.24
CA LEU F 550 34.43 -20.22 -23.91
C LEU F 550 33.86 -19.00 -24.56
N LEU F 551 33.44 -19.10 -25.83
CA LEU F 551 32.86 -17.94 -26.47
C LEU F 551 31.56 -17.56 -25.82
N ALA F 552 30.72 -18.57 -25.55
CA ALA F 552 29.41 -18.37 -24.97
C ALA F 552 29.58 -17.70 -23.58
N LEU F 553 30.43 -18.30 -22.79
CA LEU F 553 30.72 -17.78 -21.45
C LEU F 553 31.25 -16.42 -21.45
N LEU F 554 32.06 -16.09 -22.45
CA LEU F 554 32.55 -14.71 -22.63
C LEU F 554 31.40 -13.78 -22.87
N ASP F 555 30.47 -14.21 -23.75
CA ASP F 555 29.35 -13.35 -24.07
C ASP F 555 28.50 -13.07 -22.82
N GLU F 556 28.29 -14.13 -22.04
CA GLU F 556 27.52 -14.04 -20.80
C GLU F 556 28.18 -13.08 -19.84
N GLU F 557 29.51 -13.15 -19.74
CA GLU F 557 30.27 -12.25 -18.90
C GLU F 557 30.04 -10.78 -19.37
N CYS F 558 30.06 -10.60 -20.70
CA CYS F 558 30.07 -9.26 -21.23
C CYS F 558 28.82 -8.50 -20.88
N TRP F 559 27.67 -9.21 -20.91
CA TRP F 559 26.38 -8.57 -20.73
C TRP F 559 26.09 -8.37 -19.27
N PHE F 560 26.46 -9.35 -18.44
CA PHE F 560 26.12 -9.29 -17.04
C PHE F 560 26.78 -8.07 -16.40
N PRO F 561 26.07 -7.39 -15.52
CA PRO F 561 26.44 -6.02 -15.07
C PRO F 561 27.89 -5.61 -14.88
N LYS F 562 28.50 -5.99 -13.76
CA LYS F 562 29.87 -5.61 -13.47
C LYS F 562 30.69 -6.82 -13.69
N ALA F 563 31.19 -6.83 -14.90
CA ALA F 563 31.94 -7.91 -15.41
C ALA F 563 33.37 -7.43 -15.39
N THR F 564 34.24 -8.25 -14.82
CA THR F 564 35.69 -8.09 -14.98
C THR F 564 36.26 -9.31 -15.69
N ASP F 565 37.43 -9.11 -16.29
CA ASP F 565 38.21 -10.15 -16.91
C ASP F 565 38.48 -11.29 -15.92
N LYS F 566 38.76 -10.93 -14.68
CA LYS F 566 39.05 -11.92 -13.65
C LYS F 566 37.84 -12.77 -13.39
N SER F 567 36.69 -12.10 -13.27
CA SER F 567 35.45 -12.89 -13.09
C SER F 567 35.21 -13.85 -14.25
N PHE F 568 35.59 -13.42 -15.44
CA PHE F 568 35.52 -14.28 -16.62
C PHE F 568 36.34 -15.56 -16.46
N VAL F 569 37.63 -15.42 -16.16
CA VAL F 569 38.48 -16.61 -16.10
C VAL F 569 38.04 -17.52 -14.96
N GLU F 570 37.74 -16.88 -13.84
CA GLU F 570 37.29 -17.69 -12.70
C GLU F 570 36.07 -18.51 -13.09
N LYS F 571 35.13 -17.83 -13.77
CA LYS F 571 33.88 -18.41 -14.17
C LYS F 571 34.10 -19.59 -15.11
N VAL F 572 35.02 -19.39 -16.07
CA VAL F 572 35.23 -20.46 -17.01
C VAL F 572 35.92 -21.64 -16.32
N ALA F 573 36.79 -21.38 -15.35
CA ALA F 573 37.40 -22.45 -14.61
C ALA F 573 36.34 -23.27 -13.91
N GLN F 574 35.50 -22.53 -13.19
CA GLN F 574 34.43 -23.15 -12.40
C GLN F 574 33.46 -23.86 -13.35
N GLU F 575 33.13 -23.19 -14.44
CA GLU F 575 32.10 -23.77 -15.33
C GLU F 575 32.77 -24.92 -16.07
N GLN F 576 33.83 -24.61 -16.76
CA GLN F 576 34.47 -25.56 -17.57
C GLN F 576 35.93 -25.72 -17.38
N GLY F 577 36.31 -26.56 -16.40
CA GLY F 577 37.67 -26.90 -16.08
C GLY F 577 37.87 -28.37 -16.16
N GLY F 578 36.81 -29.11 -15.83
CA GLY F 578 36.70 -30.55 -16.11
C GLY F 578 36.98 -31.03 -17.53
N HIS F 579 37.08 -30.08 -18.47
CA HIS F 579 37.37 -30.40 -19.83
C HIS F 579 38.83 -30.74 -19.99
N PRO F 580 39.09 -31.87 -20.64
CA PRO F 580 40.43 -32.36 -20.71
C PRO F 580 41.32 -31.49 -21.57
N LYS F 581 40.79 -30.83 -22.59
CA LYS F 581 41.62 -29.96 -23.40
C LYS F 581 41.80 -28.62 -22.78
N PHE F 582 41.09 -28.32 -21.66
CA PHE F 582 41.27 -27.06 -20.99
C PHE F 582 42.25 -27.23 -19.85
N GLN F 583 43.24 -26.32 -19.75
CA GLN F 583 44.19 -26.41 -18.65
C GLN F 583 44.45 -25.10 -17.96
N ARG F 584 44.15 -25.06 -16.67
CA ARG F 584 44.54 -23.89 -15.86
C ARG F 584 45.99 -24.07 -15.34
N PRO F 585 46.90 -23.14 -15.65
CA PRO F 585 48.30 -23.33 -15.27
C PRO F 585 48.48 -23.36 -13.77
N ARG F 586 47.91 -22.37 -13.09
CA ARG F 586 47.96 -22.22 -11.63
C ARG F 586 49.33 -21.83 -11.08
N HIS F 587 49.34 -21.44 -9.82
CA HIS F 587 50.61 -21.20 -9.09
C HIS F 587 51.40 -20.03 -9.66
N LEU F 588 52.75 -20.12 -9.63
CA LEU F 588 53.57 -19.14 -10.27
C LEU F 588 53.26 -19.01 -11.73
N ARG F 589 53.74 -17.91 -12.29
CA ARG F 589 53.50 -17.58 -13.68
C ARG F 589 54.46 -18.37 -14.60
N ASP F 590 54.05 -18.82 -15.80
CA ASP F 590 52.66 -18.86 -16.30
C ASP F 590 51.95 -17.52 -16.37
N GLN F 591 52.49 -16.65 -17.22
CA GLN F 591 51.95 -15.35 -17.41
C GLN F 591 50.52 -15.42 -17.94
N ALA F 592 50.26 -16.32 -18.87
CA ALA F 592 48.95 -16.45 -19.46
C ALA F 592 48.00 -17.18 -18.51
N ASP F 593 46.75 -16.75 -18.53
CA ASP F 593 45.80 -17.09 -17.46
C ASP F 593 44.99 -18.36 -17.70
N PHE F 594 44.79 -18.77 -18.95
CA PHE F 594 44.37 -20.18 -19.13
C PHE F 594 44.83 -20.70 -20.46
N SER F 595 44.81 -21.99 -20.65
CA SER F 595 45.39 -22.58 -21.85
C SER F 595 44.53 -23.65 -22.42
N VAL F 596 44.59 -23.88 -23.71
CA VAL F 596 43.96 -25.05 -24.31
C VAL F 596 44.92 -25.84 -25.16
N LEU F 597 44.49 -27.07 -25.46
CA LEU F 597 45.27 -28.07 -26.19
C LEU F 597 44.68 -28.35 -27.57
N HIS F 598 45.23 -27.67 -28.56
CA HIS F 598 44.83 -27.85 -29.93
C HIS F 598 45.60 -28.99 -30.56
N TYR F 599 45.35 -29.18 -31.84
CA TYR F 599 46.05 -30.14 -32.66
C TYR F 599 47.50 -29.74 -32.72
N ALA F 600 47.73 -28.44 -32.85
CA ALA F 600 49.09 -27.91 -32.96
C ALA F 600 49.82 -28.16 -31.66
N GLY F 601 49.13 -27.93 -30.53
CA GLY F 601 49.80 -28.09 -29.26
C GLY F 601 49.13 -27.25 -28.23
N LYS F 602 49.85 -26.98 -27.12
CA LYS F 602 49.28 -26.23 -26.02
C LYS F 602 49.57 -24.77 -26.24
N VAL F 603 48.53 -23.95 -26.19
CA VAL F 603 48.65 -22.54 -26.40
C VAL F 603 48.18 -21.85 -25.16
N ASP F 604 48.74 -20.69 -24.84
CA ASP F 604 48.41 -20.00 -23.62
C ASP F 604 47.69 -18.72 -24.00
N TYR F 605 46.69 -18.36 -23.23
CA TYR F 605 45.91 -17.17 -23.53
C TYR F 605 45.91 -16.25 -22.36
N LYS F 606 45.99 -14.94 -22.65
CA LYS F 606 45.92 -13.84 -21.71
C LYS F 606 44.52 -13.24 -21.85
N ALA F 607 43.85 -13.13 -20.74
CA ALA F 607 42.47 -12.78 -20.77
C ALA F 607 42.24 -11.27 -20.74
N ASN F 608 43.29 -10.46 -20.59
CA ASN F 608 43.09 -9.04 -20.39
C ASN F 608 42.26 -8.42 -21.49
N GLU F 609 41.27 -7.64 -21.06
CA GLU F 609 40.47 -6.79 -21.94
C GLU F 609 39.71 -7.60 -22.97
N TRP F 610 39.41 -8.85 -22.62
CA TRP F 610 38.64 -9.69 -23.53
C TRP F 610 37.23 -9.25 -23.60
N LEU F 611 36.65 -8.82 -22.48
CA LEU F 611 35.28 -8.38 -22.47
C LEU F 611 35.13 -7.20 -23.37
N MET F 612 36.11 -6.29 -23.33
CA MET F 612 36.03 -5.08 -24.13
C MET F 612 36.11 -5.40 -25.60
N LYS F 613 36.97 -6.35 -26.00
CA LYS F 613 37.13 -6.75 -27.37
C LYS F 613 35.87 -7.43 -27.92
N ASN F 614 35.15 -8.13 -27.03
CA ASN F 614 33.98 -8.91 -27.36
C ASN F 614 32.80 -8.02 -27.65
N MET F 615 32.71 -6.87 -26.96
CA MET F 615 31.53 -6.02 -27.10
C MET F 615 31.46 -5.37 -28.45
N ASP F 616 30.32 -5.54 -29.11
CA ASP F 616 30.05 -4.86 -30.36
C ASP F 616 28.57 -4.56 -30.38
N PRO F 617 28.04 -3.81 -29.43
CA PRO F 617 26.61 -3.48 -29.49
C PRO F 617 26.38 -2.44 -30.54
N LEU F 618 25.29 -2.54 -31.30
CA LEU F 618 25.13 -1.68 -32.43
C LEU F 618 23.82 -0.95 -32.25
N ASN F 619 23.86 0.39 -32.32
CA ASN F 619 22.63 1.16 -32.23
C ASN F 619 21.93 1.12 -33.53
N ASP F 620 20.67 0.70 -33.47
CA ASP F 620 19.80 0.63 -34.63
C ASP F 620 19.44 2.01 -35.09
N ASN F 621 19.35 2.96 -34.15
CA ASN F 621 19.01 4.32 -34.47
C ASN F 621 20.08 4.95 -35.33
N VAL F 622 21.33 4.87 -34.89
CA VAL F 622 22.41 5.47 -35.67
C VAL F 622 22.56 4.78 -37.02
N ALA F 623 22.41 3.47 -37.01
CA ALA F 623 22.41 2.64 -38.18
C ALA F 623 21.37 3.12 -39.16
N ALA F 624 20.17 3.38 -38.67
CA ALA F 624 19.08 3.93 -39.47
C ALA F 624 19.49 5.24 -40.09
N LEU F 625 20.18 6.08 -39.31
CA LEU F 625 20.61 7.37 -39.82
C LEU F 625 21.56 7.19 -41.01
N LEU F 626 22.49 6.23 -40.86
CA LEU F 626 23.39 5.87 -41.96
C LEU F 626 22.60 5.41 -43.19
N HIS F 627 21.56 4.62 -42.94
CA HIS F 627 20.72 4.15 -44.03
C HIS F 627 20.04 5.30 -44.76
N GLN F 628 19.95 6.46 -44.12
CA GLN F 628 19.36 7.66 -44.62
C GLN F 628 20.41 8.65 -45.11
N SER F 629 21.68 8.23 -45.17
CA SER F 629 22.76 9.19 -45.42
C SER F 629 22.52 9.86 -46.73
N THR F 630 23.01 11.10 -46.82
CA THR F 630 22.91 11.90 -48.02
C THR F 630 23.84 11.43 -49.10
N ASP F 631 25.08 11.16 -48.72
CA ASP F 631 26.09 10.71 -49.67
C ASP F 631 25.70 9.35 -50.17
N ARG F 632 26.04 9.05 -51.42
CA ARG F 632 25.61 7.82 -52.05
C ARG F 632 26.35 6.67 -51.41
N LEU F 633 27.65 6.84 -51.19
CA LEU F 633 28.52 5.71 -50.93
C LEU F 633 28.06 4.98 -49.64
N THR F 634 28.11 5.72 -48.54
CA THR F 634 27.86 5.14 -47.23
C THR F 634 26.44 4.64 -47.14
N ALA F 635 25.49 5.41 -47.70
CA ALA F 635 24.09 5.02 -47.64
C ALA F 635 23.87 3.72 -48.38
N GLU F 636 24.55 3.60 -49.55
CA GLU F 636 24.46 2.37 -50.34
C GLU F 636 25.06 1.20 -49.53
N ILE F 637 26.16 1.47 -48.80
CA ILE F 637 26.77 0.46 -47.99
C ILE F 637 25.83 -0.13 -46.95
N TRP F 638 25.11 0.72 -46.22
CA TRP F 638 24.30 0.32 -45.06
C TRP F 638 22.92 -0.18 -45.45
N LYS F 639 22.91 -0.94 -46.54
CA LYS F 639 21.62 -1.34 -47.14
C LYS F 639 21.02 -2.64 -46.50
N ASP F 640 21.37 -2.93 -45.25
CA ASP F 640 20.47 -3.62 -44.37
C ASP F 640 19.24 -2.79 -43.97
N ARG F 661 15.81 -11.53 -36.99
CA ARG F 661 16.89 -12.39 -37.48
C ARG F 661 17.78 -12.84 -36.31
N PRO F 662 19.00 -12.31 -36.22
CA PRO F 662 19.84 -12.63 -35.08
C PRO F 662 19.43 -11.85 -33.85
N ARG F 663 20.39 -11.65 -32.97
CA ARG F 663 20.17 -10.85 -31.78
C ARG F 663 20.44 -9.42 -32.03
N ARG F 664 20.37 -9.02 -33.30
CA ARG F 664 20.93 -7.71 -33.74
C ARG F 664 20.53 -6.58 -32.83
N GLY F 665 21.50 -5.73 -32.50
CA GLY F 665 21.25 -4.63 -31.60
C GLY F 665 21.59 -5.01 -30.19
N MET F 666 22.35 -4.14 -29.53
CA MET F 666 22.98 -4.42 -28.25
C MET F 666 23.66 -5.75 -28.37
N PHE F 667 23.31 -6.70 -27.52
CA PHE F 667 23.84 -8.04 -27.61
C PHE F 667 24.93 -8.25 -28.62
N ARG F 668 24.59 -8.74 -29.81
CA ARG F 668 25.55 -8.88 -30.87
C ARG F 668 27.00 -8.71 -30.45
N THR F 669 27.68 -9.82 -30.30
CA THR F 669 29.07 -9.82 -29.90
C THR F 669 29.97 -10.24 -31.04
N VAL F 670 31.20 -9.78 -30.97
CA VAL F 670 32.16 -10.07 -32.03
C VAL F 670 32.36 -11.55 -32.15
N GLY F 671 32.48 -12.23 -31.00
CA GLY F 671 32.59 -13.67 -31.00
C GLY F 671 31.43 -14.32 -31.69
N GLN F 672 30.22 -13.76 -31.51
CA GLN F 672 29.05 -14.39 -32.07
C GLN F 672 29.08 -14.22 -33.57
N LEU F 673 29.34 -13.00 -34.03
CA LEU F 673 29.35 -12.69 -35.45
C LEU F 673 30.41 -13.51 -36.17
N TYR F 674 31.57 -13.55 -35.59
CA TYR F 674 32.69 -14.33 -36.08
C TYR F 674 32.31 -15.80 -36.24
N LYS F 675 31.65 -16.35 -35.21
CA LYS F 675 31.20 -17.69 -35.25
C LYS F 675 30.25 -17.91 -36.39
N GLU F 676 29.32 -16.98 -36.59
CA GLU F 676 28.32 -17.10 -37.62
C GLU F 676 28.99 -17.15 -39.00
N SER F 677 29.89 -16.21 -39.19
CA SER F 677 30.63 -16.02 -40.44
C SER F 677 31.42 -17.26 -40.77
N LEU F 678 32.07 -17.84 -39.76
CA LEU F 678 32.76 -19.09 -39.91
C LEU F 678 31.79 -20.18 -40.25
N SER F 679 30.58 -20.18 -39.68
CA SER F 679 29.60 -21.20 -40.02
C SER F 679 29.23 -21.12 -41.47
N ARG F 680 29.09 -19.91 -42.01
CA ARG F 680 28.78 -19.76 -43.43
C ARG F 680 29.87 -20.41 -44.29
N LEU F 681 31.11 -20.11 -43.90
CA LEU F 681 32.27 -20.57 -44.64
C LEU F 681 32.37 -22.07 -44.62
N MET F 682 32.22 -22.64 -43.41
CA MET F 682 32.23 -24.10 -43.25
C MET F 682 31.16 -24.74 -43.99
N ALA F 683 29.98 -24.12 -44.11
CA ALA F 683 28.93 -24.71 -44.94
C ALA F 683 29.39 -24.72 -46.40
N THR F 684 29.97 -23.60 -46.83
CA THR F 684 30.30 -23.48 -48.25
C THR F 684 31.36 -24.52 -48.65
N LEU F 685 32.40 -24.56 -47.84
CA LEU F 685 33.49 -25.52 -48.06
C LEU F 685 32.96 -26.95 -47.94
N SER F 686 32.14 -27.19 -46.94
CA SER F 686 31.57 -28.49 -46.67
C SER F 686 30.74 -28.99 -47.83
N ASN F 687 30.13 -28.09 -48.60
CA ASN F 687 29.33 -28.49 -49.74
C ASN F 687 30.23 -29.17 -50.77
N THR F 688 31.50 -28.76 -50.83
CA THR F 688 32.34 -29.19 -51.91
C THR F 688 33.32 -30.25 -51.52
N ASN F 689 34.20 -30.64 -52.47
CA ASN F 689 35.24 -31.59 -52.24
C ASN F 689 36.54 -30.85 -52.12
N PRO F 690 37.11 -30.83 -50.93
CA PRO F 690 38.34 -30.07 -50.70
C PRO F 690 39.61 -30.78 -51.11
N SER F 691 40.65 -29.96 -51.26
CA SER F 691 42.02 -30.40 -51.54
C SER F 691 42.95 -29.40 -50.81
N PHE F 692 44.13 -29.88 -50.51
CA PHE F 692 44.92 -29.28 -49.40
C PHE F 692 46.34 -29.00 -49.79
N VAL F 693 46.81 -27.80 -49.54
CA VAL F 693 48.18 -27.42 -49.84
C VAL F 693 48.75 -26.73 -48.61
N ARG F 694 49.97 -27.06 -48.26
CA ARG F 694 50.60 -26.52 -47.09
C ARG F 694 51.94 -25.84 -47.47
N CYS F 695 52.00 -24.59 -47.11
CA CYS F 695 53.11 -23.72 -47.46
C CYS F 695 53.99 -23.48 -46.26
N ILE F 696 55.29 -23.52 -46.47
CA ILE F 696 56.25 -23.26 -45.40
C ILE F 696 57.31 -22.31 -45.93
N VAL F 697 57.75 -21.37 -45.08
CA VAL F 697 58.92 -20.57 -45.38
C VAL F 697 60.12 -21.13 -44.64
N PRO F 698 61.23 -21.33 -45.36
CA PRO F 698 62.41 -21.85 -44.73
C PRO F 698 63.04 -20.89 -43.73
N ASN F 699 62.99 -19.56 -43.97
CA ASN F 699 63.86 -18.70 -43.25
C ASN F 699 63.34 -17.26 -43.32
N HIS F 700 63.95 -16.38 -42.55
CA HIS F 700 63.66 -14.95 -42.64
C HIS F 700 64.42 -14.33 -43.78
N GLU F 701 65.47 -15.01 -44.29
CA GLU F 701 66.48 -14.45 -45.14
C GLU F 701 65.93 -13.96 -46.46
N LYS F 702 64.85 -14.56 -46.91
CA LYS F 702 64.37 -14.32 -48.26
C LYS F 702 65.42 -14.82 -49.24
N ARG F 703 65.96 -16.00 -48.97
CA ARG F 703 66.91 -16.57 -49.89
C ARG F 703 66.92 -18.06 -49.73
N ALA F 704 67.24 -18.78 -50.79
CA ALA F 704 67.24 -20.23 -50.76
C ALA F 704 68.51 -20.80 -50.17
N GLY F 705 68.51 -22.11 -50.02
CA GLY F 705 69.67 -22.85 -49.57
C GLY F 705 69.84 -22.78 -48.07
N LYS F 706 68.75 -22.50 -47.39
CA LYS F 706 68.83 -22.33 -45.93
C LYS F 706 67.48 -22.77 -45.44
N LEU F 707 67.47 -23.91 -44.76
CA LEU F 707 66.25 -24.40 -44.14
C LEU F 707 66.39 -24.45 -42.62
N GLU F 708 65.56 -23.68 -41.92
CA GLU F 708 65.62 -23.56 -40.50
C GLU F 708 64.63 -24.54 -39.94
N PRO F 709 65.18 -25.57 -39.32
CA PRO F 709 64.42 -26.72 -38.88
C PRO F 709 63.43 -26.33 -37.83
N ARG F 710 63.78 -25.42 -36.92
CA ARG F 710 62.88 -25.00 -35.87
C ARG F 710 61.63 -24.36 -36.49
N LEU F 711 61.88 -23.47 -37.46
CA LEU F 711 60.77 -22.76 -38.08
C LEU F 711 59.87 -23.76 -38.80
N VAL F 712 60.47 -24.73 -39.49
CA VAL F 712 59.68 -25.72 -40.20
C VAL F 712 58.91 -26.55 -39.24
N LEU F 713 59.45 -26.89 -38.09
CA LEU F 713 58.73 -27.61 -37.04
C LEU F 713 57.52 -26.87 -36.62
N ASP F 714 57.70 -25.56 -36.37
CA ASP F 714 56.64 -24.68 -35.93
C ASP F 714 55.52 -24.68 -36.97
N GLN F 715 55.91 -24.58 -38.25
CA GLN F 715 54.94 -24.50 -39.31
C GLN F 715 54.21 -25.83 -39.41
N LEU F 716 54.93 -26.95 -39.21
CA LEU F 716 54.32 -28.26 -39.26
C LEU F 716 53.31 -28.41 -38.17
N ARG F 717 53.57 -27.80 -37.03
CA ARG F 717 52.58 -27.75 -35.96
C ARG F 717 51.31 -27.04 -36.33
N CYS F 718 51.42 -25.84 -36.88
CA CYS F 718 50.24 -24.99 -37.04
C CYS F 718 49.49 -25.38 -38.34
N ASN F 719 50.11 -26.01 -39.31
CA ASN F 719 49.37 -26.42 -40.47
C ASN F 719 48.71 -27.77 -40.31
N GLY F 720 48.93 -28.50 -39.22
CA GLY F 720 48.26 -29.74 -39.00
C GLY F 720 48.91 -30.95 -39.64
N VAL F 721 50.06 -30.76 -40.33
CA VAL F 721 50.73 -31.82 -41.01
C VAL F 721 51.16 -32.88 -40.02
N LEU F 722 51.70 -32.44 -38.89
CA LEU F 722 51.99 -33.36 -37.78
C LEU F 722 50.76 -34.13 -37.38
N GLU F 723 49.64 -33.42 -37.31
CA GLU F 723 48.40 -34.12 -37.00
C GLU F 723 48.10 -35.15 -38.09
N GLY F 724 48.38 -34.80 -39.35
CA GLY F 724 48.10 -35.73 -40.43
C GLY F 724 48.93 -36.99 -40.28
N ILE F 725 50.20 -36.83 -39.88
CA ILE F 725 51.02 -38.02 -39.70
C ILE F 725 50.52 -38.83 -38.53
N ARG F 726 50.17 -38.15 -37.44
CA ARG F 726 49.64 -38.88 -36.29
C ARG F 726 48.27 -39.46 -36.59
N ILE F 727 47.53 -38.92 -37.57
CA ILE F 727 46.33 -39.59 -38.06
C ILE F 727 46.62 -40.87 -38.81
N CYS F 728 47.45 -40.83 -39.85
CA CYS F 728 47.64 -41.97 -40.74
C CYS F 728 48.31 -43.09 -40.03
N ARG F 729 49.11 -42.80 -39.01
CA ARG F 729 49.74 -43.83 -38.20
C ARG F 729 48.70 -44.71 -37.57
N GLN F 730 47.57 -44.14 -37.18
CA GLN F 730 46.51 -44.90 -36.56
C GLN F 730 45.96 -45.92 -37.53
N GLY F 731 45.95 -45.64 -38.84
CA GLY F 731 45.56 -46.59 -39.85
C GLY F 731 46.77 -47.35 -40.38
N PHE F 732 46.67 -47.79 -41.63
CA PHE F 732 47.72 -48.53 -42.27
C PHE F 732 48.26 -47.71 -43.41
N PRO F 733 49.15 -46.80 -43.08
CA PRO F 733 49.73 -45.87 -44.01
C PRO F 733 50.47 -46.49 -45.17
N ASN F 734 51.26 -47.54 -44.93
CA ASN F 734 52.07 -48.09 -45.98
C ASN F 734 51.27 -49.06 -46.77
N ARG F 735 51.16 -48.83 -48.08
CA ARG F 735 50.37 -49.72 -48.92
C ARG F 735 51.25 -50.18 -50.05
N ILE F 736 51.50 -51.48 -50.15
CA ILE F 736 52.29 -52.00 -51.24
C ILE F 736 51.51 -53.07 -51.96
N LEU F 737 51.70 -53.11 -53.28
CA LEU F 737 51.08 -54.11 -54.14
C LEU F 737 51.68 -55.43 -53.84
N PHE F 738 50.99 -56.50 -54.18
CA PHE F 738 51.56 -57.85 -54.04
C PHE F 738 52.86 -58.00 -54.86
N GLN F 739 52.74 -57.63 -56.14
CA GLN F 739 53.79 -57.82 -57.13
C GLN F 739 55.07 -57.12 -56.68
N GLU F 740 54.94 -55.84 -56.29
CA GLU F 740 56.08 -55.07 -55.86
C GLU F 740 56.70 -55.71 -54.63
N PHE F 741 55.84 -56.12 -53.70
CA PHE F 741 56.28 -56.66 -52.42
C PHE F 741 57.10 -57.90 -52.63
N ARG F 742 56.63 -58.78 -53.52
CA ARG F 742 57.34 -60.02 -53.82
C ARG F 742 58.63 -59.75 -54.61
N GLN F 743 58.55 -59.05 -55.72
CA GLN F 743 59.72 -58.85 -56.58
C GLN F 743 60.80 -58.14 -55.81
N ARG F 744 60.44 -57.08 -55.09
CA ARG F 744 61.43 -56.30 -54.40
C ARG F 744 62.08 -57.06 -53.25
N TYR F 745 61.25 -57.55 -52.33
CA TYR F 745 61.67 -58.17 -51.08
C TYR F 745 61.91 -59.64 -51.07
N GLU F 746 61.79 -60.33 -52.18
CA GLU F 746 61.92 -61.78 -52.30
C GLU F 746 63.17 -62.26 -51.60
N ILE F 747 64.22 -61.46 -51.58
CA ILE F 747 65.49 -61.81 -50.97
C ILE F 747 65.28 -62.14 -49.51
N LEU F 748 64.31 -61.49 -48.87
CA LEU F 748 64.06 -61.71 -47.46
C LEU F 748 63.94 -63.18 -47.04
N THR F 749 63.05 -63.89 -47.68
CA THR F 749 62.69 -65.21 -47.19
C THR F 749 62.74 -66.20 -48.34
N PRO F 750 63.92 -66.77 -48.56
CA PRO F 750 64.01 -67.87 -49.49
C PRO F 750 63.23 -69.10 -49.12
N ASN F 751 63.01 -69.31 -47.83
CA ASN F 751 62.28 -70.47 -47.32
C ASN F 751 60.78 -70.41 -47.61
N ALA F 752 60.18 -69.30 -47.22
CA ALA F 752 58.76 -69.12 -47.39
C ALA F 752 58.39 -69.19 -48.86
N ILE F 753 59.15 -68.48 -49.68
CA ILE F 753 58.75 -68.28 -51.08
C ILE F 753 58.96 -69.60 -51.86
N PRO F 754 57.90 -70.13 -52.46
CA PRO F 754 57.92 -71.44 -53.09
C PRO F 754 58.60 -71.35 -54.42
N LYS F 755 58.48 -72.46 -55.17
CA LYS F 755 59.06 -72.66 -56.49
C LYS F 755 58.46 -71.76 -57.56
N GLY F 756 57.43 -71.03 -57.21
CA GLY F 756 56.82 -70.15 -58.16
C GLY F 756 55.44 -70.57 -58.62
N PHE F 757 54.53 -70.71 -57.66
CA PHE F 757 53.14 -70.93 -57.97
C PHE F 757 52.64 -69.70 -58.69
N MET F 758 53.08 -68.52 -58.25
CA MET F 758 52.83 -67.26 -58.93
C MET F 758 51.41 -66.84 -58.50
N ASP F 759 50.77 -65.90 -59.22
CA ASP F 759 49.50 -65.26 -58.89
C ASP F 759 49.77 -64.17 -57.86
N GLY F 760 50.89 -64.27 -57.17
CA GLY F 760 51.44 -63.15 -56.41
C GLY F 760 50.74 -62.90 -55.09
N LYS F 761 49.57 -63.48 -54.88
CA LYS F 761 48.91 -63.46 -53.59
C LYS F 761 49.61 -64.45 -52.66
N GLN F 762 49.79 -65.67 -53.16
CA GLN F 762 50.34 -66.79 -52.42
C GLN F 762 51.73 -66.42 -51.92
N ALA F 763 52.43 -65.63 -52.73
CA ALA F 763 53.79 -65.19 -52.41
C ALA F 763 53.69 -64.46 -51.08
N CYS F 764 52.84 -63.41 -51.10
CA CYS F 764 52.71 -62.57 -49.90
C CYS F 764 52.22 -63.33 -48.71
N GLU F 765 51.31 -64.28 -48.96
CA GLU F 765 50.79 -65.13 -47.89
C GLU F 765 51.98 -65.82 -47.20
N LYS F 766 52.88 -66.39 -48.01
CA LYS F 766 53.99 -67.14 -47.50
C LYS F 766 54.93 -66.22 -46.73
N MET F 767 55.21 -65.07 -47.35
CA MET F 767 56.22 -64.14 -46.84
C MET F 767 55.76 -63.66 -45.46
N ILE F 768 54.51 -63.17 -45.41
CA ILE F 768 54.03 -62.62 -44.18
C ILE F 768 53.94 -63.71 -43.14
N GLN F 769 53.50 -64.88 -43.56
CA GLN F 769 53.41 -66.03 -42.67
C GLN F 769 54.76 -66.33 -41.98
N ALA F 770 55.84 -66.58 -42.73
CA ALA F 770 57.11 -67.02 -42.05
C ALA F 770 57.86 -65.90 -41.35
N LEU F 771 57.62 -64.66 -41.80
CA LEU F 771 58.23 -63.50 -41.24
C LEU F 771 57.66 -63.17 -39.88
N GLU F 772 56.58 -63.86 -39.52
CA GLU F 772 56.08 -63.76 -38.18
C GLU F 772 55.63 -62.34 -37.79
N LEU F 773 54.50 -61.99 -38.38
CA LEU F 773 53.90 -60.70 -38.17
C LEU F 773 52.45 -60.86 -37.65
N ASP F 774 52.12 -59.97 -36.73
CA ASP F 774 50.84 -59.95 -36.07
C ASP F 774 49.79 -59.63 -37.17
N PRO F 775 48.68 -60.32 -37.11
CA PRO F 775 47.57 -60.03 -38.04
C PRO F 775 46.98 -58.67 -37.85
N ASN F 776 47.20 -58.01 -36.69
CA ASN F 776 46.80 -56.66 -36.48
C ASN F 776 47.57 -55.73 -37.38
N LEU F 777 48.84 -56.07 -37.61
CA LEU F 777 49.77 -55.24 -38.37
C LEU F 777 49.73 -55.33 -39.91
N TYR F 778 48.81 -56.11 -40.47
CA TYR F 778 48.55 -56.06 -41.91
C TYR F 778 47.16 -56.51 -42.26
N ARG F 779 46.76 -56.26 -43.51
CA ARG F 779 45.50 -56.74 -44.04
C ARG F 779 45.73 -57.26 -45.44
N VAL F 780 44.82 -58.11 -45.92
CA VAL F 780 44.93 -58.58 -47.28
C VAL F 780 43.91 -57.88 -48.14
N GLY F 781 44.41 -57.17 -49.15
CA GLY F 781 43.56 -56.37 -50.03
C GLY F 781 43.58 -56.98 -51.41
N GLN F 782 42.87 -56.35 -52.34
CA GLN F 782 42.72 -56.93 -53.65
C GLN F 782 44.05 -56.87 -54.38
N SER F 783 44.53 -55.66 -54.60
CA SER F 783 45.81 -55.42 -55.29
C SER F 783 46.91 -55.17 -54.30
N LYS F 784 46.64 -54.87 -53.03
CA LYS F 784 47.71 -54.49 -52.15
C LYS F 784 47.58 -55.17 -50.80
N ILE F 785 48.67 -55.01 -50.01
CA ILE F 785 48.67 -55.34 -48.61
C ILE F 785 48.90 -54.02 -47.87
N PHE F 786 48.08 -53.80 -46.85
CA PHE F 786 48.16 -52.57 -46.05
C PHE F 786 49.00 -52.86 -44.84
N PHE F 787 49.92 -51.94 -44.52
CA PHE F 787 50.88 -52.15 -43.45
C PHE F 787 50.85 -51.02 -42.46
N ARG F 788 51.25 -51.34 -41.24
CA ARG F 788 51.46 -50.37 -40.18
C ARG F 788 52.76 -49.64 -40.39
N ALA F 789 52.96 -48.64 -39.57
CA ALA F 789 54.29 -48.00 -39.37
C ALA F 789 55.31 -48.89 -38.65
N GLY F 790 56.45 -49.08 -39.29
CA GLY F 790 57.54 -49.81 -38.70
C GLY F 790 57.55 -51.26 -39.09
N VAL F 791 56.46 -51.80 -39.68
CA VAL F 791 56.51 -53.19 -40.11
C VAL F 791 57.54 -53.36 -41.23
N LEU F 792 57.44 -52.47 -42.22
CA LEU F 792 58.38 -52.47 -43.34
C LEU F 792 59.72 -52.05 -42.81
N ALA F 793 59.81 -51.31 -41.72
CA ALA F 793 61.08 -51.00 -41.11
C ALA F 793 61.79 -52.26 -40.65
N GLN F 794 61.03 -53.17 -40.06
CA GLN F 794 61.58 -54.46 -39.61
C GLN F 794 61.96 -55.28 -40.82
N LEU F 795 61.05 -55.36 -41.81
CA LEU F 795 61.30 -56.16 -42.98
C LEU F 795 62.50 -55.64 -43.75
N GLU F 796 62.63 -54.31 -43.84
CA GLU F 796 63.79 -53.71 -44.51
C GLU F 796 65.04 -54.04 -43.76
N GLU F 797 64.99 -54.06 -42.42
CA GLU F 797 66.16 -54.44 -41.63
C GLU F 797 66.54 -55.86 -41.90
N GLU F 798 65.53 -56.72 -42.15
CA GLU F 798 65.76 -58.10 -42.59
C GLU F 798 66.26 -58.21 -44.03
N ARG F 799 66.09 -57.16 -44.83
CA ARG F 799 66.66 -57.11 -46.15
C ARG F 799 68.09 -56.64 -46.15
N ALA F 800 68.43 -55.70 -45.26
CA ALA F 800 69.82 -55.30 -45.05
C ALA F 800 70.58 -56.33 -44.25
N SER F 801 69.93 -57.00 -43.31
CA SER F 801 70.57 -58.14 -42.64
C SER F 801 70.76 -59.27 -43.63
N GLU F 802 69.72 -59.53 -44.41
CA GLU F 802 69.76 -60.58 -45.44
C GLU F 802 70.84 -60.21 -46.47
N GLN F 803 70.90 -58.94 -46.85
CA GLN F 803 71.89 -58.50 -47.80
C GLN F 803 73.26 -58.60 -47.23
N THR F 804 73.46 -58.37 -45.94
CA THR F 804 74.73 -58.55 -45.28
C THR F 804 75.16 -59.99 -45.32
N LYS F 805 74.21 -60.90 -45.07
CA LYS F 805 74.49 -62.34 -45.11
C LYS F 805 74.92 -62.72 -46.52
N SER F 806 74.24 -62.18 -47.53
CA SER F 806 74.49 -62.52 -48.91
C SER F 806 75.73 -61.85 -49.42
N ASP F 807 76.00 -60.63 -49.01
CA ASP F 807 77.26 -59.95 -49.35
C ASP F 807 78.44 -60.77 -48.82
N TYR F 808 78.30 -61.28 -47.62
CA TYR F 808 79.35 -62.06 -46.98
C TYR F 808 79.56 -63.38 -47.72
N LEU F 809 78.47 -64.09 -47.99
CA LEU F 809 78.56 -65.38 -48.66
C LEU F 809 79.12 -65.21 -50.06
N LYS F 810 78.71 -64.14 -50.76
CA LYS F 810 79.21 -63.89 -52.11
C LYS F 810 80.71 -63.61 -52.07
N ARG F 811 81.09 -62.63 -51.28
CA ARG F 811 82.48 -62.15 -51.21
C ARG F 811 83.41 -63.27 -50.75
N ALA F 812 82.95 -64.06 -49.79
CA ALA F 812 83.74 -65.18 -49.30
C ALA F 812 83.94 -66.22 -50.39
N ASN F 813 82.85 -66.52 -51.12
CA ASN F 813 82.89 -67.54 -52.16
C ASN F 813 83.83 -67.08 -53.27
N GLU F 814 83.77 -65.81 -53.63
CA GLU F 814 84.65 -65.31 -54.69
C GLU F 814 86.08 -65.37 -54.23
N LEU F 815 86.33 -65.05 -52.97
CA LEU F 815 87.68 -65.01 -52.43
C LEU F 815 88.29 -66.39 -52.37
N VAL F 816 87.52 -67.34 -51.83
CA VAL F 816 88.10 -68.67 -51.56
C VAL F 816 88.18 -69.53 -52.82
N TRP G 50 -14.66 43.78 80.44
CA TRP G 50 -13.86 42.71 79.77
C TRP G 50 -12.40 43.13 79.66
N THR G 51 -11.52 42.15 79.78
CA THR G 51 -10.11 42.39 79.74
C THR G 51 -9.67 42.42 78.27
N ALA G 52 -8.48 42.94 77.96
CA ALA G 52 -7.95 42.85 76.60
C ALA G 52 -7.16 41.59 76.29
N ARG G 53 -7.83 40.46 76.56
CA ARG G 53 -7.37 39.10 76.28
C ARG G 53 -7.65 38.77 74.84
N ARG G 54 -8.49 39.54 74.17
CA ARG G 54 -8.94 39.24 72.83
C ARG G 54 -9.73 37.92 72.87
N LEU G 55 -10.92 38.01 73.45
CA LEU G 55 -11.94 36.96 73.29
C LEU G 55 -12.35 36.85 71.84
N VAL G 56 -11.96 35.74 71.19
CA VAL G 56 -12.16 35.52 69.79
C VAL G 56 -12.83 34.15 69.56
N TRP G 57 -13.90 34.16 68.77
CA TRP G 57 -14.65 32.94 68.51
C TRP G 57 -13.86 31.84 67.80
N VAL G 58 -13.98 30.60 68.30
CA VAL G 58 -13.16 29.51 67.83
C VAL G 58 -14.00 28.44 67.18
N PRO G 59 -13.48 27.85 66.11
CA PRO G 59 -14.16 26.61 65.66
C PRO G 59 -14.08 25.48 66.65
N SER G 60 -15.20 24.75 66.81
CA SER G 60 -15.20 23.56 67.64
C SER G 60 -16.38 22.71 67.23
N GLU G 61 -16.36 21.45 67.66
CA GLU G 61 -17.32 20.48 67.15
C GLU G 61 -18.32 19.92 68.19
N LEU G 62 -18.50 20.61 69.32
CA LEU G 62 -19.76 20.54 70.03
C LEU G 62 -20.55 21.84 69.78
N HIS G 63 -20.00 23.00 70.16
CA HIS G 63 -20.58 24.25 69.70
C HIS G 63 -19.91 24.71 68.41
N GLY G 64 -20.73 25.11 67.46
CA GLY G 64 -20.23 25.47 66.17
C GLY G 64 -19.18 26.53 66.33
N PHE G 65 -19.50 27.56 67.12
CA PHE G 65 -18.50 28.59 67.45
C PHE G 65 -18.66 28.95 68.90
N GLU G 66 -17.56 28.87 69.64
CA GLU G 66 -17.56 29.10 71.09
C GLU G 66 -16.49 30.17 71.40
N ALA G 67 -16.63 30.85 72.53
CA ALA G 67 -15.82 32.02 72.77
C ALA G 67 -14.51 31.56 73.34
N ALA G 68 -13.41 32.19 72.91
CA ALA G 68 -12.11 31.81 73.47
C ALA G 68 -11.13 32.93 73.40
N ALA G 69 -10.20 32.98 74.36
CA ALA G 69 -9.25 34.13 74.49
C ALA G 69 -7.98 33.83 73.75
N LEU G 70 -7.63 34.66 72.77
CA LEU G 70 -6.48 34.47 71.90
C LEU G 70 -5.16 34.39 72.64
N ARG G 71 -4.88 35.44 73.40
CA ARG G 71 -3.64 35.62 74.11
C ARG G 71 -2.44 35.25 73.27
N ASP G 72 -1.98 33.99 73.39
CA ASP G 72 -0.76 33.57 72.76
C ASP G 72 -1.04 33.41 71.29
N GLU G 73 -0.15 33.98 70.47
CA GLU G 73 -0.30 33.89 69.04
C GLU G 73 1.03 33.67 68.38
N GLY G 74 0.99 33.15 67.17
CA GLY G 74 2.20 33.11 66.39
C GLY G 74 1.87 32.42 65.08
N GLU G 75 2.10 33.08 63.94
CA GLU G 75 1.82 32.45 62.66
C GLU G 75 0.32 32.09 62.69
N GLU G 76 -0.04 30.91 62.14
CA GLU G 76 -1.42 30.42 62.11
C GLU G 76 -1.79 29.92 63.49
N GLU G 77 -0.86 29.29 64.19
CA GLU G 77 -1.19 28.68 65.46
C GLU G 77 -1.32 29.79 66.49
N ALA G 78 -2.47 29.82 67.15
CA ALA G 78 -2.66 30.63 68.34
C ALA G 78 -3.07 29.67 69.43
N GLU G 79 -2.39 29.74 70.57
CA GLU G 79 -2.79 28.98 71.75
C GLU G 79 -3.88 29.78 72.42
N VAL G 80 -5.04 29.19 72.64
CA VAL G 80 -6.18 29.96 73.03
C VAL G 80 -6.91 29.41 74.24
N GLU G 81 -7.21 30.30 75.20
CA GLU G 81 -8.00 29.95 76.39
C GLU G 81 -9.47 29.94 76.04
N LEU G 82 -10.10 28.77 76.18
CA LEU G 82 -11.53 28.62 75.92
C LEU G 82 -12.27 29.14 77.13
N ALA G 83 -13.30 29.95 76.90
CA ALA G 83 -14.08 30.55 78.01
C ALA G 83 -14.65 29.54 79.01
N GLU G 84 -15.18 28.46 78.46
CA GLU G 84 -15.83 27.44 79.29
C GLU G 84 -14.88 26.50 80.01
N SER G 85 -14.15 25.70 79.23
CA SER G 85 -13.33 24.65 79.78
C SER G 85 -12.10 25.26 80.42
N GLY G 86 -11.47 26.16 79.69
CA GLY G 86 -10.27 26.81 80.17
C GLY G 86 -9.06 25.98 79.87
N ARG G 87 -9.07 25.25 78.74
CA ARG G 87 -7.93 24.45 78.32
C ARG G 87 -7.31 25.10 77.12
N ARG G 88 -5.99 25.01 76.91
CA ARG G 88 -5.33 25.80 75.89
C ARG G 88 -4.90 24.88 74.78
N LEU G 89 -5.32 25.19 73.55
CA LEU G 89 -5.03 24.32 72.41
C LEU G 89 -4.78 25.17 71.19
N ARG G 90 -4.23 24.54 70.13
CA ARG G 90 -3.74 25.28 68.97
C ARG G 90 -4.64 25.01 67.80
N LEU G 91 -4.87 26.04 66.99
CA LEU G 91 -5.63 25.93 65.73
C LEU G 91 -5.12 27.04 64.84
N PRO G 92 -5.24 26.87 63.53
CA PRO G 92 -5.01 28.00 62.61
C PRO G 92 -5.89 29.27 62.79
N ARG G 93 -5.24 30.43 62.70
CA ARG G 93 -5.78 31.70 63.19
C ARG G 93 -6.84 32.24 62.30
N ASP G 94 -6.73 31.97 60.99
CA ASP G 94 -7.76 32.29 59.99
C ASP G 94 -9.11 31.73 60.34
N GLN G 95 -9.09 30.54 60.94
CA GLN G 95 -10.26 29.79 61.40
C GLN G 95 -11.06 30.57 62.44
N ILE G 96 -10.40 31.50 63.15
CA ILE G 96 -10.90 32.04 64.38
C ILE G 96 -11.31 33.51 64.21
N GLN G 97 -12.56 33.74 64.57
CA GLN G 97 -13.29 34.96 64.05
C GLN G 97 -13.55 35.91 65.21
N ARG G 98 -13.51 37.23 64.98
CA ARG G 98 -13.49 38.21 66.06
C ARG G 98 -14.85 38.27 66.72
N MET G 99 -14.87 38.76 67.97
CA MET G 99 -16.09 38.86 68.75
C MET G 99 -16.47 40.31 68.89
N ASN G 100 -17.78 40.59 68.91
CA ASN G 100 -18.29 41.93 69.15
C ASN G 100 -18.44 42.14 70.65
N PRO G 101 -18.27 43.40 71.05
CA PRO G 101 -18.44 43.79 72.42
C PRO G 101 -19.87 43.61 72.88
N PRO G 102 -20.07 43.64 74.19
CA PRO G 102 -21.37 43.42 74.76
C PRO G 102 -22.36 44.44 74.34
N LYS G 103 -21.91 45.61 73.87
CA LYS G 103 -22.82 46.64 73.47
C LYS G 103 -23.65 46.13 72.32
N PHE G 104 -22.99 45.36 71.43
CA PHE G 104 -23.63 44.69 70.30
C PHE G 104 -24.44 43.47 70.66
N SER G 105 -24.23 42.89 71.84
CA SER G 105 -24.92 41.65 72.16
C SER G 105 -26.42 41.82 72.06
N LYS G 106 -27.09 40.80 71.50
CA LYS G 106 -28.51 40.81 71.22
C LYS G 106 -28.96 42.00 70.39
N ALA G 107 -28.25 42.26 69.28
CA ALA G 107 -28.65 43.35 68.40
C ALA G 107 -29.88 42.96 67.62
N GLU G 108 -30.67 43.98 67.29
CA GLU G 108 -31.90 43.85 66.53
C GLU G 108 -31.50 43.47 65.10
N ASP G 109 -30.52 44.23 64.58
CA ASP G 109 -30.09 44.11 63.23
C ASP G 109 -28.63 43.73 63.23
N MET G 110 -28.31 42.63 62.53
CA MET G 110 -27.00 42.01 62.46
C MET G 110 -26.07 42.83 61.61
N ALA G 111 -26.61 43.69 60.75
CA ALA G 111 -25.83 44.58 59.90
C ALA G 111 -25.05 45.53 60.77
N GLU G 112 -25.60 45.81 61.94
CA GLU G 112 -25.08 46.73 62.92
C GLU G 112 -23.81 46.21 63.53
N LEU G 113 -23.58 44.90 63.53
CA LEU G 113 -22.38 44.37 64.17
C LEU G 113 -21.14 44.81 63.43
N THR G 114 -20.12 45.25 64.19
CA THR G 114 -18.88 45.70 63.61
C THR G 114 -18.06 44.54 63.18
N CYS G 115 -18.25 43.36 63.77
CA CYS G 115 -17.58 42.18 63.31
C CYS G 115 -18.61 41.30 62.65
N LEU G 116 -18.50 41.10 61.33
CA LEU G 116 -19.45 40.27 60.63
C LEU G 116 -18.77 39.00 60.21
N ASN G 117 -19.21 37.90 60.84
CA ASN G 117 -18.75 36.57 60.48
C ASN G 117 -19.79 35.60 61.00
N GLU G 118 -19.71 34.35 60.54
CA GLU G 118 -20.70 33.34 60.89
C GLU G 118 -20.68 33.10 62.37
N ALA G 119 -19.51 33.21 63.00
CA ALA G 119 -19.40 32.96 64.42
C ALA G 119 -20.23 34.00 65.20
N SER G 120 -20.05 35.26 64.83
CA SER G 120 -20.78 36.33 65.50
C SER G 120 -22.27 36.18 65.25
N VAL G 121 -22.62 35.82 64.02
CA VAL G 121 -24.01 35.65 63.66
C VAL G 121 -24.60 34.56 64.57
N LEU G 122 -23.90 33.43 64.61
CA LEU G 122 -24.39 32.29 65.34
C LEU G 122 -24.56 32.59 66.78
N HIS G 123 -23.64 33.41 67.34
CA HIS G 123 -23.71 33.76 68.76
C HIS G 123 -24.92 34.62 68.96
N ASN G 124 -25.12 35.63 68.11
CA ASN G 124 -26.20 36.56 68.32
C ASN G 124 -27.53 35.85 68.32
N LEU G 125 -27.71 35.01 67.29
CA LEU G 125 -28.94 34.25 67.11
C LEU G 125 -29.18 33.36 68.28
N ARG G 126 -28.13 32.66 68.70
CA ARG G 126 -28.20 31.72 69.83
C ARG G 126 -28.65 32.46 71.08
N GLU G 127 -28.03 33.62 71.30
CA GLU G 127 -28.29 34.46 72.45
C GLU G 127 -29.78 34.81 72.46
N ARG G 128 -30.27 35.26 71.29
CA ARG G 128 -31.63 35.73 71.17
C ARG G 128 -32.58 34.56 71.52
N TYR G 129 -32.24 33.37 70.94
CA TYR G 129 -33.11 32.22 70.98
C TYR G 129 -33.20 31.74 72.39
N TYR G 130 -32.09 31.70 73.14
CA TYR G 130 -32.16 31.22 74.51
C TYR G 130 -32.97 32.22 75.31
N SER G 131 -32.88 33.51 74.93
CA SER G 131 -33.59 34.56 75.59
C SER G 131 -35.07 34.44 75.30
N GLY G 132 -35.45 33.66 74.29
CA GLY G 132 -36.85 33.53 73.99
C GLY G 132 -37.22 34.32 72.78
N LEU G 133 -36.25 35.02 72.17
CA LEU G 133 -36.53 35.87 71.04
C LEU G 133 -36.24 35.16 69.73
N ILE G 134 -37.32 34.86 69.00
CA ILE G 134 -37.35 34.13 67.74
C ILE G 134 -36.90 34.95 66.56
N TYR G 135 -37.15 36.25 66.58
CA TYR G 135 -36.95 37.07 65.39
C TYR G 135 -35.69 37.89 65.47
N THR G 136 -34.94 37.92 64.37
CA THR G 136 -33.78 38.76 64.26
C THR G 136 -33.62 39.24 62.86
N TYR G 137 -33.03 40.42 62.67
CA TYR G 137 -32.81 40.92 61.31
C TYR G 137 -31.36 40.82 60.99
N SER G 138 -31.02 40.16 59.88
CA SER G 138 -29.67 40.07 59.44
C SER G 138 -29.62 40.77 58.13
N GLY G 139 -29.08 41.98 58.10
CA GLY G 139 -29.03 42.71 56.85
C GLY G 139 -30.46 42.91 56.43
N LEU G 140 -30.73 42.60 55.16
CA LEU G 140 -32.04 42.71 54.57
C LEU G 140 -32.94 41.61 55.08
N PHE G 141 -32.33 40.45 55.42
CA PHE G 141 -33.09 39.27 55.82
C PHE G 141 -33.83 39.50 57.13
N CYS G 142 -34.93 38.75 57.27
CA CYS G 142 -35.64 38.64 58.53
C CYS G 142 -35.51 37.19 58.95
N VAL G 143 -34.76 36.92 60.02
CA VAL G 143 -34.47 35.57 60.41
C VAL G 143 -35.39 35.14 61.54
N VAL G 144 -36.09 34.04 61.32
CA VAL G 144 -36.95 33.46 62.32
C VAL G 144 -36.47 32.05 62.66
N ILE G 145 -36.48 31.72 63.95
CA ILE G 145 -36.16 30.37 64.35
C ILE G 145 -37.28 29.70 65.18
N ASN G 146 -37.90 28.68 64.62
CA ASN G 146 -39.11 28.13 65.18
C ASN G 146 -38.84 27.48 66.51
N PRO G 147 -39.48 28.02 67.54
CA PRO G 147 -39.34 27.48 68.89
C PRO G 147 -40.08 26.18 69.09
N TYR G 148 -41.07 25.90 68.24
CA TYR G 148 -41.91 24.74 68.34
C TYR G 148 -42.87 24.79 69.52
N LYS G 149 -42.68 25.78 70.38
CA LYS G 149 -43.64 26.06 71.43
C LYS G 149 -44.71 26.91 70.83
N GLN G 150 -45.83 27.05 71.54
CA GLN G 150 -46.82 28.04 71.11
C GLN G 150 -46.61 29.24 71.95
N LEU G 151 -46.31 30.38 71.31
CA LEU G 151 -45.88 31.56 72.02
C LEU G 151 -47.05 32.53 72.12
N PRO G 152 -47.09 33.32 73.21
CA PRO G 152 -48.20 34.19 73.46
C PRO G 152 -48.40 35.23 72.37
N ILE G 153 -47.40 35.40 71.49
CA ILE G 153 -47.30 36.37 70.43
C ILE G 153 -48.52 36.32 69.55
N TYR G 154 -48.66 37.31 68.65
CA TYR G 154 -49.71 37.37 67.64
C TYR G 154 -51.10 37.75 68.19
N THR G 155 -51.10 38.60 69.21
CA THR G 155 -52.28 39.15 69.74
C THR G 155 -52.67 40.36 68.88
N GLU G 156 -53.68 41.10 69.31
CA GLU G 156 -54.14 42.25 68.61
C GLU G 156 -53.34 43.48 68.99
N ALA G 157 -52.96 43.58 70.26
CA ALA G 157 -52.22 44.74 70.75
C ALA G 157 -50.89 44.86 70.01
N ILE G 158 -50.22 43.73 69.81
CA ILE G 158 -48.93 43.70 69.17
C ILE G 158 -49.04 44.19 67.73
N VAL G 159 -50.05 43.68 67.03
CA VAL G 159 -50.20 44.03 65.64
C VAL G 159 -50.53 45.49 65.48
N GLU G 160 -51.50 45.92 66.29
CA GLU G 160 -51.83 47.39 66.28
C GLU G 160 -50.57 48.24 66.56
N MET G 161 -49.77 47.74 67.49
CA MET G 161 -48.55 48.36 67.96
C MET G 161 -47.53 48.53 66.85
N TYR G 162 -47.46 47.51 65.97
CA TYR G 162 -46.61 47.55 64.79
C TYR G 162 -46.93 48.61 63.73
N ARG G 163 -48.17 49.05 63.68
CA ARG G 163 -48.69 49.75 62.51
C ARG G 163 -47.94 51.03 62.19
N GLY G 164 -47.65 51.21 60.91
CA GLY G 164 -47.18 52.47 60.35
C GLY G 164 -45.80 52.83 60.82
N LYS G 165 -45.02 51.87 61.29
CA LYS G 165 -43.72 52.17 61.80
C LYS G 165 -42.68 51.47 60.95
N LYS G 166 -41.44 51.96 61.04
CA LYS G 166 -40.29 51.37 60.35
C LYS G 166 -39.92 50.13 61.07
N ARG G 167 -39.06 49.31 60.45
CA ARG G 167 -38.67 48.04 61.06
C ARG G 167 -37.78 48.22 62.26
N HIS G 168 -36.89 49.23 62.21
CA HIS G 168 -35.97 49.47 63.31
C HIS G 168 -36.70 49.98 64.52
N GLU G 169 -37.82 50.67 64.29
CA GLU G 169 -38.59 51.32 65.33
C GLU G 169 -39.10 50.30 66.33
N VAL G 170 -39.43 49.08 65.88
CA VAL G 170 -39.92 48.06 66.79
C VAL G 170 -39.02 46.87 66.82
N PRO G 171 -39.34 45.85 67.66
CA PRO G 171 -38.51 44.69 67.67
C PRO G 171 -38.71 43.90 66.41
N PRO G 172 -37.79 42.96 66.10
CA PRO G 172 -37.97 42.19 64.90
C PRO G 172 -39.22 41.36 64.95
N HIS G 173 -39.96 41.34 63.84
CA HIS G 173 -41.13 40.52 63.75
C HIS G 173 -41.53 40.42 62.31
N VAL G 174 -42.39 39.43 62.01
CA VAL G 174 -42.87 39.23 60.63
C VAL G 174 -43.75 40.39 60.22
N TYR G 175 -44.72 40.65 61.10
CA TYR G 175 -45.59 41.80 61.09
C TYR G 175 -44.90 43.08 60.67
N ALA G 176 -43.66 43.21 61.08
CA ALA G 176 -42.82 44.33 60.60
C ALA G 176 -42.50 44.24 59.11
N VAL G 177 -41.89 43.15 58.65
CA VAL G 177 -41.48 43.05 57.27
C VAL G 177 -42.70 43.07 56.35
N THR G 178 -43.76 42.39 56.75
CA THR G 178 -44.99 42.42 55.95
C THR G 178 -45.59 43.77 56.01
N GLU G 179 -45.49 44.46 57.16
CA GLU G 179 -45.85 45.90 57.20
C GLU G 179 -45.06 46.67 56.21
N GLY G 180 -43.78 46.36 56.07
CA GLY G 180 -42.96 47.03 55.07
C GLY G 180 -43.53 46.83 53.70
N ALA G 181 -43.96 45.60 53.41
CA ALA G 181 -44.51 45.29 52.10
C ALA G 181 -45.78 46.05 51.84
N TYR G 182 -46.70 46.03 52.82
CA TYR G 182 -48.00 46.62 52.66
C TYR G 182 -47.86 48.12 52.48
N ARG G 183 -47.05 48.75 53.33
CA ARG G 183 -46.79 50.17 53.26
C ARG G 183 -46.16 50.53 51.96
N SER G 184 -45.23 49.70 51.47
CA SER G 184 -44.57 50.00 50.20
C SER G 184 -45.53 49.92 49.02
N MET G 185 -46.49 49.02 49.13
CA MET G 185 -47.58 48.93 48.16
C MET G 185 -48.51 50.17 48.16
N LEU G 186 -49.16 50.53 49.25
CA LEU G 186 -50.03 51.72 49.28
C LEU G 186 -49.21 52.92 48.91
N GLN G 187 -47.96 52.96 49.39
CA GLN G 187 -47.08 54.10 49.16
C GLN G 187 -46.63 54.14 47.70
N ASP G 188 -46.13 53.02 47.21
CA ASP G 188 -45.43 52.94 45.94
C ASP G 188 -46.37 52.52 44.86
N ARG G 189 -47.54 51.96 45.22
CA ARG G 189 -48.58 51.51 44.32
C ARG G 189 -48.08 50.41 43.42
N GLU G 190 -46.96 49.77 43.80
CA GLU G 190 -46.39 48.68 43.04
C GLU G 190 -46.47 47.41 43.86
N ASP G 191 -46.50 46.28 43.15
CA ASP G 191 -46.81 45.00 43.78
C ASP G 191 -45.64 44.55 44.59
N GLN G 192 -45.88 43.66 45.57
CA GLN G 192 -44.82 43.23 46.47
C GLN G 192 -44.80 41.72 46.53
N SER G 193 -43.66 41.16 46.98
CA SER G 193 -43.45 39.71 47.05
C SER G 193 -42.70 39.39 48.35
N ILE G 194 -43.07 38.26 48.96
CA ILE G 194 -42.47 37.82 50.19
C ILE G 194 -41.81 36.50 49.96
N LEU G 195 -40.48 36.41 50.09
CA LEU G 195 -39.80 35.15 49.86
C LEU G 195 -39.52 34.48 51.17
N CYS G 196 -40.11 33.28 51.36
CA CYS G 196 -39.70 32.40 52.45
C CYS G 196 -38.89 31.26 51.90
N THR G 197 -37.74 31.02 52.53
CA THR G 197 -36.82 30.00 52.03
C THR G 197 -37.10 28.69 52.71
N GLY G 198 -36.97 27.60 51.95
CA GLY G 198 -37.31 26.30 52.44
C GLY G 198 -36.69 25.88 53.76
N GLU G 199 -37.58 25.51 54.67
CA GLU G 199 -37.21 25.03 55.98
C GLU G 199 -38.38 24.15 56.36
N SER G 200 -38.15 22.85 56.39
CA SER G 200 -39.15 21.88 56.85
C SER G 200 -40.61 22.12 56.26
N GLY G 201 -41.76 22.04 56.96
CA GLY G 201 -42.00 21.40 58.24
C GLY G 201 -41.88 22.39 59.37
N ALA G 202 -41.25 23.54 59.09
CA ALA G 202 -41.07 24.65 60.02
C ALA G 202 -42.37 25.29 60.39
N GLY G 203 -43.42 25.13 59.60
CA GLY G 203 -44.64 25.83 59.87
C GLY G 203 -44.49 27.19 59.24
N LYS G 204 -43.78 27.16 58.10
CA LYS G 204 -43.57 28.37 57.32
C LYS G 204 -44.93 28.87 56.93
N THR G 205 -45.79 27.94 56.53
CA THR G 205 -47.16 28.27 56.18
C THR G 205 -47.87 28.80 57.40
N GLU G 206 -47.71 28.10 58.52
CA GLU G 206 -48.33 28.48 59.80
C GLU G 206 -47.99 29.94 60.17
N ASN G 207 -46.72 30.30 60.04
CA ASN G 207 -46.24 31.64 60.18
C ASN G 207 -46.97 32.58 59.19
N THR G 208 -47.08 32.12 57.97
CA THR G 208 -47.68 32.87 56.90
C THR G 208 -49.13 33.06 57.18
N LYS G 209 -49.77 32.14 57.90
CA LYS G 209 -51.15 32.37 58.37
C LYS G 209 -51.18 33.59 59.27
N LYS G 210 -50.16 33.70 60.10
CA LYS G 210 -50.02 34.84 60.99
C LYS G 210 -49.80 36.12 60.17
N VAL G 211 -49.10 36.03 59.04
CA VAL G 211 -48.91 37.17 58.20
C VAL G 211 -50.25 37.62 57.67
N ILE G 212 -51.05 36.66 57.22
CA ILE G 212 -52.40 36.90 56.74
C ILE G 212 -53.23 37.52 57.82
N GLN G 213 -53.08 37.02 59.06
CA GLN G 213 -53.82 37.56 60.21
C GLN G 213 -53.53 39.02 60.36
N TYR G 214 -52.26 39.38 60.26
CA TYR G 214 -51.87 40.82 60.29
C TYR G 214 -52.56 41.58 59.17
N LEU G 215 -52.50 40.99 58.01
CA LEU G 215 -53.02 41.61 56.80
C LEU G 215 -54.51 41.93 56.93
N ALA G 216 -55.24 41.04 57.60
CA ALA G 216 -56.67 41.18 57.79
C ALA G 216 -56.93 42.33 58.72
N HIS G 217 -56.20 42.36 59.84
CA HIS G 217 -56.43 43.36 60.88
C HIS G 217 -56.07 44.71 60.37
N VAL G 218 -54.99 44.83 59.58
CA VAL G 218 -54.64 46.12 59.03
C VAL G 218 -55.68 46.55 58.03
N ALA G 219 -56.08 45.65 57.14
CA ALA G 219 -56.93 46.03 56.05
C ALA G 219 -58.39 45.74 56.34
N SER G 220 -59.17 46.80 56.50
CA SER G 220 -60.50 46.70 57.13
C SER G 220 -61.37 47.92 56.76
N SER G 221 -62.58 47.72 56.23
CA SER G 221 -63.22 46.40 56.13
C SER G 221 -62.97 45.73 54.76
N GLY G 232 -67.66 36.68 58.14
CA GLY G 232 -66.65 37.05 57.17
C GLY G 232 -65.24 37.00 57.69
N GLU G 233 -64.88 35.85 58.27
CA GLU G 233 -63.52 35.65 58.69
C GLU G 233 -62.60 35.61 57.47
N LEU G 234 -61.30 35.58 57.75
CA LEU G 234 -60.32 35.35 56.74
C LEU G 234 -60.61 34.09 56.00
N GLU G 235 -59.93 33.92 54.89
CA GLU G 235 -60.02 32.65 54.22
C GLU G 235 -59.46 31.52 55.06
N ARG G 236 -60.36 30.85 55.75
CA ARG G 236 -60.02 29.85 56.76
C ARG G 236 -59.68 28.53 56.05
N GLN G 237 -60.22 28.45 54.82
CA GLN G 237 -59.95 27.36 53.91
C GLN G 237 -58.51 27.41 53.47
N LEU G 238 -57.79 28.50 53.69
CA LEU G 238 -56.36 28.52 53.43
C LEU G 238 -55.69 27.51 54.29
N LEU G 239 -56.21 27.29 55.49
CA LEU G 239 -55.69 26.26 56.38
C LEU G 239 -55.97 24.89 55.77
N GLN G 240 -57.14 24.79 55.17
CA GLN G 240 -57.65 23.55 54.57
C GLN G 240 -56.87 23.19 53.34
N ALA G 241 -56.33 24.21 52.65
CA ALA G 241 -55.57 24.02 51.43
C ALA G 241 -54.30 23.27 51.67
N ASN G 242 -53.70 23.45 52.86
CA ASN G 242 -52.41 22.87 53.16
C ASN G 242 -52.35 21.39 52.99
N PRO G 243 -53.30 20.64 53.53
CA PRO G 243 -53.27 19.21 53.41
C PRO G 243 -53.44 18.75 51.99
N ILE G 244 -54.15 19.52 51.15
CA ILE G 244 -54.38 19.14 49.79
C ILE G 244 -53.06 19.18 49.04
N LEU G 245 -52.46 20.38 49.03
CA LEU G 245 -51.24 20.65 48.33
C LEU G 245 -50.13 19.88 48.95
N GLU G 246 -50.22 19.72 50.27
CA GLU G 246 -49.23 18.94 51.02
C GLU G 246 -49.28 17.49 50.53
N ALA G 247 -50.49 17.00 50.34
CA ALA G 247 -50.68 15.58 50.03
C ALA G 247 -50.15 15.33 48.65
N PHE G 248 -50.60 16.17 47.70
CA PHE G 248 -50.13 16.05 46.29
C PHE G 248 -48.64 16.39 46.08
N GLY G 249 -48.27 17.55 46.63
CA GLY G 249 -46.97 18.19 46.46
C GLY G 249 -45.80 17.66 47.25
N ASN G 250 -46.01 17.12 48.45
CA ASN G 250 -44.87 16.84 49.30
C ASN G 250 -44.58 15.36 49.44
N ALA G 251 -43.33 15.07 49.82
CA ALA G 251 -42.87 13.70 49.95
C ALA G 251 -41.97 13.55 51.13
N LYS G 252 -41.79 12.31 51.60
CA LYS G 252 -40.93 11.98 52.72
C LYS G 252 -39.53 11.75 52.22
N THR G 253 -38.59 12.53 52.72
CA THR G 253 -37.27 12.60 52.20
C THR G 253 -36.27 12.42 53.34
N VAL G 254 -35.00 12.42 53.04
CA VAL G 254 -33.98 12.22 54.00
C VAL G 254 -33.84 13.35 54.99
N LYS G 255 -33.94 14.59 54.49
CA LYS G 255 -33.93 15.78 55.31
C LYS G 255 -35.21 15.91 56.13
N ASN G 256 -36.34 15.65 55.51
CA ASN G 256 -37.60 15.83 56.20
C ASN G 256 -38.59 14.82 55.72
N ASP G 257 -39.49 14.40 56.61
CA ASP G 257 -40.58 13.52 56.29
C ASP G 257 -41.65 14.26 55.49
N ASN G 258 -41.73 15.56 55.65
CA ASN G 258 -42.60 16.34 54.80
C ASN G 258 -41.85 17.53 54.26
N SER G 259 -41.76 17.65 52.95
CA SER G 259 -41.01 18.73 52.33
C SER G 259 -41.69 19.11 51.04
N SER G 260 -41.77 20.43 50.76
CA SER G 260 -42.49 20.87 49.59
C SER G 260 -41.58 20.83 48.39
N ARG G 261 -41.99 20.05 47.41
CA ARG G 261 -41.24 19.92 46.17
C ARG G 261 -41.62 21.12 45.33
N PHE G 262 -42.91 21.34 45.23
CA PHE G 262 -43.40 22.43 44.38
C PHE G 262 -43.24 23.73 45.10
N GLY G 263 -43.12 24.80 44.33
CA GLY G 263 -43.11 26.15 44.91
C GLY G 263 -44.54 26.55 45.07
N LYS G 264 -44.85 27.33 46.11
CA LYS G 264 -46.18 27.85 46.31
C LYS G 264 -46.06 29.37 46.32
N PHE G 265 -46.86 30.00 45.44
CA PHE G 265 -46.94 31.42 45.34
C PHE G 265 -48.35 31.81 45.73
N ILE G 266 -48.51 32.52 46.86
CA ILE G 266 -49.83 32.86 47.32
C ILE G 266 -50.06 34.32 47.04
N ARG G 267 -51.05 34.61 46.21
CA ARG G 267 -51.34 35.98 45.83
C ARG G 267 -52.48 36.49 46.64
N ILE G 268 -52.26 37.59 47.36
CA ILE G 268 -53.33 38.23 48.07
C ILE G 268 -53.61 39.49 47.28
N ASN G 269 -54.85 39.58 46.76
CA ASN G 269 -55.19 40.66 45.86
C ASN G 269 -55.78 41.82 46.61
N PHE G 270 -55.35 43.02 46.30
CA PHE G 270 -55.71 44.23 47.04
C PHE G 270 -56.19 45.25 46.09
N ASP G 271 -57.27 45.95 46.45
CA ASP G 271 -57.72 47.07 45.63
C ASP G 271 -56.86 48.30 45.96
N VAL G 272 -57.09 49.37 45.27
CA VAL G 272 -56.35 50.61 45.48
C VAL G 272 -56.67 51.13 46.85
N ALA G 273 -57.87 50.82 47.36
CA ALA G 273 -58.28 51.19 48.69
C ALA G 273 -57.45 50.47 49.71
N GLY G 274 -56.96 49.28 49.40
CA GLY G 274 -56.10 48.60 50.36
C GLY G 274 -56.85 47.49 51.04
N TYR G 275 -57.94 47.01 50.41
CA TYR G 275 -58.79 45.98 50.99
C TYR G 275 -58.58 44.74 50.14
N ILE G 276 -58.97 43.60 50.73
CA ILE G 276 -58.89 42.30 50.11
C ILE G 276 -60.01 42.13 49.12
N VAL G 277 -59.66 42.01 47.83
CA VAL G 277 -60.56 41.58 46.79
C VAL G 277 -60.72 40.07 46.78
N GLY G 278 -59.68 39.33 47.21
CA GLY G 278 -59.72 37.89 47.19
C GLY G 278 -58.31 37.36 47.26
N ALA G 279 -58.12 36.07 46.97
CA ALA G 279 -56.75 35.54 46.83
C ALA G 279 -56.80 34.37 45.85
N ASN G 280 -55.64 34.04 45.30
CA ASN G 280 -55.44 32.85 44.50
C ASN G 280 -54.09 32.23 44.87
N ILE G 281 -53.90 30.98 44.48
CA ILE G 281 -52.64 30.30 44.72
C ILE G 281 -52.02 30.07 43.34
N GLU G 282 -50.70 30.14 43.26
CA GLU G 282 -50.03 29.72 42.03
C GLU G 282 -48.91 28.79 42.37
N THR G 283 -48.66 27.78 41.55
CA THR G 283 -47.65 26.79 41.88
C THR G 283 -46.69 26.64 40.78
N TYR G 284 -45.53 27.29 40.86
CA TYR G 284 -44.63 27.32 39.68
C TYR G 284 -43.88 26.03 39.48
N LEU G 285 -42.67 25.93 40.06
CA LEU G 285 -41.84 24.75 39.92
C LEU G 285 -42.62 23.61 40.51
N LEU G 286 -42.62 22.51 39.82
CA LEU G 286 -42.91 21.24 40.47
C LEU G 286 -41.72 20.31 40.11
N GLU G 287 -41.34 19.44 41.04
CA GLU G 287 -40.60 18.24 40.62
C GLU G 287 -41.63 17.20 40.26
N LYS G 288 -41.89 17.02 38.96
CA LYS G 288 -42.67 15.90 38.46
C LYS G 288 -41.87 14.64 38.32
N SER G 289 -40.54 14.76 38.22
CA SER G 289 -39.67 13.61 38.05
C SER G 289 -39.65 12.79 39.31
N ARG G 290 -40.09 13.33 40.46
CA ARG G 290 -40.10 12.60 41.68
C ARG G 290 -41.10 11.47 41.62
N ALA G 291 -42.20 11.65 40.87
CA ALA G 291 -43.23 10.65 40.78
C ALA G 291 -42.73 9.38 40.11
N ILE G 292 -42.06 9.52 38.98
CA ILE G 292 -41.42 8.44 38.25
C ILE G 292 -40.24 7.86 38.99
N ARG G 293 -39.40 8.72 39.58
CA ARG G 293 -38.04 8.35 39.98
C ARG G 293 -37.76 8.95 41.34
N GLN G 294 -36.96 8.27 42.17
CA GLN G 294 -36.84 8.66 43.54
C GLN G 294 -35.45 8.37 44.02
N ALA G 295 -35.13 8.95 45.18
CA ALA G 295 -33.85 8.69 45.86
C ALA G 295 -33.88 7.29 46.42
N LYS G 296 -32.71 6.85 46.83
CA LYS G 296 -32.56 5.48 47.32
C LYS G 296 -33.42 5.18 48.52
N ASP G 297 -33.34 6.06 49.52
CA ASP G 297 -34.08 5.92 50.76
C ASP G 297 -34.98 7.12 51.00
N GLU G 298 -35.98 7.23 50.15
CA GLU G 298 -36.99 8.29 50.28
C GLU G 298 -38.27 7.75 49.71
N CYS G 299 -39.30 8.54 49.87
CA CYS G 299 -40.64 8.18 49.39
C CYS G 299 -41.10 9.19 48.39
N SER G 300 -42.07 8.79 47.57
CA SER G 300 -42.66 9.70 46.61
C SER G 300 -43.70 10.50 47.33
N PHE G 301 -44.52 11.24 46.57
CA PHE G 301 -45.49 12.17 47.17
C PHE G 301 -46.40 11.43 48.09
N HIS G 302 -46.88 12.13 49.13
CA HIS G 302 -47.74 11.57 50.16
C HIS G 302 -49.00 10.93 49.64
N ILE G 303 -49.62 11.58 48.66
CA ILE G 303 -50.92 11.17 48.15
C ILE G 303 -50.86 9.76 47.67
N PHE G 304 -49.73 9.34 47.05
CA PHE G 304 -49.66 7.99 46.54
C PHE G 304 -49.85 6.96 47.65
N TYR G 305 -49.05 7.15 48.70
CA TYR G 305 -49.12 6.20 49.83
C TYR G 305 -50.45 6.29 50.56
N GLN G 306 -50.89 7.50 50.89
CA GLN G 306 -52.15 7.67 51.57
C GLN G 306 -53.33 7.15 50.76
N LEU G 307 -53.20 7.14 49.46
CA LEU G 307 -54.20 6.57 48.56
C LEU G 307 -54.14 5.05 48.77
N LEU G 308 -52.94 4.48 48.69
CA LEU G 308 -52.83 3.03 48.80
C LEU G 308 -53.47 2.41 50.05
N GLY G 309 -52.99 2.76 51.22
CA GLY G 309 -53.55 2.30 52.44
C GLY G 309 -54.90 2.89 52.77
N GLY G 310 -55.13 4.16 52.42
CA GLY G 310 -56.28 4.91 52.81
C GLY G 310 -57.58 4.52 52.21
N ALA G 311 -57.57 4.13 50.94
CA ALA G 311 -58.82 3.84 50.22
C ALA G 311 -59.30 2.46 50.58
N GLY G 312 -60.60 2.34 50.85
CA GLY G 312 -61.19 1.06 51.15
C GLY G 312 -61.50 0.36 49.87
N GLU G 313 -62.06 -0.86 50.00
CA GLU G 313 -62.59 -1.59 48.85
C GLU G 313 -63.63 -0.79 48.09
N GLN G 314 -64.32 0.13 48.76
CA GLN G 314 -65.34 0.92 48.16
C GLN G 314 -64.81 1.73 47.00
N LEU G 315 -63.65 2.32 47.25
CA LEU G 315 -62.98 3.20 46.30
C LEU G 315 -61.90 2.44 45.53
N LYS G 316 -61.23 1.53 46.24
CA LYS G 316 -60.18 0.76 45.64
C LYS G 316 -60.72 -0.09 44.52
N ALA G 317 -61.91 -0.66 44.72
CA ALA G 317 -62.53 -1.49 43.72
C ALA G 317 -62.82 -0.74 42.47
N ASP G 318 -63.21 0.53 42.55
CA ASP G 318 -63.39 1.36 41.38
C ASP G 318 -62.06 1.63 40.73
N LEU G 319 -61.10 2.11 41.54
CA LEU G 319 -59.80 2.55 41.01
C LEU G 319 -58.93 1.38 40.60
N LEU G 320 -59.20 0.23 41.20
CA LEU G 320 -58.41 -0.96 40.98
C LEU G 320 -56.99 -0.69 41.40
N LEU G 321 -56.83 -0.10 42.59
CA LEU G 321 -55.53 0.10 43.22
C LEU G 321 -55.05 -1.21 43.78
N GLU G 322 -53.73 -1.37 43.85
CA GLU G 322 -53.10 -2.59 44.34
C GLU G 322 -52.06 -2.13 45.40
N PRO G 323 -51.51 -3.07 46.16
CA PRO G 323 -50.39 -2.78 47.02
C PRO G 323 -49.11 -2.35 46.28
N CYS G 324 -48.17 -1.84 47.06
CA CYS G 324 -47.03 -1.08 46.57
C CYS G 324 -46.14 -1.92 45.72
N SER G 325 -45.97 -3.19 46.07
CA SER G 325 -45.15 -4.13 45.33
C SER G 325 -45.52 -4.36 43.90
N HIS G 326 -46.80 -4.10 43.56
CA HIS G 326 -47.31 -4.33 42.22
C HIS G 326 -46.80 -3.29 41.22
N TYR G 327 -46.39 -2.10 41.68
CA TYR G 327 -46.12 -1.04 40.73
C TYR G 327 -44.64 -0.84 40.52
N ARG G 328 -44.24 -0.78 39.25
CA ARG G 328 -42.87 -0.56 38.79
C ARG G 328 -42.47 0.88 39.13
N PHE G 329 -43.37 1.81 38.92
CA PHE G 329 -43.08 3.22 39.12
C PHE G 329 -42.84 3.54 40.54
N LEU G 330 -43.30 2.71 41.49
CA LEU G 330 -43.01 2.95 42.88
C LEU G 330 -41.70 2.26 43.24
N THR G 331 -40.74 3.09 43.63
CA THR G 331 -39.42 2.60 43.95
C THR G 331 -39.38 2.22 45.41
N ASN G 332 -38.43 1.35 45.75
CA ASN G 332 -38.06 1.08 47.13
C ASN G 332 -39.20 0.45 47.87
N GLY G 333 -40.12 -0.18 47.15
CA GLY G 333 -41.22 -0.91 47.77
C GLY G 333 -42.17 0.00 48.49
N PRO G 334 -43.01 -0.60 49.30
CA PRO G 334 -43.89 0.16 50.15
C PRO G 334 -43.17 1.22 50.94
N SER G 335 -42.04 0.86 51.54
CA SER G 335 -41.26 1.79 52.31
C SER G 335 -42.11 2.36 53.41
N SER G 336 -42.46 1.51 54.37
CA SER G 336 -43.32 1.91 55.48
C SER G 336 -42.50 2.58 56.57
N SER G 337 -42.59 3.88 56.90
CA SER G 337 -43.52 4.98 56.49
C SER G 337 -44.79 5.18 57.35
N PRO G 338 -45.78 4.26 57.31
CA PRO G 338 -46.81 4.40 58.34
C PRO G 338 -46.20 4.35 59.77
N GLY G 339 -46.63 5.21 60.71
CA GLY G 339 -47.65 6.26 60.51
C GLY G 339 -49.11 5.82 60.38
N GLN G 340 -49.40 4.52 60.38
CA GLN G 340 -50.74 3.99 60.20
C GLN G 340 -51.43 4.54 58.90
N GLU G 341 -51.14 5.76 58.40
CA GLU G 341 -51.67 6.30 57.12
C GLU G 341 -53.20 6.31 57.19
N ARG G 342 -53.88 6.15 56.06
CA ARG G 342 -55.29 5.72 56.02
C ARG G 342 -56.18 6.69 56.75
N GLU G 343 -55.82 7.01 57.99
CA GLU G 343 -56.43 8.08 58.74
C GLU G 343 -56.13 9.42 58.07
N LEU G 344 -54.89 9.61 57.65
CA LEU G 344 -54.54 10.87 57.00
C LEU G 344 -55.32 11.09 55.73
N PHE G 345 -55.41 10.03 54.96
CA PHE G 345 -56.22 10.00 53.71
C PHE G 345 -57.67 10.40 54.01
N GLN G 346 -58.17 9.84 55.10
CA GLN G 346 -59.55 10.13 55.52
C GLN G 346 -59.70 11.61 55.82
N GLU G 347 -58.70 12.17 56.51
CA GLU G 347 -58.73 13.61 56.80
C GLU G 347 -58.74 14.43 55.52
N THR G 348 -57.92 14.01 54.58
CA THR G 348 -57.72 14.72 53.34
C THR G 348 -59.00 14.75 52.53
N LEU G 349 -59.78 13.65 52.56
CA LEU G 349 -61.02 13.62 51.80
C LEU G 349 -61.98 14.69 52.29
N GLU G 350 -62.18 14.77 53.62
CA GLU G 350 -62.96 15.83 54.21
C GLU G 350 -62.39 17.20 53.84
N SER G 351 -61.09 17.32 53.87
CA SER G 351 -60.44 18.59 53.53
C SER G 351 -60.82 19.04 52.15
N LEU G 352 -60.94 18.09 51.22
CA LEU G 352 -61.38 18.36 49.86
C LEU G 352 -62.87 18.79 49.87
N ARG G 353 -63.60 18.08 50.73
CA ARG G 353 -65.08 18.14 50.60
C ARG G 353 -65.58 19.48 51.05
N VAL G 354 -65.05 19.99 52.16
CA VAL G 354 -65.47 21.24 52.72
C VAL G 354 -65.20 22.31 51.70
N LEU G 355 -64.10 22.15 50.96
CA LEU G 355 -63.71 23.07 49.92
C LEU G 355 -64.77 23.05 48.85
N GLY G 356 -65.53 21.97 48.75
CA GLY G 356 -66.75 22.06 47.95
C GLY G 356 -66.60 21.29 46.69
N PHE G 357 -65.61 20.40 46.63
CA PHE G 357 -65.54 19.49 45.49
C PHE G 357 -66.43 18.30 45.79
N SER G 358 -67.08 17.82 44.75
CA SER G 358 -68.08 16.78 44.84
C SER G 358 -67.35 15.46 45.00
N HIS G 359 -68.08 14.46 45.51
CA HIS G 359 -67.51 13.15 45.72
C HIS G 359 -67.08 12.57 44.40
N GLU G 360 -67.91 12.79 43.39
CA GLU G 360 -67.65 12.40 41.99
C GLU G 360 -66.28 12.93 41.54
N GLU G 361 -66.09 14.22 41.79
CA GLU G 361 -64.85 14.88 41.34
C GLU G 361 -63.63 14.26 42.04
N ILE G 362 -63.80 13.96 43.34
CA ILE G 362 -62.76 13.36 44.12
C ILE G 362 -62.39 11.99 43.55
N ILE G 363 -63.43 11.20 43.25
CA ILE G 363 -63.20 9.88 42.73
C ILE G 363 -62.47 9.96 41.40
N SER G 364 -62.83 10.94 40.57
CA SER G 364 -62.18 11.12 39.28
C SER G 364 -60.70 11.44 39.49
N MET G 365 -60.43 12.30 40.48
CA MET G 365 -59.07 12.74 40.75
C MET G 365 -58.18 11.53 41.13
N LEU G 366 -58.73 10.82 42.12
CA LEU G 366 -58.06 9.63 42.63
C LEU G 366 -57.89 8.59 41.56
N ARG G 367 -58.82 8.47 40.63
CA ARG G 367 -58.69 7.57 39.49
C ARG G 367 -57.47 7.97 38.67
N MET G 368 -57.27 9.24 38.32
CA MET G 368 -56.10 9.55 37.55
C MET G 368 -54.84 9.38 38.36
N VAL G 369 -54.88 9.63 39.67
CA VAL G 369 -53.73 9.36 40.47
C VAL G 369 -53.36 7.89 40.40
N SER G 370 -54.36 7.02 40.27
CA SER G 370 -54.07 5.63 39.98
C SER G 370 -53.44 5.50 38.61
N ALA G 371 -53.95 6.28 37.67
CA ALA G 371 -53.57 6.20 36.26
C ALA G 371 -52.07 6.45 36.09
N VAL G 372 -51.58 7.46 36.81
CA VAL G 372 -50.15 7.77 36.73
C VAL G 372 -49.35 6.57 37.19
N LEU G 373 -49.80 5.92 38.27
CA LEU G 373 -49.14 4.76 38.81
C LEU G 373 -49.23 3.61 37.84
N GLN G 374 -50.39 3.51 37.16
CA GLN G 374 -50.68 2.44 36.23
C GLN G 374 -49.72 2.46 35.09
N PHE G 375 -49.20 3.64 34.73
CA PHE G 375 -48.28 3.75 33.63
C PHE G 375 -47.07 2.83 33.84
N GLY G 376 -46.76 2.55 35.10
CA GLY G 376 -45.77 1.58 35.47
C GLY G 376 -46.05 0.15 35.12
N ASN G 377 -47.29 -0.29 35.29
CA ASN G 377 -47.65 -1.69 35.09
C ASN G 377 -47.50 -2.05 33.63
N ILE G 378 -47.57 -1.08 32.72
CA ILE G 378 -47.42 -1.45 31.32
C ILE G 378 -45.98 -1.92 31.10
N ALA G 379 -45.85 -3.05 30.43
CA ALA G 379 -44.53 -3.54 30.10
C ALA G 379 -44.38 -3.63 28.61
N LEU G 380 -43.31 -3.01 28.11
CA LEU G 380 -42.95 -3.12 26.70
C LEU G 380 -41.86 -4.15 26.53
N LYS G 381 -42.02 -5.06 25.57
CA LYS G 381 -41.13 -6.19 25.48
C LYS G 381 -40.41 -6.03 24.19
N ARG G 382 -39.09 -6.14 24.22
CA ARG G 382 -38.28 -5.95 23.04
C ARG G 382 -38.44 -7.18 22.19
N GLU G 383 -38.55 -6.96 20.90
CA GLU G 383 -38.79 -8.06 19.97
C GLU G 383 -37.53 -8.52 19.27
N ARG G 384 -37.50 -9.81 18.98
CA ARG G 384 -36.32 -10.40 18.40
C ARG G 384 -36.08 -9.79 17.05
N ASN G 385 -35.03 -9.02 16.96
CA ASN G 385 -34.57 -8.46 15.72
C ASN G 385 -35.09 -7.10 15.30
N THR G 386 -36.40 -6.91 15.37
CA THR G 386 -36.93 -5.61 15.08
C THR G 386 -36.65 -4.65 16.22
N ASP G 387 -36.71 -3.38 15.87
CA ASP G 387 -36.46 -2.34 16.84
C ASP G 387 -37.71 -2.12 17.71
N GLN G 388 -38.82 -1.96 17.02
CA GLN G 388 -40.01 -1.31 17.54
C GLN G 388 -40.50 -1.76 18.90
N ALA G 389 -40.35 -3.03 19.22
CA ALA G 389 -40.84 -3.58 20.46
C ALA G 389 -42.35 -3.66 20.39
N THR G 390 -42.97 -3.91 21.51
CA THR G 390 -44.41 -4.01 21.57
C THR G 390 -44.90 -4.35 22.98
N MET G 391 -46.21 -4.44 23.10
CA MET G 391 -46.87 -4.78 24.35
C MET G 391 -47.69 -6.03 24.17
N PRO G 392 -47.12 -7.18 24.53
CA PRO G 392 -47.87 -8.40 24.40
C PRO G 392 -49.00 -8.52 25.44
N ASP G 393 -48.89 -7.85 26.59
CA ASP G 393 -49.93 -8.08 27.63
C ASP G 393 -50.88 -6.93 27.65
N ASN G 394 -52.12 -7.17 27.28
CA ASN G 394 -53.14 -6.12 27.18
C ASN G 394 -53.75 -5.79 28.52
N THR G 395 -53.66 -6.70 29.51
CA THR G 395 -54.32 -6.51 30.77
C THR G 395 -54.05 -5.13 31.35
N ALA G 396 -52.77 -4.70 31.38
CA ALA G 396 -52.45 -3.51 32.18
C ALA G 396 -53.07 -2.31 31.47
N ALA G 397 -52.64 -2.14 30.23
CA ALA G 397 -53.16 -1.05 29.40
C ALA G 397 -54.66 -1.14 29.20
N GLN G 398 -55.24 -2.33 29.24
CA GLN G 398 -56.69 -2.47 29.30
C GLN G 398 -57.28 -1.76 30.51
N LYS G 399 -56.62 -1.98 31.62
CA LYS G 399 -56.97 -1.34 32.91
C LYS G 399 -56.89 0.18 32.76
N LEU G 400 -55.81 0.63 32.13
CA LEU G 400 -55.60 2.06 31.87
C LEU G 400 -56.76 2.65 31.07
N CYS G 401 -57.14 1.92 30.05
CA CYS G 401 -58.20 2.30 29.15
C CYS G 401 -59.53 2.36 29.85
N ARG G 402 -59.77 1.45 30.81
CA ARG G 402 -60.91 1.61 31.71
C ARG G 402 -60.79 2.86 32.54
N LEU G 403 -59.57 3.15 32.98
CA LEU G 403 -59.35 4.28 33.90
C LEU G 403 -59.38 5.63 33.20
N LEU G 404 -59.33 5.59 31.87
CA LEU G 404 -59.47 6.74 31.04
C LEU G 404 -60.50 6.45 29.97
N GLY G 405 -60.57 7.34 28.98
CA GLY G 405 -61.41 7.21 27.81
C GLY G 405 -60.87 6.39 26.68
N LEU G 406 -59.58 5.98 26.75
CA LEU G 406 -58.86 5.39 25.63
C LEU G 406 -59.34 3.99 25.21
N GLY G 407 -59.43 3.79 23.89
CA GLY G 407 -59.57 2.47 23.33
C GLY G 407 -58.20 1.84 23.33
N VAL G 408 -58.17 0.56 23.74
CA VAL G 408 -56.94 -0.14 23.94
C VAL G 408 -56.13 -0.23 22.66
N THR G 409 -56.81 -0.51 21.57
CA THR G 409 -56.18 -0.69 20.28
C THR G 409 -55.57 0.62 19.80
N ASP G 410 -56.38 1.67 19.87
CA ASP G 410 -55.99 3.02 19.49
C ASP G 410 -54.72 3.44 20.22
N PHE G 411 -54.80 3.24 21.54
CA PHE G 411 -53.68 3.57 22.42
C PHE G 411 -52.48 2.72 22.07
N SER G 412 -52.71 1.44 21.79
CA SER G 412 -51.61 0.52 21.54
C SER G 412 -50.84 0.94 20.29
N ARG G 413 -51.57 1.21 19.20
CA ARG G 413 -50.89 1.66 17.99
C ARG G 413 -50.18 2.98 18.23
N ALA G 414 -50.88 3.87 18.93
CA ALA G 414 -50.40 5.23 19.11
C ALA G 414 -49.09 5.23 19.88
N LEU G 415 -49.05 4.40 20.93
CA LEU G 415 -47.92 4.44 21.83
C LEU G 415 -46.72 3.82 21.10
N LEU G 416 -46.94 2.63 20.59
CA LEU G 416 -45.90 1.83 20.04
C LEU G 416 -45.43 2.39 18.73
N THR G 417 -46.37 2.68 17.84
CA THR G 417 -45.96 3.23 16.55
C THR G 417 -46.71 4.50 16.17
N PRO G 418 -46.23 5.63 16.70
CA PRO G 418 -47.05 6.81 16.62
C PRO G 418 -46.97 7.44 15.25
N ARG G 419 -47.94 8.33 14.94
CA ARG G 419 -48.00 8.94 13.68
C ARG G 419 -47.61 10.40 13.90
N ILE G 420 -46.95 11.00 12.92
CA ILE G 420 -46.45 12.32 13.10
C ILE G 420 -46.76 13.11 11.89
N LYS G 421 -47.10 14.37 12.10
CA LYS G 421 -47.49 15.23 11.01
C LYS G 421 -46.31 15.89 10.33
N VAL G 422 -46.07 15.38 9.11
CA VAL G 422 -45.05 15.86 8.21
C VAL G 422 -45.82 16.53 7.06
N GLY G 423 -46.08 17.82 7.23
CA GLY G 423 -47.21 18.46 6.59
C GLY G 423 -47.39 18.17 5.13
N ARG G 424 -48.61 17.82 4.70
CA ARG G 424 -49.86 17.85 5.50
C ARG G 424 -50.41 16.45 5.72
N ASP G 425 -49.51 15.47 5.61
CA ASP G 425 -49.91 14.10 5.39
C ASP G 425 -49.19 13.21 6.38
N TYR G 426 -49.94 12.41 7.12
CA TYR G 426 -49.33 11.77 8.29
C TYR G 426 -48.55 10.53 7.94
N VAL G 427 -47.56 10.27 8.77
CA VAL G 427 -46.68 9.14 8.62
C VAL G 427 -46.35 8.51 9.96
N GLN G 428 -46.25 7.19 9.96
CA GLN G 428 -45.91 6.45 11.14
C GLN G 428 -44.51 6.72 11.60
N LYS G 429 -44.14 6.09 12.71
CA LYS G 429 -42.78 6.18 13.23
C LYS G 429 -42.41 4.88 13.83
N ALA G 430 -41.13 4.53 13.76
CA ALA G 430 -40.62 3.37 14.53
C ALA G 430 -40.08 3.84 15.85
N GLN G 431 -40.43 3.18 16.95
CA GLN G 431 -39.96 3.61 18.24
C GLN G 431 -39.25 2.49 18.93
N THR G 432 -38.12 2.74 19.59
CA THR G 432 -37.44 1.68 20.32
C THR G 432 -38.23 1.31 21.53
N LYS G 433 -37.76 0.29 22.25
CA LYS G 433 -38.28 -0.04 23.56
C LYS G 433 -37.98 1.10 24.52
N GLU G 434 -36.76 1.61 24.47
CA GLU G 434 -36.32 2.65 25.38
C GLU G 434 -37.16 3.91 25.15
N GLN G 435 -37.37 4.24 23.89
CA GLN G 435 -38.06 5.46 23.52
C GLN G 435 -39.49 5.41 24.01
N ALA G 436 -40.14 4.29 23.75
CA ALA G 436 -41.53 4.11 24.18
C ALA G 436 -41.60 4.12 25.70
N ASP G 437 -40.63 3.54 26.39
CA ASP G 437 -40.59 3.57 27.83
C ASP G 437 -40.55 4.98 28.33
N PHE G 438 -39.70 5.80 27.71
CA PHE G 438 -39.63 7.22 28.11
C PHE G 438 -40.95 7.90 27.86
N ALA G 439 -41.62 7.56 26.74
CA ALA G 439 -42.93 8.15 26.46
C ALA G 439 -43.92 7.81 27.55
N LEU G 440 -43.90 6.56 28.01
CA LEU G 440 -44.78 6.13 29.09
C LEU G 440 -44.53 6.93 30.35
N GLU G 441 -43.24 7.07 30.66
CA GLU G 441 -42.85 7.83 31.85
C GLU G 441 -43.19 9.28 31.67
N ALA G 442 -43.02 9.81 30.47
CA ALA G 442 -43.41 11.19 30.17
C ALA G 442 -44.89 11.46 30.45
N LEU G 443 -45.76 10.68 29.80
CA LEU G 443 -47.20 10.85 30.01
C LEU G 443 -47.56 10.67 31.43
N ALA G 444 -46.88 9.74 32.14
CA ALA G 444 -47.04 9.71 33.60
C ALA G 444 -46.78 11.11 34.18
N LYS G 445 -45.61 11.64 33.88
CA LYS G 445 -45.11 12.80 34.60
C LYS G 445 -45.92 14.02 34.22
N ALA G 446 -46.10 14.18 32.90
CA ALA G 446 -46.92 15.28 32.36
C ALA G 446 -48.32 15.13 32.85
N THR G 447 -48.89 13.94 32.94
CA THR G 447 -50.22 13.73 33.46
C THR G 447 -50.34 14.25 34.86
N TYR G 448 -49.34 13.89 35.68
CA TYR G 448 -49.33 14.31 37.08
C TYR G 448 -49.28 15.82 37.17
N GLU G 449 -48.42 16.41 36.34
CA GLU G 449 -48.24 17.85 36.34
C GLU G 449 -49.56 18.55 35.98
N ARG G 450 -50.20 18.03 34.94
CA ARG G 450 -51.47 18.57 34.48
C ARG G 450 -52.53 18.52 35.55
N LEU G 451 -52.57 17.37 36.22
CA LEU G 451 -53.51 17.13 37.32
C LEU G 451 -53.29 18.16 38.39
N PHE G 452 -52.04 18.37 38.74
CA PHE G 452 -51.66 19.31 39.80
C PHE G 452 -52.11 20.71 39.43
N ARG G 453 -51.88 21.08 38.18
CA ARG G 453 -52.25 22.39 37.65
C ARG G 453 -53.74 22.59 37.78
N TRP G 454 -54.49 21.56 37.41
CA TRP G 454 -55.94 21.64 37.42
C TRP G 454 -56.42 21.78 38.81
N LEU G 455 -55.80 21.06 39.77
CA LEU G 455 -56.15 21.19 41.15
C LEU G 455 -55.99 22.62 41.61
N VAL G 456 -54.90 23.26 41.24
CA VAL G 456 -54.67 24.62 41.64
C VAL G 456 -55.73 25.56 41.11
N LEU G 457 -56.12 25.34 39.87
CA LEU G 457 -57.11 26.24 39.21
C LEU G 457 -58.49 25.99 39.81
N ARG G 458 -58.83 24.73 39.93
CA ARG G 458 -60.11 24.31 40.51
C ARG G 458 -60.17 24.75 41.95
N LEU G 459 -59.03 24.80 42.66
CA LEU G 459 -58.97 25.26 44.02
C LEU G 459 -59.25 26.75 44.09
N ASN G 460 -58.60 27.52 43.18
CA ASN G 460 -58.80 28.94 43.14
C ASN G 460 -60.22 29.24 42.80
N ARG G 461 -60.92 28.34 42.09
CA ARG G 461 -62.38 28.48 41.94
C ARG G 461 -63.12 28.27 43.22
N ALA G 462 -62.68 27.30 44.01
CA ALA G 462 -63.18 27.08 45.39
C ALA G 462 -62.94 28.26 46.33
N LEU G 463 -61.92 29.04 46.04
CA LEU G 463 -61.74 30.37 46.64
C LEU G 463 -62.59 31.40 45.88
N ASP G 464 -63.26 32.28 46.62
CA ASP G 464 -64.20 33.20 46.04
C ASP G 464 -63.63 34.61 46.16
N ARG G 465 -63.81 35.40 45.12
CA ARG G 465 -63.34 36.77 45.14
C ARG G 465 -64.51 37.72 45.00
N SER G 466 -64.33 38.97 45.45
CA SER G 466 -65.42 39.98 45.33
C SER G 466 -65.46 40.59 43.92
N PRO G 467 -65.27 41.90 43.80
CA PRO G 467 -65.19 42.42 42.45
C PRO G 467 -63.77 42.30 41.99
N ARG G 468 -63.56 41.58 40.87
CA ARG G 468 -62.23 41.15 40.44
C ARG G 468 -61.44 42.23 39.72
N GLN G 469 -60.18 41.88 39.41
CA GLN G 469 -59.27 42.72 38.63
C GLN G 469 -58.77 43.99 39.32
N GLY G 470 -59.17 44.17 40.58
CA GLY G 470 -58.85 45.36 41.30
C GLY G 470 -57.99 44.91 42.46
N ALA G 471 -56.79 45.42 42.67
CA ALA G 471 -56.04 46.21 41.74
C ALA G 471 -54.62 45.70 41.62
N SER G 472 -54.12 45.07 42.70
CA SER G 472 -52.72 44.78 42.87
C SER G 472 -52.58 43.63 43.81
N PHE G 473 -51.41 43.01 43.91
CA PHE G 473 -51.30 41.85 44.79
C PHE G 473 -50.03 41.90 45.59
N LEU G 474 -50.02 41.01 46.62
CA LEU G 474 -48.85 40.72 47.44
C LEU G 474 -48.59 39.25 47.28
N GLY G 475 -47.49 38.87 46.62
CA GLY G 475 -47.13 37.47 46.52
C GLY G 475 -46.38 36.93 47.69
N ILE G 476 -46.66 35.67 48.12
CA ILE G 476 -45.90 35.04 49.16
C ILE G 476 -45.37 33.76 48.62
N LEU G 477 -44.05 33.63 48.56
CA LEU G 477 -43.45 32.47 47.93
C LEU G 477 -42.98 31.51 48.99
N ASP G 478 -43.53 30.28 48.97
CA ASP G 478 -43.06 29.21 49.80
C ASP G 478 -42.41 28.22 48.86
N ILE G 479 -41.08 28.09 48.94
CA ILE G 479 -40.41 27.07 48.16
C ILE G 479 -39.34 26.43 48.98
N ALA G 480 -39.02 25.17 48.64
CA ALA G 480 -37.96 24.43 49.32
C ALA G 480 -36.66 25.13 49.09
N GLY G 481 -35.81 25.13 50.11
CA GLY G 481 -34.62 25.98 50.10
C GLY G 481 -33.55 25.24 49.36
N PHE G 482 -32.34 25.78 49.37
CA PHE G 482 -31.18 25.15 48.76
C PHE G 482 -30.94 23.86 49.49
N GLU G 483 -30.81 22.75 48.75
CA GLU G 483 -30.70 21.45 49.38
C GLU G 483 -29.30 20.92 49.27
N ILE G 484 -28.89 20.14 50.24
CA ILE G 484 -27.67 19.41 50.12
C ILE G 484 -27.95 18.04 50.72
N PHE G 485 -27.66 17.00 49.99
CA PHE G 485 -27.57 15.66 50.57
C PHE G 485 -26.14 15.18 50.37
N GLN G 486 -25.88 13.97 50.81
CA GLN G 486 -24.61 13.35 50.58
C GLN G 486 -24.47 13.06 49.10
N LEU G 487 -25.51 12.45 48.51
CA LEU G 487 -25.49 12.00 47.13
C LEU G 487 -25.79 13.10 46.10
N ASN G 488 -26.89 13.84 46.29
CA ASN G 488 -27.15 14.97 45.39
C ASN G 488 -27.35 14.52 43.94
N SER G 489 -28.57 14.12 43.60
CA SER G 489 -28.89 13.69 42.24
C SER G 489 -29.33 14.92 41.46
N PHE G 490 -30.09 14.66 40.37
CA PHE G 490 -30.41 15.60 39.34
C PHE G 490 -31.35 16.69 39.81
N GLU G 491 -32.38 16.22 40.51
CA GLU G 491 -33.40 17.11 41.05
C GLU G 491 -32.77 18.07 42.01
N GLN G 492 -31.82 17.54 42.79
CA GLN G 492 -31.00 18.33 43.68
C GLN G 492 -30.31 19.50 42.91
N LEU G 493 -29.88 19.20 41.67
CA LEU G 493 -29.22 20.21 40.90
C LEU G 493 -30.20 21.25 40.49
N CYS G 494 -31.37 20.85 39.98
CA CYS G 494 -32.41 21.78 39.59
C CYS G 494 -32.83 22.69 40.72
N ILE G 495 -32.97 22.12 41.93
CA ILE G 495 -33.35 22.89 43.08
C ILE G 495 -32.29 23.98 43.37
N ASN G 496 -31.07 23.54 43.30
CA ASN G 496 -29.94 24.43 43.51
C ASN G 496 -29.91 25.58 42.50
N TYR G 497 -30.26 25.25 41.26
CA TYR G 497 -30.31 26.22 40.19
C TYR G 497 -31.34 27.30 40.47
N THR G 498 -32.51 26.87 40.94
CA THR G 498 -33.55 27.83 41.22
C THR G 498 -33.17 28.70 42.39
N ASN G 499 -32.67 28.05 43.44
CA ASN G 499 -32.22 28.79 44.63
C ASN G 499 -31.13 29.79 44.29
N GLU G 500 -30.28 29.39 43.34
CA GLU G 500 -29.34 30.34 42.74
C GLU G 500 -30.04 31.62 42.24
N LYS G 501 -30.99 31.50 41.32
CA LYS G 501 -31.61 32.67 40.78
C LYS G 501 -32.32 33.51 41.84
N LEU G 502 -33.01 32.85 42.76
CA LEU G 502 -33.69 33.55 43.85
C LEU G 502 -32.74 34.36 44.65
N GLN G 503 -31.63 33.71 45.00
CA GLN G 503 -30.53 34.37 45.73
C GLN G 503 -30.01 35.57 44.99
N GLN G 504 -29.91 35.43 43.66
CA GLN G 504 -29.43 36.50 42.81
C GLN G 504 -30.35 37.68 42.89
N LEU G 505 -31.65 37.41 42.82
CA LEU G 505 -32.65 38.46 42.95
C LEU G 505 -32.48 39.19 44.25
N PHE G 506 -32.22 38.43 45.33
CA PHE G 506 -32.05 39.05 46.64
C PHE G 506 -30.86 40.00 46.62
N ASN G 507 -29.77 39.51 46.03
CA ASN G 507 -28.55 40.32 45.94
C ASN G 507 -28.81 41.59 45.21
N HIS G 508 -29.54 41.48 44.10
CA HIS G 508 -29.87 42.66 43.31
C HIS G 508 -30.68 43.64 44.14
N THR G 509 -31.66 43.11 44.89
CA THR G 509 -32.56 43.90 45.65
C THR G 509 -31.78 44.71 46.67
N MET G 510 -30.97 43.98 47.43
CA MET G 510 -30.04 44.56 48.40
C MET G 510 -29.19 45.62 47.76
N PHE G 511 -28.73 45.35 46.54
CA PHE G 511 -27.87 46.25 45.80
C PHE G 511 -28.58 47.57 45.56
N VAL G 512 -29.82 47.47 45.04
CA VAL G 512 -30.56 48.70 44.78
C VAL G 512 -30.88 49.43 46.07
N LEU G 513 -31.15 48.71 47.16
CA LEU G 513 -31.40 49.32 48.45
C LEU G 513 -30.21 50.13 48.92
N GLU G 514 -29.01 49.56 48.79
CA GLU G 514 -27.82 50.24 49.25
C GLU G 514 -27.48 51.42 48.36
N GLN G 515 -27.64 51.24 47.06
CA GLN G 515 -27.31 52.30 46.12
C GLN G 515 -28.16 53.52 46.35
N GLU G 516 -29.45 53.30 46.62
CA GLU G 516 -30.41 54.37 46.89
C GLU G 516 -30.27 55.01 48.30
N GLU G 517 -29.83 54.15 49.24
CA GLU G 517 -29.50 54.59 50.58
C GLU G 517 -28.33 55.54 50.51
N TYR G 518 -27.32 55.28 49.65
CA TYR G 518 -26.18 56.15 49.56
C TYR G 518 -26.65 57.56 49.11
N GLN G 519 -27.52 57.58 48.11
CA GLN G 519 -28.00 58.85 47.59
C GLN G 519 -28.78 59.60 48.64
N ARG G 520 -29.59 58.88 49.41
CA ARG G 520 -30.35 59.51 50.48
C ARG G 520 -29.46 60.14 51.50
N GLU G 521 -28.23 59.65 51.64
CA GLU G 521 -27.25 60.21 52.54
C GLU G 521 -26.19 61.09 51.80
N GLY G 522 -26.34 61.14 50.49
CA GLY G 522 -25.62 62.05 49.68
C GLY G 522 -24.25 61.56 49.34
N ILE G 523 -23.96 60.27 49.53
CA ILE G 523 -22.66 59.78 49.23
C ILE G 523 -22.72 59.13 47.88
N PRO G 524 -21.95 59.66 46.93
CA PRO G 524 -21.84 58.94 45.68
C PRO G 524 -20.78 57.85 45.78
N TRP G 525 -21.19 56.62 45.47
CA TRP G 525 -20.22 55.55 45.46
C TRP G 525 -20.67 54.55 44.42
N THR G 526 -19.71 54.06 43.65
CA THR G 526 -20.02 53.06 42.65
C THR G 526 -19.35 51.77 43.01
N PHE G 527 -20.08 50.70 42.84
CA PHE G 527 -19.67 49.37 43.28
C PHE G 527 -20.45 48.38 42.44
N LEU G 528 -19.86 47.19 42.29
CA LEU G 528 -20.39 46.17 41.40
C LEU G 528 -21.68 45.57 41.89
N ASP G 529 -22.50 45.17 40.94
CA ASP G 529 -23.71 44.42 41.19
C ASP G 529 -23.37 43.15 41.92
N PHE G 530 -24.09 42.93 43.03
CA PHE G 530 -23.92 41.79 43.90
C PHE G 530 -24.45 40.56 43.23
N GLY G 531 -25.43 40.75 42.33
CA GLY G 531 -26.08 39.67 41.64
C GLY G 531 -25.08 38.92 40.78
N LEU G 532 -24.07 39.66 40.30
CA LEU G 532 -23.08 39.16 39.37
C LEU G 532 -22.27 38.06 39.98
N ASP G 533 -22.18 37.97 41.31
CA ASP G 533 -21.40 36.95 41.96
C ASP G 533 -21.89 35.55 41.53
N LEU G 534 -23.20 35.40 41.51
CA LEU G 534 -23.89 34.17 41.21
C LEU G 534 -23.91 33.90 39.72
N GLN G 535 -23.82 34.96 38.90
CA GLN G 535 -24.05 34.88 37.49
C GLN G 535 -23.17 33.86 36.81
N PRO G 536 -21.88 33.79 37.11
CA PRO G 536 -21.10 32.78 36.37
C PRO G 536 -21.53 31.36 36.72
N CYS G 537 -21.90 31.15 38.00
CA CYS G 537 -22.40 29.84 38.39
C CYS G 537 -23.67 29.49 37.66
N ILE G 538 -24.54 30.49 37.49
CA ILE G 538 -25.79 30.31 36.81
C ILE G 538 -25.52 29.99 35.36
N ASP G 539 -24.65 30.76 34.73
CA ASP G 539 -24.29 30.51 33.32
C ASP G 539 -23.71 29.12 33.17
N LEU G 540 -22.96 28.68 34.18
CA LEU G 540 -22.33 27.36 34.15
C LEU G 540 -23.45 26.35 33.98
N ILE G 541 -24.50 26.46 34.81
CA ILE G 541 -25.61 25.56 34.71
C ILE G 541 -26.49 25.83 33.52
N GLU G 542 -26.75 27.10 33.24
CA GLU G 542 -27.78 27.45 32.24
C GLU G 542 -27.35 27.68 30.81
N ARG G 543 -26.44 28.62 30.64
CA ARG G 543 -26.04 29.15 29.32
C ARG G 543 -26.05 28.15 28.18
N PRO G 544 -26.96 28.37 27.25
CA PRO G 544 -27.02 27.42 26.16
C PRO G 544 -25.85 27.48 25.17
N ALA G 545 -25.34 28.66 24.88
CA ALA G 545 -24.68 28.81 23.59
C ALA G 545 -23.17 28.59 23.56
N ASN G 546 -22.44 29.67 23.48
CA ASN G 546 -21.05 29.62 23.04
C ASN G 546 -20.12 28.56 23.70
N PRO G 547 -19.66 28.78 24.96
CA PRO G 547 -19.69 27.58 25.84
C PRO G 547 -21.10 27.23 26.34
N PRO G 548 -21.54 25.98 26.17
CA PRO G 548 -22.83 25.57 26.59
C PRO G 548 -22.80 25.14 28.06
N GLY G 549 -23.99 25.08 28.63
CA GLY G 549 -24.21 24.88 30.06
C GLY G 549 -24.46 23.45 30.39
N LEU G 550 -24.50 23.14 31.68
CA LEU G 550 -24.65 21.78 32.15
C LEU G 550 -26.00 21.23 31.71
N LEU G 551 -27.07 22.06 31.81
CA LEU G 551 -28.36 21.58 31.39
C LEU G 551 -28.39 21.35 29.89
N ALA G 552 -27.82 22.31 29.14
CA ALA G 552 -27.82 22.24 27.70
C ALA G 552 -27.03 21.00 27.26
N LEU G 553 -25.85 20.85 27.82
CA LEU G 553 -25.00 19.69 27.51
C LEU G 553 -25.63 18.41 27.87
N LEU G 554 -26.39 18.39 28.96
CA LEU G 554 -27.15 17.19 29.34
C LEU G 554 -28.15 16.85 28.28
N ASP G 555 -28.86 17.89 27.80
CA ASP G 555 -29.87 17.65 26.78
C ASP G 555 -29.26 17.10 25.51
N GLU G 556 -28.08 17.67 25.16
CA GLU G 556 -27.36 17.23 23.94
C GLU G 556 -26.95 15.80 24.10
N GLU G 557 -26.49 15.41 25.29
CA GLU G 557 -26.12 14.03 25.55
C GLU G 557 -27.35 13.11 25.37
N CYS G 558 -28.50 13.58 25.87
CA CYS G 558 -29.65 12.72 25.92
C CYS G 558 -30.10 12.27 24.54
N TRP G 559 -30.03 13.22 23.57
CA TRP G 559 -30.55 13.00 22.26
C TRP G 559 -29.59 12.24 21.39
N PHE G 560 -28.32 12.56 21.54
CA PHE G 560 -27.32 11.94 20.70
C PHE G 560 -27.33 10.42 20.91
N PRO G 561 -27.20 9.68 19.82
CA PRO G 561 -27.53 8.21 19.84
C PRO G 561 -27.24 7.33 21.06
N LYS G 562 -25.97 6.93 21.22
CA LYS G 562 -25.58 6.06 22.29
C LYS G 562 -24.88 6.94 23.26
N ALA G 563 -25.70 7.37 24.20
CA ALA G 563 -25.30 8.28 25.21
C ALA G 563 -25.17 7.43 26.44
N THR G 564 -24.05 7.57 27.12
CA THR G 564 -23.89 7.08 28.50
C THR G 564 -23.66 8.26 29.44
N ASP G 565 -23.93 8.03 30.71
CA ASP G 565 -23.66 8.94 31.79
C ASP G 565 -22.18 9.35 31.79
N LYS G 566 -21.32 8.38 31.53
CA LYS G 566 -19.88 8.62 31.53
C LYS G 566 -19.53 9.58 30.44
N SER G 567 -20.10 9.32 29.25
CA SER G 567 -19.82 10.26 28.12
C SER G 567 -20.28 11.66 28.44
N PHE G 568 -21.35 11.76 29.20
CA PHE G 568 -21.84 13.04 29.68
C PHE G 568 -20.80 13.78 30.52
N VAL G 569 -20.31 13.15 31.58
CA VAL G 569 -19.38 13.84 32.47
C VAL G 569 -18.10 14.19 31.74
N GLU G 570 -17.64 13.22 30.95
CA GLU G 570 -16.41 13.48 30.18
C GLU G 570 -16.58 14.69 29.32
N LYS G 571 -17.74 14.75 28.64
CA LYS G 571 -18.07 15.80 27.70
C LYS G 571 -18.11 17.15 28.40
N VAL G 572 -18.74 17.17 29.59
CA VAL G 572 -18.83 18.45 30.26
C VAL G 572 -17.45 18.87 30.76
N ALA G 573 -16.60 17.93 31.16
CA ALA G 573 -15.26 18.28 31.55
C ALA G 573 -14.54 18.94 30.40
N GLN G 574 -14.59 18.24 29.26
CA GLN G 574 -13.91 18.70 28.05
C GLN G 574 -14.51 20.04 27.61
N GLU G 575 -15.84 20.10 27.64
CA GLU G 575 -16.50 21.31 27.12
C GLU G 575 -16.27 22.42 28.10
N GLN G 576 -16.68 22.18 29.33
CA GLN G 576 -16.66 23.15 30.35
C GLN G 576 -16.05 22.72 31.68
N GLY G 577 -14.73 22.84 31.74
CA GLY G 577 -13.93 22.54 32.90
C GLY G 577 -13.11 23.74 33.27
N GLY G 578 -12.72 24.51 32.25
CA GLY G 578 -12.16 25.87 32.42
C GLY G 578 -12.95 26.85 33.26
N HIS G 579 -14.20 26.49 33.61
CA HIS G 579 -15.02 27.32 34.42
C HIS G 579 -14.60 27.22 35.87
N PRO G 580 -14.42 28.39 36.48
CA PRO G 580 -13.85 28.42 37.80
C PRO G 580 -14.79 27.85 38.84
N LYS G 581 -16.09 27.95 38.67
CA LYS G 581 -17.00 27.37 39.63
C LYS G 581 -17.18 25.92 39.41
N PHE G 582 -16.67 25.35 38.30
CA PHE G 582 -16.79 23.93 38.07
C PHE G 582 -15.53 23.23 38.54
N GLN G 583 -15.70 22.14 39.31
CA GLN G 583 -14.53 21.38 39.76
C GLN G 583 -14.65 19.91 39.57
N ARG G 584 -13.73 19.35 38.80
CA ARG G 584 -13.63 17.89 38.71
C ARG G 584 -12.75 17.36 39.89
N PRO G 585 -13.28 16.45 40.72
CA PRO G 585 -12.50 15.99 41.87
C PRO G 585 -11.25 15.24 41.47
N ARG G 586 -11.40 14.28 40.56
CA ARG G 586 -10.32 13.44 40.05
C ARG G 586 -9.73 12.45 41.05
N HIS G 587 -8.94 11.52 40.53
CA HIS G 587 -8.16 10.61 41.39
C HIS G 587 -9.04 9.66 42.20
N LEU G 588 -8.62 9.34 43.45
CA LEU G 588 -9.46 8.58 44.34
C LEU G 588 -10.78 9.26 44.59
N ARG G 589 -11.69 8.48 45.11
CA ARG G 589 -13.04 8.94 45.39
C ARG G 589 -13.10 9.73 46.71
N ASP G 590 -13.89 10.80 46.84
CA ASP G 590 -14.63 11.50 45.76
C ASP G 590 -15.62 10.64 44.99
N GLN G 591 -16.61 10.17 45.71
CA GLN G 591 -17.63 9.33 45.13
C GLN G 591 -18.38 10.08 44.04
N ALA G 592 -18.70 11.34 44.25
CA ALA G 592 -19.43 12.12 43.29
C ALA G 592 -18.54 12.55 42.15
N ASP G 593 -19.11 12.57 40.95
CA ASP G 593 -18.32 12.67 39.71
C ASP G 593 -18.03 14.06 39.20
N PHE G 594 -18.84 15.06 39.54
CA PHE G 594 -18.33 16.43 39.39
C PHE G 594 -18.97 17.35 40.39
N SER G 595 -18.39 18.53 40.59
CA SER G 595 -18.87 19.41 41.64
C SER G 595 -18.93 20.82 41.20
N VAL G 596 -19.83 21.60 41.75
CA VAL G 596 -19.82 23.05 41.54
C VAL G 596 -19.80 23.80 42.87
N LEU G 597 -19.48 25.09 42.71
CA LEU G 597 -19.31 26.04 43.81
C LEU G 597 -20.40 27.13 43.83
N HIS G 598 -21.43 26.85 44.61
CA HIS G 598 -22.52 27.76 44.79
C HIS G 598 -22.18 28.77 45.88
N TYR G 599 -23.17 29.61 46.16
CA TYR G 599 -23.10 30.59 47.22
C TYR G 599 -23.00 29.85 48.52
N ALA G 600 -23.75 28.76 48.63
CA ALA G 600 -23.78 27.97 49.86
C ALA G 600 -22.43 27.34 50.07
N GLY G 601 -21.83 26.84 48.99
CA GLY G 601 -20.56 26.16 49.13
C GLY G 601 -20.39 25.17 48.03
N LYS G 602 -19.48 24.20 48.23
CA LYS G 602 -19.16 23.23 47.19
C LYS G 602 -20.07 22.05 47.38
N VAL G 603 -20.75 21.65 46.31
CA VAL G 603 -21.66 20.56 46.35
C VAL G 603 -21.19 19.52 45.37
N ASP G 604 -21.42 18.25 45.65
CA ASP G 604 -20.93 17.18 44.80
C ASP G 604 -22.12 16.53 44.14
N TYR G 605 -21.97 16.17 42.89
CA TYR G 605 -23.07 15.56 42.14
C TYR G 605 -22.62 14.24 41.59
N LYS G 606 -23.56 13.28 41.61
CA LYS G 606 -23.43 11.95 41.06
C LYS G 606 -24.24 11.94 39.77
N ALA G 607 -23.59 11.52 38.71
CA ALA G 607 -24.16 11.66 37.41
C ALA G 607 -25.07 10.49 37.02
N ASN G 608 -25.11 9.43 37.84
CA ASN G 608 -25.80 8.22 37.42
C ASN G 608 -27.23 8.47 37.01
N GLU G 609 -27.58 7.93 35.85
CA GLU G 609 -28.94 7.89 35.35
C GLU G 609 -29.52 9.27 35.14
N TRP G 610 -28.63 10.23 34.88
CA TRP G 610 -29.10 11.59 34.62
C TRP G 610 -29.75 11.69 33.29
N LEU G 611 -29.25 10.98 32.28
CA LEU G 611 -29.83 11.03 30.97
C LEU G 611 -31.23 10.52 31.02
N MET G 612 -31.45 9.45 31.80
CA MET G 612 -32.77 8.85 31.88
C MET G 612 -33.75 9.79 32.55
N LYS G 613 -33.33 10.50 33.62
CA LYS G 613 -34.15 11.42 34.32
C LYS G 613 -34.54 12.63 33.48
N ASN G 614 -33.63 13.02 32.58
CA ASN G 614 -33.77 14.17 31.73
C ASN G 614 -34.75 13.95 30.62
N MET G 615 -34.86 12.70 30.13
CA MET G 615 -35.75 12.41 29.01
C MET G 615 -37.20 12.54 29.38
N ASP G 616 -37.93 13.33 28.61
CA ASP G 616 -39.37 13.43 28.76
C ASP G 616 -39.93 13.64 27.38
N PRO G 617 -39.72 12.75 26.41
CA PRO G 617 -40.32 12.93 25.11
C PRO G 617 -41.80 12.66 25.17
N LEU G 618 -42.61 13.42 24.46
CA LEU G 618 -44.04 13.29 24.64
C LEU G 618 -44.64 12.98 23.29
N ASN G 619 -45.41 11.90 23.20
CA ASN G 619 -46.08 11.59 21.94
C ASN G 619 -47.28 12.44 21.81
N ASP G 620 -47.33 13.14 20.67
CA ASP G 620 -48.45 14.00 20.32
C ASP G 620 -49.66 13.19 20.01
N ASN G 621 -49.46 11.99 19.47
CA ASN G 621 -50.56 11.12 19.11
C ASN G 621 -51.32 10.69 20.35
N VAL G 622 -50.60 10.17 21.33
CA VAL G 622 -51.26 9.72 22.56
C VAL G 622 -51.91 10.89 23.29
N ALA G 623 -51.22 12.01 23.31
CA ALA G 623 -51.69 13.25 23.86
C ALA G 623 -52.99 13.64 23.20
N ALA G 624 -53.06 13.55 21.89
CA ALA G 624 -54.27 13.81 21.13
C ALA G 624 -55.39 12.89 21.58
N LEU G 625 -55.06 11.63 21.84
CA LEU G 625 -56.07 10.67 22.28
C LEU G 625 -56.65 11.11 23.61
N LEU G 626 -55.77 11.55 24.52
CA LEU G 626 -56.21 12.11 25.81
C LEU G 626 -57.13 13.30 25.59
N HIS G 627 -56.77 14.15 24.63
CA HIS G 627 -57.59 15.30 24.33
C HIS G 627 -58.98 14.92 23.85
N GLN G 628 -59.13 13.68 23.40
CA GLN G 628 -60.34 13.10 22.91
C GLN G 628 -60.99 12.17 23.93
N SER G 629 -60.49 12.17 25.17
CA SER G 629 -60.93 11.17 26.14
C SER G 629 -62.40 11.32 26.37
N THR G 630 -63.03 10.20 26.69
CA THR G 630 -64.46 10.15 26.95
C THR G 630 -64.81 10.78 28.28
N ASP G 631 -64.02 10.45 29.30
CA ASP G 631 -64.28 10.96 30.64
C ASP G 631 -64.01 12.44 30.64
N ARG G 632 -64.76 13.18 31.45
CA ARG G 632 -64.70 14.62 31.44
C ARG G 632 -63.38 15.05 32.02
N LEU G 633 -62.95 14.42 33.11
CA LEU G 633 -61.90 14.98 33.94
C LEU G 633 -60.60 15.08 33.11
N THR G 634 -60.12 13.93 32.65
CA THR G 634 -58.84 13.86 31.99
C THR G 634 -58.86 14.67 30.71
N ALA G 635 -59.95 14.57 29.96
CA ALA G 635 -60.06 15.29 28.69
C ALA G 635 -59.99 16.78 28.93
N GLU G 636 -60.67 17.23 30.00
CA GLU G 636 -60.65 18.65 30.37
C GLU G 636 -59.21 19.06 30.75
N ILE G 637 -58.49 18.16 31.45
CA ILE G 637 -57.14 18.42 31.82
C ILE G 637 -56.23 18.70 30.63
N TRP G 638 -56.31 17.87 29.61
CA TRP G 638 -55.38 17.88 28.47
C TRP G 638 -55.76 18.90 27.40
N LYS G 639 -56.22 20.04 27.88
CA LYS G 639 -56.82 21.04 26.96
C LYS G 639 -55.77 21.97 26.28
N ASP G 640 -54.53 21.53 26.18
CA ASP G 640 -53.67 21.95 25.10
C ASP G 640 -54.12 21.39 23.74
N ARG G 661 -44.62 26.30 18.92
CA ARG G 661 -44.26 26.92 20.19
C ARG G 661 -42.85 26.51 20.61
N PRO G 662 -42.76 25.69 21.66
CA PRO G 662 -41.45 25.19 22.06
C PRO G 662 -40.98 24.05 21.14
N ARG G 663 -40.17 23.18 21.71
CA ARG G 663 -39.72 22.02 21.00
C ARG G 663 -40.64 20.87 21.17
N ARG G 664 -41.90 21.17 21.52
CA ARG G 664 -42.82 20.14 22.04
C ARG G 664 -42.83 18.88 21.21
N GLY G 665 -42.78 17.75 21.86
CA GLY G 665 -42.76 16.48 21.18
C GLY G 665 -41.36 16.01 21.00
N MET G 666 -41.13 14.74 21.34
CA MET G 666 -39.79 14.17 21.47
C MET G 666 -38.98 15.14 22.26
N PHE G 667 -37.88 15.62 21.70
CA PHE G 667 -37.06 16.59 22.38
C PHE G 667 -37.45 16.91 23.79
N ARG G 668 -38.20 18.00 23.99
CA ARG G 668 -38.72 18.34 25.27
C ARG G 668 -38.08 17.57 26.40
N THR G 669 -37.20 18.21 27.11
CA THR G 669 -36.51 17.61 28.24
C THR G 669 -36.96 18.23 29.55
N VAL G 670 -36.86 17.45 30.59
CA VAL G 670 -37.29 17.90 31.91
C VAL G 670 -36.51 19.11 32.32
N GLY G 671 -35.20 19.09 32.07
CA GLY G 671 -34.36 20.24 32.34
C GLY G 671 -34.85 21.46 31.62
N GLN G 672 -35.32 21.27 30.38
CA GLN G 672 -35.71 22.42 29.60
C GLN G 672 -37.00 22.99 30.16
N LEU G 673 -37.97 22.12 30.43
CA LEU G 673 -39.26 22.54 30.94
C LEU G 673 -39.10 23.24 32.28
N TYR G 674 -38.33 22.64 33.14
CA TYR G 674 -37.99 23.19 34.44
C TYR G 674 -37.41 24.58 34.31
N LYS G 675 -36.47 24.76 33.39
CA LYS G 675 -35.89 26.03 33.13
C LYS G 675 -36.91 27.03 32.71
N GLU G 676 -37.82 26.61 31.83
CA GLU G 676 -38.84 27.51 31.31
C GLU G 676 -39.74 28.01 32.48
N SER G 677 -40.17 27.05 33.26
CA SER G 677 -41.06 27.27 34.39
C SER G 677 -40.44 28.23 35.38
N LEU G 678 -39.15 28.02 35.66
CA LEU G 678 -38.40 28.92 36.52
C LEU G 678 -38.32 30.28 35.88
N SER G 679 -38.18 30.37 34.55
CA SER G 679 -38.13 31.66 33.89
C SER G 679 -39.42 32.41 34.10
N ARG G 680 -40.55 31.70 34.03
CA ARG G 680 -41.85 32.35 34.27
C ARG G 680 -41.89 32.98 35.68
N LEU G 681 -41.42 32.17 36.63
CA LEU G 681 -41.46 32.54 38.02
C LEU G 681 -40.58 33.74 38.30
N MET G 682 -39.36 33.69 37.75
CA MET G 682 -38.42 34.81 37.87
C MET G 682 -38.93 36.02 37.25
N ALA G 683 -39.67 35.92 36.13
CA ALA G 683 -40.27 37.12 35.55
C ALA G 683 -41.30 37.69 36.54
N THR G 684 -42.12 36.79 37.10
CA THR G 684 -43.22 37.26 37.93
C THR G 684 -42.70 37.99 39.17
N LEU G 685 -41.76 37.33 39.82
CA LEU G 685 -41.12 37.89 41.01
C LEU G 685 -40.38 39.18 40.65
N SER G 686 -39.66 39.15 39.55
CA SER G 686 -38.87 40.27 39.06
C SER G 686 -39.73 41.49 38.80
N ASN G 687 -41.01 41.29 38.44
CA ASN G 687 -41.90 42.41 38.18
C ASN G 687 -42.10 43.18 39.48
N THR G 688 -42.05 42.49 40.63
CA THR G 688 -42.46 43.10 41.87
C THR G 688 -41.30 43.47 42.74
N ASN G 689 -41.61 43.99 43.94
CA ASN G 689 -40.63 44.36 44.93
C ASN G 689 -40.61 43.31 46.00
N PRO G 690 -39.52 42.55 46.06
CA PRO G 690 -39.45 41.46 47.01
C PRO G 690 -39.06 41.84 48.42
N SER G 691 -39.36 40.92 49.33
CA SER G 691 -38.99 40.99 50.74
C SER G 691 -38.71 39.55 51.21
N PHE G 692 -37.91 39.44 52.24
CA PHE G 692 -37.14 38.18 52.47
C PHE G 692 -37.25 37.71 53.87
N VAL G 693 -37.59 36.44 54.06
CA VAL G 693 -37.69 35.86 55.40
C VAL G 693 -36.94 34.54 55.37
N ARG G 694 -36.17 34.27 56.39
CA ARG G 694 -35.36 33.07 56.46
C ARG G 694 -35.69 32.30 57.74
N CYS G 695 -36.08 31.07 57.54
CA CYS G 695 -36.55 30.18 58.58
C CYS G 695 -35.50 29.15 58.92
N ILE G 696 -35.29 28.90 60.19
CA ILE G 696 -34.35 27.88 60.63
C ILE G 696 -35.01 27.04 61.71
N VAL G 697 -34.75 25.72 61.67
CA VAL G 697 -35.13 24.86 62.76
C VAL G 697 -33.94 24.60 63.66
N PRO G 698 -34.11 24.77 64.97
CA PRO G 698 -33.02 24.55 65.88
C PRO G 698 -32.60 23.08 65.97
N ASN G 699 -33.53 22.12 65.86
CA ASN G 699 -33.19 20.79 66.27
C ASN G 699 -34.18 19.80 65.65
N HIS G 700 -33.90 18.52 65.82
CA HIS G 700 -34.82 17.47 65.43
C HIS G 700 -35.88 17.28 66.49
N GLU G 701 -35.65 17.77 67.73
CA GLU G 701 -36.38 17.40 68.91
C GLU G 701 -37.83 17.79 68.84
N LYS G 702 -38.13 18.83 68.09
CA LYS G 702 -39.47 19.42 68.12
C LYS G 702 -39.70 19.98 69.51
N ARG G 703 -38.70 20.67 70.05
CA ARG G 703 -38.86 21.29 71.33
C ARG G 703 -37.91 22.45 71.45
N ALA G 704 -38.28 23.45 72.24
CA ALA G 704 -37.43 24.64 72.39
C ALA G 704 -36.33 24.42 73.39
N GLY G 705 -35.48 25.44 73.50
CA GLY G 705 -34.42 25.48 74.49
C GLY G 705 -33.23 24.66 74.05
N LYS G 706 -33.11 24.44 72.77
CA LYS G 706 -32.03 23.59 72.27
C LYS G 706 -31.75 24.12 70.90
N LEU G 707 -30.58 24.74 70.75
CA LEU G 707 -30.13 25.23 69.45
C LEU G 707 -28.87 24.51 69.00
N GLU G 708 -28.96 23.78 67.88
CA GLU G 708 -27.87 22.99 67.39
C GLU G 708 -27.14 23.82 66.38
N PRO G 709 -25.94 24.21 66.77
CA PRO G 709 -25.16 25.18 66.04
C PRO G 709 -24.80 24.66 64.68
N ARG G 710 -24.48 23.38 64.55
CA ARG G 710 -24.11 22.80 63.28
C ARG G 710 -25.28 22.93 62.29
N LEU G 711 -26.48 22.59 62.80
CA LEU G 711 -27.67 22.64 61.94
C LEU G 711 -27.92 24.07 61.50
N VAL G 712 -27.76 25.03 62.43
CA VAL G 712 -27.99 26.42 62.09
C VAL G 712 -26.97 26.88 61.09
N LEU G 713 -25.72 26.45 61.19
CA LEU G 713 -24.68 26.75 60.22
C LEU G 713 -25.07 26.31 58.86
N ASP G 714 -25.55 25.05 58.79
CA ASP G 714 -25.98 24.45 57.54
C ASP G 714 -27.08 25.28 56.92
N GLN G 715 -28.05 25.68 57.75
CA GLN G 715 -29.18 26.42 57.25
C GLN G 715 -28.72 27.78 56.77
N LEU G 716 -27.75 28.40 57.48
CA LEU G 716 -27.24 29.68 57.11
C LEU G 716 -26.54 29.60 55.79
N ARG G 717 -25.91 28.47 55.51
CA ARG G 717 -25.33 28.23 54.19
C ARG G 717 -26.36 28.20 53.09
N CYS G 718 -27.43 27.44 53.26
CA CYS G 718 -28.33 27.16 52.14
C CYS G 718 -29.33 28.32 51.99
N ASN G 719 -29.60 29.13 53.00
CA ASN G 719 -30.49 30.23 52.81
C ASN G 719 -29.79 31.48 52.30
N GLY G 720 -28.46 31.49 52.16
CA GLY G 720 -27.78 32.61 51.61
C GLY G 720 -27.45 33.72 52.61
N VAL G 721 -27.82 33.53 53.88
CA VAL G 721 -27.60 34.54 54.88
C VAL G 721 -26.12 34.82 55.03
N LEU G 722 -25.32 33.75 55.05
CA LEU G 722 -23.85 33.90 54.99
C LEU G 722 -23.42 34.72 53.80
N GLU G 723 -24.06 34.44 52.67
CA GLU G 723 -23.74 35.24 51.49
C GLU G 723 -24.12 36.70 51.75
N GLY G 724 -25.23 36.93 52.45
CA GLY G 724 -25.66 38.29 52.71
C GLY G 724 -24.63 39.01 53.56
N ILE G 725 -24.07 38.31 54.54
CA ILE G 725 -23.05 38.96 55.37
C ILE G 725 -21.80 39.23 54.56
N ARG G 726 -21.41 38.25 53.75
CA ARG G 726 -20.25 38.46 52.91
C ARG G 726 -20.52 39.48 51.85
N ILE G 727 -21.78 39.74 51.46
CA ILE G 727 -22.11 40.89 50.64
C ILE G 727 -21.91 42.21 51.33
N CYS G 728 -22.56 42.42 52.48
CA CYS G 728 -22.58 43.73 53.13
C CYS G 728 -21.23 44.11 53.61
N ARG G 729 -20.37 43.14 53.91
CA ARG G 729 -19.00 43.42 54.31
C ARG G 729 -18.29 44.17 53.21
N GLN G 730 -18.59 43.85 51.95
CA GLN G 730 -17.96 44.51 50.84
C GLN G 730 -18.30 45.98 50.82
N GLY G 731 -19.50 46.37 51.28
CA GLY G 731 -19.87 47.77 51.40
C GLY G 731 -19.55 48.28 52.80
N PHE G 732 -20.32 49.26 53.25
CA PHE G 732 -20.14 49.87 54.54
C PHE G 732 -21.37 49.57 55.37
N PRO G 733 -21.38 48.38 55.95
CA PRO G 733 -22.49 47.88 56.73
C PRO G 733 -22.87 48.71 57.92
N ASN G 734 -21.88 49.23 58.67
CA ASN G 734 -22.22 49.94 59.90
C ASN G 734 -22.52 51.36 59.57
N ARG G 735 -23.70 51.82 59.95
CA ARG G 735 -24.09 53.19 59.65
C ARG G 735 -24.50 53.86 60.93
N ILE G 736 -23.80 54.90 61.34
CA ILE G 736 -24.18 55.61 62.54
C ILE G 736 -24.35 57.08 62.23
N LEU G 737 -25.34 57.68 62.91
CA LEU G 737 -25.62 59.10 62.78
C LEU G 737 -24.50 59.87 63.37
N PHE G 738 -24.37 61.13 63.00
CA PHE G 738 -23.36 62.01 63.61
C PHE G 738 -23.59 62.12 65.13
N GLN G 739 -24.84 62.46 65.47
CA GLN G 739 -25.24 62.79 66.83
C GLN G 739 -24.94 61.59 67.75
N GLU G 740 -25.37 60.40 67.35
CA GLU G 740 -25.17 59.21 68.14
C GLU G 740 -23.67 58.96 68.31
N PHE G 741 -22.93 59.11 67.22
CA PHE G 741 -21.50 58.82 67.19
C PHE G 741 -20.77 59.70 68.17
N ARG G 742 -21.13 60.98 68.18
CA ARG G 742 -20.49 61.95 69.08
C ARG G 742 -20.93 61.70 70.54
N GLN G 743 -22.22 61.68 70.81
CA GLN G 743 -22.70 61.58 72.19
C GLN G 743 -22.19 60.30 72.80
N ARG G 744 -22.31 59.19 72.08
CA ARG G 744 -21.93 57.92 72.64
C ARG G 744 -20.42 57.80 72.88
N TYR G 745 -19.66 58.02 71.83
CA TYR G 745 -18.20 57.81 71.82
C TYR G 745 -17.33 58.95 72.19
N GLU G 746 -17.86 60.09 72.58
CA GLU G 746 -17.12 61.29 72.93
C GLU G 746 -15.97 60.99 73.85
N ILE G 747 -16.13 60.01 74.72
CA ILE G 747 -15.12 59.61 75.69
C ILE G 747 -13.84 59.25 74.98
N LEU G 748 -13.94 58.71 73.77
CA LEU G 748 -12.77 58.29 73.02
C LEU G 748 -11.66 59.34 72.93
N THR G 749 -12.01 60.49 72.44
CA THR G 749 -10.99 61.47 72.07
C THR G 749 -11.36 62.81 72.67
N PRO G 750 -10.89 63.03 73.89
CA PRO G 750 -10.99 64.37 74.46
C PRO G 750 -10.23 65.44 73.72
N ASN G 751 -9.13 65.06 73.08
CA ASN G 751 -8.26 66.00 72.36
C ASN G 751 -8.91 66.55 71.10
N ALA G 752 -9.40 65.62 70.30
CA ALA G 752 -10.01 65.99 69.02
C ALA G 752 -11.22 66.85 69.24
N ILE G 753 -12.08 66.42 70.17
CA ILE G 753 -13.39 67.04 70.31
C ILE G 753 -13.23 68.43 70.96
N PRO G 754 -13.69 69.48 70.26
CA PRO G 754 -13.46 70.85 70.67
C PRO G 754 -14.40 71.21 71.80
N LYS G 755 -14.41 72.53 72.10
CA LYS G 755 -15.20 73.15 73.15
C LYS G 755 -16.69 73.11 72.90
N GLY G 756 -17.08 72.63 71.73
CA GLY G 756 -18.48 72.53 71.44
C GLY G 756 -18.96 73.51 70.39
N PHE G 757 -18.36 73.45 69.20
CA PHE G 757 -18.84 74.20 68.08
C PHE G 757 -20.22 73.68 67.75
N MET G 758 -20.41 72.37 67.84
CA MET G 758 -21.71 71.72 67.72
C MET G 758 -21.97 71.60 66.21
N ASP G 759 -23.23 71.34 65.79
CA ASP G 759 -23.64 71.05 64.43
C ASP G 759 -23.36 69.60 64.15
N GLY G 760 -22.46 69.00 64.93
CA GLY G 760 -22.34 67.56 65.01
C GLY G 760 -21.62 66.93 63.83
N LYS G 761 -21.44 67.67 62.74
CA LYS G 761 -20.59 67.24 61.64
C LYS G 761 -19.14 67.42 62.02
N GLN G 762 -18.80 68.60 62.56
CA GLN G 762 -17.47 68.99 62.92
C GLN G 762 -16.92 68.01 63.95
N ALA G 763 -17.81 67.56 64.82
CA ALA G 763 -17.44 66.63 65.90
C ALA G 763 -16.80 65.40 65.24
N CYS G 764 -17.60 64.76 64.40
CA CYS G 764 -17.18 63.58 63.68
C CYS G 764 -15.95 63.81 62.85
N GLU G 765 -15.87 64.99 62.23
CA GLU G 765 -14.69 65.33 61.44
C GLU G 765 -13.43 65.22 62.33
N LYS G 766 -13.53 65.81 63.53
CA LYS G 766 -12.43 65.85 64.44
C LYS G 766 -12.07 64.44 64.90
N MET G 767 -13.11 63.69 65.25
CA MET G 767 -12.96 62.38 65.89
C MET G 767 -12.25 61.47 64.88
N ILE G 768 -12.81 61.40 63.66
CA ILE G 768 -12.26 60.53 62.68
C ILE G 768 -10.85 60.95 62.33
N GLN G 769 -10.67 62.25 62.22
CA GLN G 769 -9.35 62.80 61.93
C GLN G 769 -8.29 62.32 62.93
N ALA G 770 -8.46 62.56 64.24
CA ALA G 770 -7.33 62.22 65.20
C ALA G 770 -7.18 60.74 65.48
N LEU G 771 -8.29 60.01 65.30
CA LEU G 771 -8.34 58.59 65.53
C LEU G 771 -7.61 57.84 64.44
N GLU G 772 -7.22 58.54 63.40
CA GLU G 772 -6.33 57.96 62.42
C GLU G 772 -6.95 56.74 61.69
N LEU G 773 -7.90 57.08 60.84
CA LEU G 773 -8.61 56.11 60.07
C LEU G 773 -8.47 56.43 58.56
N ASP G 774 -8.31 55.34 57.80
CA ASP G 774 -8.14 55.41 56.38
C ASP G 774 -9.45 55.97 55.79
N PRO G 775 -9.31 56.85 54.83
CA PRO G 775 -10.49 57.38 54.14
C PRO G 775 -11.25 56.36 53.36
N ASN G 776 -10.64 55.19 53.04
CA ASN G 776 -11.31 54.10 52.44
C ASN G 776 -12.34 53.52 53.37
N LEU G 777 -12.02 53.53 54.67
CA LEU G 777 -12.82 52.92 55.72
C LEU G 777 -14.01 53.75 56.27
N TYR G 778 -14.26 54.95 55.73
CA TYR G 778 -15.50 55.66 56.05
C TYR G 778 -15.89 56.62 54.95
N ARG G 779 -17.12 57.12 55.03
CA ARG G 779 -17.60 58.16 54.12
C ARG G 779 -18.37 59.19 54.93
N VAL G 780 -18.51 60.38 54.39
CA VAL G 780 -19.31 61.40 55.05
C VAL G 780 -20.64 61.52 54.37
N GLY G 781 -21.71 61.27 55.12
CA GLY G 781 -23.06 61.28 54.58
C GLY G 781 -23.82 62.44 55.20
N GLN G 782 -25.08 62.57 54.83
CA GLN G 782 -25.84 63.72 55.26
C GLN G 782 -26.11 63.62 56.74
N SER G 783 -26.82 62.58 57.13
CA SER G 783 -27.17 62.32 58.53
C SER G 783 -26.25 61.32 59.14
N LYS G 784 -25.47 60.54 58.37
CA LYS G 784 -24.70 59.49 58.98
C LYS G 784 -23.30 59.45 58.43
N ILE G 785 -22.47 58.62 59.10
CA ILE G 785 -21.18 58.22 58.62
C ILE G 785 -21.26 56.71 58.39
N PHE G 786 -20.78 56.28 57.22
CA PHE G 786 -20.81 54.87 56.85
C PHE G 786 -19.48 54.28 57.20
N PHE G 787 -19.50 53.08 57.82
CA PHE G 787 -18.28 52.47 58.32
C PHE G 787 -18.12 51.06 57.78
N ARG G 788 -16.87 50.62 57.72
CA ARG G 788 -16.52 49.26 57.39
C ARG G 788 -16.74 48.36 58.59
N ALA G 789 -16.60 47.08 58.34
CA ALA G 789 -16.45 46.06 59.40
C ALA G 789 -15.12 46.15 60.16
N GLY G 790 -15.24 46.26 61.48
CA GLY G 790 -14.08 46.25 62.34
C GLY G 790 -13.58 47.63 62.67
N VAL G 791 -14.02 48.67 61.95
CA VAL G 791 -13.59 50.01 62.32
C VAL G 791 -14.11 50.40 63.71
N LEU G 792 -15.42 50.16 63.90
CA LEU G 792 -16.06 50.41 65.18
C LEU G 792 -15.53 49.41 66.17
N ALA G 793 -15.06 48.25 65.74
CA ALA G 793 -14.41 47.31 66.64
C ALA G 793 -13.18 47.92 67.27
N GLN G 794 -12.40 48.62 66.44
CA GLN G 794 -11.19 49.30 66.93
C GLN G 794 -11.59 50.45 67.83
N LEU G 795 -12.57 51.26 67.41
CA LEU G 795 -13.00 52.39 68.16
C LEU G 795 -13.57 51.97 69.50
N GLU G 796 -14.35 50.88 69.50
CA GLU G 796 -14.91 50.36 70.75
C GLU G 796 -13.80 49.88 71.64
N GLU G 797 -12.73 49.28 71.09
CA GLU G 797 -11.60 48.87 71.90
C GLU G 797 -10.94 50.07 72.51
N GLU G 798 -10.93 51.20 71.79
CA GLU G 798 -10.45 52.48 72.33
C GLU G 798 -11.40 53.10 73.33
N ARG G 799 -12.66 52.67 73.37
CA ARG G 799 -13.59 53.08 74.39
C ARG G 799 -13.48 52.26 75.65
N ALA G 800 -13.20 50.96 75.52
CA ALA G 800 -12.90 50.11 76.66
C ALA G 800 -11.49 50.34 77.17
N SER G 801 -10.55 50.64 76.30
CA SER G 801 -9.22 51.08 76.76
C SER G 801 -9.34 52.44 77.45
N GLU G 802 -10.08 53.33 76.80
CA GLU G 802 -10.31 54.67 77.37
C GLU G 802 -11.05 54.53 78.70
N GLN G 803 -12.04 53.66 78.75
CA GLN G 803 -12.78 53.44 79.97
C GLN G 803 -11.91 52.83 81.03
N THR G 804 -10.97 51.98 80.70
CA THR G 804 -10.02 51.42 81.63
C THR G 804 -9.13 52.51 82.21
N LYS G 805 -8.68 53.42 81.34
CA LYS G 805 -7.85 54.55 81.79
C LYS G 805 -8.65 55.41 82.77
N SER G 806 -9.92 55.64 82.44
CA SER G 806 -10.77 56.51 83.24
C SER G 806 -11.23 55.83 84.50
N ASP G 807 -11.49 54.54 84.45
CA ASP G 807 -11.81 53.76 85.66
C ASP G 807 -10.64 53.83 86.64
N TYR G 808 -9.43 53.73 86.11
CA TYR G 808 -8.22 53.75 86.92
C TYR G 808 -8.03 55.12 87.55
N LEU G 809 -8.15 56.17 86.73
CA LEU G 809 -7.94 57.52 87.22
C LEU G 809 -9.00 57.88 88.24
N LYS G 810 -10.25 57.45 88.01
CA LYS G 810 -11.32 57.74 88.96
C LYS G 810 -11.06 57.05 90.29
N ARG G 811 -10.88 55.73 90.22
CA ARG G 811 -10.73 54.90 91.41
C ARG G 811 -9.50 55.31 92.23
N ALA G 812 -8.42 55.65 91.53
CA ALA G 812 -7.21 56.10 92.20
C ALA G 812 -7.46 57.43 92.91
N ASN G 813 -8.14 58.35 92.22
CA ASN G 813 -8.40 59.66 92.77
C ASN G 813 -9.29 59.54 94.00
N GLU G 814 -10.29 58.67 93.94
CA GLU G 814 -11.18 58.50 95.09
C GLU G 814 -10.41 57.90 96.24
N LEU G 815 -9.53 56.96 95.95
CA LEU G 815 -8.76 56.26 96.98
C LEU G 815 -7.81 57.20 97.67
N VAL G 816 -7.04 57.96 96.87
CA VAL G 816 -5.94 58.76 97.45
C VAL G 816 -6.44 60.05 98.10
N UNK H 1 -71.16 27.50 -83.49
CA UNK H 1 -70.07 26.63 -83.06
C UNK H 1 -68.74 27.13 -83.59
N UNK H 2 -68.77 27.75 -84.77
CA UNK H 2 -67.56 28.30 -85.38
C UNK H 2 -66.96 29.39 -84.50
N UNK H 3 -67.82 30.23 -83.93
CA UNK H 3 -67.37 31.31 -83.07
C UNK H 3 -66.65 30.75 -81.84
N UNK H 4 -67.18 29.66 -81.30
CA UNK H 4 -66.57 29.01 -80.14
C UNK H 4 -65.22 28.39 -80.53
N UNK H 5 -65.17 27.77 -81.69
CA UNK H 5 -63.95 27.15 -82.18
C UNK H 5 -62.86 28.21 -82.39
N UNK H 6 -63.25 29.32 -82.98
CA UNK H 6 -62.32 30.42 -83.22
C UNK H 6 -61.87 31.03 -81.89
N UNK H 7 -62.79 31.10 -80.94
CA UNK H 7 -62.48 31.64 -79.61
C UNK H 7 -61.46 30.76 -78.90
N UNK H 8 -61.66 29.45 -78.97
CA UNK H 8 -60.73 28.51 -78.36
C UNK H 8 -59.38 28.53 -79.07
N UNK H 9 -59.40 28.77 -80.37
CA UNK H 9 -58.17 28.86 -81.15
C UNK H 9 -57.34 30.06 -80.71
N UNK H 10 -58.02 31.15 -80.36
CA UNK H 10 -57.35 32.38 -79.95
C UNK H 10 -56.65 32.18 -78.61
N UNK H 11 -57.37 31.66 -77.63
CA UNK H 11 -56.83 31.46 -76.30
C UNK H 11 -55.79 30.34 -76.26
N UNK H 12 -55.93 29.38 -77.17
CA UNK H 12 -54.99 28.27 -77.25
C UNK H 12 -53.67 28.71 -77.89
N UNK H 13 -53.78 29.43 -79.01
CA UNK H 13 -52.62 29.92 -79.72
C UNK H 13 -51.82 30.88 -78.84
N UNK H 14 -52.53 31.69 -78.05
CA UNK H 14 -51.88 32.64 -77.15
C UNK H 14 -51.21 31.92 -76.00
N UNK H 15 -51.92 30.99 -75.39
CA UNK H 15 -51.39 30.22 -74.26
C UNK H 15 -50.23 29.35 -74.72
N UNK H 16 -50.27 28.92 -75.98
CA UNK H 16 -49.19 28.14 -76.56
C UNK H 16 -47.90 28.94 -76.59
N UNK H 17 -48.01 30.22 -76.98
CA UNK H 17 -46.85 31.10 -77.04
C UNK H 17 -46.33 31.38 -75.64
N UNK H 18 -47.25 31.54 -74.68
CA UNK H 18 -46.87 31.80 -73.30
C UNK H 18 -46.17 30.58 -72.70
N UNK H 19 -46.70 29.39 -72.98
CA UNK H 19 -46.11 28.15 -72.49
C UNK H 19 -44.71 27.96 -73.05
N UNK H 20 -44.54 28.23 -74.34
CA UNK H 20 -43.25 28.12 -74.98
C UNK H 20 -42.30 29.19 -74.44
N UNK H 21 -42.85 30.38 -74.20
CA UNK H 21 -42.07 31.49 -73.67
C UNK H 21 -41.56 31.16 -72.27
N UNK H 22 -42.43 30.59 -71.45
CA UNK H 22 -42.07 30.22 -70.08
C UNK H 22 -41.03 29.10 -70.08
N UNK H 23 -41.16 28.19 -71.04
CA UNK H 23 -40.22 27.07 -71.17
C UNK H 23 -38.81 27.57 -71.45
N UNK H 24 -38.71 28.62 -72.25
CA UNK H 24 -37.42 29.19 -72.60
C UNK H 24 -36.83 29.96 -71.41
N UNK H 25 -37.66 30.75 -70.75
CA UNK H 25 -37.22 31.54 -69.61
C UNK H 25 -36.82 30.64 -68.44
N UNK H 26 -37.60 29.59 -68.22
CA UNK H 26 -37.30 28.63 -67.18
C UNK H 26 -35.98 27.92 -67.45
N UNK H 27 -35.76 27.56 -68.71
CA UNK H 27 -34.51 26.93 -69.13
C UNK H 27 -33.37 27.96 -69.04
N UNK H 28 -33.68 29.21 -69.36
CA UNK H 28 -32.71 30.28 -69.27
C UNK H 28 -32.26 30.47 -67.82
N UNK H 29 -33.22 30.47 -66.91
CA UNK H 29 -32.93 30.60 -65.50
C UNK H 29 -32.21 29.39 -64.96
N UNK H 30 -32.50 28.23 -65.53
CA UNK H 30 -31.85 26.99 -65.13
C UNK H 30 -30.36 27.02 -65.47
N UNK H 31 -30.05 27.56 -66.64
CA UNK H 31 -28.68 27.59 -67.14
C UNK H 31 -27.79 28.49 -66.29
N UNK H 32 -28.25 29.70 -66.01
CA UNK H 32 -27.46 30.67 -65.25
C UNK H 32 -27.20 30.17 -63.83
N UNK H 33 -28.16 29.44 -63.26
CA UNK H 33 -28.01 28.90 -61.91
C UNK H 33 -27.13 27.66 -61.93
N UNK H 34 -27.29 26.82 -62.94
CA UNK H 34 -26.49 25.61 -63.09
C UNK H 34 -25.01 25.96 -63.16
N UNK H 35 -24.69 26.99 -63.95
CA UNK H 35 -23.31 27.43 -64.09
C UNK H 35 -22.73 27.86 -62.75
N UNK H 36 -23.48 28.67 -62.02
CA UNK H 36 -23.05 29.15 -60.72
C UNK H 36 -22.91 28.00 -59.72
N UNK H 37 -23.82 27.02 -59.85
CA UNK H 37 -23.79 25.86 -58.96
C UNK H 37 -22.50 25.06 -59.16
N UNK H 38 -22.08 24.94 -60.42
CA UNK H 38 -20.86 24.21 -60.74
C UNK H 38 -19.63 24.97 -60.25
N UNK H 39 -19.66 26.28 -60.39
CA UNK H 39 -18.56 27.12 -59.93
C UNK H 39 -18.42 27.03 -58.41
N UNK H 40 -19.54 27.07 -57.71
CA UNK H 40 -19.53 26.94 -56.26
C UNK H 40 -19.03 25.56 -55.84
N UNK H 41 -19.58 24.52 -56.47
CA UNK H 41 -19.17 23.15 -56.18
C UNK H 41 -17.65 22.99 -56.29
N UNK H 42 -17.08 23.52 -57.36
CA UNK H 42 -15.64 23.44 -57.59
C UNK H 42 -14.89 24.22 -56.53
N UNK H 43 -15.33 25.45 -56.27
CA UNK H 43 -14.69 26.31 -55.28
C UNK H 43 -14.72 25.67 -53.90
N UNK H 44 -15.85 25.05 -53.55
CA UNK H 44 -16.01 24.40 -52.25
C UNK H 44 -15.00 23.28 -52.07
N UNK H 45 -14.78 22.50 -53.12
CA UNK H 45 -13.85 21.37 -53.06
C UNK H 45 -12.42 21.84 -52.84
N UNK H 46 -12.04 22.92 -53.52
CA UNK H 46 -10.69 23.46 -53.40
C UNK H 46 -10.43 23.91 -51.96
N UNK H 47 -11.46 24.44 -51.31
CA UNK H 47 -11.35 24.90 -49.93
C UNK H 47 -11.20 23.71 -48.98
N UNK H 48 -11.91 22.63 -49.26
CA UNK H 48 -11.84 21.43 -48.44
C UNK H 48 -10.42 20.86 -48.44
N UNK H 49 -9.76 20.94 -49.59
CA UNK H 49 -8.38 20.48 -49.69
C UNK H 49 -7.47 21.36 -48.85
N UNK H 50 -7.72 22.67 -48.90
CA UNK H 50 -6.95 23.62 -48.10
C UNK H 50 -7.31 23.48 -46.62
N UNK H 51 -8.56 23.11 -46.35
CA UNK H 51 -9.03 22.94 -44.99
C UNK H 51 -8.27 21.82 -44.30
N UNK H 52 -8.11 20.70 -45.00
CA UNK H 52 -7.38 19.56 -44.48
C UNK H 52 -5.93 19.94 -44.19
N UNK H 53 -5.28 20.55 -45.18
CA UNK H 53 -3.89 20.98 -45.02
C UNK H 53 -3.74 21.91 -43.82
N UNK H 54 -4.64 22.89 -43.72
CA UNK H 54 -4.60 23.85 -42.64
C UNK H 54 -4.66 23.16 -41.28
N UNK H 55 -5.45 22.09 -41.20
CA UNK H 55 -5.59 21.33 -39.97
C UNK H 55 -4.33 20.51 -39.69
N UNK H 56 -3.85 19.80 -40.70
CA UNK H 56 -2.66 18.98 -40.56
C UNK H 56 -1.46 19.82 -40.13
N UNK H 57 -1.36 21.03 -40.69
CA UNK H 57 -0.28 21.95 -40.33
C UNK H 57 -0.46 22.41 -38.89
N UNK H 58 -1.70 22.65 -38.49
CA UNK H 58 -2.01 23.07 -37.13
C UNK H 58 -1.66 21.97 -36.14
N UNK H 59 -2.01 20.73 -36.50
CA UNK H 59 -1.72 19.59 -35.65
C UNK H 59 -0.22 19.32 -35.59
N UNK H 60 0.43 19.41 -36.74
CA UNK H 60 1.87 19.21 -36.82
C UNK H 60 2.61 20.19 -35.92
N UNK H 61 2.12 21.43 -35.87
CA UNK H 61 2.70 22.45 -35.02
C UNK H 61 2.51 22.11 -33.55
N UNK H 62 1.36 21.52 -33.23
CA UNK H 62 1.07 21.12 -31.86
C UNK H 62 1.97 19.96 -31.43
N UNK H 63 2.14 18.98 -32.31
CA UNK H 63 3.01 17.85 -32.05
C UNK H 63 4.46 18.31 -31.95
N UNK H 64 4.82 19.29 -32.78
CA UNK H 64 6.17 19.85 -32.77
C UNK H 64 6.38 20.66 -31.50
N UNK H 65 5.29 21.22 -30.97
CA UNK H 65 5.35 21.99 -29.73
C UNK H 65 5.58 21.07 -28.53
N UNK H 66 4.83 19.98 -28.48
CA UNK H 66 4.95 19.02 -27.38
C UNK H 66 6.38 18.54 -27.21
N UNK H 67 7.08 18.34 -28.32
CA UNK H 67 8.46 17.90 -28.29
C UNK H 67 9.34 18.92 -27.57
N UNK H 68 9.26 20.17 -28.01
CA UNK H 68 10.04 21.25 -27.41
C UNK H 68 9.57 21.54 -25.99
N UNK H 69 8.26 21.55 -25.80
CA UNK H 69 7.67 21.82 -24.49
C UNK H 69 8.15 20.79 -23.47
N UNK H 70 8.30 19.55 -23.91
CA UNK H 70 8.77 18.48 -23.02
C UNK H 70 10.26 18.61 -22.79
N UNK H 71 11.01 18.89 -23.85
CA UNK H 71 12.45 19.08 -23.74
C UNK H 71 12.76 20.19 -22.74
N UNK H 72 11.91 21.20 -22.73
CA UNK H 72 12.04 22.30 -21.78
C UNK H 72 11.96 21.79 -20.35
N UNK H 73 11.02 20.88 -20.10
CA UNK H 73 10.84 20.31 -18.77
C UNK H 73 12.07 19.53 -18.35
N UNK H 74 12.66 18.77 -19.29
CA UNK H 74 13.84 17.98 -19.01
C UNK H 74 14.99 18.89 -18.55
N UNK H 75 15.24 19.94 -19.30
CA UNK H 75 16.31 20.89 -18.98
C UNK H 75 15.97 21.70 -17.74
N UNK H 76 14.71 22.12 -17.64
CA UNK H 76 14.25 22.89 -16.49
C UNK H 76 14.39 22.07 -15.22
N UNK H 77 14.14 20.77 -15.33
CA UNK H 77 14.27 19.87 -14.18
C UNK H 77 15.73 19.72 -13.79
N UNK H 78 16.61 19.67 -14.79
CA UNK H 78 18.05 19.59 -14.55
C UNK H 78 18.54 20.84 -13.82
N UNK H 79 17.94 21.98 -14.16
CA UNK H 79 18.29 23.24 -13.52
C UNK H 79 17.98 23.18 -12.03
N UNK H 80 16.88 22.50 -11.68
CA UNK H 80 16.49 22.35 -10.29
C UNK H 80 17.47 21.43 -9.56
N UNK H 81 17.92 20.40 -10.25
CA UNK H 81 18.88 19.46 -9.67
C UNK H 81 20.24 20.14 -9.51
N UNK H 82 20.62 20.92 -10.51
CA UNK H 82 21.91 21.63 -10.48
C UNK H 82 21.91 22.69 -9.39
N UNK H 83 20.83 23.46 -9.31
CA UNK H 83 20.71 24.51 -8.33
C UNK H 83 20.67 23.94 -6.92
N UNK H 84 20.04 22.78 -6.77
CA UNK H 84 19.90 22.13 -5.48
C UNK H 84 21.25 21.64 -4.95
N UNK H 85 21.99 20.95 -5.81
CA UNK H 85 23.27 20.38 -5.42
C UNK H 85 24.34 21.46 -5.29
N UNK H 86 24.09 22.62 -5.89
CA UNK H 86 25.03 23.73 -5.84
C UNK H 86 24.93 24.45 -4.51
N UNK H 87 23.71 24.84 -4.14
CA UNK H 87 23.48 25.54 -2.88
C UNK H 87 23.78 24.64 -1.69
N UNK H 88 23.57 23.34 -1.86
CA UNK H 88 23.83 22.38 -0.80
C UNK H 88 25.33 22.19 -0.61
N UNK H 89 26.06 22.10 -1.71
CA UNK H 89 27.50 21.92 -1.66
C UNK H 89 28.19 23.16 -1.12
N UNK H 90 27.84 24.32 -1.67
CA UNK H 90 28.42 25.58 -1.24
C UNK H 90 28.11 25.86 0.22
N UNK H 91 26.90 25.49 0.66
CA UNK H 91 26.49 25.69 2.03
C UNK H 91 27.34 24.89 3.00
N UNK H 92 27.59 23.63 2.67
CA UNK H 92 28.40 22.76 3.51
C UNK H 92 29.88 23.09 3.37
N UNK H 93 30.28 23.47 2.16
CA UNK H 93 31.68 23.83 1.89
C UNK H 93 32.08 25.05 2.70
N UNK H 94 31.19 26.03 2.77
CA UNK H 94 31.43 27.23 3.56
C UNK H 94 31.51 26.89 5.04
N UNK H 95 30.63 26.00 5.49
CA UNK H 95 30.62 25.56 6.87
C UNK H 95 31.90 24.78 7.17
N UNK H 96 32.34 23.97 6.23
CA UNK H 96 33.56 23.19 6.38
C UNK H 96 34.78 24.11 6.42
N UNK H 97 34.82 25.05 5.49
CA UNK H 97 35.94 26.01 5.42
C UNK H 97 36.08 26.77 6.73
N UNK H 98 34.96 27.17 7.32
CA UNK H 98 34.97 27.89 8.58
C UNK H 98 35.42 26.97 9.72
N UNK H 99 35.04 25.70 9.63
CA UNK H 99 35.39 24.72 10.65
C UNK H 99 36.89 24.45 10.63
N UNK H 100 37.45 24.33 9.43
CA UNK H 100 38.89 24.11 9.27
C UNK H 100 39.71 25.18 9.98
N UNK H 101 39.26 26.43 9.87
CA UNK H 101 39.94 27.54 10.52
C UNK H 101 39.94 27.37 12.03
N UNK H 102 38.84 26.85 12.57
CA UNK H 102 38.71 26.63 14.01
C UNK H 102 39.60 25.46 14.43
N UNK H 103 39.60 24.40 13.64
CA UNK H 103 40.42 23.23 13.92
C UNK H 103 41.91 23.56 13.80
N UNK H 104 42.24 24.33 12.77
CA UNK H 104 43.63 24.75 12.55
C UNK H 104 44.13 25.56 13.74
N UNK H 105 43.28 26.46 14.23
CA UNK H 105 43.61 27.26 15.40
C UNK H 105 43.83 26.38 16.63
N UNK H 106 43.01 25.36 16.78
CA UNK H 106 43.14 24.42 17.88
C UNK H 106 44.43 23.62 17.76
N UNK H 107 44.79 23.28 16.52
CA UNK H 107 46.03 22.56 16.26
C UNK H 107 47.22 23.39 16.70
N UNK H 108 47.23 24.66 16.29
CA UNK H 108 48.31 25.58 16.63
C UNK H 108 48.37 25.79 18.14
N UNK H 109 47.20 25.82 18.78
CA UNK H 109 47.13 26.03 20.22
C UNK H 109 47.65 24.82 20.98
N UNK H 110 47.15 23.64 20.61
CA UNK H 110 47.57 22.41 21.26
C UNK H 110 49.05 22.16 21.05
N UNK H 111 49.52 22.39 19.83
CA UNK H 111 50.93 22.23 19.49
C UNK H 111 51.80 23.12 20.37
N UNK H 112 51.32 24.32 20.66
CA UNK H 112 52.05 25.26 21.50
C UNK H 112 52.14 24.74 22.93
N UNK H 113 51.03 24.19 23.43
CA UNK H 113 51.00 23.64 24.78
C UNK H 113 51.91 22.41 24.88
N UNK H 114 51.88 21.57 23.86
CA UNK H 114 52.72 20.38 23.82
C UNK H 114 54.19 20.76 23.87
N UNK H 115 54.53 21.87 23.21
CA UNK H 115 55.90 22.36 23.20
C UNK H 115 56.32 22.80 24.59
N UNK H 116 55.40 23.42 25.33
CA UNK H 116 55.67 23.89 26.68
C UNK H 116 55.79 22.72 27.64
N UNK H 117 55.02 21.67 27.39
CA UNK H 117 55.05 20.47 28.22
C UNK H 117 56.32 19.66 27.95
N UNK H 118 56.76 19.66 26.69
CA UNK H 118 57.95 18.93 26.30
C UNK H 118 59.21 19.55 26.90
N UNK H 119 59.31 20.88 26.80
CA UNK H 119 60.47 21.60 27.32
C UNK H 119 60.49 21.58 28.85
N UNK H 120 59.33 21.37 29.45
CA UNK H 120 59.21 21.36 30.91
C UNK H 120 59.68 20.02 31.48
N UNK H 121 59.17 18.93 30.92
CA UNK H 121 59.54 17.59 31.37
C UNK H 121 61.02 17.32 31.11
N UNK H 122 61.57 18.00 30.11
CA UNK H 122 63.00 17.90 29.82
C UNK H 122 63.81 18.62 30.88
N UNK H 123 63.27 19.72 31.39
CA UNK H 123 63.93 20.48 32.45
C UNK H 123 63.94 19.69 33.75
N UNK H 124 62.93 18.86 33.94
CA UNK H 124 62.86 17.98 35.10
C UNK H 124 63.85 16.82 34.97
N UNK H 125 64.11 16.40 33.74
CA UNK H 125 65.04 15.31 33.48
C UNK H 125 66.45 15.68 33.93
N UNK H 126 66.84 16.93 33.66
CA UNK H 126 68.15 17.43 34.06
C UNK H 126 68.15 17.85 35.52
N UNK H 127 66.96 18.11 36.05
CA UNK H 127 66.82 18.52 37.45
C UNK H 127 66.85 17.29 38.37
N UNK H 128 66.15 16.24 37.97
CA UNK H 128 66.13 15.00 38.73
C UNK H 128 67.49 14.31 38.69
N UNK H 129 68.28 14.63 37.67
CA UNK H 129 69.60 14.04 37.50
C UNK H 129 70.60 14.67 38.44
N UNK H 130 70.66 16.00 38.44
CA UNK H 130 71.59 16.73 39.29
C UNK H 130 71.29 16.52 40.77
N UNK H 131 70.01 16.33 41.09
CA UNK H 131 69.60 16.08 42.46
C UNK H 131 70.01 14.68 42.90
N UNK H 132 69.99 13.74 41.96
CA UNK H 132 70.41 12.37 42.24
C UNK H 132 71.90 12.32 42.56
N UNK H 133 72.67 13.20 41.92
CA UNK H 133 74.10 13.27 42.14
C UNK H 133 74.42 13.85 43.51
N UNK H 134 73.72 14.93 43.87
CA UNK H 134 73.91 15.57 45.17
C UNK H 134 73.49 14.63 46.30
N UNK H 135 72.57 13.86 46.02
CA UNK H 135 72.09 12.91 47.02
C UNK H 135 73.12 11.80 47.24
N UNK I 1 -65.93 26.00 -92.96
CA UNK I 1 -64.92 26.70 -92.18
C UNK I 1 -64.79 26.07 -90.79
N UNK I 2 -65.91 25.59 -90.26
CA UNK I 2 -65.93 24.97 -88.95
C UNK I 2 -65.06 23.73 -88.93
N UNK I 3 -65.13 22.93 -89.99
CA UNK I 3 -64.34 21.70 -90.09
C UNK I 3 -62.85 22.03 -90.11
N UNK I 4 -62.50 23.11 -90.80
CA UNK I 4 -61.11 23.53 -90.91
C UNK I 4 -60.61 24.08 -89.57
N UNK I 5 -61.49 24.80 -88.87
CA UNK I 5 -61.14 25.35 -87.57
C UNK I 5 -60.97 24.24 -86.53
N UNK I 6 -61.84 23.24 -86.60
CA UNK I 6 -61.77 22.11 -85.69
C UNK I 6 -60.46 21.35 -85.90
N UNK I 7 -60.04 21.22 -87.15
CA UNK I 7 -58.79 20.54 -87.46
C UNK I 7 -57.61 21.31 -86.90
N UNK I 8 -57.64 22.62 -87.03
CA UNK I 8 -56.57 23.48 -86.51
C UNK I 8 -56.58 23.49 -84.98
N UNK I 9 -57.76 23.35 -84.40
CA UNK I 9 -57.90 23.36 -82.94
C UNK I 9 -57.35 22.06 -82.34
N UNK I 10 -57.53 20.96 -83.06
CA UNK I 10 -57.06 19.65 -82.60
C UNK I 10 -55.54 19.64 -82.47
N UNK I 11 -54.86 20.12 -83.51
CA UNK I 11 -53.40 20.15 -83.51
C UNK I 11 -52.88 21.25 -82.59
N UNK I 12 -53.68 22.29 -82.39
CA UNK I 12 -53.29 23.40 -81.52
C UNK I 12 -53.20 22.93 -80.06
N UNK I 13 -54.21 22.19 -79.63
CA UNK I 13 -54.24 21.68 -78.26
C UNK I 13 -53.13 20.67 -78.03
N UNK I 14 -52.77 19.93 -79.08
CA UNK I 14 -51.70 18.95 -79.00
C UNK I 14 -50.35 19.64 -78.77
N UNK I 15 -50.13 20.74 -79.48
CA UNK I 15 -48.91 21.53 -79.33
C UNK I 15 -48.91 22.22 -77.97
N UNK I 16 -50.09 22.64 -77.52
CA UNK I 16 -50.22 23.30 -76.23
C UNK I 16 -49.85 22.35 -75.09
N UNK I 17 -50.32 21.12 -75.19
CA UNK I 17 -50.03 20.11 -74.18
C UNK I 17 -48.53 19.80 -74.13
N UNK I 18 -47.90 19.80 -75.30
CA UNK I 18 -46.47 19.54 -75.40
C UNK I 18 -45.66 20.71 -74.83
N UNK I 19 -46.13 21.92 -75.10
CA UNK I 19 -45.44 23.12 -74.63
C UNK I 19 -45.49 23.22 -73.10
N UNK I 20 -46.67 22.97 -72.54
CA UNK I 20 -46.86 23.03 -71.09
C UNK I 20 -46.05 21.95 -70.41
N UNK I 21 -45.96 20.78 -71.03
CA UNK I 21 -45.20 19.67 -70.48
C UNK I 21 -43.72 20.01 -70.43
N UNK I 22 -43.23 20.63 -71.49
CA UNK I 22 -41.83 21.03 -71.57
C UNK I 22 -41.52 22.09 -70.52
N UNK I 23 -42.47 22.99 -70.30
CA UNK I 23 -42.31 24.06 -69.32
C UNK I 23 -42.36 23.50 -67.91
N UNK I 24 -43.21 22.49 -67.70
CA UNK I 24 -43.37 21.88 -66.38
C UNK I 24 -42.10 21.17 -65.95
N UNK I 25 -41.43 20.52 -66.90
CA UNK I 25 -40.18 19.82 -66.62
C UNK I 25 -39.02 20.80 -66.49
N UNK I 26 -39.11 21.93 -67.20
CA UNK I 26 -38.06 22.93 -67.17
C UNK I 26 -38.08 23.71 -65.85
N UNK I 27 -39.29 24.10 -65.42
CA UNK I 27 -39.43 24.86 -64.18
C UNK I 27 -39.06 24.00 -62.98
N UNK I 28 -39.27 22.69 -63.10
CA UNK I 28 -38.93 21.76 -62.03
C UNK I 28 -37.41 21.58 -61.96
N UNK I 29 -36.77 21.46 -63.12
CA UNK I 29 -35.33 21.34 -63.19
C UNK I 29 -34.63 22.55 -62.60
N UNK I 30 -35.14 23.74 -62.92
CA UNK I 30 -34.60 24.97 -62.40
C UNK I 30 -34.82 25.04 -60.89
N UNK I 31 -35.93 24.49 -60.43
CA UNK I 31 -36.29 24.51 -59.01
C UNK I 31 -35.33 23.65 -58.19
N UNK I 32 -35.20 22.38 -58.58
CA UNK I 32 -34.34 21.45 -57.84
C UNK I 32 -32.89 21.90 -57.82
N UNK I 33 -32.43 22.51 -58.92
CA UNK I 33 -31.07 23.00 -59.01
C UNK I 33 -30.88 24.23 -58.13
N UNK I 34 -31.90 25.09 -58.10
CA UNK I 34 -31.87 26.29 -57.25
C UNK I 34 -31.74 25.89 -55.79
N UNK I 35 -32.46 24.85 -55.39
CA UNK I 35 -32.39 24.35 -54.03
C UNK I 35 -31.01 23.81 -53.70
N UNK I 36 -30.44 23.07 -54.65
CA UNK I 36 -29.10 22.51 -54.49
C UNK I 36 -28.07 23.62 -54.40
N UNK I 37 -28.27 24.68 -55.19
CA UNK I 37 -27.36 25.81 -55.19
C UNK I 37 -27.34 26.49 -53.83
N UNK I 38 -28.50 26.61 -53.22
CA UNK I 38 -28.62 27.22 -51.90
C UNK I 38 -27.95 26.35 -50.84
N UNK I 39 -28.15 25.04 -50.95
CA UNK I 39 -27.55 24.10 -50.03
C UNK I 39 -26.02 24.15 -50.12
N UNK I 40 -25.53 24.31 -51.34
CA UNK I 40 -24.08 24.43 -51.57
C UNK I 40 -23.58 25.78 -51.06
N UNK I 41 -24.38 26.81 -51.21
CA UNK I 41 -24.02 28.15 -50.76
C UNK I 41 -23.84 28.17 -49.24
N UNK I 42 -24.80 27.58 -48.52
CA UNK I 42 -24.74 27.51 -47.08
C UNK I 42 -23.56 26.66 -46.63
N UNK I 43 -23.30 25.58 -47.36
CA UNK I 43 -22.19 24.70 -47.04
C UNK I 43 -20.85 25.38 -47.35
N UNK I 44 -20.88 26.33 -48.28
CA UNK I 44 -19.68 27.08 -48.65
C UNK I 44 -19.35 28.12 -47.58
N UNK I 45 -20.39 28.77 -47.06
CA UNK I 45 -20.21 29.81 -46.05
C UNK I 45 -19.75 29.23 -44.72
N UNK I 46 -20.38 28.14 -44.30
CA UNK I 46 -20.04 27.51 -43.03
C UNK I 46 -18.61 26.97 -43.04
N UNK I 47 -18.14 26.53 -44.20
CA UNK I 47 -16.78 26.04 -44.36
C UNK I 47 -15.79 27.19 -44.49
N UNK I 48 -16.27 28.31 -45.04
CA UNK I 48 -15.44 29.51 -45.18
C UNK I 48 -14.95 29.97 -43.81
N UNK I 49 -15.79 29.78 -42.79
CA UNK I 49 -15.44 30.14 -41.42
C UNK I 49 -14.47 29.12 -40.85
N UNK I 50 -14.69 27.85 -41.16
CA UNK I 50 -13.81 26.78 -40.69
C UNK I 50 -12.42 26.92 -41.29
N UNK I 51 -12.37 27.27 -42.57
CA UNK I 51 -11.10 27.45 -43.26
C UNK I 51 -10.27 28.52 -42.59
N UNK I 52 -10.90 29.67 -42.31
CA UNK I 52 -10.23 30.76 -41.62
C UNK I 52 -9.77 30.32 -40.24
N UNK I 53 -10.67 29.68 -39.50
CA UNK I 53 -10.35 29.19 -38.16
C UNK I 53 -9.19 28.19 -38.21
N UNK I 54 -9.17 27.38 -39.26
CA UNK I 54 -8.11 26.39 -39.43
C UNK I 54 -6.79 27.05 -39.75
N UNK I 55 -6.84 28.22 -40.38
CA UNK I 55 -5.64 28.96 -40.71
C UNK I 55 -5.11 29.73 -39.50
N UNK I 56 -6.02 30.38 -38.78
CA UNK I 56 -5.64 31.16 -37.60
C UNK I 56 -5.05 30.27 -36.51
N UNK I 57 -5.72 29.16 -36.23
CA UNK I 57 -5.26 28.22 -35.20
C UNK I 57 -3.86 27.70 -35.56
N UNK I 58 -3.57 27.63 -36.86
CA UNK I 58 -2.27 27.17 -37.32
C UNK I 58 -1.21 28.23 -37.07
N UNK I 59 -1.56 29.49 -37.36
CA UNK I 59 -0.65 30.60 -37.14
C UNK I 59 -0.42 30.82 -35.65
N UNK I 60 -1.47 30.62 -34.86
CA UNK I 60 -1.37 30.76 -33.42
C UNK I 60 -0.46 29.68 -32.84
N UNK I 61 -0.55 28.48 -33.39
CA UNK I 61 0.28 27.37 -32.95
C UNK I 61 1.74 27.66 -33.27
N UNK I 62 1.99 28.30 -34.40
CA UNK I 62 3.35 28.66 -34.80
C UNK I 62 3.91 29.72 -33.86
N UNK I 63 3.09 30.71 -33.53
CA UNK I 63 3.49 31.76 -32.60
C UNK I 63 3.73 31.16 -31.21
N UNK I 64 2.90 30.19 -30.85
CA UNK I 64 3.02 29.50 -29.58
C UNK I 64 4.31 28.68 -29.54
N UNK I 65 4.68 28.13 -30.69
CA UNK I 65 5.90 27.34 -30.81
C UNK I 65 7.14 28.23 -30.75
N UNK I 66 7.02 29.44 -31.28
CA UNK I 66 8.14 30.38 -31.28
C UNK I 66 8.46 30.84 -29.87
N UNK I 67 7.43 30.99 -29.04
CA UNK I 67 7.62 31.44 -27.66
C UNK I 67 8.40 30.40 -26.85
N UNK I 68 7.92 29.17 -26.86
CA UNK I 68 8.56 28.09 -26.12
C UNK I 68 9.95 27.80 -26.67
N UNK I 69 10.15 28.08 -27.96
CA UNK I 69 11.45 27.86 -28.60
C UNK I 69 12.51 28.77 -28.00
N UNK I 70 12.14 30.03 -27.74
CA UNK I 70 13.05 30.99 -27.14
C UNK I 70 13.35 30.63 -25.69
N UNK I 71 12.31 30.17 -24.98
CA UNK I 71 12.47 29.78 -23.59
C UNK I 71 13.39 28.58 -23.45
N UNK I 72 13.43 27.76 -24.50
CA UNK I 72 14.30 26.58 -24.52
C UNK I 72 15.77 27.00 -24.55
N UNK I 73 16.03 28.19 -25.09
CA UNK I 73 17.38 28.72 -25.18
C UNK I 73 17.79 29.42 -23.87
N UNK I 74 16.83 30.09 -23.25
CA UNK I 74 17.09 30.82 -22.01
C UNK I 74 17.34 29.89 -20.84
N UNK I 75 16.56 28.80 -20.77
CA UNK I 75 16.65 27.85 -19.67
C UNK I 75 18.03 27.21 -19.57
N UNK I 76 18.71 27.10 -20.71
CA UNK I 76 20.04 26.49 -20.75
C UNK I 76 21.11 27.43 -20.20
N UNK I 77 20.86 28.73 -20.30
CA UNK I 77 21.84 29.73 -19.84
C UNK I 77 22.04 29.68 -18.33
N UNK I 78 21.00 29.25 -17.61
CA UNK I 78 21.05 29.21 -16.15
C UNK I 78 21.59 27.87 -15.65
N UNK I 79 21.48 26.84 -16.48
CA UNK I 79 21.92 25.50 -16.10
C UNK I 79 23.43 25.43 -15.91
N UNK I 80 24.17 25.94 -16.89
CA UNK I 80 25.62 25.87 -16.88
C UNK I 80 26.22 26.64 -15.70
N UNK I 81 25.50 27.65 -15.22
CA UNK I 81 25.98 28.48 -14.12
C UNK I 81 25.98 27.72 -12.80
N UNK I 82 24.95 26.91 -12.59
CA UNK I 82 24.83 26.14 -11.35
C UNK I 82 25.79 24.95 -11.34
N UNK I 83 26.04 24.40 -12.53
CA UNK I 83 26.93 23.24 -12.66
C UNK I 83 28.37 23.63 -12.31
N UNK I 84 28.80 24.79 -12.78
CA UNK I 84 30.16 25.25 -12.53
C UNK I 84 30.36 25.61 -11.06
N UNK I 85 29.38 26.28 -10.47
CA UNK I 85 29.46 26.68 -9.07
C UNK I 85 29.47 25.45 -8.15
N UNK I 86 28.83 24.38 -8.60
CA UNK I 86 28.80 23.13 -7.83
C UNK I 86 30.14 22.41 -7.95
N UNK I 87 30.70 22.41 -9.15
CA UNK I 87 31.99 21.77 -9.39
C UNK I 87 33.12 22.51 -8.68
N UNK I 88 33.05 23.85 -8.74
CA UNK I 88 34.07 24.68 -8.10
C UNK I 88 34.08 24.47 -6.59
N UNK I 89 32.88 24.31 -6.02
CA UNK I 89 32.74 24.08 -4.59
C UNK I 89 33.25 22.69 -4.21
N UNK I 90 32.86 21.69 -5.01
CA UNK I 90 33.28 20.32 -4.77
C UNK I 90 34.79 20.19 -4.80
N UNK I 91 35.44 20.98 -5.64
CA UNK I 91 36.88 20.95 -5.77
C UNK I 91 37.57 21.39 -4.49
N UNK I 92 37.07 22.47 -3.89
CA UNK I 92 37.63 23.00 -2.66
C UNK I 92 37.19 22.17 -1.45
N UNK I 93 35.94 21.73 -1.48
CA UNK I 93 35.38 20.92 -0.40
C UNK I 93 36.21 19.66 -0.19
N UNK I 94 36.60 19.02 -1.28
CA UNK I 94 37.41 17.81 -1.21
C UNK I 94 38.80 18.14 -0.68
N UNK I 95 39.32 19.29 -1.05
CA UNK I 95 40.64 19.72 -0.60
C UNK I 95 40.62 20.01 0.90
N UNK I 96 39.55 20.65 1.36
CA UNK I 96 39.39 20.96 2.77
C UNK I 96 39.25 19.68 3.60
N UNK I 97 38.53 18.71 3.06
CA UNK I 97 38.34 17.43 3.74
C UNK I 97 39.66 16.69 3.86
N UNK I 98 40.47 16.74 2.79
CA UNK I 98 41.78 16.10 2.80
C UNK I 98 42.70 16.80 3.78
N UNK I 99 42.63 18.12 3.83
CA UNK I 99 43.43 18.90 4.76
C UNK I 99 43.02 18.60 6.19
N UNK I 100 41.71 18.52 6.42
CA UNK I 100 41.18 18.21 7.74
C UNK I 100 41.66 16.85 8.21
N UNK I 101 41.70 15.89 7.28
CA UNK I 101 42.15 14.55 7.59
C UNK I 101 43.60 14.54 8.07
N UNK I 102 44.40 15.44 7.51
CA UNK I 102 45.81 15.54 7.87
C UNK I 102 45.98 16.25 9.21
N UNK I 103 45.20 17.31 9.42
CA UNK I 103 45.28 18.10 10.64
C UNK I 103 44.80 17.30 11.84
N UNK I 104 43.65 16.64 11.69
CA UNK I 104 43.08 15.84 12.78
C UNK I 104 44.01 14.68 13.15
N UNK I 105 44.80 14.24 12.19
CA UNK I 105 45.76 13.16 12.43
C UNK I 105 46.88 13.63 13.36
N UNK I 106 47.35 14.85 13.15
CA UNK I 106 48.39 15.42 13.99
C UNK I 106 47.82 15.96 15.29
N UNK I 107 46.55 16.33 15.27
CA UNK I 107 45.88 16.86 16.46
C UNK I 107 45.91 15.81 17.56
N UNK I 108 45.40 14.62 17.26
CA UNK I 108 45.38 13.54 18.24
C UNK I 108 46.79 13.05 18.54
N UNK I 109 47.69 13.22 17.58
CA UNK I 109 49.08 12.83 17.76
C UNK I 109 49.74 13.72 18.81
N UNK I 110 49.54 15.02 18.68
CA UNK I 110 50.08 15.97 19.64
C UNK I 110 49.41 15.82 21.00
N UNK I 111 48.11 15.50 20.97
CA UNK I 111 47.36 15.29 22.20
C UNK I 111 47.90 14.09 22.96
N UNK I 112 48.30 13.05 22.23
CA UNK I 112 48.87 11.85 22.84
C UNK I 112 50.21 12.18 23.48
N UNK I 113 51.02 12.99 22.80
CA UNK I 113 52.30 13.41 23.31
C UNK I 113 52.12 14.32 24.53
N UNK I 114 51.14 15.23 24.44
CA UNK I 114 50.84 16.14 25.53
C UNK I 114 50.46 15.37 26.79
N UNK I 115 49.65 14.33 26.61
CA UNK I 115 49.23 13.48 27.72
C UNK I 115 50.42 12.72 28.29
N UNK I 116 51.33 12.31 27.40
CA UNK I 116 52.52 11.58 27.81
C UNK I 116 53.44 12.50 28.61
N UNK I 117 53.65 13.71 28.10
CA UNK I 117 54.49 14.69 28.77
C UNK I 117 53.93 15.01 30.15
N UNK I 118 52.61 15.10 30.24
CA UNK I 118 51.94 15.38 31.51
C UNK I 118 52.16 14.23 32.48
N UNK I 119 52.21 13.02 31.97
CA UNK I 119 52.45 11.84 32.79
C UNK I 119 53.88 11.81 33.30
N UNK I 120 54.80 12.28 32.46
CA UNK I 120 56.22 12.29 32.81
C UNK I 120 56.49 13.26 33.96
N UNK I 121 56.04 14.50 33.82
CA UNK I 121 56.28 15.52 34.83
C UNK I 121 55.68 15.14 36.17
N UNK I 122 54.55 14.44 36.14
CA UNK I 122 53.89 13.99 37.37
C UNK I 122 54.77 12.98 38.11
N UNK I 123 55.40 12.08 37.36
CA UNK I 123 56.27 11.08 37.96
C UNK I 123 57.59 11.71 38.41
N UNK I 124 58.08 12.67 37.64
CA UNK I 124 59.30 13.37 37.98
C UNK I 124 59.14 14.12 39.31
N UNK I 125 58.12 14.97 39.39
CA UNK I 125 57.86 15.73 40.60
C UNK I 125 57.70 14.83 41.81
N UNK I 126 57.12 13.65 41.60
CA UNK I 126 56.93 12.69 42.67
C UNK I 126 58.26 12.14 43.15
N UNK I 127 59.12 11.79 42.20
CA UNK I 127 60.44 11.25 42.53
C UNK I 127 61.32 12.34 43.13
N UNK I 128 61.29 13.52 42.55
CA UNK I 128 62.06 14.66 43.05
C UNK I 128 61.69 14.96 44.50
N UNK I 129 60.40 14.85 44.81
CA UNK I 129 59.92 15.07 46.17
C UNK I 129 60.59 14.11 47.14
N UNK I 130 60.76 12.86 46.68
CA UNK I 130 61.40 11.83 47.50
C UNK I 130 62.89 12.12 47.65
N UNK I 131 63.53 12.54 46.56
CA UNK I 131 64.96 12.85 46.58
C UNK I 131 65.24 13.98 47.57
N UNK I 132 64.34 14.95 47.63
CA UNK I 132 64.50 16.08 48.55
C UNK I 132 64.44 15.61 50.00
N UNK I 133 63.53 14.70 50.29
CA UNK I 133 63.38 14.17 51.64
C UNK I 133 64.63 13.40 52.06
N UNK I 134 65.14 12.57 51.16
CA UNK I 134 66.33 11.77 51.44
C UNK I 134 67.55 12.68 51.57
N UNK I 135 67.66 13.83 50.81
CA UNK I 135 68.77 14.78 50.85
C UNK I 135 68.84 15.47 52.20
N UNK J 1 -85.47 14.23 -19.73
CA UNK J 1 -84.52 14.30 -18.61
C UNK J 1 -84.82 13.21 -17.59
N UNK J 2 -86.09 12.85 -17.46
CA UNK J 2 -86.51 11.80 -16.53
C UNK J 2 -85.88 10.46 -16.91
N UNK J 3 -85.83 10.19 -18.21
CA UNK J 3 -85.24 8.94 -18.69
C UNK J 3 -83.77 8.86 -18.32
N UNK J 4 -83.08 9.99 -18.42
CA UNK J 4 -81.66 10.06 -18.07
C UNK J 4 -81.48 9.86 -16.57
N UNK J 5 -82.35 10.50 -15.78
CA UNK J 5 -82.29 10.39 -14.33
C UNK J 5 -82.53 8.95 -13.89
N UNK J 6 -83.51 8.30 -14.51
CA UNK J 6 -83.81 6.90 -14.20
C UNK J 6 -82.67 6.01 -14.64
N UNK J 7 -82.04 6.34 -15.76
CA UNK J 7 -80.92 5.58 -16.28
C UNK J 7 -79.73 5.64 -15.32
N UNK J 8 -79.45 6.85 -14.82
CA UNK J 8 -78.37 7.04 -13.87
C UNK J 8 -78.67 6.37 -12.54
N UNK J 9 -79.95 6.34 -12.18
CA UNK J 9 -80.38 5.68 -10.95
C UNK J 9 -80.12 4.17 -11.03
N UNK J 10 -80.31 3.61 -12.21
CA UNK J 10 -80.12 2.18 -12.42
C UNK J 10 -78.65 1.79 -12.28
N UNK J 11 -77.78 2.52 -12.97
CA UNK J 11 -76.35 2.21 -12.96
C UNK J 11 -75.72 2.57 -11.61
N UNK J 12 -76.30 3.54 -10.92
CA UNK J 12 -75.79 3.96 -9.62
C UNK J 12 -76.18 2.94 -8.55
N UNK J 13 -77.45 2.54 -8.55
CA UNK J 13 -77.94 1.57 -7.58
C UNK J 13 -77.23 0.23 -7.74
N UNK J 14 -76.93 -0.13 -8.99
CA UNK J 14 -76.23 -1.37 -9.27
C UNK J 14 -74.77 -1.29 -8.83
N UNK J 15 -74.11 -0.19 -9.18
CA UNK J 15 -72.71 0.00 -8.83
C UNK J 15 -72.57 0.14 -7.31
N UNK J 16 -73.60 0.67 -6.67
CA UNK J 16 -73.62 0.80 -5.22
C UNK J 16 -73.56 -0.59 -4.55
N UNK J 17 -74.33 -1.52 -5.10
CA UNK J 17 -74.35 -2.89 -4.59
C UNK J 17 -73.01 -3.57 -4.83
N UNK J 18 -72.43 -3.32 -6.00
CA UNK J 18 -71.14 -3.89 -6.35
C UNK J 18 -70.04 -3.35 -5.45
N UNK J 19 -70.09 -2.04 -5.19
CA UNK J 19 -69.10 -1.39 -4.33
C UNK J 19 -69.19 -1.95 -2.91
N UNK J 20 -70.41 -2.10 -2.42
CA UNK J 20 -70.64 -2.65 -1.09
C UNK J 20 -70.22 -4.12 -1.05
N UNK J 21 -70.50 -4.83 -2.14
CA UNK J 21 -70.15 -6.24 -2.26
C UNK J 21 -68.63 -6.42 -2.22
N UNK J 22 -67.93 -5.55 -2.96
CA UNK J 22 -66.47 -5.61 -3.01
C UNK J 22 -65.87 -5.26 -1.65
N UNK J 23 -66.50 -4.32 -0.95
CA UNK J 23 -66.04 -3.90 0.36
C UNK J 23 -66.08 -5.05 1.35
N UNK J 24 -67.12 -5.89 1.24
CA UNK J 24 -67.27 -7.03 2.12
C UNK J 24 -66.27 -8.12 1.78
N UNK J 25 -66.11 -8.39 0.49
CA UNK J 25 -65.19 -9.42 0.02
C UNK J 25 -63.74 -9.04 0.33
N UNK J 26 -63.42 -7.76 0.14
CA UNK J 26 -62.09 -7.26 0.43
C UNK J 26 -61.79 -7.37 1.92
N UNK J 27 -62.78 -7.04 2.74
CA UNK J 27 -62.65 -7.17 4.18
C UNK J 27 -62.58 -8.64 4.57
N UNK J 28 -63.34 -9.47 3.85
CA UNK J 28 -63.33 -10.91 4.09
C UNK J 28 -61.95 -11.48 3.80
N UNK J 29 -61.35 -11.07 2.69
CA UNK J 29 -60.02 -11.50 2.32
C UNK J 29 -58.97 -10.95 3.25
N UNK J 30 -59.23 -9.76 3.81
CA UNK J 30 -58.31 -9.15 4.76
C UNK J 30 -58.26 -9.95 6.05
N UNK J 31 -59.41 -10.44 6.48
CA UNK J 31 -59.52 -11.15 7.75
C UNK J 31 -58.77 -12.49 7.71
N UNK J 32 -59.02 -13.27 6.66
CA UNK J 32 -58.40 -14.59 6.53
C UNK J 32 -56.88 -14.49 6.44
N UNK J 33 -56.39 -13.43 5.81
CA UNK J 33 -54.95 -13.22 5.67
C UNK J 33 -54.35 -12.67 6.96
N UNK J 34 -55.08 -11.77 7.62
CA UNK J 34 -54.65 -11.20 8.89
C UNK J 34 -54.43 -12.29 9.93
N UNK J 35 -55.38 -13.23 10.00
CA UNK J 35 -55.29 -14.33 10.93
C UNK J 35 -54.04 -15.17 10.68
N UNK J 36 -53.81 -15.52 9.42
CA UNK J 36 -52.64 -16.30 9.04
C UNK J 36 -51.36 -15.53 9.32
N UNK J 37 -51.39 -14.22 9.12
CA UNK J 37 -50.23 -13.37 9.35
C UNK J 37 -49.85 -13.40 10.82
N UNK J 38 -50.85 -13.38 11.69
CA UNK J 38 -50.62 -13.41 13.14
C UNK J 38 -50.07 -14.77 13.56
N UNK J 39 -50.60 -15.83 12.96
CA UNK J 39 -50.15 -17.19 13.27
C UNK J 39 -48.70 -17.37 12.86
N UNK J 40 -48.36 -16.86 11.68
CA UNK J 40 -46.98 -16.93 11.19
C UNK J 40 -46.05 -16.12 12.09
N UNK J 41 -46.45 -14.88 12.38
CA UNK J 41 -45.67 -14.00 13.25
C UNK J 41 -45.33 -14.70 14.56
N UNK J 42 -46.33 -15.32 15.19
CA UNK J 42 -46.14 -16.02 16.44
C UNK J 42 -45.21 -17.21 16.26
N UNK J 43 -45.45 -18.01 15.24
CA UNK J 43 -44.64 -19.19 14.96
C UNK J 43 -43.18 -18.80 14.72
N UNK J 44 -42.97 -17.71 13.99
CA UNK J 44 -41.63 -17.24 13.67
C UNK J 44 -40.85 -16.89 14.95
N UNK J 45 -41.53 -16.23 15.88
CA UNK J 45 -40.90 -15.83 17.13
C UNK J 45 -40.46 -17.03 17.96
N UNK J 46 -41.31 -18.04 18.02
CA UNK J 46 -41.01 -19.25 18.78
C UNK J 46 -39.76 -19.93 18.23
N UNK J 47 -39.61 -19.89 16.91
CA UNK J 47 -38.45 -20.48 16.26
C UNK J 47 -37.17 -19.70 16.58
N UNK J 48 -37.29 -18.38 16.63
CA UNK J 48 -36.16 -17.52 16.95
C UNK J 48 -35.61 -17.84 18.34
N UNK J 49 -36.51 -18.13 19.26
CA UNK J 49 -36.13 -18.50 20.62
C UNK J 49 -35.38 -19.82 20.61
N UNK J 50 -35.88 -20.76 19.80
CA UNK J 50 -35.23 -22.06 19.65
C UNK J 50 -33.94 -21.93 18.87
N UNK J 51 -33.91 -20.96 17.96
CA UNK J 51 -32.72 -20.72 17.14
C UNK J 51 -31.55 -20.29 18.03
N UNK J 52 -31.82 -19.38 18.95
CA UNK J 52 -30.80 -18.90 19.88
C UNK J 52 -30.27 -20.05 20.73
N UNK J 53 -31.20 -20.80 21.33
CA UNK J 53 -30.84 -21.93 22.18
C UNK J 53 -29.98 -22.92 21.39
N UNK J 54 -30.41 -23.25 20.18
CA UNK J 54 -29.68 -24.20 19.34
C UNK J 54 -28.25 -23.74 19.11
N UNK J 55 -28.06 -22.44 18.95
CA UNK J 55 -26.73 -21.87 18.73
C UNK J 55 -25.91 -21.92 20.02
N UNK J 56 -26.50 -21.48 21.13
CA UNK J 56 -25.81 -21.48 22.41
C UNK J 56 -25.36 -22.88 22.79
N UNK J 57 -26.22 -23.87 22.52
CA UNK J 57 -25.88 -25.27 22.80
C UNK J 57 -24.75 -25.72 21.90
N UNK J 58 -24.77 -25.28 20.63
CA UNK J 58 -23.73 -25.63 19.68
C UNK J 58 -22.40 -25.02 20.10
N UNK J 59 -22.44 -23.76 20.55
CA UNK J 59 -21.25 -23.07 21.00
C UNK J 59 -20.72 -23.69 22.30
N UNK J 60 -21.64 -23.99 23.21
CA UNK J 60 -21.28 -24.60 24.48
C UNK J 60 -20.55 -25.92 24.25
N UNK J 61 -21.01 -26.68 23.26
CA UNK J 61 -20.40 -27.95 22.91
C UNK J 61 -18.99 -27.72 22.37
N UNK J 62 -18.81 -26.65 21.61
CA UNK J 62 -17.51 -26.32 21.05
C UNK J 62 -16.54 -25.91 22.15
N UNK J 63 -17.01 -25.08 23.09
CA UNK J 63 -16.19 -24.66 24.21
C UNK J 63 -15.87 -25.86 25.11
N UNK J 64 -16.83 -26.76 25.24
CA UNK J 64 -16.65 -27.96 26.04
C UNK J 64 -15.66 -28.90 25.35
N UNK J 65 -15.63 -28.83 24.02
CA UNK J 65 -14.72 -29.64 23.23
C UNK J 65 -13.28 -29.15 23.39
N UNK J 66 -13.10 -27.84 23.30
CA UNK J 66 -11.77 -27.24 23.42
C UNK J 66 -11.10 -27.65 24.72
N UNK J 67 -11.88 -27.75 25.79
CA UNK J 67 -11.36 -28.14 27.10
C UNK J 67 -10.78 -29.55 27.03
N UNK J 68 -11.58 -30.50 26.54
CA UNK J 68 -11.15 -31.89 26.43
C UNK J 68 -10.06 -32.03 25.38
N UNK J 69 -10.23 -31.35 24.25
CA UNK J 69 -9.25 -31.39 23.17
C UNK J 69 -7.89 -30.93 23.65
N UNK J 70 -7.87 -29.93 24.52
CA UNK J 70 -6.62 -29.41 25.06
C UNK J 70 -6.05 -30.37 26.10
N UNK J 71 -6.92 -30.88 26.97
CA UNK J 71 -6.51 -31.85 27.98
C UNK J 71 -5.85 -33.05 27.31
N UNK J 72 -6.36 -33.42 26.15
CA UNK J 72 -5.79 -34.52 25.37
C UNK J 72 -4.34 -34.22 25.01
N UNK J 73 -4.08 -32.98 24.60
CA UNK J 73 -2.74 -32.56 24.22
C UNK J 73 -1.79 -32.64 25.41
N UNK J 74 -2.28 -32.24 26.58
CA UNK J 74 -1.47 -32.27 27.80
C UNK J 74 -1.03 -33.69 28.11
N UNK J 75 -1.98 -34.63 28.09
CA UNK J 75 -1.69 -36.02 28.38
C UNK J 75 -0.88 -36.65 27.25
N UNK J 76 -1.25 -36.33 26.00
CA UNK J 76 -0.54 -36.84 24.84
C UNK J 76 0.91 -36.38 24.86
N UNK J 77 1.14 -35.16 25.31
CA UNK J 77 2.49 -34.62 25.41
C UNK J 77 3.27 -35.36 26.50
N UNK J 78 2.60 -35.68 27.60
CA UNK J 78 3.22 -36.43 28.68
C UNK J 78 3.63 -37.81 28.20
N UNK J 79 2.83 -38.39 27.32
CA UNK J 79 3.12 -39.70 26.76
C UNK J 79 4.43 -39.65 25.97
N UNK J 80 4.67 -38.53 25.28
CA UNK J 80 5.89 -38.35 24.52
C UNK J 80 7.09 -38.22 25.45
N UNK J 81 6.88 -37.52 26.57
CA UNK J 81 7.94 -37.36 27.56
C UNK J 81 8.24 -38.68 28.25
N UNK J 82 7.19 -39.43 28.57
CA UNK J 82 7.33 -40.72 29.24
C UNK J 82 8.01 -41.73 28.32
N UNK J 83 7.57 -41.78 27.07
CA UNK J 83 8.13 -42.69 26.09
C UNK J 83 9.59 -42.37 25.80
N UNK J 84 9.90 -41.07 25.79
CA UNK J 84 11.26 -40.62 25.50
C UNK J 84 12.23 -41.01 26.60
N UNK J 85 11.85 -40.75 27.85
CA UNK J 85 12.71 -41.03 28.99
C UNK J 85 12.77 -42.52 29.28
N UNK J 86 11.81 -43.27 28.76
CA UNK J 86 11.75 -44.71 28.95
C UNK J 86 12.74 -45.42 28.02
N UNK J 87 12.65 -45.11 26.74
CA UNK J 87 13.53 -45.71 25.73
C UNK J 87 14.97 -45.27 25.96
N UNK J 88 15.15 -44.06 26.47
CA UNK J 88 16.48 -43.53 26.74
C UNK J 88 17.11 -44.22 27.94
N UNK J 89 16.31 -44.42 28.99
CA UNK J 89 16.78 -45.07 30.19
C UNK J 89 17.09 -46.54 29.94
N UNK J 90 16.13 -47.24 29.32
CA UNK J 90 16.30 -48.65 29.01
C UNK J 90 17.48 -48.89 28.08
N UNK J 91 17.67 -47.96 27.14
CA UNK J 91 18.77 -48.07 26.19
C UNK J 91 20.12 -47.99 26.88
N UNK J 92 20.26 -47.05 27.81
CA UNK J 92 21.51 -46.87 28.54
C UNK J 92 21.65 -47.95 29.61
N UNK J 93 20.54 -48.34 30.21
CA UNK J 93 20.54 -49.36 31.25
C UNK J 93 21.03 -50.69 30.68
N UNK J 94 20.56 -51.02 29.48
CA UNK J 94 20.98 -52.24 28.81
C UNK J 94 22.46 -52.17 28.47
N UNK J 95 22.92 -51.00 28.02
CA UNK J 95 24.32 -50.79 27.71
C UNK J 95 25.16 -50.91 28.97
N UNK J 96 24.65 -50.35 30.07
CA UNK J 96 25.34 -50.40 31.34
C UNK J 96 25.41 -51.83 31.85
N UNK J 97 24.28 -52.53 31.81
CA UNK J 97 24.22 -53.92 32.26
C UNK J 97 25.23 -54.79 31.52
N UNK J 98 25.35 -54.57 30.22
CA UNK J 98 26.30 -55.32 29.40
C UNK J 98 27.74 -54.94 29.76
N UNK J 99 27.94 -53.67 30.09
CA UNK J 99 29.27 -53.17 30.45
C UNK J 99 29.72 -53.77 31.79
N UNK J 100 28.80 -53.85 32.74
CA UNK J 100 29.10 -54.43 34.05
C UNK J 100 29.64 -55.85 33.91
N UNK J 101 29.04 -56.62 33.01
CA UNK J 101 29.47 -57.99 32.77
C UNK J 101 30.91 -58.03 32.28
N UNK J 102 31.27 -57.06 31.45
CA UNK J 102 32.63 -56.96 30.92
C UNK J 102 33.60 -56.55 32.01
N UNK J 103 33.20 -55.57 32.82
CA UNK J 103 34.03 -55.09 33.92
C UNK J 103 34.19 -56.17 34.98
N UNK J 104 33.10 -56.87 35.28
CA UNK J 104 33.13 -57.95 36.25
C UNK J 104 34.10 -59.04 35.82
N UNK J 105 34.07 -59.37 34.52
CA UNK J 105 34.99 -60.35 33.97
C UNK J 105 36.43 -59.90 34.09
N UNK J 106 36.66 -58.61 33.87
CA UNK J 106 38.00 -58.04 34.00
C UNK J 106 38.45 -58.07 35.46
N UNK J 107 37.52 -57.85 36.37
CA UNK J 107 37.81 -57.90 37.80
C UNK J 107 38.27 -59.30 38.18
N UNK J 108 37.52 -60.30 37.74
CA UNK J 108 37.84 -61.69 38.02
C UNK J 108 39.17 -62.08 37.40
N UNK J 109 39.44 -61.54 36.22
CA UNK J 109 40.68 -61.84 35.51
C UNK J 109 41.88 -61.21 36.22
N UNK J 110 41.77 -59.92 36.52
CA UNK J 110 42.85 -59.20 37.19
C UNK J 110 43.11 -59.80 38.57
N UNK J 111 42.04 -60.11 39.29
CA UNK J 111 42.14 -60.71 40.62
C UNK J 111 42.91 -62.02 40.55
N UNK J 112 42.68 -62.78 39.49
CA UNK J 112 43.36 -64.06 39.30
C UNK J 112 44.86 -63.85 39.08
N UNK J 113 45.19 -62.85 38.27
CA UNK J 113 46.59 -62.53 37.99
C UNK J 113 47.29 -62.04 39.26
N UNK J 114 46.59 -61.19 40.03
CA UNK J 114 47.14 -60.67 41.26
C UNK J 114 47.44 -61.79 42.24
N UNK J 115 46.60 -62.82 42.24
CA UNK J 115 46.79 -63.99 43.09
C UNK J 115 48.04 -64.74 42.69
N UNK J 116 48.28 -64.83 41.38
CA UNK J 116 49.46 -65.53 40.86
C UNK J 116 50.73 -64.73 41.15
N UNK J 117 50.61 -63.41 41.13
CA UNK J 117 51.75 -62.54 41.41
C UNK J 117 52.07 -62.55 42.91
N UNK J 118 51.03 -62.64 43.73
CA UNK J 118 51.19 -62.65 45.18
C UNK J 118 51.88 -63.93 45.65
N UNK J 119 51.42 -65.06 45.14
CA UNK J 119 51.98 -66.35 45.52
C UNK J 119 53.39 -66.53 44.96
N UNK J 120 53.71 -65.79 43.91
CA UNK J 120 55.01 -65.88 43.28
C UNK J 120 56.06 -65.10 44.06
N UNK J 121 55.75 -63.86 44.39
CA UNK J 121 56.67 -63.00 45.14
C UNK J 121 56.90 -63.56 46.54
N UNK J 122 55.92 -64.31 47.05
CA UNK J 122 56.04 -64.98 48.34
C UNK J 122 57.02 -66.15 48.23
N UNK J 123 57.01 -66.82 47.08
CA UNK J 123 57.92 -67.94 46.84
C UNK J 123 59.35 -67.44 46.75
N UNK J 124 59.52 -66.22 46.25
CA UNK J 124 60.84 -65.59 46.18
C UNK J 124 61.32 -65.17 47.56
N UNK J 125 60.38 -64.81 48.43
CA UNK J 125 60.71 -64.39 49.80
C UNK J 125 61.37 -65.53 50.56
N UNK J 126 60.85 -66.75 50.38
CA UNK J 126 61.41 -67.93 51.04
C UNK J 126 62.63 -68.45 50.28
N UNK J 127 62.72 -68.08 49.01
CA UNK J 127 63.84 -68.49 48.18
C UNK J 127 65.06 -67.61 48.43
N UNK J 128 64.83 -66.30 48.53
CA UNK J 128 65.90 -65.36 48.81
C UNK J 128 66.43 -65.53 50.23
N UNK J 129 65.59 -66.11 51.09
CA UNK J 129 65.96 -66.32 52.50
C UNK J 129 66.89 -67.52 52.64
N UNK J 130 66.50 -68.63 52.03
CA UNK J 130 67.30 -69.86 52.11
C UNK J 130 68.64 -69.69 51.42
N UNK J 131 68.67 -68.87 50.36
CA UNK J 131 69.90 -68.60 49.64
C UNK J 131 70.83 -67.72 50.47
N UNK J 132 70.25 -66.82 51.25
CA UNK J 132 71.02 -65.95 52.12
C UNK J 132 71.71 -66.76 53.21
N UNK J 133 71.06 -67.84 53.64
CA UNK J 133 71.62 -68.71 54.67
C UNK J 133 72.78 -69.52 54.13
N UNK J 134 72.61 -70.07 52.92
CA UNK J 134 73.65 -70.86 52.28
C UNK J 134 74.86 -70.00 51.96
N UNK J 135 74.86 -68.62 51.41
CA UNK J 135 75.93 -67.67 51.10
C UNK J 135 76.73 -67.36 52.36
N UNK K 1 -92.36 13.70 -11.26
CA UNK K 1 -91.59 12.48 -11.08
C UNK K 1 -90.09 12.76 -11.22
N UNK K 2 -89.75 13.70 -12.08
CA UNK K 2 -88.36 14.08 -12.30
C UNK K 2 -87.74 14.62 -11.02
N UNK K 3 -88.48 15.45 -10.30
CA UNK K 3 -88.01 16.03 -9.06
C UNK K 3 -87.75 14.95 -8.01
N UNK K 4 -88.61 13.94 -7.99
CA UNK K 4 -88.48 12.84 -7.05
C UNK K 4 -87.29 11.96 -7.42
N UNK K 5 -87.09 11.77 -8.72
CA UNK K 5 -85.96 10.96 -9.21
C UNK K 5 -84.64 11.66 -8.93
N UNK K 6 -84.62 12.98 -9.12
CA UNK K 6 -83.43 13.78 -8.87
C UNK K 6 -83.04 13.70 -7.40
N UNK K 7 -84.04 13.72 -6.53
CA UNK K 7 -83.82 13.63 -5.09
C UNK K 7 -83.22 12.28 -4.73
N UNK K 8 -83.74 11.23 -5.34
CA UNK K 8 -83.25 9.88 -5.09
C UNK K 8 -81.86 9.68 -5.68
N UNK K 9 -81.58 10.38 -6.78
CA UNK K 9 -80.28 10.29 -7.43
C UNK K 9 -79.20 10.98 -6.61
N UNK K 10 -79.57 12.09 -5.96
CA UNK K 10 -78.64 12.85 -5.14
C UNK K 10 -78.12 12.00 -3.99
N UNK K 11 -79.04 11.36 -3.27
CA UNK K 11 -78.68 10.52 -2.14
C UNK K 11 -78.03 9.22 -2.58
N UNK K 12 -78.36 8.78 -3.80
CA UNK K 12 -77.80 7.55 -4.33
C UNK K 12 -76.31 7.71 -4.59
N UNK K 13 -75.94 8.83 -5.22
CA UNK K 13 -74.54 9.11 -5.51
C UNK K 13 -73.74 9.30 -4.24
N UNK K 14 -74.39 9.84 -3.20
CA UNK K 14 -73.73 10.05 -1.92
C UNK K 14 -73.39 8.72 -1.27
N UNK K 15 -74.32 7.77 -1.34
CA UNK K 15 -74.09 6.43 -0.81
C UNK K 15 -73.06 5.69 -1.64
N UNK K 16 -73.08 5.94 -2.95
CA UNK K 16 -72.13 5.32 -3.86
C UNK K 16 -70.71 5.76 -3.55
N UNK K 17 -70.54 7.06 -3.31
CA UNK K 17 -69.23 7.61 -2.98
C UNK K 17 -68.71 7.03 -1.66
N UNK K 18 -69.61 6.82 -0.71
CA UNK K 18 -69.26 6.26 0.58
C UNK K 18 -68.88 4.79 0.45
N UNK K 19 -69.62 4.07 -0.38
CA UNK K 19 -69.36 2.65 -0.59
C UNK K 19 -68.01 2.42 -1.25
N UNK K 20 -67.73 3.19 -2.29
CA UNK K 20 -66.47 3.08 -3.01
C UNK K 20 -65.30 3.45 -2.12
N UNK K 21 -65.50 4.45 -1.26
CA UNK K 21 -64.46 4.89 -0.34
C UNK K 21 -64.13 3.78 0.66
N UNK K 22 -65.17 3.11 1.16
CA UNK K 22 -65.00 2.03 2.12
C UNK K 22 -64.28 0.86 1.45
N UNK K 23 -64.60 0.61 0.19
CA UNK K 23 -63.98 -0.48 -0.56
C UNK K 23 -62.52 -0.15 -0.88
N UNK K 24 -62.25 1.12 -1.15
CA UNK K 24 -60.90 1.56 -1.50
C UNK K 24 -59.95 1.39 -0.30
N UNK K 25 -60.46 1.68 0.90
CA UNK K 25 -59.66 1.54 2.11
C UNK K 25 -59.54 0.08 2.52
N UNK K 26 -60.55 -0.72 2.19
CA UNK K 26 -60.56 -2.13 2.53
C UNK K 26 -59.60 -2.92 1.64
N UNK K 27 -59.63 -2.63 0.35
CA UNK K 27 -58.76 -3.32 -0.61
C UNK K 27 -57.30 -2.96 -0.36
N UNK K 28 -57.07 -1.74 0.13
CA UNK K 28 -55.71 -1.29 0.45
C UNK K 28 -55.21 -2.00 1.71
N UNK K 29 -56.08 -2.11 2.71
CA UNK K 29 -55.73 -2.79 3.94
C UNK K 29 -55.38 -4.24 3.70
N UNK K 30 -56.16 -4.90 2.85
CA UNK K 30 -55.91 -6.29 2.50
C UNK K 30 -54.59 -6.41 1.71
N UNK K 31 -54.29 -5.38 0.92
CA UNK K 31 -53.10 -5.38 0.10
C UNK K 31 -51.84 -5.28 0.94
N UNK K 32 -51.78 -4.27 1.81
CA UNK K 32 -50.60 -4.05 2.64
C UNK K 32 -50.34 -5.23 3.58
N UNK K 33 -51.41 -5.84 4.07
CA UNK K 33 -51.29 -7.00 4.95
C UNK K 33 -50.80 -8.22 4.17
N UNK K 34 -51.30 -8.38 2.95
CA UNK K 34 -50.87 -9.48 2.09
C UNK K 34 -49.38 -9.40 1.82
N UNK K 35 -48.89 -8.19 1.59
CA UNK K 35 -47.47 -7.97 1.36
C UNK K 35 -46.65 -8.32 2.59
N UNK K 36 -47.15 -7.91 3.75
CA UNK K 36 -46.49 -8.20 5.02
C UNK K 36 -46.48 -9.70 5.28
N UNK K 37 -47.57 -10.37 4.92
CA UNK K 37 -47.68 -11.81 5.12
C UNK K 37 -46.63 -12.54 4.29
N UNK K 38 -46.40 -12.08 3.06
CA UNK K 38 -45.41 -12.67 2.19
C UNK K 38 -44.00 -12.43 2.72
N UNK K 39 -43.76 -11.23 3.24
CA UNK K 39 -42.47 -10.90 3.81
C UNK K 39 -42.18 -11.76 5.03
N UNK K 40 -43.22 -12.04 5.81
CA UNK K 40 -43.09 -12.89 6.98
C UNK K 40 -42.89 -14.35 6.56
N UNK K 41 -43.56 -14.74 5.48
CA UNK K 41 -43.45 -16.10 4.97
C UNK K 41 -42.02 -16.40 4.52
N UNK K 42 -41.44 -15.46 3.77
CA UNK K 42 -40.06 -15.61 3.30
C UNK K 42 -39.09 -15.61 4.47
N UNK K 43 -39.37 -14.77 5.46
CA UNK K 43 -38.53 -14.69 6.65
C UNK K 43 -38.68 -15.95 7.50
N UNK K 44 -39.82 -16.61 7.38
CA UNK K 44 -40.06 -17.85 8.12
C UNK K 44 -39.32 -19.02 7.48
N UNK K 45 -39.31 -19.05 6.15
CA UNK K 45 -38.65 -20.13 5.42
C UNK K 45 -37.14 -20.06 5.55
N UNK K 46 -36.59 -18.85 5.42
CA UNK K 46 -35.14 -18.66 5.49
C UNK K 46 -34.62 -19.01 6.89
N UNK K 47 -35.44 -18.77 7.92
CA UNK K 47 -35.07 -19.10 9.29
C UNK K 47 -35.29 -20.58 9.57
N UNK K 48 -36.25 -21.18 8.88
CA UNK K 48 -36.53 -22.61 9.02
C UNK K 48 -35.29 -23.41 8.66
N UNK K 49 -34.51 -22.91 7.70
CA UNK K 49 -33.27 -23.56 7.30
C UNK K 49 -32.18 -23.32 8.33
N UNK K 50 -32.15 -22.11 8.88
CA UNK K 50 -31.17 -21.76 9.90
C UNK K 50 -31.41 -22.58 11.17
N UNK K 51 -32.67 -22.75 11.53
CA UNK K 51 -33.03 -23.51 12.72
C UNK K 51 -32.53 -24.94 12.60
N UNK K 52 -32.77 -25.57 11.46
CA UNK K 52 -32.30 -26.93 11.21
C UNK K 52 -30.78 -26.98 11.26
N UNK K 53 -30.14 -26.04 10.56
CA UNK K 53 -28.68 -25.96 10.54
C UNK K 53 -28.13 -25.78 11.95
N UNK K 54 -28.84 -24.99 12.76
CA UNK K 54 -28.42 -24.72 14.13
C UNK K 54 -28.57 -25.97 14.99
N UNK K 55 -29.51 -26.84 14.63
CA UNK K 55 -29.74 -28.07 15.37
C UNK K 55 -28.73 -29.14 14.96
N UNK K 56 -28.48 -29.26 13.65
CA UNK K 56 -27.54 -30.25 13.13
C UNK K 56 -26.13 -29.97 13.61
N UNK K 57 -25.70 -28.72 13.50
CA UNK K 57 -24.36 -28.31 13.92
C UNK K 57 -24.16 -28.60 15.41
N UNK K 58 -25.25 -28.56 16.17
CA UNK K 58 -25.20 -28.83 17.60
C UNK K 58 -25.03 -30.33 17.84
N UNK K 59 -25.77 -31.13 17.08
CA UNK K 59 -25.67 -32.58 17.18
C UNK K 59 -24.30 -33.07 16.70
N UNK K 60 -23.79 -32.42 15.66
CA UNK K 60 -22.48 -32.76 15.13
C UNK K 60 -21.39 -32.44 16.14
N UNK K 61 -21.56 -31.33 16.85
CA UNK K 61 -20.61 -30.93 17.88
C UNK K 61 -20.60 -31.93 19.02
N UNK K 62 -21.78 -32.46 19.34
CA UNK K 62 -21.90 -33.46 20.39
C UNK K 62 -21.21 -34.76 19.98
N UNK K 63 -21.42 -35.17 18.73
CA UNK K 63 -20.78 -36.36 18.20
C UNK K 63 -19.27 -36.15 18.15
N UNK K 64 -18.86 -34.94 17.80
CA UNK K 64 -17.45 -34.59 17.76
C UNK K 64 -16.84 -34.63 19.16
N UNK K 65 -17.63 -34.24 20.14
CA UNK K 65 -17.19 -34.24 21.53
C UNK K 65 -17.07 -35.67 22.07
N UNK K 66 -17.96 -36.54 21.61
CA UNK K 66 -17.96 -37.94 22.05
C UNK K 66 -16.71 -38.66 21.55
N UNK K 67 -16.27 -38.31 20.35
CA UNK K 67 -15.09 -38.94 19.76
C UNK K 67 -13.83 -38.61 20.55
N UNK K 68 -13.59 -37.32 20.77
CA UNK K 68 -12.42 -36.88 21.52
C UNK K 68 -12.48 -37.34 22.97
N UNK K 69 -13.69 -37.54 23.47
CA UNK K 69 -13.88 -37.99 24.85
C UNK K 69 -13.33 -39.40 25.03
N UNK K 70 -13.56 -40.25 24.03
CA UNK K 70 -13.07 -41.62 24.08
C UNK K 70 -11.55 -41.66 23.94
N UNK K 71 -11.03 -40.81 23.07
CA UNK K 71 -9.60 -40.72 22.84
C UNK K 71 -8.88 -40.25 24.10
N UNK K 72 -9.57 -39.47 24.92
CA UNK K 72 -9.01 -38.98 26.17
C UNK K 72 -8.79 -40.13 27.15
N UNK K 73 -9.58 -41.20 27.00
CA UNK K 73 -9.46 -42.36 27.86
C UNK K 73 -8.38 -43.31 27.36
N UNK K 74 -8.25 -43.42 26.03
CA UNK K 74 -7.27 -44.31 25.43
C UNK K 74 -5.84 -43.80 25.62
N UNK K 75 -5.66 -42.50 25.49
CA UNK K 75 -4.33 -41.90 25.59
C UNK K 75 -3.71 -42.13 26.96
N UNK K 76 -4.54 -42.28 27.99
CA UNK K 76 -4.05 -42.50 29.34
C UNK K 76 -3.54 -43.93 29.54
N UNK K 77 -4.09 -44.86 28.76
CA UNK K 77 -3.73 -46.27 28.89
C UNK K 77 -2.27 -46.52 28.50
N UNK K 78 -1.75 -45.68 27.60
CA UNK K 78 -0.38 -45.85 27.11
C UNK K 78 0.62 -45.09 27.98
N UNK K 79 0.14 -44.09 28.70
CA UNK K 79 1.01 -43.27 29.54
C UNK K 79 1.59 -44.06 30.70
N UNK K 80 0.72 -44.77 31.41
CA UNK K 80 1.14 -45.53 32.59
C UNK K 80 2.14 -46.62 32.25
N UNK K 81 2.09 -47.12 31.02
CA UNK K 81 2.97 -48.20 30.59
C UNK K 81 4.41 -47.72 30.46
N UNK K 82 4.59 -46.50 29.95
CA UNK K 82 5.92 -45.95 29.75
C UNK K 82 6.54 -45.50 31.07
N UNK K 83 5.68 -45.04 31.98
CA UNK K 83 6.14 -44.57 33.28
C UNK K 83 6.72 -45.71 34.10
N UNK K 84 6.05 -46.85 34.08
CA UNK K 84 6.48 -48.02 34.84
C UNK K 84 7.78 -48.60 34.27
N UNK K 85 7.87 -48.68 32.96
CA UNK K 85 9.05 -49.20 32.29
C UNK K 85 10.26 -48.31 32.54
N UNK K 86 10.01 -47.02 32.70
CA UNK K 86 11.08 -46.07 32.99
C UNK K 86 11.55 -46.18 34.44
N UNK K 87 10.58 -46.36 35.34
CA UNK K 87 10.88 -46.51 36.76
C UNK K 87 11.60 -47.83 37.03
N UNK K 88 11.13 -48.89 36.37
CA UNK K 88 11.74 -50.22 36.53
C UNK K 88 13.18 -50.21 36.07
N UNK K 89 13.45 -49.50 34.98
CA UNK K 89 14.79 -49.39 34.44
C UNK K 89 15.68 -48.57 35.36
N UNK K 90 15.16 -47.44 35.83
CA UNK K 90 15.90 -46.56 36.72
C UNK K 90 16.31 -47.28 38.00
N UNK K 91 15.46 -48.19 38.46
CA UNK K 91 15.73 -48.96 39.66
C UNK K 91 16.94 -49.85 39.51
N UNK K 92 17.03 -50.53 38.37
CA UNK K 92 18.16 -51.42 38.10
C UNK K 92 19.39 -50.63 37.69
N UNK K 93 19.18 -49.57 36.91
CA UNK K 93 20.27 -48.74 36.44
C UNK K 93 21.07 -48.18 37.62
N UNK K 94 20.35 -47.72 38.64
CA UNK K 94 20.99 -47.19 39.84
C UNK K 94 21.74 -48.28 40.59
N UNK K 95 21.18 -49.48 40.60
CA UNK K 95 21.81 -50.62 41.26
C UNK K 95 23.10 -51.01 40.54
N UNK K 96 23.05 -51.01 39.21
CA UNK K 96 24.21 -51.34 38.41
C UNK K 96 25.32 -50.30 38.59
N UNK K 97 24.92 -49.04 38.68
CA UNK K 97 25.88 -47.95 38.88
C UNK K 97 26.57 -48.09 40.24
N UNK K 98 25.78 -48.44 41.25
CA UNK K 98 26.30 -48.64 42.59
C UNK K 98 27.25 -49.84 42.63
N UNK K 99 26.87 -50.91 41.93
CA UNK K 99 27.70 -52.10 41.84
C UNK K 99 29.00 -51.79 41.12
N UNK K 100 28.89 -51.04 40.02
CA UNK K 100 30.05 -50.64 39.24
C UNK K 100 31.03 -49.83 40.09
N UNK K 101 30.47 -48.96 40.94
CA UNK K 101 31.28 -48.12 41.82
C UNK K 101 32.09 -48.97 42.78
N UNK K 102 31.51 -50.09 43.20
CA UNK K 102 32.19 -51.00 44.14
C UNK K 102 33.24 -51.84 43.43
N UNK K 103 32.90 -52.30 42.23
CA UNK K 103 33.81 -53.14 41.45
C UNK K 103 35.03 -52.36 40.99
N UNK K 104 34.80 -51.16 40.45
CA UNK K 104 35.89 -50.31 39.96
C UNK K 104 36.82 -49.92 41.11
N UNK K 105 36.27 -49.88 42.32
CA UNK K 105 37.07 -49.54 43.51
C UNK K 105 38.07 -50.64 43.81
N UNK K 106 37.63 -51.89 43.69
CA UNK K 106 38.49 -53.04 43.92
C UNK K 106 39.38 -53.32 42.72
N UNK K 107 38.91 -52.93 41.54
CA UNK K 107 39.67 -53.12 40.31
C UNK K 107 41.02 -52.41 40.41
N UNK K 108 40.97 -51.11 40.67
CA UNK K 108 42.18 -50.31 40.81
C UNK K 108 42.98 -50.72 42.05
N UNK K 109 42.28 -51.25 43.04
CA UNK K 109 42.91 -51.72 44.27
C UNK K 109 43.78 -52.93 43.97
N UNK K 110 43.22 -53.89 43.25
CA UNK K 110 43.96 -55.08 42.86
C UNK K 110 45.07 -54.74 41.88
N UNK K 111 44.81 -53.76 41.02
CA UNK K 111 45.80 -53.32 40.05
C UNK K 111 47.01 -52.71 40.76
N UNK K 112 46.75 -51.99 41.84
CA UNK K 112 47.82 -51.38 42.63
C UNK K 112 48.66 -52.48 43.29
N UNK K 113 47.99 -53.50 43.82
CA UNK K 113 48.68 -54.62 44.44
C UNK K 113 49.46 -55.41 43.40
N UNK K 114 48.86 -55.61 42.23
CA UNK K 114 49.50 -56.33 41.15
C UNK K 114 50.79 -55.62 40.73
N UNK K 115 50.74 -54.30 40.65
CA UNK K 115 51.90 -53.50 40.30
C UNK K 115 52.96 -53.60 41.38
N UNK K 116 52.50 -53.65 42.63
CA UNK K 116 53.41 -53.76 43.77
C UNK K 116 54.10 -55.12 43.77
N UNK K 117 53.32 -56.17 43.56
CA UNK K 117 53.85 -57.52 43.50
C UNK K 117 54.87 -57.65 42.38
N UNK K 118 54.59 -57.00 41.25
CA UNK K 118 55.49 -57.01 40.12
C UNK K 118 56.81 -56.30 40.46
N UNK K 119 56.71 -55.26 41.28
CA UNK K 119 57.88 -54.51 41.71
C UNK K 119 58.72 -55.34 42.67
N UNK K 120 58.05 -56.14 43.49
CA UNK K 120 58.74 -56.97 44.47
C UNK K 120 59.58 -58.05 43.80
N UNK K 121 58.95 -58.81 42.91
CA UNK K 121 59.63 -59.91 42.23
C UNK K 121 60.82 -59.42 41.42
N UNK K 122 60.71 -58.21 40.87
CA UNK K 122 61.80 -57.62 40.10
C UNK K 122 63.01 -57.36 40.98
N UNK K 123 62.76 -56.87 42.20
CA UNK K 123 63.84 -56.60 43.14
C UNK K 123 64.40 -57.88 43.71
N UNK K 124 63.53 -58.86 43.94
CA UNK K 124 63.95 -60.17 44.45
C UNK K 124 64.89 -60.84 43.47
N UNK K 125 64.46 -61.00 42.22
CA UNK K 125 65.27 -61.63 41.19
C UNK K 125 66.61 -60.93 41.03
N UNK K 126 66.62 -59.62 41.21
CA UNK K 126 67.85 -58.84 41.10
C UNK K 126 68.79 -59.17 42.24
N UNK K 127 68.26 -59.25 43.46
CA UNK K 127 69.05 -59.57 44.64
C UNK K 127 69.51 -61.02 44.59
N UNK K 128 68.60 -61.92 44.23
CA UNK K 128 68.92 -63.34 44.11
C UNK K 128 70.07 -63.55 43.13
N UNK K 129 70.05 -62.79 42.03
CA UNK K 129 71.10 -62.87 41.02
C UNK K 129 72.45 -62.54 41.65
N UNK K 130 72.47 -61.56 42.55
CA UNK K 130 73.69 -61.16 43.24
C UNK K 130 74.12 -62.24 44.22
N UNK K 131 73.17 -62.80 44.95
CA UNK K 131 73.45 -63.85 45.92
C UNK K 131 74.09 -65.06 45.24
N UNK K 132 73.62 -65.37 44.04
CA UNK K 132 74.17 -66.50 43.28
C UNK K 132 75.63 -66.25 42.91
N UNK K 133 75.93 -65.02 42.50
CA UNK K 133 77.29 -64.66 42.12
C UNK K 133 78.24 -64.77 43.32
N UNK K 134 77.79 -64.25 44.47
CA UNK K 134 78.60 -64.29 45.68
C UNK K 134 78.76 -65.72 46.16
N UNK K 135 77.97 -66.42 45.72
CA UNK K 135 78.01 -67.82 46.12
C UNK K 135 79.08 -68.57 45.33
PB ADP L . 3.64 -4.09 -14.74
O1B ADP L . 3.77 -4.62 -13.32
O2B ADP L . 2.43 -4.61 -15.49
O3B ADP L . 5.00 -4.07 -15.42
PA ADP L . 3.28 -1.55 -15.75
O1A ADP L . 4.72 -1.22 -15.95
O2A ADP L . 2.44 -2.15 -16.86
O3A ADP L . 3.22 -2.56 -14.53
O5' ADP L . 2.49 -0.31 -15.11
C5' ADP L . 1.60 0.50 -15.89
C4' ADP L . 0.86 1.53 -15.02
O4' ADP L . 1.68 2.66 -14.70
C3' ADP L . -0.37 2.07 -15.73
O3' ADP L . -1.55 1.34 -15.40
C2' ADP L . -0.40 3.54 -15.28
O2' ADP L . -1.12 3.67 -14.08
C1' ADP L . 1.03 3.89 -14.98
N9 ADP L . 1.64 4.53 -16.17
C8 ADP L . 1.85 3.93 -17.37
N7 ADP L . 2.42 4.77 -18.24
C5 ADP L . 2.60 5.94 -17.61
C6 ADP L . 3.17 7.26 -17.98
N6 ADP L . 3.67 7.53 -19.21
N1 ADP L . 3.18 8.22 -17.03
C2 ADP L . 2.69 7.98 -15.80
N3 ADP L . 2.13 6.82 -15.38
C4 ADP L . 2.08 5.78 -16.23
MG MG M . 5.99 -4.41 -13.56
PB ADP N . -42.96 4.06 -43.22
O1B ADP N . -42.72 4.04 -41.72
O2B ADP N . -44.37 3.67 -43.63
O3B ADP N . -41.77 3.48 -43.96
PA ADP N . -42.91 6.10 -45.08
O1A ADP N . -41.48 5.94 -45.49
O2A ADP N . -44.03 5.42 -45.81
O3A ADP N . -42.97 5.63 -43.57
O5' ADP N . -43.27 7.66 -44.89
C5' ADP N . -44.06 8.36 -45.84
C4' ADP N . -44.39 9.78 -45.37
O4' ADP N . -43.29 10.68 -45.55
C3' ADP N . -45.57 10.37 -46.13
O3' ADP N . -46.82 10.15 -45.46
C2' ADP N . -45.19 11.84 -46.25
O2' ADP N . -45.65 12.58 -45.14
C1' ADP N . -43.69 11.88 -46.23
N9 ADP N . -43.17 11.88 -47.61
C8 ADP N . -43.31 10.87 -48.50
N7 ADP N . -42.70 11.18 -49.67
C5 ADP N . -42.16 12.39 -49.53
C6 ADP N . -41.37 13.31 -50.41
N6 ADP N . -41.04 12.98 -51.68
N1 ADP N . -40.99 14.48 -49.89
C2 ADP N . -41.30 14.83 -48.64
N3 ADP N . -42.03 14.07 -47.76
C4 ADP N . -42.48 12.86 -48.16
MG MG O . -40.58 3.54 -42.18
PB ADP P . 48.40 -11.61 16.72
O1B ADP P . 48.55 -12.57 17.87
O2B ADP P . 47.43 -12.06 15.65
O3B ADP P . 49.76 -11.04 16.33
PA ADP P . 47.46 -9.02 16.58
O1A ADP P . 48.77 -8.33 16.75
O2A ADP P . 46.89 -9.34 15.21
O3A ADP P . 47.56 -10.39 17.35
O5' ADP P . 46.31 -8.31 17.45
C5' ADP P . 45.30 -7.49 16.85
C4' ADP P . 44.24 -7.04 17.88
O4' ADP P . 44.71 -5.96 18.70
C3' ADP P . 42.97 -6.57 17.21
O3' ADP P . 42.01 -7.61 17.05
C2' ADP P . 42.52 -5.43 18.09
O2' ADP P . 41.70 -5.91 19.14
C1' ADP P . 43.77 -4.89 18.75
N9 ADP P . 44.28 -3.75 17.96
C8 ADP P . 44.74 -3.80 16.68
N7 ADP P . 45.13 -2.58 16.26
C5 ADP P . 44.93 -1.72 17.28
C6 ADP P . 45.16 -0.27 17.48
N6 ADP P . 45.67 0.54 16.51
N1 ADP P . 44.84 0.24 18.68
C2 ADP P . 44.34 -0.52 19.65
N3 ADP P . 44.08 -1.86 19.56
C4 ADP P . 44.37 -2.50 18.40
MG MG Q . 50.65 -11.82 18.10
PB ADP R . -34.18 13.40 -1.44
O1B ADP R . -32.73 13.12 -1.80
O2B ADP R . -34.80 14.55 -2.20
O3B ADP R . -34.37 13.29 0.07
PA ADP R . -36.48 11.90 -1.67
O1A ADP R . -36.44 11.28 -0.31
O2A ADP R . -37.24 13.17 -1.96
O3A ADP R . -34.98 12.16 -2.07
O5' ADP R . -36.86 10.80 -2.78
C5' ADP R . -38.15 10.77 -3.39
C4' ADP R . -38.23 9.72 -4.51
O4' ADP R . -38.38 8.39 -4.01
C3' ADP R . -39.40 9.98 -5.44
O3' ADP R . -39.04 10.78 -6.57
C2' ADP R . -39.87 8.57 -5.80
O2' ADP R . -39.18 8.10 -6.94
C1' ADP R . -39.46 7.70 -4.65
N9 ADP R . -40.59 7.56 -3.70
C8 ADP R . -41.15 8.56 -2.99
N7 ADP R . -42.16 8.11 -2.23
C5 ADP R . -42.26 6.80 -2.43
C6 ADP R . -43.13 5.70 -1.92
N6 ADP R . -44.12 5.93 -1.02
N1 ADP R . -42.91 4.46 -2.38
C2 ADP R . -41.93 4.22 -3.27
N3 ADP R . -41.10 5.14 -3.81
C4 ADP R . -41.22 6.43 -3.42
MG MG S . -32.45 12.40 0.31
PB ADP T . 6.51 -8.86 28.54
O1B ADP T . 8.00 -8.65 28.36
O2B ADP T . 5.66 -7.67 28.12
O3B ADP T . 6.23 -9.55 29.87
PA ADP T . 4.72 -10.64 27.43
O1A ADP T . 4.81 -11.69 28.49
O2A ADP T . 3.67 -9.55 27.48
O3A ADP T . 6.12 -9.91 27.40
O5' ADP T . 4.72 -11.30 25.96
C5' ADP T . 3.54 -11.40 25.17
C4' ADP T . 3.83 -11.93 23.77
O4' ADP T . 4.00 -13.36 23.76
C3' ADP T . 2.71 -11.62 22.80
O3' ADP T . 2.92 -10.40 22.08
C2' ADP T . 2.67 -12.86 21.91
O2' ADP T . 3.55 -12.71 20.81
C1' ADP T . 3.21 -13.98 22.76
N9 ADP T . 2.09 -14.71 23.38
C8 ADP T . 1.23 -14.18 24.30
N7 ADP T . 0.32 -15.10 24.67
C5 ADP T . 0.60 -16.24 24.02
C6 ADP T . 0.01 -17.61 23.98
N6 ADP T . -1.07 -17.96 24.72
N1 ADP T . 0.60 -18.51 23.17
C2 ADP T . 1.66 -18.19 22.42
N3 ADP T . 2.26 -16.97 22.38
C4 ADP T . 1.77 -15.97 23.16
MG MG U . 8.30 -10.03 30.11
#